data_7LMZ
#
_entry.id   7LMZ
#
_cell.length_a   1.00
_cell.length_b   1.00
_cell.length_c   1.00
_cell.angle_alpha   90.00
_cell.angle_beta   90.00
_cell.angle_gamma   90.00
#
_symmetry.space_group_name_H-M   'P 1'
#
loop_
_entity.id
_entity.type
_entity.pdbx_description
1 polymer 'Transitional endoplasmic reticulum ATPase'
2 polymer Hexa-ubiquitin
3 non-polymer "ADENOSINE-5'-DIPHOSPHATE"
4 non-polymer "ADENOSINE-5'-TRIPHOSPHATE"
5 non-polymer 'MAGNESIUM ION'
#
loop_
_entity_poly.entity_id
_entity_poly.type
_entity_poly.pdbx_seq_one_letter_code
_entity_poly.pdbx_strand_id
1 'polypeptide(L)'
;MASGADSKGDDLSTAILKQKNRPNRLIVDEAINEDNSVVSLSQPKMDELQLFRGDTVLLKGKKRREAVCIVLSDDTCSDE
KIRMNRVVRNNLRVRLGDVISIQPCPDVKYGKRIHVLPIDDTVEGITGNLFEVYLKPYFLEAYRPIRKGDIFLVRGGMRA
VEFKVVETDPSPYCIVAPDTVIHCEGEPIKREDEEESLNEVGYDDIGGCRKQLAQIKEMVELPLRHPALFKEIGVKPPRG
ILLYGPPGTGKTLIARAVANETGAFFFLINGPEIMSKLAGESESNLRKAFEEAEKNAPAIIFIDELDAIAPKREKTHGEV
ERRIVSQLLTLMDGLKQRAHVIVMAATNRPNSIDPALRRFGRFDREVDIGIPDATGRLEILQIHTKNMKLADDVDLEQVA
NETHGHVGADLAALCSEAALQAIRKKMDLIDLEDETIDAEVMNSLAVTMDDFRWALSQSNPSALRETVVEVPQVTWEDIG
GLEDVKRELQELVQYPVEHPDKFLKFGMTPSKGVLFYGPPGCGKTLLAKAIANECQANFISIKGPELLTMWFGESEANVR
EIFDKARQAAPCVLFFDQLDSIAKARGGNIGDGGGAADRVINQILTEMDGMSTKKNVFIIGATNRPDIIDPAILRPGRLD
QLIYIPLPDEKSRVAILKANLRKSPVAKDVDLEFLAKMTNGFSGADLTEICQRACKLAIRESIESEIRRERERQTNPSAM
EVEEDDPVPEIRRDHFEEAMRFARRSVSDNDIRKYEMFAQTLQQSRGFGSFRFPSGNQGGAGPSQGSGGGTGGSVYTEDN
DDDLYG
;
A,B,C,D,E,F
2 'polypeptide(L)' (UNK)(UNK)(UNK)(UNK)(UNK)(UNK)(UNK)(UNK)(UNK) G
#
# COMPACT_ATOMS: atom_id res chain seq x y z
N PRO A 23 30.64 -47.70 -34.79
CA PRO A 23 31.82 -47.69 -35.66
C PRO A 23 31.98 -46.36 -36.39
N ASN A 24 30.87 -45.66 -36.61
CA ASN A 24 30.92 -44.39 -37.33
C ASN A 24 31.67 -43.32 -36.55
N ARG A 25 31.70 -43.45 -35.22
CA ARG A 25 32.45 -42.50 -34.41
C ARG A 25 33.94 -42.75 -34.54
N LEU A 26 34.69 -41.73 -34.94
CA LEU A 26 36.13 -41.85 -35.12
C LEU A 26 36.82 -40.63 -34.54
N ILE A 27 38.10 -40.80 -34.22
CA ILE A 27 38.90 -39.72 -33.66
C ILE A 27 39.51 -38.90 -34.78
N VAL A 28 39.52 -37.57 -34.61
CA VAL A 28 40.02 -36.67 -35.63
C VAL A 28 41.52 -36.88 -35.82
N ASP A 29 41.94 -37.02 -37.08
CA ASP A 29 43.34 -37.24 -37.40
C ASP A 29 43.74 -36.31 -38.54
N GLU A 30 45.02 -35.99 -38.61
CA GLU A 30 45.53 -35.13 -39.67
C GLU A 30 45.68 -35.91 -40.97
N ALA A 31 45.36 -35.26 -42.08
CA ALA A 31 45.48 -35.84 -43.41
C ALA A 31 46.80 -35.41 -44.02
N ILE A 32 47.67 -36.39 -44.31
CA ILE A 32 49.03 -36.07 -44.73
C ILE A 32 49.03 -35.44 -46.12
N ASN A 33 48.30 -36.04 -47.07
CA ASN A 33 48.31 -35.59 -48.45
C ASN A 33 46.93 -35.40 -49.06
N GLU A 34 45.87 -35.82 -48.40
CA GLU A 34 44.53 -35.72 -48.97
C GLU A 34 44.01 -34.28 -48.87
N ASP A 35 43.47 -33.79 -49.97
CA ASP A 35 42.90 -32.45 -49.99
C ASP A 35 41.52 -32.44 -49.33
N ASN A 36 41.04 -31.24 -49.00
CA ASN A 36 39.83 -31.11 -48.21
C ASN A 36 38.62 -31.73 -48.90
N SER A 37 38.63 -31.77 -50.24
CA SER A 37 37.48 -32.27 -50.99
C SER A 37 37.30 -33.78 -50.79
N VAL A 38 38.38 -34.47 -50.43
CA VAL A 38 38.31 -35.90 -50.18
C VAL A 38 38.60 -36.15 -48.70
N VAL A 39 38.45 -37.41 -48.30
CA VAL A 39 38.75 -37.86 -46.95
C VAL A 39 39.51 -39.19 -47.03
N SER A 40 40.31 -39.44 -45.99
CA SER A 40 41.18 -40.62 -45.92
C SER A 40 40.72 -41.53 -44.80
N LEU A 41 40.41 -42.78 -45.14
CA LEU A 41 39.82 -43.73 -44.20
C LEU A 41 40.53 -45.07 -44.31
N SER A 42 40.77 -45.69 -43.16
CA SER A 42 41.55 -46.92 -43.13
C SER A 42 40.78 -48.09 -43.73
N GLN A 43 41.51 -48.99 -44.38
CA GLN A 43 40.88 -50.17 -44.98
C GLN A 43 40.20 -51.10 -43.97
N PRO A 44 40.80 -51.45 -42.82
CA PRO A 44 40.08 -52.33 -41.88
C PRO A 44 38.76 -51.75 -41.41
N LYS A 45 38.71 -50.44 -41.17
CA LYS A 45 37.46 -49.80 -40.77
C LYS A 45 36.43 -49.85 -41.88
N MET A 46 36.87 -49.76 -43.14
CA MET A 46 35.93 -49.76 -44.25
C MET A 46 35.40 -51.16 -44.52
N ASP A 47 36.26 -52.18 -44.37
CA ASP A 47 35.76 -53.55 -44.41
C ASP A 47 34.80 -53.80 -43.26
N GLU A 48 35.06 -53.21 -42.09
CA GLU A 48 34.11 -53.25 -41.00
C GLU A 48 32.80 -52.57 -41.37
N LEU A 49 32.87 -51.42 -42.04
CA LEU A 49 31.69 -50.65 -42.39
C LEU A 49 31.13 -50.98 -43.78
N GLN A 50 31.76 -51.90 -44.51
CA GLN A 50 31.28 -52.33 -45.83
C GLN A 50 31.18 -51.15 -46.80
N LEU A 51 32.14 -50.24 -46.73
CA LEU A 51 32.16 -49.05 -47.59
C LEU A 51 33.27 -49.21 -48.62
N PHE A 52 32.90 -49.13 -49.90
CA PHE A 52 33.87 -49.22 -50.98
C PHE A 52 34.65 -47.92 -51.11
N ARG A 53 35.85 -48.02 -51.68
CA ARG A 53 36.70 -46.86 -51.87
C ARG A 53 36.12 -45.93 -52.93
N GLY A 54 36.23 -44.64 -52.68
CA GLY A 54 35.70 -43.63 -53.59
C GLY A 54 34.22 -43.36 -53.46
N ASP A 55 33.53 -44.02 -52.53
CA ASP A 55 32.12 -43.76 -52.33
C ASP A 55 31.90 -42.40 -51.69
N THR A 56 30.84 -41.71 -52.12
CA THR A 56 30.46 -40.46 -51.48
C THR A 56 30.12 -40.72 -50.02
N VAL A 57 30.63 -39.85 -49.13
CA VAL A 57 30.45 -40.01 -47.70
C VAL A 57 29.90 -38.72 -47.12
N LEU A 58 29.16 -38.86 -46.03
CA LEU A 58 28.63 -37.73 -45.28
C LEU A 58 29.38 -37.61 -43.97
N LEU A 59 29.84 -36.39 -43.65
CA LEU A 59 30.58 -36.14 -42.43
C LEU A 59 29.70 -35.34 -41.46
N LYS A 60 29.51 -35.88 -40.26
CA LYS A 60 28.78 -35.19 -39.20
C LYS A 60 29.75 -34.62 -38.18
N GLY A 61 29.63 -33.32 -37.91
CA GLY A 61 30.47 -32.67 -36.94
C GLY A 61 29.65 -31.86 -35.96
N LYS A 62 30.34 -31.22 -35.03
CA LYS A 62 29.68 -30.40 -34.02
C LYS A 62 29.07 -29.16 -34.68
N LYS A 63 28.16 -28.53 -33.95
CA LYS A 63 27.41 -27.34 -34.37
C LYS A 63 26.48 -27.63 -35.54
N ARG A 64 26.07 -28.89 -35.72
CA ARG A 64 25.20 -29.30 -36.82
C ARG A 64 25.80 -28.93 -38.17
N ARG A 65 27.12 -29.10 -38.30
CA ARG A 65 27.83 -28.85 -39.53
C ARG A 65 28.12 -30.17 -40.23
N GLU A 66 27.71 -30.26 -41.50
CA GLU A 66 27.81 -31.48 -42.28
C GLU A 66 28.64 -31.24 -43.53
N ALA A 67 29.49 -32.21 -43.86
CA ALA A 67 30.33 -32.14 -45.05
C ALA A 67 30.18 -33.43 -45.85
N VAL A 68 30.38 -33.31 -47.16
CA VAL A 68 30.33 -34.44 -48.08
C VAL A 68 31.65 -34.50 -48.83
N CYS A 69 32.27 -35.68 -48.85
CA CYS A 69 33.56 -35.87 -49.50
C CYS A 69 33.61 -37.25 -50.13
N ILE A 70 34.82 -37.64 -50.54
CA ILE A 70 35.06 -38.94 -51.15
C ILE A 70 36.01 -39.73 -50.27
N VAL A 71 35.63 -40.97 -49.93
CA VAL A 71 36.47 -41.82 -49.09
C VAL A 71 37.68 -42.32 -49.88
N LEU A 72 38.83 -42.35 -49.21
CA LEU A 72 40.05 -42.90 -49.76
C LEU A 72 40.67 -43.85 -48.75
N SER A 73 41.49 -44.76 -49.25
CA SER A 73 42.13 -45.78 -48.42
C SER A 73 43.60 -45.41 -48.20
N ASP A 74 44.01 -45.39 -46.94
CA ASP A 74 45.39 -45.11 -46.57
C ASP A 74 45.85 -46.08 -45.49
N ASP A 75 46.99 -46.73 -45.72
CA ASP A 75 47.49 -47.69 -44.75
C ASP A 75 48.08 -47.00 -43.52
N THR A 76 48.65 -45.80 -43.71
CA THR A 76 49.18 -45.05 -42.57
C THR A 76 48.07 -44.60 -41.64
N CYS A 77 46.87 -44.40 -42.18
CA CYS A 77 45.74 -44.01 -41.35
C CYS A 77 45.34 -45.15 -40.43
N SER A 78 45.04 -44.81 -39.17
CA SER A 78 44.65 -45.81 -38.19
C SER A 78 43.17 -46.17 -38.34
N ASP A 79 42.80 -47.31 -37.75
CA ASP A 79 41.41 -47.73 -37.78
C ASP A 79 40.51 -46.78 -37.01
N GLU A 80 40.94 -46.38 -35.80
CA GLU A 80 40.14 -45.57 -34.90
C GLU A 80 40.17 -44.09 -35.24
N LYS A 81 40.97 -43.68 -36.23
CA LYS A 81 41.11 -42.28 -36.59
C LYS A 81 40.75 -42.08 -38.06
N ILE A 82 40.25 -40.89 -38.37
CA ILE A 82 39.94 -40.49 -39.74
C ILE A 82 40.83 -39.29 -40.09
N ARG A 83 41.61 -39.43 -41.15
CA ARG A 83 42.48 -38.35 -41.58
C ARG A 83 41.69 -37.26 -42.28
N MET A 84 41.84 -36.02 -41.82
CA MET A 84 41.11 -34.88 -42.37
C MET A 84 42.02 -33.67 -42.47
N ASN A 85 41.64 -32.74 -43.34
CA ASN A 85 42.33 -31.47 -43.46
C ASN A 85 41.94 -30.53 -42.33
N ARG A 86 42.74 -29.47 -42.16
CA ARG A 86 42.37 -28.40 -41.25
C ARG A 86 41.15 -27.63 -41.78
N VAL A 87 41.03 -27.54 -43.10
CA VAL A 87 39.91 -26.80 -43.71
C VAL A 87 38.59 -27.48 -43.39
N VAL A 88 38.53 -28.81 -43.54
CA VAL A 88 37.29 -29.51 -43.23
C VAL A 88 37.03 -29.49 -41.73
N ARG A 89 38.09 -29.46 -40.93
CA ARG A 89 37.93 -29.30 -39.48
C ARG A 89 37.27 -27.97 -39.16
N ASN A 90 37.67 -26.90 -39.83
CA ASN A 90 36.98 -25.63 -39.68
C ASN A 90 35.55 -25.71 -40.19
N ASN A 91 35.35 -26.41 -41.32
CA ASN A 91 34.00 -26.61 -41.84
C ASN A 91 33.14 -27.41 -40.88
N LEU A 92 33.70 -28.45 -40.27
CA LEU A 92 33.00 -29.26 -39.31
C LEU A 92 33.05 -28.69 -37.89
N ARG A 93 33.76 -27.58 -37.69
CA ARG A 93 33.91 -26.96 -36.37
C ARG A 93 34.46 -27.94 -35.35
N VAL A 94 35.50 -28.68 -35.74
CA VAL A 94 36.13 -29.66 -34.87
C VAL A 94 37.63 -29.42 -34.83
N ARG A 95 38.25 -29.95 -33.78
CA ARG A 95 39.69 -29.87 -33.59
C ARG A 95 40.27 -31.27 -33.57
N LEU A 96 41.58 -31.36 -33.43
CA LEU A 96 42.24 -32.65 -33.39
C LEU A 96 41.86 -33.42 -32.14
N GLY A 97 41.59 -34.72 -32.29
CA GLY A 97 41.19 -35.55 -31.19
C GLY A 97 39.71 -35.59 -30.92
N ASP A 98 38.90 -34.83 -31.67
CA ASP A 98 37.46 -34.85 -31.47
C ASP A 98 36.86 -36.15 -32.01
N VAL A 99 35.62 -36.42 -31.63
CA VAL A 99 34.89 -37.60 -32.05
C VAL A 99 33.84 -37.18 -33.06
N ILE A 100 33.91 -37.75 -34.27
CA ILE A 100 32.99 -37.42 -35.35
C ILE A 100 32.38 -38.71 -35.89
N SER A 101 31.12 -38.63 -36.28
CA SER A 101 30.40 -39.76 -36.86
C SER A 101 30.36 -39.60 -38.37
N ILE A 102 30.69 -40.66 -39.10
CA ILE A 102 30.78 -40.65 -40.54
C ILE A 102 29.88 -41.75 -41.11
N GLN A 103 29.09 -41.41 -42.11
CA GLN A 103 28.23 -42.37 -42.79
C GLN A 103 28.28 -42.13 -44.29
N PRO A 104 28.07 -43.19 -45.09
CA PRO A 104 28.04 -43.00 -46.54
C PRO A 104 26.87 -42.13 -46.97
N CYS A 105 27.07 -41.39 -48.06
CA CYS A 105 26.03 -40.50 -48.59
C CYS A 105 25.43 -41.11 -49.85
N PRO A 106 24.18 -41.55 -49.83
CA PRO A 106 23.57 -42.14 -51.01
C PRO A 106 22.79 -41.13 -51.85
N ASP A 107 22.47 -41.55 -53.07
CA ASP A 107 21.60 -40.78 -53.98
C ASP A 107 22.10 -39.36 -54.17
N VAL A 108 23.38 -39.22 -54.43
CA VAL A 108 24.00 -37.91 -54.66
C VAL A 108 23.91 -37.60 -56.15
N LYS A 109 22.86 -36.87 -56.54
CA LYS A 109 22.68 -36.49 -57.93
C LYS A 109 23.77 -35.51 -58.35
N TYR A 110 24.15 -35.59 -59.63
CA TYR A 110 25.22 -34.73 -60.14
C TYR A 110 24.73 -33.29 -60.22
N GLY A 111 25.69 -32.36 -60.17
CA GLY A 111 25.39 -30.95 -60.13
C GLY A 111 25.48 -30.30 -61.50
N LYS A 112 24.36 -29.71 -61.92
CA LYS A 112 24.35 -28.91 -63.14
C LYS A 112 25.02 -27.56 -62.91
N ARG A 113 24.77 -26.94 -61.77
CA ARG A 113 25.37 -25.66 -61.41
C ARG A 113 25.54 -25.59 -59.90
N ILE A 114 26.63 -24.98 -59.47
CA ILE A 114 26.96 -24.85 -58.06
C ILE A 114 27.28 -23.39 -57.75
N HIS A 115 27.05 -23.00 -56.50
CA HIS A 115 27.27 -21.63 -56.04
C HIS A 115 28.25 -21.62 -54.88
N VAL A 116 29.22 -20.71 -54.95
CA VAL A 116 30.21 -20.54 -53.90
C VAL A 116 30.41 -19.04 -53.66
N LEU A 117 30.59 -18.66 -52.39
CA LEU A 117 30.81 -17.27 -52.02
C LEU A 117 32.14 -17.12 -51.30
N PRO A 118 33.09 -16.35 -51.83
CA PRO A 118 34.40 -16.24 -51.19
C PRO A 118 34.37 -15.34 -49.97
N ILE A 119 35.41 -15.47 -49.14
CA ILE A 119 35.51 -14.69 -47.91
C ILE A 119 36.04 -13.30 -48.23
N ASP A 120 35.65 -12.32 -47.41
CA ASP A 120 35.95 -10.92 -47.70
C ASP A 120 37.45 -10.66 -47.75
N ASP A 121 38.20 -11.18 -46.78
CA ASP A 121 39.64 -10.90 -46.72
C ASP A 121 40.38 -11.64 -47.82
N THR A 122 39.91 -12.84 -48.20
CA THR A 122 40.61 -13.62 -49.21
C THR A 122 40.58 -12.94 -50.57
N VAL A 123 39.46 -12.30 -50.92
CA VAL A 123 39.32 -11.70 -52.24
C VAL A 123 40.30 -10.56 -52.43
N GLU A 124 40.50 -9.75 -51.38
CA GLU A 124 41.36 -8.58 -51.48
C GLU A 124 42.77 -8.97 -51.88
N GLY A 125 43.38 -8.18 -52.75
CA GLY A 125 44.72 -8.44 -53.24
C GLY A 125 44.82 -9.37 -54.43
N ILE A 126 43.70 -9.73 -55.05
CA ILE A 126 43.69 -10.59 -56.22
C ILE A 126 43.11 -9.79 -57.38
N THR A 127 43.95 -9.46 -58.37
CA THR A 127 43.46 -8.74 -59.54
C THR A 127 42.68 -9.66 -60.47
N GLY A 128 43.12 -10.90 -60.61
CA GLY A 128 42.43 -11.83 -61.48
C GLY A 128 41.10 -12.27 -60.91
N ASN A 129 40.24 -12.80 -61.79
CA ASN A 129 38.93 -13.24 -61.36
C ASN A 129 39.04 -14.44 -60.44
N LEU A 130 38.24 -14.44 -59.37
CA LEU A 130 38.27 -15.53 -58.40
C LEU A 130 37.86 -16.85 -59.04
N PHE A 131 36.82 -16.82 -59.87
CA PHE A 131 36.36 -18.05 -60.52
C PHE A 131 37.42 -18.57 -61.51
N GLU A 132 38.04 -17.67 -62.27
CA GLU A 132 38.96 -18.09 -63.31
C GLU A 132 40.26 -18.60 -62.72
N VAL A 133 40.83 -17.88 -61.76
CA VAL A 133 42.12 -18.27 -61.19
C VAL A 133 41.98 -19.52 -60.34
N TYR A 134 40.90 -19.61 -59.55
CA TYR A 134 40.76 -20.65 -58.54
C TYR A 134 39.70 -21.67 -58.90
N LEU A 135 38.46 -21.23 -59.14
CA LEU A 135 37.35 -22.17 -59.28
C LEU A 135 37.43 -22.95 -60.59
N LYS A 136 37.81 -22.29 -61.68
CA LYS A 136 37.85 -22.96 -62.97
C LYS A 136 38.83 -24.13 -63.01
N PRO A 137 40.09 -24.01 -62.56
CA PRO A 137 40.97 -25.19 -62.58
C PRO A 137 40.66 -26.18 -61.46
N TYR A 138 40.23 -25.69 -60.30
CA TYR A 138 39.90 -26.59 -59.19
C TYR A 138 38.74 -27.50 -59.54
N PHE A 139 37.71 -26.97 -60.18
CA PHE A 139 36.48 -27.71 -60.45
C PHE A 139 36.42 -28.24 -61.87
N LEU A 140 37.53 -28.24 -62.60
CA LEU A 140 37.60 -28.92 -63.88
C LEU A 140 37.90 -30.39 -63.65
N GLU A 141 36.94 -31.26 -64.00
CA GLU A 141 37.02 -32.70 -63.72
C GLU A 141 37.21 -32.97 -62.22
N ALA A 142 36.58 -32.14 -61.38
CA ALA A 142 36.76 -32.28 -59.94
C ALA A 142 36.13 -33.57 -59.42
N TYR A 143 34.87 -33.82 -59.79
CA TYR A 143 34.12 -34.96 -59.26
C TYR A 143 34.11 -34.96 -57.73
N ARG A 144 34.02 -33.76 -57.15
CA ARG A 144 34.04 -33.58 -55.70
C ARG A 144 32.64 -33.27 -55.21
N PRO A 145 31.99 -34.16 -54.45
CA PRO A 145 30.69 -33.82 -53.88
C PRO A 145 30.81 -32.69 -52.86
N ILE A 146 29.78 -31.85 -52.81
CA ILE A 146 29.75 -30.69 -51.94
C ILE A 146 28.41 -30.60 -51.23
N ARG A 147 28.40 -29.84 -50.13
CA ARG A 147 27.24 -29.72 -49.26
C ARG A 147 27.03 -28.25 -48.92
N LYS A 148 25.80 -27.93 -48.50
CA LYS A 148 25.51 -26.57 -48.05
C LYS A 148 26.40 -26.19 -46.88
N GLY A 149 26.92 -24.96 -46.92
CA GLY A 149 27.77 -24.46 -45.88
C GLY A 149 29.16 -25.06 -45.86
N ASP A 150 29.54 -25.83 -46.88
CA ASP A 150 30.85 -26.44 -46.91
C ASP A 150 31.93 -25.38 -47.06
N ILE A 151 33.03 -25.57 -46.32
CA ILE A 151 34.17 -24.66 -46.36
C ILE A 151 35.32 -25.38 -47.06
N PHE A 152 35.73 -24.85 -48.21
CA PHE A 152 36.85 -25.39 -48.96
C PHE A 152 37.76 -24.25 -49.40
N LEU A 153 39.07 -24.50 -49.29
CA LEU A 153 40.08 -23.52 -49.62
C LEU A 153 40.98 -24.07 -50.70
N VAL A 154 41.30 -23.23 -51.69
CA VAL A 154 42.19 -23.59 -52.79
C VAL A 154 43.37 -22.61 -52.79
N ARG A 155 44.57 -23.15 -53.00
CA ARG A 155 45.78 -22.35 -52.99
C ARG A 155 46.11 -21.89 -54.41
N GLY A 156 46.12 -20.58 -54.62
CA GLY A 156 46.45 -20.03 -55.92
C GLY A 156 46.78 -18.56 -55.80
N GLY A 157 47.59 -18.10 -56.75
CA GLY A 157 48.00 -16.71 -56.75
C GLY A 157 48.87 -16.36 -55.54
N MET A 158 49.01 -15.05 -55.32
CA MET A 158 49.76 -14.56 -54.17
C MET A 158 49.07 -14.94 -52.86
N ARG A 159 47.76 -14.77 -52.79
CA ARG A 159 46.98 -15.07 -51.61
C ARG A 159 45.92 -16.11 -51.97
N ALA A 160 45.84 -17.18 -51.18
CA ALA A 160 44.81 -18.18 -51.39
C ALA A 160 43.44 -17.60 -51.09
N VAL A 161 42.46 -17.94 -51.93
CA VAL A 161 41.09 -17.47 -51.81
C VAL A 161 40.20 -18.64 -51.43
N GLU A 162 39.44 -18.48 -50.36
CA GLU A 162 38.59 -19.53 -49.82
C GLU A 162 37.14 -19.25 -50.19
N PHE A 163 36.47 -20.25 -50.78
CA PHE A 163 35.08 -20.15 -51.16
C PHE A 163 34.23 -21.03 -50.26
N LYS A 164 33.11 -20.50 -49.80
CA LYS A 164 32.16 -21.25 -48.98
C LYS A 164 30.93 -21.56 -49.82
N VAL A 165 30.54 -22.83 -49.84
CA VAL A 165 29.42 -23.27 -50.67
C VAL A 165 28.12 -22.99 -49.95
N VAL A 166 27.58 -21.78 -50.14
CA VAL A 166 26.32 -21.42 -49.50
C VAL A 166 25.16 -22.19 -50.12
N GLU A 167 25.17 -22.34 -51.44
CA GLU A 167 24.08 -22.96 -52.19
C GLU A 167 24.58 -24.21 -52.90
N THR A 168 23.75 -25.26 -52.87
CA THR A 168 24.02 -26.49 -53.62
C THR A 168 22.80 -26.79 -54.49
N ASP A 169 23.06 -27.08 -55.77
CA ASP A 169 22.01 -27.43 -56.70
C ASP A 169 22.37 -28.74 -57.40
N PRO A 170 21.53 -29.79 -57.28
CA PRO A 170 20.32 -29.81 -56.46
C PRO A 170 20.60 -29.90 -54.97
N SER A 171 19.76 -29.25 -54.16
CA SER A 171 19.94 -29.26 -52.73
C SER A 171 19.54 -30.60 -52.13
N PRO A 172 20.29 -31.09 -51.13
CA PRO A 172 21.52 -30.45 -50.65
C PRO A 172 22.81 -31.12 -51.12
N TYR A 173 22.70 -32.27 -51.78
CA TYR A 173 23.86 -33.06 -52.16
C TYR A 173 24.03 -33.03 -53.68
N CYS A 174 25.23 -32.67 -54.12
CA CYS A 174 25.54 -32.61 -55.55
C CYS A 174 27.03 -32.86 -55.77
N ILE A 175 27.38 -33.25 -56.99
CA ILE A 175 28.75 -33.53 -57.38
C ILE A 175 29.13 -32.59 -58.52
N VAL A 176 30.30 -31.97 -58.41
CA VAL A 176 30.76 -31.00 -59.40
C VAL A 176 31.24 -31.77 -60.63
N ALA A 177 30.53 -31.60 -61.74
CA ALA A 177 30.90 -32.23 -62.99
C ALA A 177 31.68 -31.24 -63.88
N PRO A 178 32.44 -31.75 -64.85
CA PRO A 178 33.17 -30.82 -65.74
C PRO A 178 32.28 -29.85 -66.49
N ASP A 179 31.04 -30.27 -66.80
CA ASP A 179 30.13 -29.36 -67.50
C ASP A 179 29.42 -28.42 -66.54
N THR A 180 29.56 -28.65 -65.22
CA THR A 180 28.97 -27.74 -64.25
C THR A 180 29.59 -26.36 -64.35
N VAL A 181 28.74 -25.34 -64.39
CA VAL A 181 29.18 -23.95 -64.44
C VAL A 181 29.30 -23.43 -63.03
N ILE A 182 30.44 -22.82 -62.72
CA ILE A 182 30.72 -22.27 -61.39
C ILE A 182 30.68 -20.75 -61.50
N HIS A 183 29.93 -20.11 -60.60
CA HIS A 183 29.81 -18.67 -60.55
C HIS A 183 30.15 -18.19 -59.15
N CYS A 184 31.11 -17.26 -59.05
CA CYS A 184 31.50 -16.67 -57.78
C CYS A 184 30.82 -15.34 -57.52
N GLU A 185 29.92 -14.92 -58.40
CA GLU A 185 29.24 -13.64 -58.24
C GLU A 185 28.32 -13.66 -57.03
N GLY A 186 28.12 -12.51 -56.42
CA GLY A 186 27.27 -12.36 -55.25
C GLY A 186 27.95 -11.51 -54.22
N GLU A 187 27.40 -11.51 -53.00
CA GLU A 187 27.96 -10.75 -51.91
C GLU A 187 28.94 -11.62 -51.14
N PRO A 188 30.23 -11.25 -51.09
CA PRO A 188 31.23 -12.13 -50.47
C PRO A 188 30.97 -12.31 -48.97
N ILE A 189 31.34 -13.48 -48.47
CA ILE A 189 31.12 -13.81 -47.06
C ILE A 189 32.01 -12.94 -46.18
N LYS A 190 31.41 -12.33 -45.17
CA LYS A 190 32.18 -11.53 -44.22
C LYS A 190 33.17 -12.40 -43.46
N ARG A 191 34.42 -11.93 -43.38
CA ARG A 191 35.45 -12.68 -42.67
C ARG A 191 35.12 -12.77 -41.19
N GLU A 192 34.60 -11.67 -40.61
CA GLU A 192 34.20 -11.70 -39.21
C GLU A 192 33.06 -12.68 -38.98
N ASP A 193 32.09 -12.75 -39.90
CA ASP A 193 31.00 -13.69 -39.74
C ASP A 193 31.49 -15.13 -39.79
N GLU A 194 32.41 -15.42 -40.73
CA GLU A 194 32.97 -16.77 -40.80
C GLU A 194 33.77 -17.10 -39.55
N GLU A 195 34.49 -16.12 -39.01
CA GLU A 195 35.23 -16.33 -37.76
C GLU A 195 34.28 -16.61 -36.61
N GLU A 196 33.22 -15.82 -36.48
CA GLU A 196 32.26 -16.01 -35.38
C GLU A 196 31.56 -17.35 -35.49
N SER A 197 31.18 -17.75 -36.70
CA SER A 197 30.61 -19.09 -36.89
C SER A 197 31.63 -20.16 -36.53
N LEU A 198 32.90 -19.93 -36.88
CA LEU A 198 33.97 -20.81 -36.40
C LEU A 198 34.14 -20.69 -34.89
N ASN A 199 34.07 -19.47 -34.38
CA ASN A 199 34.20 -19.21 -32.95
C ASN A 199 32.89 -19.37 -32.20
N GLU A 200 31.85 -19.92 -32.84
CA GLU A 200 30.58 -20.12 -32.15
C GLU A 200 30.76 -21.10 -31.00
N VAL A 201 29.93 -20.92 -29.97
CA VAL A 201 30.08 -21.73 -28.77
C VAL A 201 29.59 -23.16 -29.03
N GLY A 202 30.33 -24.13 -28.49
CA GLY A 202 29.95 -25.52 -28.58
C GLY A 202 30.09 -26.19 -27.23
N TYR A 203 29.65 -27.44 -27.16
CA TYR A 203 29.68 -28.18 -25.90
C TYR A 203 31.09 -28.24 -25.32
N ASP A 204 32.10 -28.29 -26.19
CA ASP A 204 33.48 -28.22 -25.72
C ASP A 204 33.81 -26.83 -25.16
N ASP A 205 33.11 -25.80 -25.65
CA ASP A 205 33.44 -24.44 -25.23
C ASP A 205 32.89 -24.13 -23.84
N ILE A 206 32.04 -25.02 -23.30
CA ILE A 206 31.60 -24.88 -21.92
C ILE A 206 32.37 -25.87 -21.04
N GLY A 207 32.82 -25.40 -19.89
CA GLY A 207 33.45 -26.26 -18.91
C GLY A 207 32.92 -26.00 -17.53
N GLY A 208 33.04 -27.01 -16.67
CA GLY A 208 32.64 -26.89 -15.29
C GLY A 208 31.29 -27.46 -14.94
N CYS A 209 30.46 -27.81 -15.93
CA CYS A 209 29.13 -28.34 -15.68
C CYS A 209 28.82 -29.56 -16.55
N ARG A 210 29.72 -30.55 -16.57
CA ARG A 210 29.52 -31.72 -17.41
C ARG A 210 28.25 -32.47 -17.04
N LYS A 211 28.02 -32.68 -15.74
CA LYS A 211 26.80 -33.36 -15.30
C LYS A 211 25.55 -32.58 -15.66
N GLN A 212 25.58 -31.26 -15.46
CA GLN A 212 24.43 -30.43 -15.82
C GLN A 212 24.20 -30.44 -17.32
N LEU A 213 25.27 -30.38 -18.12
CA LEU A 213 25.11 -30.52 -19.56
C LEU A 213 24.50 -31.87 -19.91
N ALA A 214 24.93 -32.94 -19.24
CA ALA A 214 24.40 -34.26 -19.52
C ALA A 214 22.90 -34.34 -19.24
N GLN A 215 22.47 -33.77 -18.11
CA GLN A 215 21.04 -33.80 -17.81
C GLN A 215 20.25 -32.89 -18.74
N ILE A 216 20.88 -31.82 -19.26
CA ILE A 216 20.25 -31.07 -20.34
C ILE A 216 20.06 -31.95 -21.57
N LYS A 217 21.08 -32.71 -21.95
CA LYS A 217 20.97 -33.55 -23.13
C LYS A 217 19.89 -34.60 -22.95
N GLU A 218 19.82 -35.20 -21.77
CA GLU A 218 18.73 -36.13 -21.48
C GLU A 218 17.38 -35.42 -21.46
N MET A 219 17.37 -34.12 -21.16
CA MET A 219 16.10 -33.41 -21.06
C MET A 219 15.70 -32.79 -22.40
N VAL A 220 16.68 -32.27 -23.15
CA VAL A 220 16.44 -31.49 -24.35
C VAL A 220 16.73 -32.29 -25.62
N GLU A 221 17.94 -32.86 -25.72
CA GLU A 221 18.35 -33.52 -26.96
C GLU A 221 17.44 -34.70 -27.28
N LEU A 222 17.11 -35.51 -26.27
CA LEU A 222 16.33 -36.72 -26.50
C LEU A 222 14.97 -36.46 -27.12
N PRO A 223 14.10 -35.59 -26.56
CA PRO A 223 12.79 -35.37 -27.20
C PRO A 223 12.92 -34.90 -28.63
N LEU A 224 13.89 -34.03 -28.90
CA LEU A 224 14.09 -33.49 -30.24
C LEU A 224 14.47 -34.61 -31.21
N ARG A 225 15.42 -35.46 -30.82
CA ARG A 225 15.90 -36.49 -31.73
C ARG A 225 15.02 -37.73 -31.70
N HIS A 226 14.36 -38.01 -30.57
CA HIS A 226 13.53 -39.20 -30.40
C HIS A 226 12.16 -38.83 -29.83
N PRO A 227 11.26 -38.32 -30.67
CA PRO A 227 9.88 -38.10 -30.21
C PRO A 227 9.07 -39.39 -30.10
N ALA A 228 9.21 -40.29 -31.08
CA ALA A 228 8.47 -41.54 -31.04
C ALA A 228 8.86 -42.38 -29.84
N LEU A 229 10.08 -42.18 -29.33
CA LEU A 229 10.49 -42.86 -28.11
C LEU A 229 9.55 -42.54 -26.97
N PHE A 230 9.26 -41.24 -26.78
CA PHE A 230 8.28 -40.84 -25.77
C PHE A 230 6.88 -41.29 -26.14
N LYS A 231 6.55 -41.23 -27.43
CA LYS A 231 5.19 -41.55 -27.84
C LYS A 231 4.84 -43.01 -27.54
N GLU A 232 5.81 -43.92 -27.69
CA GLU A 232 5.51 -45.35 -27.59
C GLU A 232 4.99 -45.72 -26.20
N ILE A 233 5.74 -45.36 -25.15
CA ILE A 233 5.35 -45.72 -23.80
C ILE A 233 4.06 -45.00 -23.41
N GLY A 234 3.89 -43.77 -23.86
CA GLY A 234 2.73 -42.95 -23.58
C GLY A 234 3.04 -41.96 -22.49
N VAL A 235 3.47 -40.76 -22.89
CA VAL A 235 3.89 -39.73 -21.95
C VAL A 235 4.08 -38.45 -22.74
N LYS A 236 3.94 -37.31 -22.07
CA LYS A 236 4.27 -36.04 -22.67
C LYS A 236 5.64 -35.58 -22.21
N PRO A 237 6.55 -35.26 -23.13
CA PRO A 237 7.85 -34.74 -22.73
C PRO A 237 7.71 -33.44 -21.97
N PRO A 238 8.58 -33.17 -21.00
CA PRO A 238 8.46 -31.94 -20.22
C PRO A 238 8.61 -30.72 -21.11
N ARG A 239 7.54 -29.90 -21.15
CA ARG A 239 7.53 -28.74 -22.04
C ARG A 239 8.51 -27.67 -21.59
N GLY A 240 8.47 -27.32 -20.30
CA GLY A 240 9.22 -26.17 -19.83
C GLY A 240 10.40 -26.49 -18.92
N ILE A 241 11.48 -25.72 -19.07
CA ILE A 241 12.71 -25.91 -18.31
C ILE A 241 13.13 -24.57 -17.74
N LEU A 242 13.54 -24.58 -16.47
CA LEU A 242 14.04 -23.38 -15.79
C LEU A 242 15.52 -23.56 -15.49
N LEU A 243 16.32 -22.55 -15.83
CA LEU A 243 17.77 -22.56 -15.62
C LEU A 243 18.12 -21.52 -14.57
N TYR A 244 18.30 -21.94 -13.32
CA TYR A 244 18.60 -21.03 -12.23
C TYR A 244 20.03 -21.25 -11.74
N GLY A 245 20.76 -20.15 -11.60
CA GLY A 245 22.10 -20.19 -11.07
C GLY A 245 22.54 -18.81 -10.63
N PRO A 246 23.77 -18.69 -10.16
CA PRO A 246 24.30 -17.39 -9.83
C PRO A 246 24.69 -16.57 -11.06
N PRO A 247 24.73 -15.25 -10.93
CA PRO A 247 24.99 -14.39 -12.10
C PRO A 247 26.33 -14.69 -12.73
N GLY A 248 26.33 -14.79 -14.06
CA GLY A 248 27.53 -15.00 -14.84
C GLY A 248 28.01 -16.44 -14.95
N THR A 249 27.19 -17.42 -14.58
CA THR A 249 27.66 -18.81 -14.62
C THR A 249 27.62 -19.40 -16.02
N GLY A 250 26.94 -18.76 -16.96
CA GLY A 250 26.90 -19.21 -18.33
C GLY A 250 25.64 -19.94 -18.77
N LYS A 251 24.47 -19.57 -18.24
CA LYS A 251 23.23 -20.26 -18.62
C LYS A 251 22.90 -20.04 -20.09
N THR A 252 22.90 -18.79 -20.53
CA THR A 252 22.67 -18.53 -21.95
C THR A 252 23.77 -19.13 -22.80
N LEU A 253 24.96 -19.33 -22.22
CA LEU A 253 26.04 -19.96 -22.95
C LEU A 253 25.70 -21.41 -23.31
N ILE A 254 25.30 -22.19 -22.30
CA ILE A 254 24.96 -23.60 -22.55
C ILE A 254 23.70 -23.68 -23.41
N ALA A 255 22.75 -22.76 -23.22
CA ALA A 255 21.55 -22.77 -24.06
C ALA A 255 21.90 -22.49 -25.52
N ARG A 256 22.75 -21.49 -25.77
CA ARG A 256 23.17 -21.17 -27.13
C ARG A 256 23.96 -22.31 -27.75
N ALA A 257 24.81 -22.98 -26.95
CA ALA A 257 25.54 -24.13 -27.46
C ALA A 257 24.59 -25.25 -27.86
N VAL A 258 23.59 -25.53 -27.03
CA VAL A 258 22.60 -26.54 -27.38
C VAL A 258 21.87 -26.14 -28.65
N ALA A 259 21.51 -24.86 -28.76
CA ALA A 259 20.82 -24.37 -29.95
C ALA A 259 21.65 -24.60 -31.21
N ASN A 260 22.96 -24.31 -31.13
CA ASN A 260 23.84 -24.60 -32.24
C ASN A 260 23.90 -26.10 -32.51
N GLU A 261 23.82 -26.92 -31.46
CA GLU A 261 23.99 -28.35 -31.55
C GLU A 261 22.69 -29.10 -31.80
N THR A 262 21.56 -28.41 -31.83
CA THR A 262 20.26 -29.03 -32.11
C THR A 262 19.86 -28.78 -33.55
N GLY A 263 19.59 -29.84 -34.29
CA GLY A 263 19.22 -29.70 -35.69
C GLY A 263 17.85 -29.10 -35.87
N ALA A 264 17.00 -29.21 -34.86
CA ALA A 264 15.67 -28.61 -34.93
C ALA A 264 15.79 -27.09 -34.95
N PHE A 265 14.77 -26.44 -35.52
CA PHE A 265 14.77 -24.99 -35.59
C PHE A 265 14.78 -24.39 -34.18
N PHE A 266 15.59 -23.36 -33.99
CA PHE A 266 15.78 -22.72 -32.70
C PHE A 266 15.25 -21.29 -32.76
N PHE A 267 14.55 -20.89 -31.70
CA PHE A 267 13.95 -19.57 -31.62
C PHE A 267 14.52 -18.82 -30.43
N LEU A 268 14.71 -17.52 -30.59
CA LEU A 268 15.27 -16.66 -29.54
C LEU A 268 14.21 -15.68 -29.07
N ILE A 269 13.98 -15.66 -27.76
CA ILE A 269 13.15 -14.67 -27.09
C ILE A 269 13.99 -14.04 -25.98
N ASN A 270 14.02 -12.70 -25.95
CA ASN A 270 14.83 -11.96 -25.00
C ASN A 270 13.93 -11.14 -24.09
N GLY A 271 14.18 -11.22 -22.78
CA GLY A 271 13.50 -10.37 -21.83
C GLY A 271 13.65 -8.89 -22.09
N PRO A 272 14.85 -8.39 -22.38
CA PRO A 272 14.95 -7.01 -22.88
C PRO A 272 14.14 -6.78 -24.14
N GLU A 273 14.14 -7.73 -25.08
CA GLU A 273 13.32 -7.56 -26.28
C GLU A 273 11.85 -7.62 -25.95
N ILE A 274 11.47 -8.45 -24.97
CA ILE A 274 10.08 -8.52 -24.55
C ILE A 274 9.62 -7.18 -23.99
N MET A 275 10.46 -6.54 -23.16
CA MET A 275 10.08 -5.27 -22.56
C MET A 275 10.14 -4.14 -23.59
N SER A 276 11.05 -4.25 -24.56
CA SER A 276 11.25 -3.18 -25.53
C SER A 276 10.00 -2.92 -26.35
N LYS A 277 9.16 -3.94 -26.55
CA LYS A 277 7.92 -3.76 -27.27
C LYS A 277 6.91 -3.00 -26.42
N LEU A 278 5.92 -2.43 -27.10
CA LEU A 278 4.91 -1.63 -26.43
C LEU A 278 3.92 -2.52 -25.69
N ALA A 279 3.11 -1.90 -24.82
CA ALA A 279 2.15 -2.63 -24.01
C ALA A 279 1.13 -3.35 -24.89
N GLY A 280 0.86 -4.61 -24.56
CA GLY A 280 -0.09 -5.41 -25.29
C GLY A 280 0.49 -6.14 -26.49
N GLU A 281 1.73 -5.86 -26.85
CA GLU A 281 2.36 -6.47 -28.02
C GLU A 281 3.37 -7.55 -27.67
N SER A 282 4.01 -7.44 -26.50
CA SER A 282 4.92 -8.49 -26.05
C SER A 282 4.18 -9.81 -25.85
N GLU A 283 2.98 -9.75 -25.28
CA GLU A 283 2.13 -10.92 -25.20
C GLU A 283 1.91 -11.54 -26.57
N SER A 284 1.47 -10.71 -27.52
CA SER A 284 1.37 -11.17 -28.90
C SER A 284 2.70 -11.68 -29.41
N ASN A 285 3.81 -11.09 -28.94
CA ASN A 285 5.12 -11.48 -29.46
C ASN A 285 5.46 -12.92 -29.08
N LEU A 286 5.34 -13.27 -27.79
CA LEU A 286 5.66 -14.65 -27.44
C LEU A 286 4.60 -15.61 -27.98
N ARG A 287 3.37 -15.12 -28.18
CA ARG A 287 2.38 -15.97 -28.84
C ARG A 287 2.81 -16.31 -30.26
N LYS A 288 3.28 -15.31 -31.02
CA LYS A 288 3.77 -15.57 -32.37
C LYS A 288 5.00 -16.47 -32.34
N ALA A 289 5.86 -16.29 -31.34
CA ALA A 289 7.05 -17.14 -31.22
C ALA A 289 6.67 -18.60 -31.01
N PHE A 290 5.70 -18.85 -30.12
CA PHE A 290 5.22 -20.21 -29.91
C PHE A 290 4.52 -20.76 -31.15
N GLU A 291 3.80 -19.91 -31.88
CA GLU A 291 3.17 -20.34 -33.12
C GLU A 291 4.23 -20.77 -34.14
N GLU A 292 5.32 -20.00 -34.25
CA GLU A 292 6.42 -20.41 -35.11
C GLU A 292 7.05 -21.72 -34.64
N ALA A 293 7.23 -21.87 -33.32
CA ALA A 293 7.84 -23.09 -32.80
C ALA A 293 6.98 -24.32 -33.12
N GLU A 294 5.67 -24.22 -32.93
CA GLU A 294 4.80 -25.34 -33.25
C GLU A 294 4.65 -25.51 -34.76
N LYS A 295 4.93 -24.45 -35.52
CA LYS A 295 4.88 -24.57 -36.99
C LYS A 295 5.92 -25.54 -37.50
N ASN A 296 7.14 -25.48 -36.96
CA ASN A 296 8.24 -26.34 -37.37
C ASN A 296 8.53 -27.31 -36.25
N ALA A 297 8.09 -28.56 -36.41
CA ALA A 297 8.20 -29.57 -35.38
C ALA A 297 9.36 -30.51 -35.67
N PRO A 298 10.31 -30.69 -34.75
CA PRO A 298 10.39 -30.03 -33.43
C PRO A 298 11.04 -28.64 -33.49
N ALA A 299 10.88 -27.86 -32.42
CA ALA A 299 11.53 -26.57 -32.28
C ALA A 299 11.73 -26.27 -30.80
N ILE A 300 12.68 -25.37 -30.51
CA ILE A 300 13.04 -24.99 -29.16
C ILE A 300 13.10 -23.47 -29.06
N ILE A 301 12.53 -22.93 -27.98
CA ILE A 301 12.46 -21.49 -27.73
C ILE A 301 13.23 -21.17 -26.46
N PHE A 302 14.12 -20.17 -26.55
CA PHE A 302 14.88 -19.69 -25.41
C PHE A 302 14.33 -18.34 -24.98
N ILE A 303 13.98 -18.20 -23.71
CA ILE A 303 13.59 -16.92 -23.13
C ILE A 303 14.60 -16.58 -22.03
N ASP A 304 15.26 -15.44 -22.18
CA ASP A 304 16.33 -15.03 -21.26
C ASP A 304 15.79 -14.01 -20.28
N GLU A 305 16.23 -14.12 -19.02
CA GLU A 305 15.85 -13.19 -17.95
C GLU A 305 14.33 -13.10 -17.81
N LEU A 306 13.66 -14.25 -17.88
CA LEU A 306 12.21 -14.27 -17.76
C LEU A 306 11.76 -13.81 -16.39
N ASP A 307 12.51 -14.14 -15.34
CA ASP A 307 12.10 -13.78 -13.98
C ASP A 307 12.01 -12.27 -13.81
N ALA A 308 12.97 -11.54 -14.38
CA ALA A 308 12.95 -10.09 -14.24
C ALA A 308 11.79 -9.46 -15.01
N ILE A 309 11.40 -10.08 -16.13
CA ILE A 309 10.26 -9.59 -16.89
C ILE A 309 8.95 -10.27 -16.51
N ALA A 310 9.00 -11.45 -15.92
CA ALA A 310 7.80 -12.22 -15.56
C ALA A 310 7.91 -12.73 -14.12
N PRO A 311 7.71 -11.86 -13.14
CA PRO A 311 7.71 -12.30 -11.75
C PRO A 311 6.35 -12.86 -11.35
N LYS A 312 6.22 -13.14 -10.05
CA LYS A 312 4.95 -13.60 -9.50
C LYS A 312 3.86 -12.58 -9.77
N ARG A 313 2.66 -13.06 -10.11
CA ARG A 313 1.58 -12.15 -10.46
C ARG A 313 1.04 -11.42 -9.25
N GLU A 314 1.24 -11.97 -8.05
CA GLU A 314 0.69 -11.33 -6.85
C GLU A 314 1.50 -10.09 -6.47
N LYS A 315 2.80 -10.24 -6.27
CA LYS A 315 3.68 -9.13 -5.89
C LYS A 315 4.34 -8.64 -7.17
N THR A 316 3.63 -7.76 -7.88
CA THR A 316 4.02 -7.35 -9.21
C THR A 316 3.83 -5.85 -9.37
N HIS A 317 4.80 -5.20 -10.01
CA HIS A 317 4.67 -3.83 -10.45
C HIS A 317 4.42 -3.83 -11.96
N GLY A 318 3.17 -3.61 -12.36
CA GLY A 318 2.84 -3.57 -13.77
C GLY A 318 1.94 -4.68 -14.26
N GLU A 319 0.87 -4.30 -14.98
CA GLU A 319 -0.09 -5.28 -15.47
C GLU A 319 0.42 -5.98 -16.73
N VAL A 320 1.30 -5.33 -17.49
CA VAL A 320 1.77 -5.91 -18.74
C VAL A 320 2.52 -7.21 -18.49
N GLU A 321 3.34 -7.25 -17.43
CA GLU A 321 4.12 -8.45 -17.16
C GLU A 321 3.25 -9.56 -16.57
N ARG A 322 2.22 -9.21 -15.78
CA ARG A 322 1.25 -10.22 -15.37
C ARG A 322 0.54 -10.82 -16.58
N ARG A 323 0.14 -9.96 -17.53
CA ARG A 323 -0.50 -10.47 -18.74
C ARG A 323 0.45 -11.34 -19.54
N ILE A 324 1.74 -10.99 -19.58
CA ILE A 324 2.72 -11.83 -20.27
C ILE A 324 2.81 -13.20 -19.60
N VAL A 325 2.82 -13.23 -18.27
CA VAL A 325 2.83 -14.52 -17.56
C VAL A 325 1.58 -15.33 -17.90
N SER A 326 0.42 -14.68 -17.91
CA SER A 326 -0.81 -15.39 -18.23
C SER A 326 -0.80 -15.94 -19.65
N GLN A 327 -0.30 -15.15 -20.60
CA GLN A 327 -0.21 -15.63 -21.97
C GLN A 327 0.78 -16.79 -22.09
N LEU A 328 1.87 -16.75 -21.31
CA LEU A 328 2.79 -17.88 -21.29
C LEU A 328 2.10 -19.14 -20.78
N LEU A 329 1.31 -19.02 -19.71
CA LEU A 329 0.55 -20.16 -19.22
C LEU A 329 -0.38 -20.71 -20.29
N THR A 330 -1.13 -19.82 -20.95
CA THR A 330 -2.05 -20.27 -22.00
C THR A 330 -1.31 -20.93 -23.16
N LEU A 331 -0.18 -20.34 -23.56
CA LEU A 331 0.60 -20.90 -24.67
C LEU A 331 1.13 -22.28 -24.33
N MET A 332 1.64 -22.47 -23.12
CA MET A 332 2.17 -23.77 -22.75
C MET A 332 1.06 -24.78 -22.54
N ASP A 333 -0.15 -24.30 -22.22
CA ASP A 333 -1.31 -25.19 -22.25
C ASP A 333 -1.66 -25.60 -23.68
N GLY A 334 -1.52 -24.67 -24.63
CA GLY A 334 -1.91 -24.96 -25.99
C GLY A 334 -1.10 -26.08 -26.63
N LEU A 335 0.19 -26.16 -26.28
CA LEU A 335 1.03 -27.21 -26.80
C LEU A 335 0.69 -28.54 -26.14
N LYS A 336 0.36 -29.54 -26.96
CA LYS A 336 0.03 -30.88 -26.48
C LYS A 336 1.22 -31.83 -26.54
N GLN A 337 2.41 -31.32 -26.86
CA GLN A 337 3.66 -32.05 -27.06
C GLN A 337 3.60 -32.92 -28.31
N ARG A 338 2.54 -32.81 -29.12
CA ARG A 338 2.52 -33.50 -30.40
C ARG A 338 3.61 -32.99 -31.32
N ALA A 339 3.81 -31.66 -31.37
CA ALA A 339 4.89 -31.11 -32.17
C ALA A 339 6.23 -31.26 -31.48
N HIS A 340 6.23 -31.63 -30.20
CA HIS A 340 7.46 -31.81 -29.42
C HIS A 340 8.27 -30.52 -29.36
N VAL A 341 7.64 -29.46 -28.86
CA VAL A 341 8.32 -28.18 -28.64
C VAL A 341 8.83 -28.15 -27.21
N ILE A 342 10.09 -27.76 -27.05
CA ILE A 342 10.71 -27.61 -25.73
C ILE A 342 11.06 -26.14 -25.54
N VAL A 343 10.63 -25.58 -24.42
CA VAL A 343 10.93 -24.19 -24.06
C VAL A 343 11.78 -24.20 -22.79
N MET A 344 12.88 -23.46 -22.82
CA MET A 344 13.75 -23.31 -21.67
C MET A 344 14.00 -21.83 -21.41
N ALA A 345 14.01 -21.44 -20.15
CA ALA A 345 14.20 -20.06 -19.73
C ALA A 345 15.36 -19.98 -18.76
N ALA A 346 16.28 -19.06 -19.01
CA ALA A 346 17.42 -18.84 -18.14
C ALA A 346 17.07 -17.75 -17.14
N THR A 347 17.09 -18.10 -15.86
CA THR A 347 16.69 -17.19 -14.79
C THR A 347 17.84 -17.04 -13.81
N ASN A 348 17.98 -15.84 -13.23
CA ASN A 348 18.99 -15.65 -12.19
C ASN A 348 18.45 -16.05 -10.83
N ARG A 349 17.22 -15.65 -10.51
CA ARG A 349 16.65 -15.86 -9.19
C ARG A 349 15.55 -16.90 -9.25
N PRO A 350 15.73 -18.10 -8.68
CA PRO A 350 14.66 -19.11 -8.74
C PRO A 350 13.39 -18.69 -8.02
N ASN A 351 13.49 -17.91 -6.95
CA ASN A 351 12.32 -17.60 -6.14
C ASN A 351 11.42 -16.57 -6.81
N SER A 352 12.01 -15.67 -7.61
CA SER A 352 11.19 -14.66 -8.28
C SER A 352 10.31 -15.28 -9.35
N ILE A 353 10.55 -16.54 -9.68
CA ILE A 353 9.72 -17.24 -10.67
C ILE A 353 8.29 -17.35 -10.16
N ASP A 354 7.34 -17.18 -11.06
CA ASP A 354 5.94 -17.31 -10.70
C ASP A 354 5.66 -18.74 -10.22
N PRO A 355 4.84 -18.91 -9.18
CA PRO A 355 4.51 -20.27 -8.73
C PRO A 355 3.86 -21.12 -9.80
N ALA A 356 3.03 -20.52 -10.67
CA ALA A 356 2.26 -21.30 -11.64
C ALA A 356 3.18 -22.08 -12.58
N LEU A 357 4.28 -21.46 -13.02
CA LEU A 357 5.22 -22.16 -13.89
C LEU A 357 5.88 -23.34 -13.17
N ARG A 358 5.88 -23.33 -11.84
CA ARG A 358 6.46 -24.44 -11.11
C ARG A 358 5.52 -25.64 -11.09
N ARG A 359 4.21 -25.41 -11.14
CA ARG A 359 3.26 -26.50 -11.16
C ARG A 359 3.30 -27.24 -12.49
N PHE A 360 2.81 -28.47 -12.47
CA PHE A 360 2.98 -29.39 -13.60
C PHE A 360 2.28 -28.86 -14.85
N GLY A 361 2.80 -29.26 -16.01
CA GLY A 361 2.38 -28.71 -17.28
C GLY A 361 3.09 -27.43 -17.65
N ARG A 362 4.10 -27.02 -16.89
CA ARG A 362 4.77 -25.73 -17.01
C ARG A 362 6.27 -25.94 -16.84
N PHE A 363 7.02 -24.87 -16.53
CA PHE A 363 8.47 -24.98 -16.36
C PHE A 363 8.77 -25.79 -15.09
N ASP A 364 8.50 -27.09 -15.20
CA ASP A 364 8.68 -28.00 -14.08
C ASP A 364 10.15 -28.29 -13.84
N ARG A 365 10.94 -28.35 -14.91
CA ARG A 365 12.33 -28.80 -14.82
C ARG A 365 13.23 -27.64 -14.39
N GLU A 366 13.69 -27.72 -13.15
CA GLU A 366 14.60 -26.74 -12.57
C GLU A 366 15.98 -27.37 -12.49
N VAL A 367 16.99 -26.68 -13.03
CA VAL A 367 18.35 -27.18 -13.09
C VAL A 367 19.26 -26.22 -12.33
N ASP A 368 20.11 -26.76 -11.47
CA ASP A 368 20.98 -25.95 -10.62
C ASP A 368 22.39 -25.96 -11.18
N ILE A 369 22.85 -24.79 -11.61
CA ILE A 369 24.22 -24.60 -12.07
C ILE A 369 25.00 -23.98 -10.92
N GLY A 370 25.74 -24.82 -10.20
CA GLY A 370 26.51 -24.33 -9.07
C GLY A 370 27.83 -23.70 -9.50
N ILE A 371 28.59 -23.28 -8.50
CA ILE A 371 29.92 -22.71 -8.79
C ILE A 371 30.81 -23.80 -9.35
N PRO A 372 31.73 -23.49 -10.26
CA PRO A 372 32.57 -24.54 -10.84
C PRO A 372 33.52 -25.14 -9.81
N ASP A 373 33.80 -26.43 -9.96
CA ASP A 373 34.75 -27.10 -9.10
C ASP A 373 36.17 -26.75 -9.57
N ALA A 374 37.16 -27.32 -8.87
CA ALA A 374 38.55 -27.02 -9.20
C ALA A 374 38.85 -27.34 -10.66
N THR A 375 38.52 -28.55 -11.10
CA THR A 375 38.70 -28.88 -12.50
C THR A 375 37.73 -28.10 -13.38
N GLY A 376 36.55 -27.76 -12.84
CA GLY A 376 35.60 -26.96 -13.60
C GLY A 376 36.10 -25.57 -13.92
N ARG A 377 36.62 -24.87 -12.91
CA ARG A 377 37.19 -23.55 -13.16
C ARG A 377 38.50 -23.64 -13.93
N LEU A 378 39.22 -24.76 -13.79
CA LEU A 378 40.40 -24.98 -14.63
C LEU A 378 40.02 -25.04 -16.09
N GLU A 379 38.97 -25.81 -16.41
CA GLU A 379 38.48 -25.89 -17.77
C GLU A 379 37.94 -24.56 -18.26
N ILE A 380 37.23 -23.82 -17.41
CA ILE A 380 36.76 -22.50 -17.80
C ILE A 380 37.93 -21.60 -18.16
N LEU A 381 38.98 -21.60 -17.34
CA LEU A 381 40.14 -20.77 -17.59
C LEU A 381 40.84 -21.17 -18.88
N GLN A 382 40.96 -22.48 -19.14
CA GLN A 382 41.58 -22.94 -20.37
C GLN A 382 40.76 -22.49 -21.59
N ILE A 383 39.44 -22.62 -21.53
CA ILE A 383 38.59 -22.18 -22.63
C ILE A 383 38.81 -20.69 -22.88
N HIS A 384 38.79 -19.90 -21.81
CA HIS A 384 38.94 -18.45 -21.96
C HIS A 384 40.29 -18.09 -22.55
N THR A 385 41.37 -18.73 -22.11
CA THR A 385 42.72 -18.33 -22.47
C THR A 385 43.30 -19.05 -23.69
N LYS A 386 42.57 -19.98 -24.31
CA LYS A 386 43.14 -20.65 -25.48
C LYS A 386 43.36 -19.65 -26.62
N ASN A 387 42.52 -18.62 -26.69
CA ASN A 387 42.66 -17.63 -27.76
C ASN A 387 43.81 -16.67 -27.52
N MET A 388 44.08 -16.32 -26.26
CA MET A 388 45.33 -15.60 -25.96
C MET A 388 46.53 -16.52 -26.12
N LYS A 389 47.67 -15.91 -26.44
CA LYS A 389 48.95 -16.61 -26.33
C LYS A 389 49.23 -16.89 -24.87
N LEU A 390 49.64 -18.12 -24.57
CA LEU A 390 49.85 -18.56 -23.20
C LEU A 390 51.32 -18.88 -22.98
N ALA A 391 51.92 -18.22 -21.98
CA ALA A 391 53.32 -18.40 -21.68
C ALA A 391 53.56 -19.71 -20.92
N ASP A 392 54.80 -20.18 -20.96
CA ASP A 392 55.14 -21.42 -20.27
C ASP A 392 55.03 -21.27 -18.76
N ASP A 393 55.41 -20.10 -18.23
CA ASP A 393 55.39 -19.92 -16.78
C ASP A 393 53.98 -19.94 -16.23
N VAL A 394 53.03 -19.30 -16.93
CA VAL A 394 51.70 -19.12 -16.38
C VAL A 394 50.95 -20.45 -16.41
N ASP A 395 50.39 -20.83 -15.26
CA ASP A 395 49.72 -22.11 -15.07
C ASP A 395 48.28 -21.87 -14.65
N LEU A 396 47.35 -22.35 -15.46
CA LEU A 396 45.93 -22.20 -15.13
C LEU A 396 45.52 -23.09 -13.97
N GLU A 397 46.29 -24.16 -13.72
CA GLU A 397 46.02 -25.01 -12.57
C GLU A 397 46.05 -24.20 -11.28
N GLN A 398 47.11 -23.41 -11.10
CA GLN A 398 47.32 -22.68 -9.86
C GLN A 398 46.29 -21.57 -9.69
N VAL A 399 46.02 -20.81 -10.77
CA VAL A 399 45.02 -19.75 -10.71
C VAL A 399 43.65 -20.33 -10.38
N ALA A 400 43.32 -21.50 -10.96
CA ALA A 400 42.08 -22.16 -10.59
C ALA A 400 42.06 -22.56 -9.12
N ASN A 401 43.17 -23.09 -8.62
CA ASN A 401 43.19 -23.65 -7.27
C ASN A 401 43.19 -22.56 -6.20
N GLU A 402 43.76 -21.39 -6.50
CA GLU A 402 43.94 -20.36 -5.48
C GLU A 402 42.60 -19.77 -5.03
N THR A 403 41.56 -19.91 -5.84
CA THR A 403 40.25 -19.35 -5.56
C THR A 403 39.24 -20.48 -5.52
N HIS A 404 38.07 -20.22 -4.92
CA HIS A 404 37.02 -21.23 -4.90
C HIS A 404 35.73 -20.73 -5.54
N GLY A 405 35.25 -19.57 -5.13
CA GLY A 405 33.95 -19.06 -5.52
C GLY A 405 33.89 -18.30 -6.83
N HIS A 406 34.97 -18.29 -7.60
CA HIS A 406 35.00 -17.52 -8.84
C HIS A 406 34.01 -18.09 -9.85
N VAL A 407 33.15 -17.20 -10.39
CA VAL A 407 32.13 -17.60 -11.35
C VAL A 407 32.72 -17.48 -12.75
N GLY A 408 32.04 -18.08 -13.75
CA GLY A 408 32.54 -18.03 -15.11
C GLY A 408 32.72 -16.62 -15.63
N ALA A 409 31.79 -15.72 -15.30
CA ALA A 409 31.95 -14.33 -15.69
C ALA A 409 33.15 -13.71 -15.00
N ASP A 410 33.34 -14.03 -13.71
CA ASP A 410 34.53 -13.58 -12.99
C ASP A 410 35.79 -14.08 -13.68
N LEU A 411 35.79 -15.34 -14.12
CA LEU A 411 36.99 -15.89 -14.74
C LEU A 411 37.25 -15.27 -16.11
N ALA A 412 36.20 -15.02 -16.87
CA ALA A 412 36.37 -14.36 -18.16
C ALA A 412 36.94 -12.96 -17.99
N ALA A 413 36.38 -12.18 -17.05
CA ALA A 413 36.93 -10.86 -16.77
C ALA A 413 38.36 -10.95 -16.24
N LEU A 414 38.64 -11.97 -15.42
CA LEU A 414 39.97 -12.15 -14.87
C LEU A 414 40.99 -12.37 -15.98
N CYS A 415 40.68 -13.27 -16.92
CA CYS A 415 41.59 -13.50 -18.03
C CYS A 415 41.74 -12.24 -18.87
N SER A 416 40.64 -11.53 -19.12
CA SER A 416 40.71 -10.35 -19.98
C SER A 416 41.59 -9.26 -19.35
N GLU A 417 41.37 -8.97 -18.06
CA GLU A 417 42.14 -7.88 -17.45
C GLU A 417 43.53 -8.36 -17.04
N ALA A 418 43.76 -9.67 -17.00
CA ALA A 418 45.14 -10.16 -16.94
C ALA A 418 45.87 -9.86 -18.24
N ALA A 419 45.20 -10.05 -19.38
CA ALA A 419 45.80 -9.64 -20.66
C ALA A 419 46.01 -8.14 -20.72
N LEU A 420 45.06 -7.37 -20.18
CA LEU A 420 45.25 -5.92 -20.10
C LEU A 420 46.46 -5.56 -19.22
N GLN A 421 46.65 -6.25 -18.11
CA GLN A 421 47.82 -6.00 -17.27
C GLN A 421 49.11 -6.37 -18.01
N ALA A 422 49.07 -7.45 -18.79
CA ALA A 422 50.22 -7.81 -19.62
C ALA A 422 50.55 -6.68 -20.58
N ILE A 423 49.54 -6.08 -21.20
CA ILE A 423 49.78 -4.92 -22.07
C ILE A 423 50.29 -3.75 -21.24
N ARG A 424 49.81 -3.62 -20.00
CA ARG A 424 50.26 -2.55 -19.11
C ARG A 424 51.75 -2.67 -18.83
N LYS A 425 52.27 -3.90 -18.79
CA LYS A 425 53.71 -4.08 -18.64
C LYS A 425 54.47 -3.46 -19.81
N LYS A 426 53.88 -3.47 -20.99
CA LYS A 426 54.50 -2.91 -22.19
C LYS A 426 53.97 -1.53 -22.55
N MET A 427 53.22 -0.89 -21.65
CA MET A 427 52.67 0.43 -21.95
C MET A 427 53.77 1.45 -22.21
N ASP A 428 54.82 1.44 -21.38
CA ASP A 428 55.91 2.39 -21.55
C ASP A 428 56.66 2.13 -22.86
N LEU A 429 56.87 0.87 -23.21
CA LEU A 429 57.63 0.55 -24.42
C LEU A 429 56.85 0.89 -25.68
N ILE A 430 55.56 0.54 -25.72
CA ILE A 430 54.74 0.86 -26.88
C ILE A 430 54.47 2.36 -26.92
N ASP A 431 54.28 2.88 -28.13
CA ASP A 431 54.07 4.31 -28.35
C ASP A 431 52.69 4.52 -28.96
N LEU A 432 51.82 5.22 -28.23
CA LEU A 432 50.48 5.52 -28.72
C LEU A 432 50.51 6.58 -29.80
N GLU A 433 51.33 7.62 -29.62
CA GLU A 433 51.36 8.74 -30.56
C GLU A 433 51.89 8.32 -31.92
N ASP A 434 52.65 7.23 -31.98
CA ASP A 434 53.22 6.78 -33.24
C ASP A 434 52.11 6.26 -34.15
N GLU A 435 52.29 6.47 -35.46
CA GLU A 435 51.28 6.02 -36.42
C GLU A 435 51.31 4.51 -36.60
N THR A 436 52.49 3.90 -36.50
CA THR A 436 52.65 2.46 -36.67
C THR A 436 53.32 1.88 -35.44
N ILE A 437 52.58 1.04 -34.70
CA ILE A 437 53.12 0.42 -33.51
C ILE A 437 54.24 -0.54 -33.91
N ASP A 438 55.24 -0.65 -33.04
CA ASP A 438 56.43 -1.44 -33.34
C ASP A 438 56.07 -2.91 -33.46
N ALA A 439 56.63 -3.59 -34.46
CA ALA A 439 56.46 -5.03 -34.57
C ALA A 439 57.18 -5.76 -33.45
N GLU A 440 58.29 -5.19 -32.97
CA GLU A 440 59.07 -5.83 -31.93
C GLU A 440 58.28 -5.96 -30.63
N VAL A 441 57.55 -4.91 -30.24
CA VAL A 441 56.74 -4.99 -29.03
C VAL A 441 55.58 -5.95 -29.24
N MET A 442 55.01 -5.98 -30.45
CA MET A 442 53.88 -6.86 -30.73
C MET A 442 54.29 -8.33 -30.61
N ASN A 443 55.45 -8.69 -31.14
CA ASN A 443 55.90 -10.07 -31.03
C ASN A 443 56.50 -10.34 -29.65
N SER A 444 56.87 -9.28 -28.92
CA SER A 444 57.43 -9.46 -27.59
C SER A 444 56.33 -9.48 -26.52
N LEU A 445 55.19 -8.85 -26.80
CA LEU A 445 54.12 -8.76 -25.82
C LEU A 445 53.52 -10.14 -25.56
N ALA A 446 53.43 -10.52 -24.28
CA ALA A 446 52.89 -11.81 -23.91
C ALA A 446 52.47 -11.78 -22.45
N VAL A 447 51.54 -12.67 -22.10
CA VAL A 447 51.06 -12.75 -20.73
C VAL A 447 52.11 -13.42 -19.86
N THR A 448 51.92 -13.31 -18.54
CA THR A 448 52.90 -13.78 -17.57
C THR A 448 52.17 -14.22 -16.31
N MET A 449 52.86 -15.03 -15.49
CA MET A 449 52.31 -15.41 -14.19
C MET A 449 51.97 -14.19 -13.34
N ASP A 450 52.83 -13.16 -13.37
CA ASP A 450 52.57 -11.98 -12.55
C ASP A 450 51.28 -11.29 -12.99
N ASP A 451 50.97 -11.33 -14.28
CA ASP A 451 49.70 -10.78 -14.74
C ASP A 451 48.52 -11.51 -14.12
N PHE A 452 48.59 -12.84 -14.06
CA PHE A 452 47.50 -13.62 -13.47
C PHE A 452 47.43 -13.40 -11.96
N ARG A 453 48.59 -13.27 -11.30
CA ARG A 453 48.60 -13.00 -9.87
C ARG A 453 47.96 -11.65 -9.56
N TRP A 454 48.31 -10.62 -10.34
CA TRP A 454 47.69 -9.31 -10.16
C TRP A 454 46.19 -9.37 -10.45
N ALA A 455 45.81 -10.14 -11.47
CA ALA A 455 44.40 -10.33 -11.78
C ALA A 455 43.65 -10.95 -10.60
N LEU A 456 44.24 -11.98 -9.99
CA LEU A 456 43.65 -12.59 -8.80
C LEU A 456 43.57 -11.59 -7.66
N SER A 457 44.60 -10.74 -7.54
CA SER A 457 44.61 -9.72 -6.49
C SER A 457 43.43 -8.77 -6.64
N GLN A 458 43.18 -8.31 -7.87
CA GLN A 458 42.08 -7.37 -8.08
C GLN A 458 40.72 -8.02 -7.85
N SER A 459 40.57 -9.29 -8.26
CA SER A 459 39.28 -9.95 -8.18
C SER A 459 38.98 -10.42 -6.76
N ASN A 460 37.68 -10.58 -6.48
CA ASN A 460 37.18 -11.19 -5.26
C ASN A 460 36.27 -12.35 -5.61
N PRO A 461 36.16 -13.38 -4.76
CA PRO A 461 35.23 -14.49 -5.00
C PRO A 461 33.78 -14.05 -5.07
N VAL A 471 36.18 -22.82 9.12
CA VAL A 471 36.84 -23.60 10.15
C VAL A 471 37.57 -22.69 11.13
N PRO A 472 37.53 -23.05 12.41
CA PRO A 472 38.16 -22.20 13.43
C PRO A 472 39.67 -22.16 13.29
N GLN A 473 40.25 -21.04 13.72
CA GLN A 473 41.69 -20.85 13.65
C GLN A 473 42.42 -21.84 14.57
N VAL A 474 41.73 -22.32 15.60
CA VAL A 474 42.38 -23.13 16.62
C VAL A 474 42.76 -24.48 16.07
N THR A 475 43.98 -24.92 16.37
CA THR A 475 44.50 -26.21 15.96
C THR A 475 44.94 -26.96 17.22
N TRP A 476 45.03 -28.29 17.14
CA TRP A 476 45.46 -29.07 18.30
C TRP A 476 46.82 -28.61 18.81
N GLU A 477 47.67 -28.11 17.90
CA GLU A 477 48.97 -27.59 18.33
C GLU A 477 48.80 -26.38 19.23
N ASP A 478 47.73 -25.60 19.02
CA ASP A 478 47.43 -24.50 19.93
C ASP A 478 47.08 -25.01 21.32
N ILE A 479 46.35 -26.11 21.38
CA ILE A 479 45.93 -26.66 22.66
C ILE A 479 47.10 -27.37 23.33
N GLY A 480 47.22 -27.21 24.64
CA GLY A 480 48.22 -27.93 25.41
C GLY A 480 47.61 -28.93 26.36
N GLY A 481 48.16 -30.14 26.42
CA GLY A 481 47.66 -31.16 27.30
C GLY A 481 46.41 -31.84 26.78
N LEU A 482 45.81 -32.65 27.65
CA LEU A 482 44.55 -33.34 27.36
C LEU A 482 44.66 -34.18 26.09
N GLU A 483 45.74 -34.96 25.98
CA GLU A 483 45.99 -35.72 24.75
C GLU A 483 44.93 -36.79 24.52
N ASP A 484 44.51 -37.47 25.60
CA ASP A 484 43.49 -38.50 25.45
C ASP A 484 42.17 -37.90 24.97
N VAL A 485 41.85 -36.69 25.43
CA VAL A 485 40.63 -36.03 24.99
C VAL A 485 40.70 -35.73 23.49
N LYS A 486 41.85 -35.25 23.02
CA LYS A 486 42.01 -34.99 21.60
C LYS A 486 41.89 -36.28 20.80
N ARG A 487 42.47 -37.37 21.31
CA ARG A 487 42.36 -38.66 20.62
C ARG A 487 40.92 -39.12 20.56
N GLU A 488 40.16 -38.95 21.65
CA GLU A 488 38.75 -39.34 21.65
C GLU A 488 37.95 -38.49 20.67
N LEU A 489 38.21 -37.18 20.62
CA LEU A 489 37.50 -36.32 19.69
C LEU A 489 37.80 -36.69 18.25
N GLN A 490 39.05 -37.02 17.95
CA GLN A 490 39.39 -37.48 16.60
C GLN A 490 38.73 -38.83 16.30
N GLU A 491 38.61 -39.68 17.33
CA GLU A 491 37.94 -40.95 17.18
C GLU A 491 36.47 -40.78 16.81
N LEU A 492 35.79 -39.82 17.46
CA LEU A 492 34.34 -39.73 17.33
C LEU A 492 33.92 -39.00 16.07
N VAL A 493 34.67 -37.98 15.65
CA VAL A 493 34.26 -37.10 14.57
C VAL A 493 34.97 -37.43 13.27
N GLN A 494 36.29 -37.59 13.31
CA GLN A 494 37.07 -37.67 12.07
C GLN A 494 36.87 -39.01 11.36
N TYR A 495 36.95 -40.12 12.09
CA TYR A 495 36.88 -41.43 11.45
C TYR A 495 35.60 -41.68 10.67
N PRO A 496 34.41 -41.26 11.12
CA PRO A 496 33.21 -41.50 10.29
C PRO A 496 33.32 -40.95 8.88
N VAL A 497 33.98 -39.82 8.68
CA VAL A 497 34.15 -39.31 7.31
C VAL A 497 35.42 -39.89 6.68
N GLU A 498 36.41 -40.23 7.50
CA GLU A 498 37.63 -40.84 6.97
C GLU A 498 37.35 -42.24 6.44
N HIS A 499 36.53 -43.01 7.16
CA HIS A 499 36.25 -44.41 6.79
C HIS A 499 34.74 -44.67 6.83
N PRO A 500 33.97 -44.05 5.93
CA PRO A 500 32.53 -44.38 5.88
C PRO A 500 32.27 -45.83 5.51
N ASP A 501 33.12 -46.42 4.67
CA ASP A 501 32.92 -47.80 4.26
C ASP A 501 33.03 -48.75 5.44
N LYS A 502 33.99 -48.52 6.33
CA LYS A 502 34.10 -49.36 7.52
C LYS A 502 32.87 -49.24 8.40
N PHE A 503 32.35 -48.01 8.57
CA PHE A 503 31.16 -47.82 9.38
C PHE A 503 29.96 -48.55 8.80
N LEU A 504 29.79 -48.47 7.47
CA LEU A 504 28.71 -49.23 6.85
C LEU A 504 28.92 -50.74 7.01
N LYS A 505 30.17 -51.20 6.87
CA LYS A 505 30.46 -52.63 6.96
C LYS A 505 30.12 -53.17 8.35
N PHE A 506 30.49 -52.45 9.40
CA PHE A 506 30.18 -52.86 10.76
C PHE A 506 28.76 -52.48 11.17
N GLY A 507 28.02 -51.76 10.35
CA GLY A 507 26.66 -51.38 10.68
C GLY A 507 26.57 -50.52 11.93
N MET A 508 27.49 -49.58 12.08
CA MET A 508 27.57 -48.76 13.29
C MET A 508 27.07 -47.36 12.99
N THR A 509 26.19 -46.86 13.83
CA THR A 509 25.75 -45.48 13.72
C THR A 509 26.71 -44.60 14.50
N PRO A 510 27.35 -43.62 13.85
CA PRO A 510 28.33 -42.78 14.55
C PRO A 510 27.68 -42.00 15.67
N SER A 511 28.38 -41.91 16.80
CA SER A 511 27.87 -41.17 17.95
C SER A 511 28.00 -39.67 17.70
N LYS A 512 26.92 -38.93 17.98
CA LYS A 512 26.87 -37.50 17.73
C LYS A 512 26.80 -36.68 19.01
N GLY A 513 27.15 -37.27 20.15
CA GLY A 513 27.02 -36.61 21.44
C GLY A 513 28.35 -36.53 22.17
N VAL A 514 28.76 -35.30 22.46
CA VAL A 514 29.92 -35.03 23.32
C VAL A 514 29.53 -33.95 24.31
N LEU A 515 29.69 -34.25 25.60
CA LEU A 515 29.49 -33.28 26.66
C LEU A 515 30.80 -33.06 27.38
N PHE A 516 31.21 -31.80 27.51
CA PHE A 516 32.40 -31.41 28.24
C PHE A 516 31.96 -30.73 29.54
N TYR A 517 32.45 -31.23 30.66
CA TYR A 517 32.21 -30.59 31.95
C TYR A 517 33.53 -30.45 32.69
N GLY A 518 33.85 -29.22 33.09
CA GLY A 518 35.08 -28.94 33.79
C GLY A 518 35.14 -27.49 34.26
N PRO A 519 36.14 -27.18 35.07
CA PRO A 519 36.29 -25.81 35.55
C PRO A 519 36.52 -24.86 34.38
N PRO A 520 35.98 -23.65 34.46
CA PRO A 520 36.07 -22.73 33.32
C PRO A 520 37.51 -22.42 32.95
N GLY A 521 37.74 -22.29 31.64
CA GLY A 521 39.05 -21.96 31.13
C GLY A 521 39.95 -23.14 30.82
N CYS A 522 39.40 -24.34 30.72
CA CYS A 522 40.20 -25.53 30.46
C CYS A 522 40.27 -25.90 28.98
N GLY A 523 39.80 -25.03 28.10
CA GLY A 523 39.97 -25.27 26.67
C GLY A 523 38.92 -26.14 26.02
N LYS A 524 37.73 -26.23 26.61
CA LYS A 524 36.64 -26.96 25.97
C LYS A 524 36.24 -26.30 24.65
N THR A 525 36.16 -24.98 24.63
CA THR A 525 35.92 -24.26 23.38
C THR A 525 37.07 -24.48 22.40
N LEU A 526 38.30 -24.50 22.91
CA LEU A 526 39.44 -24.83 22.06
C LEU A 526 39.32 -26.23 21.49
N LEU A 527 38.87 -27.19 22.29
CA LEU A 527 38.73 -28.56 21.80
C LEU A 527 37.70 -28.62 20.68
N ALA A 528 36.54 -27.98 20.87
CA ALA A 528 35.53 -27.97 19.83
C ALA A 528 36.04 -27.31 18.56
N LYS A 529 36.73 -26.17 18.70
CA LYS A 529 37.28 -25.49 17.53
C LYS A 529 38.33 -26.34 16.82
N ALA A 530 39.17 -27.03 17.59
CA ALA A 530 40.22 -27.84 16.99
C ALA A 530 39.65 -29.03 16.23
N ILE A 531 38.64 -29.69 16.79
CA ILE A 531 38.04 -30.81 16.07
C ILE A 531 37.30 -30.32 14.83
N ALA A 532 36.66 -29.15 14.93
CA ALA A 532 36.02 -28.56 13.75
C ALA A 532 37.05 -28.27 12.66
N ASN A 533 38.22 -27.76 13.05
CA ASN A 533 39.24 -27.42 12.07
C ASN A 533 39.86 -28.67 11.45
N GLU A 534 40.21 -29.66 12.26
CA GLU A 534 40.83 -30.87 11.73
C GLU A 534 39.89 -31.62 10.82
N CYS A 535 38.61 -31.71 11.19
CA CYS A 535 37.64 -32.38 10.34
C CYS A 535 37.15 -31.51 9.19
N GLN A 536 37.63 -30.27 9.11
CA GLN A 536 37.23 -29.33 8.06
C GLN A 536 35.72 -29.20 7.98
N ALA A 537 35.08 -29.11 9.14
CA ALA A 537 33.64 -28.95 9.25
C ALA A 537 33.32 -27.55 9.73
N ASN A 538 32.19 -27.01 9.27
CA ASN A 538 31.77 -25.69 9.71
C ASN A 538 31.52 -25.70 11.22
N PHE A 539 31.87 -24.59 11.87
CA PHE A 539 31.74 -24.46 13.31
C PHE A 539 30.70 -23.41 13.65
N ILE A 540 29.73 -23.79 14.48
CA ILE A 540 28.69 -22.89 14.96
C ILE A 540 28.66 -22.96 16.48
N SER A 541 28.87 -21.81 17.12
CA SER A 541 28.89 -21.72 18.57
C SER A 541 27.76 -20.81 19.02
N ILE A 542 27.01 -21.26 20.02
CA ILE A 542 25.92 -20.49 20.59
C ILE A 542 25.84 -20.78 22.08
N LYS A 543 25.31 -19.82 22.83
CA LYS A 543 25.15 -19.93 24.27
C LYS A 543 23.67 -19.90 24.62
N GLY A 544 23.33 -20.52 25.76
CA GLY A 544 21.97 -20.59 26.22
C GLY A 544 21.30 -19.26 26.50
N PRO A 545 21.93 -18.34 27.24
CA PRO A 545 21.29 -17.03 27.46
C PRO A 545 21.03 -16.28 26.17
N GLU A 546 21.89 -16.48 25.17
CA GLU A 546 21.67 -15.82 23.88
C GLU A 546 20.39 -16.31 23.21
N LEU A 547 19.95 -17.53 23.54
CA LEU A 547 18.73 -18.06 22.95
C LEU A 547 17.51 -17.79 23.84
N LEU A 548 17.74 -17.60 25.15
CA LEU A 548 16.65 -17.71 26.12
C LEU A 548 15.51 -16.73 25.84
N THR A 549 15.82 -15.49 25.47
CA THR A 549 14.87 -14.42 25.18
C THR A 549 13.77 -14.27 26.24
N MET A 550 12.71 -13.53 25.94
CA MET A 550 11.63 -13.28 26.90
C MET A 550 10.24 -13.44 26.33
N TRP A 551 10.06 -13.50 25.02
CA TRP A 551 8.73 -13.68 24.44
C TRP A 551 8.26 -15.12 24.64
N PHE A 552 7.01 -15.37 24.26
CA PHE A 552 6.36 -16.64 24.59
C PHE A 552 7.05 -17.82 23.92
N GLY A 553 7.23 -17.76 22.60
CA GLY A 553 7.76 -18.92 21.89
C GLY A 553 9.00 -18.64 21.09
N GLU A 554 9.65 -17.49 21.35
CA GLU A 554 10.78 -17.08 20.52
C GLU A 554 12.04 -17.88 20.83
N SER A 555 12.19 -18.32 22.09
CA SER A 555 13.39 -19.05 22.47
C SER A 555 13.47 -20.41 21.78
N GLU A 556 12.36 -21.14 21.76
CA GLU A 556 12.33 -22.40 21.03
C GLU A 556 12.47 -22.16 19.53
N ALA A 557 11.97 -21.04 19.05
CA ALA A 557 12.17 -20.68 17.66
C ALA A 557 13.66 -20.48 17.37
N ASN A 558 14.38 -19.87 18.30
CA ASN A 558 15.83 -19.69 18.12
C ASN A 558 16.56 -21.02 18.19
N VAL A 559 16.10 -21.93 19.03
CA VAL A 559 16.69 -23.27 19.07
C VAL A 559 16.50 -23.97 17.73
N ARG A 560 15.27 -23.90 17.19
CA ARG A 560 15.03 -24.48 15.88
C ARG A 560 15.88 -23.81 14.81
N GLU A 561 16.06 -22.49 14.93
CA GLU A 561 16.88 -21.77 13.97
C GLU A 561 18.34 -22.21 14.02
N ILE A 562 18.90 -22.38 15.21
CA ILE A 562 20.30 -22.77 15.32
C ILE A 562 20.49 -24.19 14.82
N PHE A 563 19.53 -25.08 15.07
CA PHE A 563 19.65 -26.44 14.57
C PHE A 563 19.48 -26.49 13.05
N ASP A 564 18.60 -25.67 12.50
CA ASP A 564 18.46 -25.60 11.06
C ASP A 564 19.74 -25.06 10.41
N LYS A 565 20.34 -24.03 11.02
CA LYS A 565 21.61 -23.52 10.52
C LYS A 565 22.70 -24.59 10.58
N ALA A 566 22.70 -25.39 11.64
CA ALA A 566 23.64 -26.50 11.71
C ALA A 566 23.43 -27.48 10.56
N ARG A 567 22.16 -27.78 10.25
CA ARG A 567 21.89 -28.66 9.11
C ARG A 567 22.34 -28.05 7.79
N GLN A 568 22.12 -26.75 7.60
CA GLN A 568 22.49 -26.12 6.34
C GLN A 568 24.00 -26.16 6.12
N ALA A 569 24.77 -25.90 7.17
CA ALA A 569 26.22 -25.88 7.09
C ALA A 569 26.85 -27.26 7.25
N ALA A 570 26.06 -28.32 7.22
CA ALA A 570 26.60 -29.66 7.38
C ALA A 570 27.51 -30.00 6.18
N PRO A 571 28.61 -30.73 6.40
CA PRO A 571 29.09 -31.25 7.69
C PRO A 571 29.57 -30.14 8.63
N CYS A 572 29.01 -30.11 9.82
CA CYS A 572 29.20 -29.00 10.73
C CYS A 572 29.33 -29.52 12.15
N VAL A 573 29.86 -28.66 13.04
CA VAL A 573 29.92 -28.92 14.47
C VAL A 573 29.15 -27.81 15.16
N LEU A 574 28.20 -28.19 16.01
CA LEU A 574 27.40 -27.25 16.78
C LEU A 574 27.83 -27.29 18.24
N PHE A 575 28.31 -26.16 18.75
CA PHE A 575 28.87 -26.09 20.09
C PHE A 575 27.97 -25.25 20.99
N PHE A 576 27.55 -25.83 22.11
CA PHE A 576 26.69 -25.16 23.06
C PHE A 576 27.49 -24.84 24.31
N ASP A 577 27.82 -23.58 24.50
CA ASP A 577 28.55 -23.13 25.68
C ASP A 577 27.54 -22.66 26.73
N GLN A 578 27.87 -22.93 28.00
CA GLN A 578 26.93 -22.71 29.10
C GLN A 578 25.62 -23.45 28.84
N LEU A 579 25.72 -24.75 28.57
CA LEU A 579 24.54 -25.54 28.28
C LEU A 579 23.63 -25.66 29.50
N ASP A 580 24.19 -25.60 30.70
CA ASP A 580 23.37 -25.71 31.91
C ASP A 580 22.44 -24.52 32.05
N SER A 581 22.78 -23.40 31.42
CA SER A 581 21.88 -22.25 31.43
C SER A 581 20.60 -22.54 30.67
N ILE A 582 20.71 -23.26 29.55
CA ILE A 582 19.55 -23.50 28.70
C ILE A 582 18.97 -24.88 28.95
N ALA A 583 19.79 -25.82 29.41
CA ALA A 583 19.35 -27.19 29.65
C ALA A 583 19.43 -27.48 31.15
N LYS A 584 18.28 -27.43 31.81
CA LYS A 584 18.19 -27.69 33.24
C LYS A 584 17.29 -28.89 33.47
N ALA A 585 17.14 -29.27 34.73
CA ALA A 585 16.26 -30.38 35.08
C ALA A 585 14.82 -29.99 34.83
N ARG A 586 14.13 -30.77 33.99
CA ARG A 586 12.72 -30.48 33.71
C ARG A 586 11.85 -30.67 34.95
N GLY A 587 12.16 -31.71 35.75
CA GLY A 587 11.30 -32.03 36.88
C GLY A 587 11.17 -30.89 37.87
N GLY A 588 12.24 -30.13 38.07
CA GLY A 588 12.20 -29.02 38.99
C GLY A 588 12.77 -27.72 38.47
N ASN A 589 11.95 -26.69 38.41
CA ASN A 589 12.37 -25.33 38.08
C ASN A 589 11.50 -24.37 38.86
N ILE A 590 12.09 -23.70 39.85
CA ILE A 590 11.31 -22.92 40.81
C ILE A 590 10.71 -21.68 40.16
N GLY A 591 11.50 -20.96 39.37
CA GLY A 591 11.04 -19.70 38.82
C GLY A 591 9.90 -19.88 37.83
N ASP A 592 9.11 -18.81 37.68
CA ASP A 592 8.01 -18.85 36.73
C ASP A 592 8.52 -18.95 35.29
N GLY A 593 9.71 -18.40 35.03
CA GLY A 593 10.38 -18.66 33.77
C GLY A 593 10.80 -20.10 33.63
N GLY A 594 10.67 -20.88 34.70
CA GLY A 594 11.00 -22.29 34.63
C GLY A 594 10.16 -23.04 33.62
N GLY A 595 8.90 -22.62 33.45
CA GLY A 595 8.06 -23.27 32.45
C GLY A 595 8.59 -23.10 31.04
N ALA A 596 8.98 -21.88 30.68
CA ALA A 596 9.63 -21.66 29.39
C ALA A 596 10.96 -22.39 29.32
N ALA A 597 11.63 -22.55 30.47
CA ALA A 597 12.87 -23.32 30.50
C ALA A 597 12.62 -24.77 30.11
N ASP A 598 11.60 -25.40 30.70
CA ASP A 598 11.29 -26.79 30.36
C ASP A 598 10.84 -26.89 28.90
N ARG A 599 10.13 -25.88 28.42
CA ARG A 599 9.71 -25.88 27.03
C ARG A 599 10.90 -25.83 26.08
N VAL A 600 11.90 -25.01 26.40
CA VAL A 600 13.10 -24.94 25.57
C VAL A 600 13.88 -26.25 25.64
N ILE A 601 13.92 -26.88 26.82
CA ILE A 601 14.59 -28.17 26.93
C ILE A 601 13.89 -29.20 26.06
N ASN A 602 12.56 -29.20 26.05
CA ASN A 602 11.81 -30.12 25.20
C ASN A 602 12.09 -29.86 23.73
N GLN A 603 12.19 -28.58 23.35
CA GLN A 603 12.54 -28.26 21.98
C GLN A 603 13.92 -28.80 21.62
N ILE A 604 14.88 -28.67 22.54
CA ILE A 604 16.22 -29.20 22.30
C ILE A 604 16.17 -30.71 22.14
N LEU A 605 15.40 -31.40 22.99
CA LEU A 605 15.30 -32.84 22.90
C LEU A 605 14.71 -33.29 21.58
N THR A 606 13.65 -32.64 21.12
CA THR A 606 13.03 -33.01 19.85
C THR A 606 13.97 -32.71 18.69
N GLU A 607 14.68 -31.58 18.73
CA GLU A 607 15.62 -31.28 17.66
C GLU A 607 16.74 -32.32 17.62
N MET A 608 17.23 -32.73 18.79
CA MET A 608 18.28 -33.74 18.84
C MET A 608 17.80 -35.08 18.31
N ASP A 609 16.54 -35.45 18.61
CA ASP A 609 15.98 -36.65 17.99
C ASP A 609 15.91 -36.49 16.47
N GLY A 610 15.61 -35.28 15.99
CA GLY A 610 15.54 -35.06 14.56
C GLY A 610 16.92 -35.02 13.89
N MET A 611 17.97 -34.77 14.68
CA MET A 611 19.30 -34.60 14.10
C MET A 611 19.97 -35.93 13.78
N SER A 612 19.62 -37.01 14.49
CA SER A 612 20.29 -38.29 14.25
C SER A 612 20.10 -38.75 12.82
N THR A 613 19.06 -38.24 12.14
CA THR A 613 18.95 -38.45 10.71
C THR A 613 20.10 -37.78 9.97
N LYS A 614 20.50 -36.58 10.40
CA LYS A 614 21.60 -35.84 9.80
C LYS A 614 22.88 -36.21 10.53
N LYS A 615 23.53 -37.28 10.05
CA LYS A 615 24.66 -37.85 10.76
C LYS A 615 25.91 -36.96 10.66
N ASN A 616 25.92 -36.02 9.72
CA ASN A 616 27.11 -35.19 9.54
C ASN A 616 27.25 -34.15 10.64
N VAL A 617 26.14 -33.60 11.12
CA VAL A 617 26.23 -32.56 12.14
C VAL A 617 26.65 -33.18 13.46
N PHE A 618 27.63 -32.58 14.12
CA PHE A 618 28.14 -33.07 15.38
C PHE A 618 27.81 -32.08 16.49
N ILE A 619 27.23 -32.59 17.55
CA ILE A 619 26.76 -31.78 18.67
C ILE A 619 27.77 -31.90 19.79
N ILE A 620 28.37 -30.78 20.17
CA ILE A 620 29.28 -30.69 21.30
C ILE A 620 28.70 -29.68 22.27
N GLY A 621 28.58 -30.06 23.53
CA GLY A 621 28.07 -29.14 24.53
C GLY A 621 28.96 -29.05 25.74
N ALA A 622 29.45 -27.86 26.05
CA ALA A 622 30.32 -27.64 27.20
C ALA A 622 29.50 -26.98 28.29
N THR A 623 29.50 -27.57 29.48
CA THR A 623 28.81 -27.03 30.64
C THR A 623 29.80 -26.85 31.78
N ASN A 624 29.69 -25.72 32.47
CA ASN A 624 30.52 -25.51 33.65
C ASN A 624 30.07 -26.42 34.79
N ARG A 625 28.77 -26.46 35.04
CA ARG A 625 28.19 -27.24 36.13
C ARG A 625 27.31 -28.35 35.57
N PRO A 626 27.76 -29.60 35.54
CA PRO A 626 26.97 -30.67 34.92
C PRO A 626 25.93 -31.31 35.83
N ASP A 627 25.88 -30.92 37.10
CA ASP A 627 24.93 -31.54 38.02
C ASP A 627 23.49 -31.22 37.65
N ILE A 628 23.21 -29.99 37.22
CA ILE A 628 21.83 -29.58 36.94
C ILE A 628 21.37 -29.93 35.54
N ILE A 629 22.24 -30.47 34.68
CA ILE A 629 21.84 -30.81 33.32
C ILE A 629 20.75 -31.87 33.35
N ASP A 630 19.78 -31.73 32.45
CA ASP A 630 18.67 -32.67 32.39
C ASP A 630 19.18 -34.06 32.03
N PRO A 631 18.71 -35.10 32.72
CA PRO A 631 19.16 -36.47 32.36
C PRO A 631 18.75 -36.88 30.97
N ALA A 632 17.71 -36.28 30.40
CA ALA A 632 17.22 -36.73 29.10
C ALA A 632 18.20 -36.41 27.98
N ILE A 633 18.93 -35.30 28.11
CA ILE A 633 19.95 -34.98 27.11
C ILE A 633 21.16 -35.88 27.26
N LEU A 634 21.57 -36.14 28.50
CA LEU A 634 22.71 -37.00 28.74
C LEU A 634 22.43 -38.45 28.37
N ARG A 635 21.17 -38.78 28.09
CA ARG A 635 20.83 -40.10 27.59
C ARG A 635 21.59 -40.39 26.30
N PRO A 636 22.03 -41.62 26.09
CA PRO A 636 22.68 -41.96 24.82
C PRO A 636 21.77 -41.67 23.64
N GLY A 637 22.38 -41.19 22.56
CA GLY A 637 21.67 -40.76 21.39
C GLY A 637 21.50 -39.27 21.27
N ARG A 638 21.63 -38.52 22.36
CA ARG A 638 21.65 -37.06 22.30
C ARG A 638 23.01 -36.51 22.71
N LEU A 639 23.46 -36.77 23.93
CA LEU A 639 24.84 -36.52 24.36
C LEU A 639 25.29 -37.76 25.11
N ASP A 640 25.74 -38.78 24.37
CA ASP A 640 25.99 -40.08 25.00
C ASP A 640 27.29 -40.07 25.79
N GLN A 641 28.31 -39.38 25.29
CA GLN A 641 29.62 -39.39 25.93
C GLN A 641 29.77 -38.17 26.84
N LEU A 642 30.17 -38.42 28.08
CA LEU A 642 30.46 -37.37 29.05
C LEU A 642 31.96 -37.37 29.31
N ILE A 643 32.61 -36.23 29.11
CA ILE A 643 34.06 -36.10 29.22
C ILE A 643 34.38 -35.11 30.32
N TYR A 644 35.26 -35.49 31.22
CA TYR A 644 35.66 -34.66 32.34
C TYR A 644 36.99 -33.97 32.01
N ILE A 645 36.96 -32.64 31.94
CA ILE A 645 38.13 -31.83 31.60
C ILE A 645 38.62 -31.18 32.89
N PRO A 646 39.56 -31.78 33.60
CA PRO A 646 40.00 -31.21 34.88
C PRO A 646 41.01 -30.10 34.67
N LEU A 647 41.49 -29.56 35.79
CA LEU A 647 42.58 -28.61 35.72
C LEU A 647 43.81 -29.30 35.14
N PRO A 648 44.51 -28.64 34.21
CA PRO A 648 45.73 -29.25 33.67
C PRO A 648 46.74 -29.50 34.78
N ASP A 649 47.34 -30.68 34.75
CA ASP A 649 48.38 -31.00 35.71
C ASP A 649 49.71 -30.40 35.25
N GLU A 650 50.76 -30.66 36.04
CA GLU A 650 52.02 -29.94 35.87
C GLU A 650 52.57 -30.06 34.46
N LYS A 651 52.59 -31.28 33.91
CA LYS A 651 53.04 -31.45 32.54
C LYS A 651 52.11 -30.74 31.55
N SER A 652 50.80 -30.80 31.80
CA SER A 652 49.86 -30.10 30.94
C SER A 652 49.99 -28.59 31.10
N ARG A 653 50.29 -28.12 32.31
CA ARG A 653 50.57 -26.69 32.48
C ARG A 653 51.80 -26.27 31.70
N VAL A 654 52.84 -27.12 31.70
CA VAL A 654 54.02 -26.84 30.89
C VAL A 654 53.66 -26.77 29.42
N ALA A 655 52.80 -27.69 28.96
CA ALA A 655 52.38 -27.67 27.56
C ALA A 655 51.62 -26.40 27.23
N ILE A 656 50.71 -25.97 28.11
CA ILE A 656 49.93 -24.76 27.86
C ILE A 656 50.84 -23.54 27.84
N LEU A 657 51.78 -23.47 28.78
CA LEU A 657 52.73 -22.37 28.81
C LEU A 657 53.57 -22.35 27.54
N LYS A 658 54.01 -23.52 27.08
CA LYS A 658 54.79 -23.61 25.85
C LYS A 658 53.99 -23.11 24.65
N ALA A 659 52.71 -23.52 24.56
CA ALA A 659 51.87 -23.08 23.46
C ALA A 659 51.66 -21.57 23.51
N ASN A 660 51.41 -21.02 24.70
CA ASN A 660 51.20 -19.58 24.81
C ASN A 660 52.48 -18.80 24.54
N LEU A 661 53.64 -19.39 24.81
CA LEU A 661 54.91 -18.73 24.62
C LEU A 661 55.63 -19.15 23.35
N ARG A 662 54.96 -19.83 22.42
CA ARG A 662 55.59 -20.10 21.13
C ARG A 662 55.92 -18.80 20.40
N LYS A 663 54.97 -17.86 20.36
CA LYS A 663 55.19 -16.62 19.63
C LYS A 663 56.07 -15.66 20.40
N SER A 664 56.03 -15.71 21.73
CA SER A 664 56.76 -14.77 22.56
C SER A 664 58.11 -15.33 22.96
N PRO A 665 59.21 -14.62 22.69
CA PRO A 665 60.54 -15.13 23.06
C PRO A 665 60.65 -15.37 24.55
N VAL A 666 61.36 -16.44 24.91
CA VAL A 666 61.51 -16.87 26.29
C VAL A 666 63.00 -16.91 26.63
N ALA A 667 63.37 -16.24 27.72
CA ALA A 667 64.76 -16.25 28.16
C ALA A 667 65.12 -17.62 28.74
N LYS A 668 66.40 -17.96 28.66
CA LYS A 668 66.84 -19.29 29.07
C LYS A 668 66.78 -19.46 30.59
N ASP A 669 66.82 -18.35 31.33
CA ASP A 669 66.82 -18.44 32.79
C ASP A 669 65.53 -19.04 33.32
N VAL A 670 64.39 -18.62 32.76
CA VAL A 670 63.10 -19.06 33.29
C VAL A 670 62.81 -20.50 32.90
N ASP A 671 62.43 -21.30 33.89
CA ASP A 671 62.11 -22.71 33.71
C ASP A 671 60.61 -22.88 33.83
N LEU A 672 59.99 -23.51 32.82
CA LEU A 672 58.55 -23.67 32.83
C LEU A 672 58.11 -24.68 33.89
N GLU A 673 59.00 -25.60 34.27
CA GLU A 673 58.64 -26.60 35.27
C GLU A 673 58.34 -25.97 36.62
N PHE A 674 59.14 -24.98 37.03
CA PHE A 674 58.86 -24.29 38.28
C PHE A 674 57.54 -23.55 38.21
N LEU A 675 57.27 -22.87 37.08
CA LEU A 675 56.02 -22.13 36.96
C LEU A 675 54.82 -23.06 36.93
N ALA A 676 55.03 -24.30 36.48
CA ALA A 676 53.98 -25.30 36.56
C ALA A 676 53.77 -25.77 37.99
N LYS A 677 54.86 -26.03 38.72
CA LYS A 677 54.73 -26.50 40.09
C LYS A 677 54.10 -25.45 40.99
N MET A 678 54.37 -24.17 40.71
CA MET A 678 53.80 -23.11 41.53
C MET A 678 52.31 -22.95 41.27
N THR A 679 51.88 -23.07 40.02
CA THR A 679 50.50 -22.80 39.63
C THR A 679 49.64 -24.07 39.74
N ASN A 680 49.65 -24.66 40.94
CA ASN A 680 48.95 -25.92 41.15
C ASN A 680 47.45 -25.78 40.95
N GLY A 681 46.90 -24.63 41.35
CA GLY A 681 45.47 -24.39 41.23
C GLY A 681 45.04 -23.54 40.06
N PHE A 682 45.97 -23.17 39.19
CA PHE A 682 45.67 -22.23 38.12
C PHE A 682 45.32 -22.97 36.83
N SER A 683 44.21 -22.57 36.21
CA SER A 683 43.79 -23.18 34.95
C SER A 683 44.61 -22.63 33.79
N GLY A 684 44.42 -23.24 32.62
CA GLY A 684 45.15 -22.79 31.44
C GLY A 684 44.83 -21.35 31.08
N ALA A 685 43.64 -20.89 31.42
CA ALA A 685 43.31 -19.48 31.22
C ALA A 685 44.27 -18.58 31.99
N ASP A 686 44.49 -18.89 33.26
CA ASP A 686 45.40 -18.09 34.08
C ASP A 686 46.80 -18.08 33.50
N LEU A 687 47.25 -19.21 32.95
CA LEU A 687 48.53 -19.22 32.24
C LEU A 687 48.51 -18.28 31.05
N THR A 688 47.37 -18.22 30.34
CA THR A 688 47.25 -17.30 29.22
C THR A 688 47.38 -15.85 29.67
N GLU A 689 46.70 -15.47 30.77
CA GLU A 689 46.86 -14.09 31.23
C GLU A 689 48.27 -13.84 31.75
N ILE A 690 48.90 -14.86 32.34
CA ILE A 690 50.28 -14.68 32.80
C ILE A 690 51.20 -14.36 31.64
N CYS A 691 51.10 -15.13 30.56
CA CYS A 691 51.92 -14.87 29.39
C CYS A 691 51.58 -13.51 28.78
N GLN A 692 50.30 -13.15 28.76
CA GLN A 692 49.91 -11.88 28.15
C GLN A 692 50.48 -10.70 28.93
N ARG A 693 50.36 -10.72 30.26
CA ARG A 693 50.94 -9.66 31.07
C ARG A 693 52.46 -9.64 30.96
N ALA A 694 53.09 -10.81 30.82
CA ALA A 694 54.52 -10.85 30.64
C ALA A 694 54.95 -10.14 29.36
N CYS A 695 54.23 -10.41 28.25
CA CYS A 695 54.53 -9.71 27.01
C CYS A 695 54.28 -8.21 27.15
N LYS A 696 53.24 -7.83 27.91
CA LYS A 696 52.97 -6.41 28.12
C LYS A 696 54.10 -5.73 28.88
N LEU A 697 54.62 -6.38 29.93
CA LEU A 697 55.72 -5.80 30.68
C LEU A 697 57.00 -5.75 29.84
N ALA A 698 57.21 -6.76 28.99
CA ALA A 698 58.36 -6.73 28.09
C ALA A 698 58.25 -5.56 27.12
N ILE A 699 57.04 -5.27 26.63
CA ILE A 699 56.87 -4.13 25.74
C ILE A 699 57.05 -2.82 26.49
N ARG A 700 56.71 -2.80 27.79
CA ARG A 700 57.02 -1.62 28.60
C ARG A 700 58.54 -1.40 28.70
N GLU A 701 59.30 -2.46 28.93
CA GLU A 701 60.76 -2.28 28.95
C GLU A 701 61.26 -1.88 27.56
N SER A 702 60.54 -2.30 26.52
CA SER A 702 60.83 -1.80 25.18
C SER A 702 60.58 -0.31 25.07
N ILE A 703 59.53 0.19 25.72
CA ILE A 703 59.29 1.63 25.77
C ILE A 703 60.49 2.32 26.40
N GLU A 704 60.98 1.79 27.51
CA GLU A 704 62.16 2.36 28.15
C GLU A 704 63.36 2.35 27.21
N SER A 705 63.58 1.24 26.51
CA SER A 705 64.72 1.13 25.62
C SER A 705 64.59 2.05 24.41
N GLU A 706 63.35 2.31 23.98
CA GLU A 706 63.15 3.22 22.85
C GLU A 706 63.34 4.66 23.27
N ILE A 707 62.97 5.00 24.50
CA ILE A 707 63.32 6.32 25.03
C ILE A 707 64.83 6.47 25.11
N ARG A 708 65.53 5.40 25.52
CA ARG A 708 66.98 5.41 25.52
C ARG A 708 67.53 5.60 24.11
N ARG A 709 66.95 4.93 23.12
CA ARG A 709 67.42 5.07 21.74
C ARG A 709 67.20 6.50 21.23
N GLU A 710 66.06 7.09 21.55
CA GLU A 710 65.81 8.48 21.15
C GLU A 710 66.80 9.42 21.82
N ARG A 711 67.16 9.14 23.08
CA ARG A 711 68.24 9.91 23.71
C ARG A 711 69.54 9.74 22.95
N GLU A 712 69.82 8.51 22.50
CA GLU A 712 71.08 8.24 21.80
C GLU A 712 71.13 8.96 20.45
N ARG A 713 69.96 9.15 19.82
CA ARG A 713 69.93 9.89 18.56
C ARG A 713 70.41 11.32 18.75
N GLN A 714 70.00 11.96 19.84
CA GLN A 714 70.39 13.34 20.11
C GLN A 714 71.87 13.42 20.52
N PRO A 727 67.27 -3.58 22.56
CA PRO A 727 66.78 -4.28 23.75
C PRO A 727 67.01 -5.78 23.68
N VAL A 728 66.64 -6.50 24.72
CA VAL A 728 66.73 -7.96 24.75
C VAL A 728 65.49 -8.54 24.08
N PRO A 729 65.63 -9.36 23.03
CA PRO A 729 64.45 -9.97 22.42
C PRO A 729 63.66 -10.86 23.37
N GLU A 730 64.34 -11.59 24.25
CA GLU A 730 63.66 -12.50 25.15
C GLU A 730 63.03 -11.74 26.31
N ILE A 731 61.81 -12.15 26.68
CA ILE A 731 61.12 -11.48 27.77
C ILE A 731 61.84 -11.75 29.08
N ARG A 732 62.07 -10.69 29.85
CA ARG A 732 62.86 -10.80 31.07
C ARG A 732 62.13 -11.60 32.14
N ARG A 733 62.93 -12.23 33.01
CA ARG A 733 62.38 -13.03 34.09
C ARG A 733 61.55 -12.19 35.06
N ASP A 734 61.96 -10.95 35.30
CA ASP A 734 61.19 -10.08 36.19
C ASP A 734 59.81 -9.79 35.62
N HIS A 735 59.71 -9.67 34.29
CA HIS A 735 58.40 -9.46 33.69
C HIS A 735 57.47 -10.64 33.95
N PHE A 736 57.97 -11.87 33.78
CA PHE A 736 57.17 -13.04 34.11
C PHE A 736 56.82 -13.05 35.60
N GLU A 737 57.77 -12.69 36.45
CA GLU A 737 57.55 -12.73 37.89
C GLU A 737 56.43 -11.78 38.31
N GLU A 738 56.48 -10.53 37.84
CA GLU A 738 55.44 -9.57 38.18
C GLU A 738 54.11 -9.92 37.52
N ALA A 739 54.16 -10.39 36.27
CA ALA A 739 52.94 -10.74 35.55
C ALA A 739 52.19 -11.87 36.26
N MET A 740 52.90 -12.90 36.70
CA MET A 740 52.22 -14.02 37.32
C MET A 740 51.75 -13.66 38.73
N ARG A 741 52.39 -12.69 39.36
CA ARG A 741 51.87 -12.16 40.62
C ARG A 741 50.59 -11.37 40.40
N PHE A 742 50.48 -10.66 39.28
CA PHE A 742 49.23 -9.98 38.97
C PHE A 742 48.09 -10.97 38.75
N ALA A 743 48.41 -12.17 38.27
CA ALA A 743 47.38 -13.16 38.00
C ALA A 743 46.85 -13.77 39.29
N ARG A 744 45.59 -14.20 39.25
CA ARG A 744 44.93 -14.81 40.38
C ARG A 744 44.30 -16.14 39.96
N ARG A 745 44.00 -16.96 40.96
CA ARG A 745 43.42 -18.28 40.69
C ARG A 745 42.00 -18.15 40.16
N SER A 746 41.76 -18.73 38.99
CA SER A 746 40.47 -18.56 38.32
C SER A 746 39.36 -19.33 39.03
N VAL A 747 39.60 -20.59 39.36
CA VAL A 747 38.56 -21.49 39.85
C VAL A 747 38.93 -21.95 41.26
N SER A 748 37.96 -21.88 42.16
CA SER A 748 38.17 -22.27 43.55
C SER A 748 38.17 -23.79 43.71
N ASP A 749 38.71 -24.25 44.84
CA ASP A 749 38.86 -25.67 45.07
C ASP A 749 37.52 -26.37 45.21
N ASN A 750 36.55 -25.71 45.85
CA ASN A 750 35.28 -26.37 46.15
C ASN A 750 34.52 -26.76 44.88
N ASP A 751 34.47 -25.86 43.89
CA ASP A 751 33.82 -26.19 42.63
C ASP A 751 34.53 -27.32 41.91
N ILE A 752 35.87 -27.33 42.00
CA ILE A 752 36.65 -28.42 41.42
C ILE A 752 36.27 -29.75 42.07
N ARG A 753 36.17 -29.77 43.40
CA ARG A 753 35.84 -31.02 44.09
C ARG A 753 34.40 -31.43 43.80
N LYS A 754 33.51 -30.46 43.57
CA LYS A 754 32.17 -30.78 43.08
C LYS A 754 32.24 -31.49 41.74
N TYR A 755 33.09 -31.00 40.84
CA TYR A 755 33.21 -31.62 39.54
C TYR A 755 33.75 -33.05 39.67
N GLU A 756 34.73 -33.23 40.54
CA GLU A 756 35.25 -34.56 40.81
C GLU A 756 34.19 -35.46 41.39
N MET A 757 33.33 -34.92 42.27
CA MET A 757 32.25 -35.72 42.84
C MET A 757 31.27 -36.17 41.76
N PHE A 758 30.98 -35.29 40.80
CA PHE A 758 30.15 -35.70 39.67
C PHE A 758 30.80 -36.82 38.88
N ALA A 759 32.12 -36.71 38.67
CA ALA A 759 32.85 -37.78 37.99
C ALA A 759 32.75 -39.09 38.76
N GLN A 760 32.84 -39.01 40.10
CA GLN A 760 32.75 -40.22 40.92
C GLN A 760 31.35 -40.82 40.86
N THR A 761 30.32 -39.98 40.79
CA THR A 761 28.96 -40.50 40.60
C THR A 761 28.85 -41.26 39.29
N LEU A 762 29.41 -40.70 38.21
CA LEU A 762 29.41 -41.42 36.93
C LEU A 762 30.17 -42.74 37.03
N GLN A 763 31.33 -42.72 37.69
CA GLN A 763 32.14 -43.94 37.77
C GLN A 763 31.45 -45.01 38.62
N GLN A 764 30.84 -44.61 39.73
CA GLN A 764 30.10 -45.56 40.55
C GLN A 764 28.92 -46.13 39.79
N SER A 765 28.21 -45.30 39.04
CA SER A 765 27.13 -45.81 38.20
C SER A 765 27.66 -46.78 37.15
N ARG A 766 28.90 -46.56 36.70
CA ARG A 766 29.55 -47.47 35.76
C ARG A 766 30.27 -48.56 36.57
N GLY A 767 29.47 -49.41 37.17
CA GLY A 767 29.95 -50.49 38.03
C GLY A 767 30.01 -51.84 37.38
N PHE A 768 30.07 -51.93 36.05
CA PHE A 768 30.09 -53.20 35.35
C PHE A 768 31.41 -53.45 34.63
N GLY A 769 32.48 -52.77 35.03
CA GLY A 769 33.78 -53.01 34.39
C GLY A 769 34.27 -54.43 34.61
N SER A 770 34.01 -55.00 35.79
CA SER A 770 34.38 -56.38 36.09
C SER A 770 33.41 -57.31 35.36
N PHE A 771 33.57 -57.37 34.04
CA PHE A 771 32.72 -58.16 33.17
C PHE A 771 33.53 -59.28 32.55
N ARG A 772 32.95 -60.48 32.49
CA ARG A 772 33.56 -61.61 31.82
C ARG A 772 32.47 -62.49 31.22
N PHE A 773 32.56 -62.72 29.92
CA PHE A 773 31.59 -63.56 29.24
C PHE A 773 31.82 -65.03 29.58
N PRO A 774 30.76 -65.81 29.78
CA PRO A 774 30.93 -67.25 30.02
C PRO A 774 31.58 -67.94 28.83
N SER A 775 32.44 -68.92 29.14
CA SER A 775 33.14 -69.71 28.14
C SER A 775 33.88 -68.84 27.13
N ASN B 21 -34.28 -53.84 -21.47
CA ASN B 21 -34.91 -52.58 -21.08
C ASN B 21 -35.38 -51.81 -22.30
N ARG B 22 -34.48 -51.04 -22.90
CA ARG B 22 -34.77 -50.29 -24.10
C ARG B 22 -33.84 -50.73 -25.21
N PRO B 23 -34.36 -51.01 -26.41
CA PRO B 23 -33.49 -51.46 -27.51
C PRO B 23 -32.44 -50.44 -27.90
N ASN B 24 -32.73 -49.15 -27.76
CA ASN B 24 -31.76 -48.12 -28.12
C ASN B 24 -30.50 -48.22 -27.27
N ARG B 25 -30.66 -48.48 -25.97
CA ARG B 25 -29.50 -48.69 -25.11
C ARG B 25 -28.70 -49.88 -25.60
N LEU B 26 -27.49 -49.62 -26.08
CA LEU B 26 -26.71 -50.66 -26.73
C LEU B 26 -25.22 -50.42 -26.50
N ILE B 27 -24.45 -51.49 -26.64
CA ILE B 27 -23.04 -51.53 -26.28
C ILE B 27 -22.20 -51.56 -27.54
N VAL B 28 -21.11 -50.77 -27.55
CA VAL B 28 -20.17 -50.81 -28.66
C VAL B 28 -19.49 -52.16 -28.73
N ASP B 29 -19.45 -52.75 -29.93
CA ASP B 29 -18.71 -53.97 -30.18
C ASP B 29 -17.95 -53.82 -31.48
N GLU B 30 -16.82 -54.52 -31.58
CA GLU B 30 -15.98 -54.43 -32.77
C GLU B 30 -16.67 -55.09 -33.96
N ALA B 31 -16.33 -54.60 -35.16
CA ALA B 31 -16.91 -55.07 -36.41
C ALA B 31 -15.96 -56.07 -37.06
N ILE B 32 -16.46 -57.27 -37.34
CA ILE B 32 -15.64 -58.29 -37.98
C ILE B 32 -15.43 -57.97 -39.46
N ASN B 33 -16.53 -57.80 -40.20
CA ASN B 33 -16.47 -57.51 -41.62
C ASN B 33 -17.24 -56.25 -42.02
N GLU B 34 -18.14 -55.75 -41.18
CA GLU B 34 -18.81 -54.49 -41.47
C GLU B 34 -17.78 -53.37 -41.55
N ASP B 35 -17.91 -52.54 -42.59
CA ASP B 35 -16.98 -51.43 -42.75
C ASP B 35 -17.50 -50.20 -42.01
N ASN B 36 -16.88 -49.06 -42.28
CA ASN B 36 -17.21 -47.83 -41.56
C ASN B 36 -18.64 -47.38 -41.81
N SER B 37 -19.12 -47.51 -43.04
CA SER B 37 -20.39 -46.88 -43.40
C SER B 37 -21.58 -47.62 -42.80
N VAL B 38 -21.44 -48.92 -42.52
CA VAL B 38 -22.54 -49.74 -42.06
C VAL B 38 -22.23 -50.28 -40.67
N VAL B 39 -23.29 -50.53 -39.89
CA VAL B 39 -23.20 -51.18 -38.59
C VAL B 39 -24.20 -52.33 -38.58
N SER B 40 -23.90 -53.39 -37.84
CA SER B 40 -24.71 -54.59 -37.80
C SER B 40 -25.51 -54.66 -36.51
N LEU B 41 -26.76 -55.10 -36.61
CA LEU B 41 -27.62 -55.33 -35.47
C LEU B 41 -28.27 -56.70 -35.59
N SER B 42 -28.44 -57.39 -34.46
CA SER B 42 -28.98 -58.74 -34.50
C SER B 42 -30.44 -58.72 -34.92
N GLN B 43 -30.88 -59.83 -35.54
CA GLN B 43 -32.27 -59.94 -35.98
C GLN B 43 -33.28 -59.88 -34.84
N PRO B 44 -33.09 -60.58 -33.71
CA PRO B 44 -34.04 -60.37 -32.59
C PRO B 44 -34.10 -58.92 -32.14
N LYS B 45 -32.96 -58.25 -32.09
CA LYS B 45 -32.94 -56.82 -31.76
C LYS B 45 -33.51 -55.99 -32.90
N MET B 46 -33.35 -56.47 -34.14
CA MET B 46 -33.96 -55.79 -35.28
C MET B 46 -35.48 -55.78 -35.15
N ASP B 47 -36.06 -56.91 -34.74
CA ASP B 47 -37.51 -56.98 -34.55
C ASP B 47 -37.94 -56.27 -33.28
N GLU B 48 -37.06 -56.22 -32.27
CA GLU B 48 -37.35 -55.42 -31.08
C GLU B 48 -37.48 -53.94 -31.45
N LEU B 49 -36.56 -53.44 -32.27
CA LEU B 49 -36.64 -52.05 -32.71
C LEU B 49 -37.77 -51.84 -33.71
N GLN B 50 -38.21 -52.91 -34.37
CA GLN B 50 -39.23 -52.82 -35.43
C GLN B 50 -38.79 -51.84 -36.52
N LEU B 51 -37.53 -51.94 -36.94
CA LEU B 51 -36.96 -51.04 -37.93
C LEU B 51 -36.57 -51.84 -39.17
N PHE B 52 -36.92 -51.32 -40.35
CA PHE B 52 -36.62 -52.00 -41.60
C PHE B 52 -35.11 -51.98 -41.86
N ARG B 53 -34.60 -53.11 -42.35
CA ARG B 53 -33.18 -53.21 -42.62
C ARG B 53 -32.77 -52.26 -43.73
N GLY B 54 -31.54 -51.75 -43.64
CA GLY B 54 -31.04 -50.80 -44.60
C GLY B 54 -31.43 -49.36 -44.32
N ASP B 55 -32.11 -49.09 -43.21
CA ASP B 55 -32.45 -47.72 -42.85
C ASP B 55 -31.23 -46.98 -42.33
N THR B 56 -31.18 -45.69 -42.60
CA THR B 56 -30.13 -44.85 -42.01
C THR B 56 -30.51 -44.46 -40.59
N VAL B 57 -29.65 -44.82 -39.64
CA VAL B 57 -29.88 -44.55 -38.23
C VAL B 57 -28.71 -43.75 -37.69
N LEU B 58 -29.00 -42.90 -36.70
CA LEU B 58 -28.02 -41.99 -36.13
C LEU B 58 -27.45 -42.62 -34.86
N LEU B 59 -26.12 -42.50 -34.69
CA LEU B 59 -25.41 -43.13 -33.59
C LEU B 59 -24.97 -42.07 -32.60
N LYS B 60 -25.52 -42.12 -31.38
CA LYS B 60 -25.14 -41.17 -30.35
C LYS B 60 -23.77 -41.51 -29.77
N GLY B 61 -23.10 -40.48 -29.24
CA GLY B 61 -21.78 -40.66 -28.68
C GLY B 61 -21.47 -39.60 -27.65
N LYS B 62 -20.28 -39.72 -27.05
CA LYS B 62 -19.87 -38.78 -26.03
C LYS B 62 -19.55 -37.42 -26.63
N LYS B 63 -19.65 -36.38 -25.80
CA LYS B 63 -19.33 -35.01 -26.18
C LYS B 63 -20.15 -34.53 -27.38
N ARG B 64 -21.39 -35.01 -27.48
CA ARG B 64 -22.30 -34.66 -28.57
C ARG B 64 -21.69 -34.99 -29.93
N ARG B 65 -21.21 -36.22 -30.07
CA ARG B 65 -20.74 -36.75 -31.35
C ARG B 65 -21.79 -37.70 -31.91
N GLU B 66 -22.14 -37.51 -33.18
CA GLU B 66 -23.18 -38.28 -33.83
C GLU B 66 -22.75 -38.68 -35.23
N ALA B 67 -23.07 -39.91 -35.62
CA ALA B 67 -22.79 -40.41 -36.96
C ALA B 67 -23.97 -41.21 -37.44
N VAL B 68 -24.14 -41.29 -38.77
CA VAL B 68 -25.22 -42.03 -39.39
C VAL B 68 -24.62 -43.27 -40.06
N CYS B 69 -25.20 -44.44 -39.76
CA CYS B 69 -24.75 -45.68 -40.37
C CYS B 69 -25.97 -46.52 -40.72
N ILE B 70 -25.79 -47.40 -41.71
CA ILE B 70 -26.89 -48.22 -42.18
C ILE B 70 -27.14 -49.36 -41.20
N VAL B 71 -28.39 -49.52 -40.78
CA VAL B 71 -28.74 -50.61 -39.89
C VAL B 71 -28.72 -51.92 -40.68
N LEU B 72 -28.22 -52.99 -40.04
CA LEU B 72 -28.01 -54.25 -40.73
C LEU B 72 -28.42 -55.40 -39.82
N SER B 73 -28.72 -56.54 -40.44
CA SER B 73 -29.12 -57.75 -39.74
C SER B 73 -27.99 -58.78 -39.84
N ASP B 74 -27.36 -59.09 -38.71
CA ASP B 74 -26.30 -60.08 -38.63
C ASP B 74 -26.52 -60.95 -37.40
N ASP B 75 -26.38 -62.27 -37.58
CA ASP B 75 -26.59 -63.18 -36.45
C ASP B 75 -25.42 -63.12 -35.47
N THR B 76 -24.21 -62.85 -35.96
CA THR B 76 -23.04 -62.79 -35.08
C THR B 76 -23.17 -61.65 -34.08
N CYS B 77 -23.79 -60.54 -34.50
CA CYS B 77 -23.93 -59.40 -33.61
C CYS B 77 -24.81 -59.75 -32.42
N SER B 78 -24.41 -59.29 -31.23
CA SER B 78 -25.10 -59.65 -30.02
C SER B 78 -26.41 -58.87 -29.88
N ASP B 79 -27.32 -59.40 -29.05
CA ASP B 79 -28.57 -58.71 -28.80
C ASP B 79 -28.36 -57.49 -27.91
N GLU B 80 -27.30 -57.49 -27.11
CA GLU B 80 -26.97 -56.37 -26.24
C GLU B 80 -25.84 -55.52 -26.77
N LYS B 81 -25.33 -55.81 -27.97
CA LYS B 81 -24.20 -55.09 -28.55
C LYS B 81 -24.46 -54.82 -30.04
N ILE B 82 -23.73 -53.85 -30.58
CA ILE B 82 -23.73 -53.55 -32.01
C ILE B 82 -22.29 -53.58 -32.50
N ARG B 83 -22.08 -54.11 -33.70
CA ARG B 83 -20.76 -54.12 -34.31
C ARG B 83 -20.55 -52.86 -35.13
N MET B 84 -19.50 -52.10 -34.80
CA MET B 84 -19.20 -50.84 -35.46
C MET B 84 -17.70 -50.75 -35.70
N ASN B 85 -17.33 -49.91 -36.66
CA ASN B 85 -15.94 -49.84 -37.11
C ASN B 85 -15.07 -49.04 -36.14
N ARG B 86 -13.76 -49.26 -36.26
CA ARG B 86 -12.80 -48.59 -35.38
C ARG B 86 -12.80 -47.09 -35.62
N VAL B 87 -12.75 -46.67 -36.88
CA VAL B 87 -12.76 -45.25 -37.21
C VAL B 87 -14.08 -44.62 -36.78
N VAL B 88 -15.17 -45.39 -36.85
CA VAL B 88 -16.46 -44.91 -36.38
C VAL B 88 -16.44 -44.68 -34.87
N ARG B 89 -15.83 -45.61 -34.12
CA ARG B 89 -15.65 -45.38 -32.69
C ARG B 89 -14.84 -44.12 -32.44
N ASN B 90 -13.77 -43.91 -33.21
CA ASN B 90 -12.98 -42.70 -33.05
C ASN B 90 -13.80 -41.44 -33.34
N ASN B 91 -14.67 -41.51 -34.35
CA ASN B 91 -15.56 -40.38 -34.65
C ASN B 91 -16.52 -40.11 -33.50
N LEU B 92 -17.01 -41.17 -32.86
CA LEU B 92 -17.97 -41.04 -31.78
C LEU B 92 -17.32 -40.73 -30.43
N ARG B 93 -15.99 -40.76 -30.35
CA ARG B 93 -15.28 -40.64 -29.07
C ARG B 93 -15.81 -41.65 -28.05
N VAL B 94 -16.00 -42.89 -28.49
CA VAL B 94 -16.60 -43.93 -27.67
C VAL B 94 -15.65 -45.12 -27.64
N ARG B 95 -15.80 -45.95 -26.61
CA ARG B 95 -14.97 -47.12 -26.40
C ARG B 95 -15.83 -48.38 -26.34
N LEU B 96 -15.16 -49.53 -26.34
CA LEU B 96 -15.86 -50.80 -26.17
C LEU B 96 -16.44 -50.89 -24.77
N GLY B 97 -17.64 -51.45 -24.66
CA GLY B 97 -18.33 -51.57 -23.39
C GLY B 97 -19.14 -50.36 -22.98
N ASP B 98 -19.25 -49.35 -23.84
CA ASP B 98 -19.97 -48.14 -23.48
C ASP B 98 -21.42 -48.20 -23.98
N VAL B 99 -22.28 -47.42 -23.34
CA VAL B 99 -23.71 -47.42 -23.61
C VAL B 99 -24.04 -46.24 -24.51
N ILE B 100 -24.71 -46.53 -25.63
CA ILE B 100 -25.12 -45.51 -26.59
C ILE B 100 -26.56 -45.79 -27.01
N SER B 101 -27.17 -44.79 -27.62
CA SER B 101 -28.54 -44.88 -28.11
C SER B 101 -28.55 -44.80 -29.64
N ILE B 102 -29.41 -45.58 -30.26
CA ILE B 102 -29.57 -45.57 -31.71
C ILE B 102 -30.94 -45.01 -32.05
N GLN B 103 -30.96 -43.95 -32.85
CA GLN B 103 -32.19 -43.31 -33.29
C GLN B 103 -32.22 -43.25 -34.80
N PRO B 104 -33.32 -43.61 -35.45
CA PRO B 104 -33.40 -43.49 -36.91
C PRO B 104 -33.38 -42.04 -37.35
N CYS B 105 -32.86 -41.81 -38.56
CA CYS B 105 -32.84 -40.47 -39.14
C CYS B 105 -34.05 -40.32 -40.05
N PRO B 106 -35.03 -39.49 -39.70
CA PRO B 106 -36.21 -39.36 -40.55
C PRO B 106 -35.96 -38.44 -41.73
N ASP B 107 -36.73 -38.68 -42.80
CA ASP B 107 -36.66 -37.88 -44.03
C ASP B 107 -35.23 -37.83 -44.58
N VAL B 108 -34.63 -38.99 -44.78
CA VAL B 108 -33.31 -39.06 -45.39
C VAL B 108 -33.40 -38.61 -46.84
N LYS B 109 -32.47 -37.75 -47.24
CA LYS B 109 -32.43 -37.21 -48.59
C LYS B 109 -31.08 -37.53 -49.23
N TYR B 110 -31.11 -38.00 -50.47
CA TYR B 110 -29.90 -38.40 -51.16
C TYR B 110 -29.02 -37.18 -51.43
N GLY B 111 -27.72 -37.34 -51.17
CA GLY B 111 -26.81 -36.22 -51.26
C GLY B 111 -26.60 -35.79 -52.71
N LYS B 112 -26.66 -34.48 -52.95
CA LYS B 112 -26.39 -33.96 -54.28
C LYS B 112 -24.90 -33.72 -54.50
N ARG B 113 -24.19 -33.34 -53.44
CA ARG B 113 -22.74 -33.16 -53.51
C ARG B 113 -22.18 -33.25 -52.10
N ILE B 114 -20.98 -33.83 -51.99
CA ILE B 114 -20.35 -34.04 -50.69
C ILE B 114 -18.88 -33.67 -50.77
N HIS B 115 -18.41 -32.96 -49.74
CA HIS B 115 -17.02 -32.50 -49.65
C HIS B 115 -16.25 -33.45 -48.74
N VAL B 116 -15.25 -34.12 -49.29
CA VAL B 116 -14.48 -35.14 -48.58
C VAL B 116 -13.02 -34.70 -48.57
N LEU B 117 -12.39 -34.74 -47.40
CA LEU B 117 -11.01 -34.31 -47.24
C LEU B 117 -10.15 -35.43 -46.68
N PRO B 118 -9.13 -35.89 -47.41
CA PRO B 118 -8.18 -36.83 -46.84
C PRO B 118 -7.33 -36.17 -45.76
N ILE B 119 -6.88 -36.96 -44.80
CA ILE B 119 -6.11 -36.43 -43.69
C ILE B 119 -4.70 -36.07 -44.19
N ASP B 120 -4.09 -35.08 -43.55
CA ASP B 120 -2.85 -34.50 -44.05
C ASP B 120 -1.72 -35.54 -44.10
N ASP B 121 -1.61 -36.41 -43.09
CA ASP B 121 -0.60 -37.45 -43.15
C ASP B 121 -0.96 -38.51 -44.18
N THR B 122 -2.24 -38.87 -44.27
CA THR B 122 -2.66 -39.91 -45.19
C THR B 122 -2.55 -39.46 -46.64
N VAL B 123 -2.79 -38.17 -46.90
CA VAL B 123 -2.76 -37.69 -48.28
C VAL B 123 -1.33 -37.68 -48.82
N GLU B 124 -0.36 -37.32 -47.98
CA GLU B 124 1.02 -37.27 -48.43
C GLU B 124 1.53 -38.67 -48.78
N GLY B 125 2.37 -38.74 -49.81
CA GLY B 125 2.94 -39.99 -50.25
C GLY B 125 2.11 -40.73 -51.29
N ILE B 126 0.82 -40.42 -51.40
CA ILE B 126 -0.06 -41.09 -52.35
C ILE B 126 0.16 -40.42 -53.71
N THR B 127 0.79 -41.14 -54.63
CA THR B 127 1.11 -40.58 -55.93
C THR B 127 -0.17 -40.26 -56.72
N GLY B 128 -1.07 -41.22 -56.84
CA GLY B 128 -2.29 -41.01 -57.60
C GLY B 128 -3.28 -40.12 -56.86
N ASN B 129 -4.25 -39.62 -57.61
CA ASN B 129 -5.30 -38.81 -57.01
C ASN B 129 -6.08 -39.64 -55.98
N LEU B 130 -6.33 -39.03 -54.83
CA LEU B 130 -6.98 -39.77 -53.74
C LEU B 130 -8.47 -39.96 -54.01
N PHE B 131 -9.08 -39.04 -54.76
CA PHE B 131 -10.48 -39.21 -55.14
C PHE B 131 -10.65 -40.37 -56.12
N GLU B 132 -9.76 -40.48 -57.11
CA GLU B 132 -9.91 -41.50 -58.14
C GLU B 132 -9.63 -42.89 -57.57
N VAL B 133 -8.54 -43.03 -56.82
CA VAL B 133 -8.16 -44.35 -56.30
C VAL B 133 -9.16 -44.82 -55.25
N TYR B 134 -9.61 -43.92 -54.38
CA TYR B 134 -10.41 -44.30 -53.22
C TYR B 134 -11.87 -43.87 -53.34
N LEU B 135 -12.13 -42.58 -53.56
CA LEU B 135 -13.49 -42.07 -53.44
C LEU B 135 -14.35 -42.50 -54.62
N LYS B 136 -13.79 -42.53 -55.83
CA LYS B 136 -14.57 -42.91 -57.00
C LYS B 136 -15.14 -44.32 -56.90
N PRO B 137 -14.39 -45.36 -56.54
CA PRO B 137 -15.01 -46.68 -56.42
C PRO B 137 -15.90 -46.82 -55.19
N TYR B 138 -15.50 -46.21 -54.08
CA TYR B 138 -16.26 -46.37 -52.84
C TYR B 138 -17.63 -45.70 -52.94
N PHE B 139 -17.69 -44.52 -53.56
CA PHE B 139 -18.90 -43.72 -53.59
C PHE B 139 -19.72 -43.93 -54.86
N LEU B 140 -19.37 -44.89 -55.69
CA LEU B 140 -20.17 -45.25 -56.85
C LEU B 140 -21.25 -46.23 -56.42
N GLU B 141 -22.51 -45.79 -56.49
CA GLU B 141 -23.65 -46.58 -56.01
C GLU B 141 -23.45 -47.01 -54.55
N ALA B 142 -22.89 -46.10 -53.76
CA ALA B 142 -22.57 -46.43 -52.37
C ALA B 142 -23.83 -46.57 -51.52
N TYR B 143 -24.74 -45.59 -51.62
CA TYR B 143 -25.92 -45.51 -50.76
C TYR B 143 -25.51 -45.56 -49.28
N ARG B 144 -24.44 -44.84 -48.94
CA ARG B 144 -23.91 -44.84 -47.59
C ARG B 144 -24.16 -43.51 -46.89
N PRO B 145 -24.48 -43.51 -45.60
CA PRO B 145 -24.79 -42.26 -44.92
C PRO B 145 -23.57 -41.64 -44.26
N ILE B 146 -23.41 -40.32 -44.44
CA ILE B 146 -22.28 -39.57 -43.90
C ILE B 146 -22.80 -38.28 -43.29
N ARG B 147 -22.22 -37.89 -42.15
CA ARG B 147 -22.51 -36.62 -41.51
C ARG B 147 -21.29 -35.71 -41.51
N LYS B 148 -21.56 -34.42 -41.32
CA LYS B 148 -20.49 -33.44 -41.23
C LYS B 148 -19.59 -33.73 -40.05
N GLY B 149 -18.28 -33.62 -40.27
CA GLY B 149 -17.31 -33.86 -39.23
C GLY B 149 -16.90 -35.30 -39.04
N ASP B 150 -17.50 -36.23 -39.78
CA ASP B 150 -17.11 -37.63 -39.69
C ASP B 150 -15.74 -37.84 -40.33
N ILE B 151 -14.98 -38.78 -39.79
CA ILE B 151 -13.71 -39.22 -40.36
C ILE B 151 -13.80 -40.73 -40.61
N PHE B 152 -13.63 -41.13 -41.86
CA PHE B 152 -13.82 -42.52 -42.26
C PHE B 152 -12.63 -42.97 -43.10
N LEU B 153 -12.44 -44.29 -43.17
CA LEU B 153 -11.25 -44.89 -43.75
C LEU B 153 -11.64 -45.72 -44.97
N VAL B 154 -10.89 -45.55 -46.06
CA VAL B 154 -11.06 -46.34 -47.29
C VAL B 154 -9.77 -47.09 -47.56
N ARG B 155 -9.85 -48.41 -47.67
CA ARG B 155 -8.70 -49.21 -48.03
C ARG B 155 -8.26 -48.94 -49.45
N GLY B 156 -6.97 -49.09 -49.70
CA GLY B 156 -6.43 -48.96 -51.04
C GLY B 156 -5.03 -48.39 -51.01
N GLY B 157 -4.39 -48.46 -52.17
CA GLY B 157 -3.05 -47.93 -52.32
C GLY B 157 -2.03 -48.70 -51.48
N MET B 158 -0.87 -48.06 -51.33
CA MET B 158 0.18 -48.64 -50.48
C MET B 158 -0.22 -48.61 -49.02
N ARG B 159 -0.95 -47.58 -48.60
CA ARG B 159 -1.47 -47.47 -47.25
C ARG B 159 -2.87 -46.85 -47.31
N ALA B 160 -3.77 -47.38 -46.50
CA ALA B 160 -5.15 -46.88 -46.48
C ALA B 160 -5.16 -45.42 -46.02
N VAL B 161 -6.08 -44.65 -46.58
CA VAL B 161 -6.15 -43.20 -46.35
C VAL B 161 -7.43 -42.88 -45.60
N GLU B 162 -7.29 -42.20 -44.47
CA GLU B 162 -8.45 -41.73 -43.73
C GLU B 162 -8.99 -40.45 -44.37
N PHE B 163 -10.32 -40.39 -44.52
CA PHE B 163 -11.00 -39.28 -45.17
C PHE B 163 -11.94 -38.63 -44.16
N LYS B 164 -12.01 -37.31 -44.20
CA LYS B 164 -12.92 -36.55 -43.34
C LYS B 164 -13.90 -35.77 -44.21
N VAL B 165 -15.19 -36.00 -43.99
CA VAL B 165 -16.24 -35.29 -44.75
C VAL B 165 -16.68 -34.13 -43.87
N VAL B 166 -16.02 -32.98 -44.06
CA VAL B 166 -16.36 -31.80 -43.27
C VAL B 166 -17.77 -31.33 -43.58
N GLU B 167 -18.14 -31.30 -44.85
CA GLU B 167 -19.42 -30.76 -45.30
C GLU B 167 -20.26 -31.84 -45.97
N THR B 168 -21.53 -31.90 -45.59
CA THR B 168 -22.50 -32.81 -46.21
C THR B 168 -23.70 -32.02 -46.69
N ASP B 169 -24.05 -32.17 -47.96
CA ASP B 169 -25.29 -31.66 -48.51
C ASP B 169 -26.26 -32.81 -48.70
N PRO B 170 -27.46 -32.76 -48.10
CA PRO B 170 -27.96 -31.69 -47.23
C PRO B 170 -27.38 -31.73 -45.82
N SER B 171 -27.33 -30.58 -45.16
CA SER B 171 -26.80 -30.52 -43.81
C SER B 171 -27.84 -31.02 -42.81
N PRO B 172 -27.43 -31.88 -41.86
CA PRO B 172 -26.10 -32.47 -41.77
C PRO B 172 -26.05 -33.93 -42.25
N TYR B 173 -27.19 -34.47 -42.67
CA TYR B 173 -27.31 -35.88 -43.06
C TYR B 173 -27.46 -35.97 -44.56
N CYS B 174 -26.72 -36.90 -45.19
CA CYS B 174 -26.77 -37.08 -46.62
C CYS B 174 -26.64 -38.56 -46.96
N ILE B 175 -27.12 -38.92 -48.14
CA ILE B 175 -27.00 -40.28 -48.68
C ILE B 175 -26.21 -40.21 -49.97
N VAL B 176 -25.15 -41.02 -50.07
CA VAL B 176 -24.31 -41.02 -51.26
C VAL B 176 -25.08 -41.62 -52.42
N ALA B 177 -24.97 -40.98 -53.59
CA ALA B 177 -25.61 -41.46 -54.82
C ALA B 177 -24.65 -41.31 -55.98
N PRO B 178 -24.84 -42.06 -57.07
CA PRO B 178 -23.95 -41.88 -58.23
C PRO B 178 -23.98 -40.47 -58.80
N ASP B 179 -25.11 -39.77 -58.74
CA ASP B 179 -25.17 -38.41 -59.27
C ASP B 179 -24.42 -37.44 -58.36
N THR B 180 -24.25 -37.80 -57.09
CA THR B 180 -23.47 -36.98 -56.17
C THR B 180 -22.06 -36.79 -56.67
N VAL B 181 -21.58 -35.55 -56.63
CA VAL B 181 -20.23 -35.21 -57.05
C VAL B 181 -19.31 -35.29 -55.84
N ILE B 182 -18.20 -36.00 -55.99
CA ILE B 182 -17.22 -36.16 -54.93
C ILE B 182 -15.91 -35.54 -55.41
N HIS B 183 -15.35 -34.66 -54.58
CA HIS B 183 -14.17 -33.89 -54.94
C HIS B 183 -13.20 -33.84 -53.78
N CYS B 184 -12.06 -34.52 -53.92
CA CYS B 184 -11.04 -34.47 -52.88
C CYS B 184 -10.36 -33.11 -52.84
N GLU B 185 -10.22 -32.46 -53.99
CA GLU B 185 -9.53 -31.19 -54.06
C GLU B 185 -10.23 -30.13 -53.22
N GLY B 186 -9.42 -29.37 -52.47
CA GLY B 186 -9.97 -28.37 -51.57
C GLY B 186 -8.93 -27.97 -50.54
N GLU B 187 -9.39 -27.26 -49.52
CA GLU B 187 -8.50 -26.86 -48.43
C GLU B 187 -8.07 -28.09 -47.64
N PRO B 188 -6.78 -28.27 -47.37
CA PRO B 188 -6.35 -29.46 -46.63
C PRO B 188 -6.91 -29.49 -45.22
N ILE B 189 -7.15 -30.70 -44.71
CA ILE B 189 -7.61 -30.84 -43.34
C ILE B 189 -6.41 -31.05 -42.41
N LYS B 190 -6.56 -30.62 -41.17
CA LYS B 190 -5.49 -30.70 -40.18
C LYS B 190 -5.65 -31.97 -39.37
N ARG B 191 -4.56 -32.73 -39.24
CA ARG B 191 -4.53 -33.81 -38.25
C ARG B 191 -4.72 -33.24 -36.85
N GLU B 192 -4.27 -32.01 -36.64
CA GLU B 192 -4.37 -31.39 -35.32
C GLU B 192 -5.81 -31.24 -34.88
N ASP B 193 -6.69 -30.81 -35.78
CA ASP B 193 -8.10 -30.64 -35.43
C ASP B 193 -8.74 -31.96 -35.05
N GLU B 194 -8.46 -33.02 -35.82
CA GLU B 194 -9.02 -34.33 -35.51
C GLU B 194 -8.50 -34.86 -34.19
N GLU B 195 -7.19 -34.74 -33.95
CA GLU B 195 -6.62 -35.24 -32.70
C GLU B 195 -7.15 -34.48 -31.50
N GLU B 196 -7.30 -33.15 -31.64
CA GLU B 196 -7.89 -32.36 -30.56
C GLU B 196 -9.35 -32.78 -30.32
N SER B 197 -10.11 -32.96 -31.39
CA SER B 197 -11.50 -33.42 -31.23
C SER B 197 -11.56 -34.78 -30.56
N LEU B 198 -10.50 -35.58 -30.73
CA LEU B 198 -10.42 -36.84 -30.00
C LEU B 198 -10.04 -36.63 -28.54
N ASN B 199 -9.36 -35.52 -28.23
CA ASN B 199 -8.71 -35.35 -26.94
C ASN B 199 -9.38 -34.33 -26.02
N GLU B 200 -10.65 -34.00 -26.24
CA GLU B 200 -11.36 -33.20 -25.24
C GLU B 200 -11.52 -33.97 -23.95
N VAL B 201 -11.56 -33.23 -22.84
CA VAL B 201 -11.81 -33.84 -21.54
C VAL B 201 -13.32 -34.05 -21.36
N GLY B 202 -13.70 -35.27 -20.96
CA GLY B 202 -15.09 -35.57 -20.70
C GLY B 202 -15.29 -35.86 -19.22
N TYR B 203 -16.53 -36.25 -18.88
CA TYR B 203 -16.83 -36.57 -17.49
C TYR B 203 -16.07 -37.81 -17.04
N ASP B 204 -15.83 -38.74 -17.96
CA ASP B 204 -15.16 -39.99 -17.58
C ASP B 204 -13.69 -39.74 -17.24
N ASP B 205 -13.14 -38.60 -17.67
CA ASP B 205 -11.78 -38.26 -17.29
C ASP B 205 -11.71 -37.79 -15.84
N ILE B 206 -12.86 -37.59 -15.21
CA ILE B 206 -12.91 -37.21 -13.80
C ILE B 206 -13.09 -38.44 -12.95
N GLY B 207 -12.29 -38.57 -11.91
CA GLY B 207 -12.31 -39.77 -11.08
C GLY B 207 -12.50 -39.45 -9.60
N GLY B 208 -13.33 -40.26 -8.95
CA GLY B 208 -13.58 -40.12 -7.54
C GLY B 208 -14.48 -38.97 -7.16
N CYS B 209 -15.14 -38.33 -8.13
CA CYS B 209 -15.97 -37.15 -7.90
C CYS B 209 -17.40 -37.35 -8.36
N ARG B 210 -17.93 -38.57 -8.21
CA ARG B 210 -19.21 -38.93 -8.82
C ARG B 210 -20.40 -38.13 -8.29
N LYS B 211 -20.47 -37.95 -6.96
CA LYS B 211 -21.61 -37.22 -6.39
C LYS B 211 -21.59 -35.75 -6.80
N GLN B 212 -20.41 -35.12 -6.71
CA GLN B 212 -20.29 -33.73 -7.14
C GLN B 212 -20.57 -33.59 -8.63
N LEU B 213 -20.08 -34.53 -9.43
CA LEU B 213 -20.39 -34.51 -10.86
C LEU B 213 -21.89 -34.62 -11.08
N ALA B 214 -22.57 -35.49 -10.34
CA ALA B 214 -24.01 -35.61 -10.49
C ALA B 214 -24.71 -34.29 -10.17
N GLN B 215 -24.27 -33.62 -9.10
CA GLN B 215 -24.83 -32.32 -8.76
C GLN B 215 -24.62 -31.33 -9.91
N ILE B 216 -23.41 -31.28 -10.46
CA ILE B 216 -23.11 -30.31 -11.51
C ILE B 216 -23.89 -30.60 -12.78
N LYS B 217 -24.04 -31.88 -13.13
CA LYS B 217 -24.88 -32.25 -14.26
C LYS B 217 -26.31 -31.79 -14.05
N GLU B 218 -26.89 -32.10 -12.89
CA GLU B 218 -28.25 -31.66 -12.60
C GLU B 218 -28.37 -30.15 -12.65
N MET B 219 -27.28 -29.45 -12.31
CA MET B 219 -27.29 -27.99 -12.39
C MET B 219 -27.34 -27.50 -13.84
N VAL B 220 -26.46 -28.01 -14.70
CA VAL B 220 -26.22 -27.40 -16.02
C VAL B 220 -26.89 -28.17 -17.15
N GLU B 221 -26.61 -29.48 -17.27
CA GLU B 221 -26.98 -30.17 -18.49
C GLU B 221 -28.43 -30.61 -18.48
N LEU B 222 -28.95 -31.02 -17.32
CA LEU B 222 -30.34 -31.44 -17.25
C LEU B 222 -31.31 -30.32 -17.61
N PRO B 223 -31.17 -29.08 -17.11
CA PRO B 223 -32.06 -28.02 -17.59
C PRO B 223 -31.99 -27.78 -19.09
N LEU B 224 -30.80 -27.94 -19.69
CA LEU B 224 -30.69 -27.79 -21.13
C LEU B 224 -31.44 -28.90 -21.86
N ARG B 225 -31.35 -30.13 -21.35
CA ARG B 225 -32.03 -31.25 -22.00
C ARG B 225 -33.54 -31.13 -21.91
N HIS B 226 -34.08 -30.84 -20.72
CA HIS B 226 -35.52 -30.81 -20.49
C HIS B 226 -35.93 -29.50 -19.82
N PRO B 227 -35.95 -28.39 -20.57
CA PRO B 227 -36.48 -27.15 -19.98
C PRO B 227 -37.93 -27.25 -19.57
N ALA B 228 -38.73 -28.01 -20.30
CA ALA B 228 -40.17 -28.06 -20.06
C ALA B 228 -40.48 -28.60 -18.67
N LEU B 229 -39.63 -29.48 -18.16
CA LEU B 229 -39.82 -30.01 -16.81
C LEU B 229 -39.79 -28.90 -15.77
N PHE B 230 -38.73 -28.08 -15.80
CA PHE B 230 -38.64 -26.94 -14.90
C PHE B 230 -39.78 -25.96 -15.15
N LYS B 231 -40.17 -25.79 -16.40
CA LYS B 231 -41.25 -24.85 -16.72
C LYS B 231 -42.57 -25.27 -16.08
N GLU B 232 -42.91 -26.57 -16.16
CA GLU B 232 -44.19 -27.01 -15.61
C GLU B 232 -44.14 -27.09 -14.09
N ILE B 233 -42.96 -27.39 -13.52
CA ILE B 233 -42.83 -27.30 -12.08
C ILE B 233 -42.64 -25.87 -11.60
N GLY B 234 -42.42 -24.93 -12.51
CA GLY B 234 -42.38 -23.52 -12.16
C GLY B 234 -41.20 -23.10 -11.30
N VAL B 235 -40.01 -23.59 -11.61
CA VAL B 235 -38.80 -23.18 -10.91
C VAL B 235 -37.73 -22.89 -11.95
N LYS B 236 -36.72 -22.13 -11.53
CA LYS B 236 -35.55 -21.89 -12.34
C LYS B 236 -34.35 -22.61 -11.75
N PRO B 237 -33.60 -23.35 -12.55
CA PRO B 237 -32.43 -24.05 -12.01
C PRO B 237 -31.40 -23.06 -11.51
N PRO B 238 -30.58 -23.46 -10.53
CA PRO B 238 -29.55 -22.56 -10.02
C PRO B 238 -28.55 -22.19 -11.10
N ARG B 239 -28.28 -20.90 -11.22
CA ARG B 239 -27.36 -20.38 -12.23
C ARG B 239 -25.97 -20.09 -11.68
N GLY B 240 -25.70 -20.45 -10.42
CA GLY B 240 -24.39 -20.23 -9.85
C GLY B 240 -23.81 -21.47 -9.21
N ILE B 241 -22.55 -21.77 -9.51
CA ILE B 241 -21.86 -22.93 -8.97
C ILE B 241 -20.53 -22.48 -8.38
N LEU B 242 -20.25 -22.93 -7.16
CA LEU B 242 -18.97 -22.65 -6.51
C LEU B 242 -18.30 -23.97 -6.20
N LEU B 243 -17.10 -24.17 -6.74
CA LEU B 243 -16.31 -25.35 -6.48
C LEU B 243 -15.20 -24.98 -5.51
N TYR B 244 -15.16 -25.64 -4.36
CA TYR B 244 -14.13 -25.38 -3.36
C TYR B 244 -13.50 -26.70 -2.91
N GLY B 245 -12.18 -26.68 -2.75
CA GLY B 245 -11.46 -27.84 -2.30
C GLY B 245 -9.97 -27.55 -2.28
N PRO B 246 -9.16 -28.53 -1.87
CA PRO B 246 -7.72 -28.34 -1.90
C PRO B 246 -7.23 -28.21 -3.34
N PRO B 247 -6.14 -27.48 -3.56
CA PRO B 247 -5.62 -27.33 -4.92
C PRO B 247 -5.22 -28.67 -5.52
N GLY B 248 -5.44 -28.81 -6.82
CA GLY B 248 -5.13 -30.03 -7.53
C GLY B 248 -6.19 -31.12 -7.42
N THR B 249 -7.38 -30.79 -6.96
CA THR B 249 -8.43 -31.77 -6.74
C THR B 249 -9.35 -31.93 -7.94
N GLY B 250 -9.09 -31.22 -9.03
CA GLY B 250 -9.91 -31.36 -10.22
C GLY B 250 -10.91 -30.26 -10.48
N LYS B 251 -10.76 -29.11 -9.83
CA LYS B 251 -11.75 -28.05 -10.00
C LYS B 251 -11.75 -27.50 -11.43
N THR B 252 -10.56 -27.24 -11.98
CA THR B 252 -10.49 -26.78 -13.36
C THR B 252 -10.78 -27.91 -14.34
N LEU B 253 -10.48 -29.15 -13.94
CA LEU B 253 -10.77 -30.29 -14.79
C LEU B 253 -12.27 -30.43 -15.03
N ILE B 254 -13.08 -30.26 -13.98
CA ILE B 254 -14.53 -30.34 -14.14
C ILE B 254 -15.05 -29.22 -15.02
N ALA B 255 -14.47 -28.02 -14.88
CA ALA B 255 -14.86 -26.92 -15.75
C ALA B 255 -14.58 -27.24 -17.21
N ARG B 256 -13.38 -27.76 -17.50
CA ARG B 256 -13.05 -28.13 -18.87
C ARG B 256 -13.97 -29.25 -19.37
N ALA B 257 -14.29 -30.21 -18.50
CA ALA B 257 -15.14 -31.32 -18.91
C ALA B 257 -16.55 -30.85 -19.24
N VAL B 258 -17.15 -30.02 -18.38
CA VAL B 258 -18.51 -29.57 -18.64
C VAL B 258 -18.54 -28.61 -19.82
N ALA B 259 -17.44 -27.91 -20.06
CA ALA B 259 -17.35 -27.07 -21.26
C ALA B 259 -17.33 -27.91 -22.52
N ASN B 260 -16.56 -28.99 -22.53
CA ASN B 260 -16.44 -29.82 -23.73
C ASN B 260 -17.71 -30.64 -23.96
N GLU B 261 -18.32 -31.14 -22.89
CA GLU B 261 -19.43 -32.08 -23.03
C GLU B 261 -20.68 -31.40 -23.55
N THR B 262 -21.05 -30.25 -22.99
CA THR B 262 -22.25 -29.52 -23.39
C THR B 262 -21.85 -28.41 -24.35
N GLY B 263 -22.74 -28.08 -25.28
CA GLY B 263 -22.46 -27.03 -26.24
C GLY B 263 -22.26 -25.68 -25.57
N ALA B 264 -21.01 -25.25 -25.49
CA ALA B 264 -20.64 -23.98 -24.86
C ALA B 264 -19.17 -23.74 -25.12
N PHE B 265 -18.78 -22.48 -25.07
CA PHE B 265 -17.40 -22.05 -25.24
C PHE B 265 -16.79 -21.85 -23.86
N PHE B 266 -15.72 -22.59 -23.58
CA PHE B 266 -15.06 -22.49 -22.29
C PHE B 266 -14.37 -21.13 -22.16
N PHE B 267 -14.65 -20.44 -21.06
CA PHE B 267 -14.06 -19.12 -20.83
C PHE B 267 -13.45 -19.13 -19.44
N LEU B 268 -12.14 -18.96 -19.37
CA LEU B 268 -11.39 -19.06 -18.13
C LEU B 268 -11.03 -17.67 -17.64
N ILE B 269 -11.33 -17.39 -16.37
CA ILE B 269 -10.91 -16.16 -15.71
C ILE B 269 -9.88 -16.54 -14.66
N ASN B 270 -8.64 -16.15 -14.88
CA ASN B 270 -7.59 -16.28 -13.89
C ASN B 270 -7.69 -15.09 -12.95
N GLY B 271 -7.64 -15.34 -11.64
CA GLY B 271 -7.74 -14.28 -10.67
C GLY B 271 -6.72 -13.18 -10.81
N PRO B 272 -5.42 -13.48 -10.66
CA PRO B 272 -4.42 -12.41 -10.75
C PRO B 272 -4.39 -11.69 -12.09
N GLU B 273 -4.78 -12.34 -13.19
CA GLU B 273 -4.67 -11.68 -14.49
C GLU B 273 -5.71 -10.58 -14.65
N ILE B 274 -6.91 -10.78 -14.11
CA ILE B 274 -7.93 -9.74 -14.14
C ILE B 274 -7.56 -8.61 -13.17
N MET B 275 -6.97 -8.96 -12.04
CA MET B 275 -6.57 -7.98 -11.03
C MET B 275 -5.66 -6.92 -11.64
N SER B 276 -5.86 -5.68 -11.23
CA SER B 276 -5.08 -4.56 -11.72
C SER B 276 -4.93 -3.51 -10.65
N LYS B 277 -4.21 -2.44 -10.99
CA LYS B 277 -4.09 -1.25 -10.14
C LYS B 277 -4.61 -0.01 -10.84
N LEU B 278 -5.32 -0.17 -11.96
CA LEU B 278 -5.77 0.96 -12.77
C LEU B 278 -7.08 1.56 -12.30
N ALA B 279 -7.64 1.04 -11.20
CA ALA B 279 -8.83 1.62 -10.58
C ALA B 279 -10.00 1.73 -11.56
N GLY B 280 -10.33 0.62 -12.21
CA GLY B 280 -11.37 0.64 -13.22
C GLY B 280 -11.13 -0.27 -14.40
N GLU B 281 -9.96 -0.92 -14.45
CA GLU B 281 -9.68 -1.80 -15.58
C GLU B 281 -10.30 -3.18 -15.38
N SER B 282 -10.18 -3.73 -14.17
CA SER B 282 -10.73 -5.05 -13.89
C SER B 282 -12.25 -5.06 -14.02
N GLU B 283 -12.89 -3.94 -13.68
CA GLU B 283 -14.32 -3.80 -13.86
C GLU B 283 -14.71 -3.95 -15.33
N SER B 284 -13.97 -3.27 -16.20
CA SER B 284 -14.20 -3.41 -17.64
C SER B 284 -13.93 -4.84 -18.09
N ASN B 285 -12.88 -5.46 -17.56
CA ASN B 285 -12.59 -6.86 -17.91
C ASN B 285 -13.79 -7.75 -17.63
N LEU B 286 -14.34 -7.66 -16.41
CA LEU B 286 -15.48 -8.49 -16.05
C LEU B 286 -16.69 -8.18 -16.92
N ARG B 287 -16.96 -6.89 -17.17
CA ARG B 287 -18.12 -6.54 -17.98
C ARG B 287 -17.98 -7.10 -19.40
N LYS B 288 -16.79 -6.99 -19.98
CA LYS B 288 -16.57 -7.53 -21.33
C LYS B 288 -16.73 -9.04 -21.34
N ALA B 289 -16.19 -9.72 -20.32
CA ALA B 289 -16.34 -11.18 -20.25
C ALA B 289 -17.80 -11.58 -20.18
N PHE B 290 -18.58 -10.91 -19.35
CA PHE B 290 -19.98 -11.30 -19.19
C PHE B 290 -20.79 -10.97 -20.43
N GLU B 291 -20.47 -9.86 -21.11
CA GLU B 291 -21.15 -9.57 -22.37
C GLU B 291 -20.82 -10.61 -23.45
N GLU B 292 -19.55 -10.96 -23.58
CA GLU B 292 -19.16 -11.96 -24.56
C GLU B 292 -19.83 -13.30 -24.27
N ALA B 293 -19.93 -13.67 -22.99
CA ALA B 293 -20.65 -14.88 -22.62
C ALA B 293 -22.13 -14.77 -22.98
N GLU B 294 -22.74 -13.60 -22.74
CA GLU B 294 -24.16 -13.45 -23.03
C GLU B 294 -24.44 -13.51 -24.53
N LYS B 295 -23.44 -13.19 -25.35
CA LYS B 295 -23.61 -13.33 -26.79
C LYS B 295 -23.99 -14.77 -27.15
N ASN B 296 -23.43 -15.74 -26.44
CA ASN B 296 -23.87 -17.12 -26.57
C ASN B 296 -25.15 -17.33 -25.77
N ALA B 297 -26.17 -17.90 -26.39
CA ALA B 297 -27.40 -18.21 -25.65
C ALA B 297 -27.16 -19.25 -24.57
N PRO B 298 -26.47 -20.39 -24.82
CA PRO B 298 -26.01 -21.22 -23.69
C PRO B 298 -24.72 -20.65 -23.12
N ALA B 299 -24.77 -20.08 -21.92
CA ALA B 299 -23.65 -19.33 -21.38
C ALA B 299 -23.03 -20.07 -20.21
N ILE B 300 -21.73 -20.30 -20.29
CA ILE B 300 -20.95 -20.92 -19.21
C ILE B 300 -19.73 -20.04 -18.95
N ILE B 301 -19.51 -19.71 -17.68
CA ILE B 301 -18.37 -18.90 -17.26
C ILE B 301 -17.68 -19.60 -16.10
N PHE B 302 -16.34 -19.66 -16.16
CA PHE B 302 -15.57 -20.27 -15.10
C PHE B 302 -14.55 -19.27 -14.61
N ILE B 303 -14.45 -19.11 -13.28
CA ILE B 303 -13.60 -18.11 -12.65
C ILE B 303 -12.71 -18.84 -11.67
N ASP B 304 -11.46 -19.11 -12.07
CA ASP B 304 -10.56 -19.84 -11.20
C ASP B 304 -9.83 -18.86 -10.29
N GLU B 305 -9.39 -19.36 -9.12
CA GLU B 305 -8.81 -18.53 -8.07
C GLU B 305 -9.72 -17.36 -7.73
N LEU B 306 -11.00 -17.65 -7.48
CA LEU B 306 -11.94 -16.59 -7.16
C LEU B 306 -11.61 -15.93 -5.84
N ASP B 307 -10.79 -16.59 -5.01
CA ASP B 307 -10.45 -16.03 -3.71
C ASP B 307 -9.69 -14.71 -3.83
N ALA B 308 -8.76 -14.63 -4.79
CA ALA B 308 -7.95 -13.43 -4.93
C ALA B 308 -8.75 -12.30 -5.53
N ILE B 309 -9.51 -12.59 -6.59
CA ILE B 309 -10.26 -11.54 -7.28
C ILE B 309 -11.38 -10.99 -6.41
N ALA B 310 -12.01 -11.85 -5.60
CA ALA B 310 -13.25 -11.49 -4.90
C ALA B 310 -13.12 -11.76 -3.41
N PRO B 311 -12.37 -10.92 -2.69
CA PRO B 311 -12.35 -11.03 -1.22
C PRO B 311 -13.49 -10.22 -0.61
N LYS B 312 -13.52 -10.22 0.72
CA LYS B 312 -14.51 -9.43 1.43
C LYS B 312 -14.28 -7.94 1.16
N ARG B 313 -15.37 -7.21 0.90
CA ARG B 313 -15.25 -5.78 0.65
C ARG B 313 -14.91 -5.02 1.92
N GLU B 314 -15.32 -5.54 3.07
CA GLU B 314 -15.01 -4.89 4.33
C GLU B 314 -13.50 -4.86 4.59
N LYS B 315 -12.86 -6.03 4.50
CA LYS B 315 -11.52 -6.18 5.09
C LYS B 315 -10.44 -5.58 4.19
N THR B 316 -10.58 -5.72 2.88
CA THR B 316 -9.54 -5.26 1.96
C THR B 316 -9.50 -3.74 1.96
N HIS B 317 -8.28 -3.19 1.98
CA HIS B 317 -8.13 -1.73 2.04
C HIS B 317 -8.08 -1.11 0.65
N GLY B 318 -7.47 -1.82 -0.31
CA GLY B 318 -7.50 -1.38 -1.68
C GLY B 318 -8.93 -1.26 -2.20
N GLU B 319 -9.27 -0.10 -2.76
CA GLU B 319 -10.66 0.14 -3.15
C GLU B 319 -10.98 -0.51 -4.49
N VAL B 320 -9.95 -0.82 -5.29
CA VAL B 320 -10.19 -1.45 -6.59
C VAL B 320 -10.75 -2.86 -6.41
N GLU B 321 -10.29 -3.57 -5.38
CA GLU B 321 -10.82 -4.92 -5.14
C GLU B 321 -12.27 -4.86 -4.67
N ARG B 322 -12.59 -3.88 -3.81
CA ARG B 322 -13.98 -3.70 -3.40
C ARG B 322 -14.86 -3.39 -4.61
N ARG B 323 -14.35 -2.54 -5.51
CA ARG B 323 -15.10 -2.20 -6.70
C ARG B 323 -15.35 -3.40 -7.59
N ILE B 324 -14.34 -4.27 -7.74
CA ILE B 324 -14.53 -5.41 -8.65
C ILE B 324 -15.42 -6.47 -8.01
N VAL B 325 -15.36 -6.62 -6.68
CA VAL B 325 -16.33 -7.48 -6.01
C VAL B 325 -17.75 -6.95 -6.23
N SER B 326 -17.93 -5.63 -6.09
CA SER B 326 -19.24 -5.04 -6.34
C SER B 326 -19.69 -5.25 -7.78
N GLN B 327 -18.75 -5.12 -8.73
CA GLN B 327 -19.09 -5.31 -10.13
C GLN B 327 -19.53 -6.73 -10.39
N LEU B 328 -18.84 -7.72 -9.81
CA LEU B 328 -19.24 -9.11 -10.01
C LEU B 328 -20.60 -9.38 -9.36
N LEU B 329 -20.84 -8.80 -8.18
CA LEU B 329 -22.15 -8.91 -7.55
C LEU B 329 -23.25 -8.40 -8.47
N THR B 330 -23.06 -7.21 -9.03
CA THR B 330 -24.07 -6.65 -9.94
C THR B 330 -24.19 -7.48 -11.21
N LEU B 331 -23.08 -8.02 -11.71
CA LEU B 331 -23.11 -8.80 -12.94
C LEU B 331 -23.93 -10.06 -12.77
N MET B 332 -23.85 -10.68 -11.59
CA MET B 332 -24.59 -11.92 -11.38
C MET B 332 -26.03 -11.64 -10.97
N ASP B 333 -26.25 -10.61 -10.15
CA ASP B 333 -27.59 -10.30 -9.66
C ASP B 333 -27.72 -8.78 -9.56
N GLY B 334 -28.67 -8.22 -10.31
CA GLY B 334 -28.88 -6.79 -10.32
C GLY B 334 -30.24 -6.48 -10.92
N LEU B 335 -30.49 -5.19 -11.14
CA LEU B 335 -31.77 -4.78 -11.70
C LEU B 335 -31.96 -5.36 -13.10
N LYS B 336 -30.90 -5.36 -13.90
CA LYS B 336 -30.86 -6.14 -15.13
C LYS B 336 -30.60 -7.60 -14.77
N GLN B 337 -31.16 -8.50 -15.56
CA GLN B 337 -31.11 -9.93 -15.26
C GLN B 337 -30.46 -10.70 -16.39
N ARG B 338 -29.63 -11.67 -16.01
CA ARG B 338 -28.99 -12.57 -16.97
C ARG B 338 -30.01 -13.64 -17.37
N ALA B 339 -30.28 -13.73 -18.66
CA ALA B 339 -31.40 -14.55 -19.13
C ALA B 339 -31.12 -16.04 -18.94
N HIS B 340 -29.98 -16.52 -19.45
CA HIS B 340 -29.62 -17.92 -19.32
C HIS B 340 -28.15 -18.14 -18.98
N VAL B 341 -27.51 -17.20 -18.28
CA VAL B 341 -26.09 -17.31 -18.00
C VAL B 341 -25.87 -18.22 -16.80
N ILE B 342 -24.87 -19.10 -16.90
CA ILE B 342 -24.44 -19.97 -15.82
C ILE B 342 -22.98 -19.65 -15.50
N VAL B 343 -22.69 -19.37 -14.24
CA VAL B 343 -21.36 -18.95 -13.80
C VAL B 343 -20.83 -19.95 -12.79
N MET B 344 -19.65 -20.48 -13.06
CA MET B 344 -18.94 -21.38 -12.16
C MET B 344 -17.74 -20.66 -11.56
N ALA B 345 -17.15 -21.29 -10.53
CA ALA B 345 -15.97 -20.72 -9.89
C ALA B 345 -15.22 -21.82 -9.17
N ALA B 346 -13.93 -21.56 -8.93
CA ALA B 346 -13.07 -22.45 -8.17
C ALA B 346 -12.37 -21.64 -7.09
N THR B 347 -12.19 -22.24 -5.92
CA THR B 347 -11.60 -21.54 -4.79
C THR B 347 -10.96 -22.54 -3.83
N ASN B 348 -9.80 -22.21 -3.29
CA ASN B 348 -9.18 -23.06 -2.28
C ASN B 348 -9.94 -22.98 -0.96
N ARG B 349 -10.27 -21.76 -0.51
CA ARG B 349 -11.03 -21.57 0.72
C ARG B 349 -12.29 -20.76 0.41
N PRO B 350 -13.48 -21.34 0.60
CA PRO B 350 -14.71 -20.60 0.28
C PRO B 350 -14.96 -19.41 1.19
N ASN B 351 -14.39 -19.40 2.39
CA ASN B 351 -14.72 -18.37 3.36
C ASN B 351 -14.08 -17.03 3.01
N SER B 352 -13.03 -17.05 2.19
CA SER B 352 -12.38 -15.80 1.81
C SER B 352 -13.23 -15.01 0.82
N ILE B 353 -14.20 -15.66 0.19
CA ILE B 353 -15.09 -14.97 -0.73
C ILE B 353 -15.97 -14.01 0.07
N ASP B 354 -16.35 -12.90 -0.56
CA ASP B 354 -17.25 -11.96 0.07
C ASP B 354 -18.57 -12.65 0.40
N PRO B 355 -19.09 -12.49 1.62
CA PRO B 355 -20.34 -13.19 1.97
C PRO B 355 -21.52 -12.82 1.10
N ALA B 356 -21.54 -11.60 0.55
CA ALA B 356 -22.61 -11.23 -0.38
C ALA B 356 -22.55 -12.06 -1.66
N LEU B 357 -21.39 -12.65 -1.94
CA LEU B 357 -21.23 -13.45 -3.15
C LEU B 357 -21.75 -14.87 -2.94
N ARG B 358 -21.90 -15.30 -1.69
CA ARG B 358 -22.41 -16.64 -1.42
C ARG B 358 -23.93 -16.67 -1.42
N ARG B 359 -24.58 -15.52 -1.57
CA ARG B 359 -26.03 -15.44 -1.47
C ARG B 359 -26.69 -16.13 -2.66
N PHE B 360 -27.95 -16.50 -2.49
CA PHE B 360 -28.67 -17.21 -3.55
C PHE B 360 -28.85 -16.31 -4.77
N GLY B 361 -28.77 -16.92 -5.95
CA GLY B 361 -28.81 -16.20 -7.19
C GLY B 361 -27.44 -15.87 -7.75
N ARG B 362 -26.40 -15.99 -6.93
CA ARG B 362 -25.02 -15.82 -7.35
C ARG B 362 -24.17 -16.80 -6.56
N PHE B 363 -23.66 -17.83 -7.23
CA PHE B 363 -23.00 -18.94 -6.56
C PHE B 363 -23.88 -19.49 -5.43
N ASP B 364 -25.16 -19.69 -5.74
CA ASP B 364 -26.11 -20.07 -4.71
C ASP B 364 -25.82 -21.44 -4.14
N ARG B 365 -25.44 -22.39 -4.97
CA ARG B 365 -25.17 -23.75 -4.52
C ARG B 365 -23.67 -24.03 -4.61
N GLU B 366 -23.08 -24.45 -3.50
CA GLU B 366 -21.64 -24.69 -3.40
C GLU B 366 -21.36 -26.18 -3.41
N VAL B 367 -20.33 -26.57 -4.16
CA VAL B 367 -19.95 -27.97 -4.30
C VAL B 367 -18.52 -28.14 -3.80
N ASP B 368 -18.31 -29.14 -2.96
CA ASP B 368 -16.99 -29.43 -2.41
C ASP B 368 -16.38 -30.60 -3.19
N ILE B 369 -15.28 -30.33 -3.88
CA ILE B 369 -14.54 -31.36 -4.60
C ILE B 369 -13.56 -31.94 -3.57
N GLY B 370 -14.00 -32.97 -2.87
CA GLY B 370 -13.24 -33.48 -1.76
C GLY B 370 -11.99 -34.21 -2.18
N ILE B 371 -11.11 -34.42 -1.20
CA ILE B 371 -9.86 -35.14 -1.41
C ILE B 371 -10.17 -36.56 -1.84
N PRO B 372 -9.59 -37.07 -2.93
CA PRO B 372 -9.96 -38.40 -3.39
C PRO B 372 -9.17 -39.53 -2.72
N ASP B 373 -9.91 -40.44 -2.09
CA ASP B 373 -9.37 -41.46 -1.23
C ASP B 373 -8.81 -42.63 -2.03
N ALA B 374 -8.55 -43.73 -1.33
CA ALA B 374 -7.89 -44.88 -1.93
C ALA B 374 -8.64 -45.41 -3.14
N THR B 375 -9.95 -45.65 -3.01
CA THR B 375 -10.73 -46.09 -4.16
C THR B 375 -10.87 -44.97 -5.19
N GLY B 376 -11.08 -43.74 -4.74
CA GLY B 376 -11.13 -42.62 -5.66
C GLY B 376 -9.81 -42.40 -6.37
N ARG B 377 -8.70 -42.46 -5.62
CA ARG B 377 -7.41 -42.29 -6.29
C ARG B 377 -7.10 -43.47 -7.19
N LEU B 378 -7.64 -44.66 -6.90
CA LEU B 378 -7.44 -45.78 -7.80
C LEU B 378 -8.21 -45.57 -9.10
N GLU B 379 -9.42 -45.03 -9.02
CA GLU B 379 -10.15 -44.69 -10.23
C GLU B 379 -9.42 -43.62 -11.04
N ILE B 380 -8.88 -42.62 -10.35
CA ILE B 380 -8.07 -41.59 -11.02
C ILE B 380 -6.85 -42.22 -11.67
N LEU B 381 -6.25 -43.22 -11.00
CA LEU B 381 -5.11 -43.92 -11.57
C LEU B 381 -5.48 -44.68 -12.83
N GLN B 382 -6.65 -45.32 -12.83
CA GLN B 382 -7.12 -45.99 -14.04
C GLN B 382 -7.29 -44.98 -15.17
N ILE B 383 -7.92 -43.84 -14.87
CA ILE B 383 -8.12 -42.81 -15.88
C ILE B 383 -6.79 -42.33 -16.44
N HIS B 384 -5.81 -42.07 -15.57
CA HIS B 384 -4.55 -41.50 -16.04
C HIS B 384 -3.71 -42.54 -16.76
N THR B 385 -3.80 -43.81 -16.35
CA THR B 385 -2.96 -44.87 -16.89
C THR B 385 -3.61 -45.63 -18.03
N LYS B 386 -4.80 -45.21 -18.49
CA LYS B 386 -5.41 -45.88 -19.63
C LYS B 386 -4.53 -45.78 -20.88
N ASN B 387 -3.89 -44.63 -21.08
CA ASN B 387 -3.18 -44.40 -22.34
C ASN B 387 -1.83 -45.11 -22.38
N MET B 388 -1.04 -45.01 -21.31
CA MET B 388 0.29 -45.61 -21.32
C MET B 388 0.21 -47.12 -21.16
N LYS B 389 1.20 -47.82 -21.71
CA LYS B 389 1.26 -49.27 -21.59
C LYS B 389 1.61 -49.66 -20.16
N LEU B 390 0.76 -50.48 -19.55
CA LEU B 390 0.96 -50.97 -18.21
C LEU B 390 1.41 -52.43 -18.26
N ALA B 391 2.61 -52.69 -17.76
CA ALA B 391 3.18 -54.03 -17.84
C ALA B 391 2.42 -55.00 -16.94
N ASP B 392 2.80 -56.27 -17.02
CA ASP B 392 2.16 -57.29 -16.20
C ASP B 392 2.51 -57.09 -14.72
N ASP B 393 3.73 -56.63 -14.44
CA ASP B 393 4.19 -56.55 -13.06
C ASP B 393 3.42 -55.52 -12.25
N VAL B 394 3.09 -54.38 -12.87
CA VAL B 394 2.49 -53.28 -12.12
C VAL B 394 1.09 -53.63 -11.67
N ASP B 395 0.80 -53.35 -10.40
CA ASP B 395 -0.52 -53.56 -9.82
C ASP B 395 -1.05 -52.21 -9.33
N LEU B 396 -2.27 -51.87 -9.74
CA LEU B 396 -2.83 -50.58 -9.38
C LEU B 396 -3.23 -50.52 -7.92
N GLU B 397 -3.52 -51.66 -7.32
CA GLU B 397 -3.88 -51.70 -5.89
C GLU B 397 -2.73 -51.22 -5.03
N GLN B 398 -1.52 -51.72 -5.30
CA GLN B 398 -0.34 -51.26 -4.58
C GLN B 398 -0.06 -49.80 -4.87
N VAL B 399 -0.32 -49.37 -6.12
CA VAL B 399 -0.10 -47.98 -6.49
C VAL B 399 -0.99 -47.06 -5.67
N ALA B 400 -2.26 -47.43 -5.50
CA ALA B 400 -3.16 -46.63 -4.69
C ALA B 400 -2.78 -46.68 -3.21
N ASN B 401 -2.50 -47.88 -2.69
CA ASN B 401 -2.22 -48.01 -1.27
C ASN B 401 -0.97 -47.25 -0.86
N GLU B 402 0.10 -47.35 -1.63
CA GLU B 402 1.36 -46.74 -1.23
C GLU B 402 1.30 -45.22 -1.37
N THR B 403 0.45 -44.73 -2.28
CA THR B 403 0.15 -43.30 -2.36
C THR B 403 -0.97 -42.98 -1.36
N HIS B 404 -0.58 -42.79 -0.11
CA HIS B 404 -1.58 -42.60 0.94
C HIS B 404 -2.13 -41.18 0.94
N GLY B 405 -1.31 -40.19 0.61
CA GLY B 405 -1.72 -38.80 0.70
C GLY B 405 -1.62 -38.00 -0.58
N HIS B 406 -1.30 -38.67 -1.68
CA HIS B 406 -1.15 -37.99 -2.96
C HIS B 406 -2.49 -37.49 -3.48
N VAL B 407 -2.48 -36.33 -4.12
CA VAL B 407 -3.67 -35.77 -4.77
C VAL B 407 -3.54 -36.04 -6.27
N GLY B 408 -4.65 -35.87 -7.01
CA GLY B 408 -4.68 -36.30 -8.40
C GLY B 408 -3.61 -35.65 -9.27
N ALA B 409 -3.34 -34.36 -9.05
CA ALA B 409 -2.30 -33.69 -9.81
C ALA B 409 -0.94 -34.34 -9.55
N ASP B 410 -0.65 -34.65 -8.28
CA ASP B 410 0.56 -35.38 -7.95
C ASP B 410 0.58 -36.75 -8.62
N LEU B 411 -0.59 -37.40 -8.74
CA LEU B 411 -0.65 -38.69 -9.39
C LEU B 411 -0.27 -38.59 -10.87
N ALA B 412 -0.78 -37.57 -11.56
CA ALA B 412 -0.43 -37.39 -12.96
C ALA B 412 1.07 -37.10 -13.13
N ALA B 413 1.60 -36.20 -12.29
CA ALA B 413 3.03 -35.92 -12.34
C ALA B 413 3.84 -37.17 -12.01
N LEU B 414 3.33 -37.99 -11.09
CA LEU B 414 3.98 -39.23 -10.72
C LEU B 414 4.08 -40.18 -11.91
N CYS B 415 2.98 -40.36 -12.63
CA CYS B 415 3.01 -41.26 -13.79
C CYS B 415 3.94 -40.74 -14.88
N SER B 416 3.91 -39.42 -15.12
CA SER B 416 4.78 -38.85 -16.14
C SER B 416 6.25 -39.04 -15.78
N GLU B 417 6.60 -38.77 -14.51
CA GLU B 417 7.98 -38.95 -14.07
C GLU B 417 8.37 -40.42 -14.08
N ALA B 418 7.42 -41.32 -13.79
CA ALA B 418 7.70 -42.75 -13.89
C ALA B 418 8.10 -43.13 -15.30
N ALA B 419 7.31 -42.71 -16.29
CA ALA B 419 7.66 -43.03 -17.67
C ALA B 419 9.02 -42.43 -18.03
N LEU B 420 9.26 -41.19 -17.63
CA LEU B 420 10.53 -40.53 -17.94
C LEU B 420 11.71 -41.29 -17.33
N GLN B 421 11.56 -41.72 -16.08
CA GLN B 421 12.67 -42.40 -15.41
C GLN B 421 12.88 -43.81 -15.97
N ALA B 422 11.80 -44.47 -16.42
CA ALA B 422 11.98 -45.75 -17.08
C ALA B 422 12.76 -45.59 -18.37
N ILE B 423 12.46 -44.53 -19.13
CA ILE B 423 13.24 -44.26 -20.34
C ILE B 423 14.69 -43.92 -19.99
N ARG B 424 14.90 -43.25 -18.85
CA ARG B 424 16.26 -43.06 -18.36
C ARG B 424 16.94 -44.39 -18.02
N LYS B 425 16.18 -45.30 -17.41
CA LYS B 425 16.73 -46.61 -17.06
C LYS B 425 17.19 -47.35 -18.31
N LYS B 426 16.39 -47.31 -19.36
CA LYS B 426 16.72 -48.02 -20.57
C LYS B 426 17.42 -47.14 -21.60
N MET B 427 17.96 -45.98 -21.18
CA MET B 427 19.01 -45.34 -21.96
C MET B 427 20.13 -46.32 -22.27
N ASP B 428 20.46 -47.18 -21.31
CA ASP B 428 21.51 -48.17 -21.52
C ASP B 428 21.11 -49.18 -22.60
N LEU B 429 19.83 -49.55 -22.64
CA LEU B 429 19.38 -50.51 -23.65
C LEU B 429 19.55 -49.96 -25.06
N ILE B 430 19.20 -48.69 -25.26
CA ILE B 430 19.35 -48.06 -26.57
C ILE B 430 20.80 -47.60 -26.72
N ASP B 431 21.37 -47.82 -27.90
CA ASP B 431 22.76 -47.43 -28.12
C ASP B 431 22.89 -45.92 -28.31
N LEU B 432 21.84 -45.28 -28.81
CA LEU B 432 21.76 -43.88 -29.20
C LEU B 432 22.77 -43.56 -30.30
N GLU B 433 23.46 -44.55 -30.86
CA GLU B 433 24.42 -44.26 -31.93
C GLU B 433 23.71 -43.95 -33.23
N ASP B 434 22.66 -44.69 -33.55
CA ASP B 434 21.87 -44.39 -34.74
C ASP B 434 21.04 -43.14 -34.52
N GLU B 435 20.78 -42.42 -35.62
CA GLU B 435 19.96 -41.21 -35.54
C GLU B 435 18.55 -41.54 -35.04
N THR B 436 17.97 -42.62 -35.53
CA THR B 436 16.69 -43.12 -35.04
C THR B 436 16.94 -44.48 -34.40
N ILE B 437 16.24 -44.74 -33.29
CA ILE B 437 16.46 -45.99 -32.58
C ILE B 437 15.72 -47.12 -33.29
N ASP B 438 16.22 -48.34 -33.14
CA ASP B 438 15.61 -49.49 -33.79
C ASP B 438 14.22 -49.75 -33.25
N ALA B 439 13.34 -50.24 -34.13
CA ALA B 439 11.94 -50.45 -33.74
C ALA B 439 11.80 -51.60 -32.77
N GLU B 440 12.65 -52.62 -32.87
CA GLU B 440 12.59 -53.74 -31.94
C GLU B 440 13.01 -53.31 -30.53
N VAL B 441 14.10 -52.55 -30.42
CA VAL B 441 14.50 -51.99 -29.14
C VAL B 441 13.41 -51.05 -28.61
N MET B 442 12.76 -50.32 -29.52
CA MET B 442 11.59 -49.53 -29.16
C MET B 442 10.50 -50.39 -28.55
N ASN B 443 10.23 -51.56 -29.15
CA ASN B 443 9.22 -52.46 -28.60
C ASN B 443 9.64 -53.03 -27.25
N SER B 444 10.94 -53.10 -27.00
CA SER B 444 11.41 -53.64 -25.73
C SER B 444 10.95 -52.78 -24.55
N LEU B 445 11.00 -51.46 -24.68
CA LEU B 445 10.85 -50.59 -23.53
C LEU B 445 9.41 -50.57 -23.03
N ALA B 446 9.26 -50.49 -21.71
CA ALA B 446 7.97 -50.42 -21.05
C ALA B 446 8.20 -49.99 -19.61
N VAL B 447 7.13 -50.03 -18.82
CA VAL B 447 7.22 -49.62 -17.43
C VAL B 447 7.65 -50.80 -16.56
N THR B 448 8.28 -50.50 -15.43
CA THR B 448 8.72 -51.50 -14.46
C THR B 448 8.38 -51.04 -13.05
N MET B 449 8.33 -52.00 -12.13
CA MET B 449 7.94 -51.70 -10.76
C MET B 449 9.00 -50.89 -10.02
N ASP B 450 10.27 -51.20 -10.22
CA ASP B 450 11.34 -50.45 -9.58
C ASP B 450 11.32 -48.98 -10.01
N ASP B 451 11.13 -48.75 -11.32
CA ASP B 451 10.98 -47.39 -11.83
C ASP B 451 9.82 -46.66 -11.17
N PHE B 452 8.67 -47.34 -11.06
CA PHE B 452 7.50 -46.70 -10.46
C PHE B 452 7.74 -46.38 -9.00
N ARG B 453 8.41 -47.29 -8.28
CA ARG B 453 8.75 -47.03 -6.89
C ARG B 453 9.66 -45.84 -6.75
N TRP B 454 10.67 -45.72 -7.62
CA TRP B 454 11.59 -44.59 -7.52
C TRP B 454 10.87 -43.28 -7.81
N ALA B 455 10.01 -43.28 -8.83
CA ALA B 455 9.25 -42.08 -9.15
C ALA B 455 8.34 -41.69 -7.99
N LEU B 456 7.72 -42.68 -7.34
CA LEU B 456 6.93 -42.40 -6.15
C LEU B 456 7.80 -41.81 -5.05
N SER B 457 9.01 -42.34 -4.87
CA SER B 457 9.89 -41.86 -3.81
C SER B 457 10.27 -40.40 -4.02
N GLN B 458 10.54 -40.02 -5.27
CA GLN B 458 10.85 -38.62 -5.55
C GLN B 458 9.63 -37.73 -5.33
N SER B 459 8.45 -38.17 -5.78
CA SER B 459 7.25 -37.36 -5.67
C SER B 459 6.81 -37.22 -4.21
N ASN B 460 6.14 -36.12 -3.90
CA ASN B 460 5.68 -35.82 -2.56
C ASN B 460 4.22 -35.39 -2.59
N PRO B 461 3.37 -35.92 -1.70
CA PRO B 461 1.97 -35.47 -1.67
C PRO B 461 1.87 -33.98 -1.39
N SER B 462 0.89 -33.33 -2.03
CA SER B 462 0.76 -31.88 -1.91
C SER B 462 0.25 -31.47 -0.53
N ALA B 463 -0.63 -32.28 0.06
CA ALA B 463 -1.22 -31.90 1.34
C ALA B 463 -0.19 -31.92 2.46
N LEU B 464 0.88 -32.69 2.31
CA LEU B 464 1.93 -32.77 3.32
C LEU B 464 3.21 -32.06 2.91
N ARG B 465 3.19 -31.26 1.84
CA ARG B 465 4.40 -30.56 1.43
C ARG B 465 4.84 -29.55 2.48
N GLU B 466 3.87 -28.94 3.18
CA GLU B 466 4.22 -27.99 4.22
C GLU B 466 4.99 -28.65 5.36
N THR B 467 4.47 -29.76 5.86
CA THR B 467 5.14 -30.55 6.91
C THR B 467 5.71 -31.79 6.26
N VAL B 468 6.92 -31.67 5.71
CA VAL B 468 7.67 -32.77 5.15
C VAL B 468 8.85 -33.06 6.08
N VAL B 469 9.00 -34.33 6.46
CA VAL B 469 10.03 -34.73 7.42
C VAL B 469 10.87 -35.83 6.80
N GLU B 470 12.14 -35.88 7.19
CA GLU B 470 13.06 -36.86 6.64
C GLU B 470 12.57 -38.27 6.95
N VAL B 471 12.67 -39.15 5.97
CA VAL B 471 12.12 -40.51 6.12
C VAL B 471 12.86 -41.23 7.24
N PRO B 472 12.17 -41.68 8.29
CA PRO B 472 12.88 -42.37 9.38
C PRO B 472 13.39 -43.74 8.98
N GLN B 473 12.59 -44.50 8.21
CA GLN B 473 12.92 -45.87 7.83
C GLN B 473 13.15 -46.74 9.06
N VAL B 474 12.11 -46.94 9.85
CA VAL B 474 12.12 -47.83 11.00
C VAL B 474 11.03 -48.87 10.82
N THR B 475 11.37 -50.12 11.10
CA THR B 475 10.43 -51.23 10.96
C THR B 475 10.11 -51.78 12.35
N TRP B 476 9.04 -52.58 12.41
CA TRP B 476 8.64 -53.17 13.68
C TRP B 476 9.73 -54.08 14.23
N GLU B 477 10.54 -54.67 13.35
CA GLU B 477 11.61 -55.55 13.80
C GLU B 477 12.77 -54.75 14.37
N ASP B 478 12.88 -53.47 14.02
CA ASP B 478 13.89 -52.62 14.62
C ASP B 478 13.64 -52.43 16.10
N ILE B 479 12.40 -52.65 16.54
CA ILE B 479 12.05 -52.46 17.94
C ILE B 479 12.15 -53.79 18.67
N GLY B 480 12.79 -53.78 19.83
CA GLY B 480 12.90 -54.98 20.64
C GLY B 480 11.93 -54.95 21.80
N GLY B 481 11.20 -56.04 22.00
CA GLY B 481 10.16 -56.05 23.01
C GLY B 481 8.95 -55.26 22.55
N LEU B 482 8.16 -54.83 23.53
CA LEU B 482 6.97 -54.01 23.28
C LEU B 482 6.05 -54.67 22.26
N GLU B 483 5.92 -56.00 22.34
CA GLU B 483 5.12 -56.71 21.35
C GLU B 483 3.64 -56.38 21.49
N ASP B 484 3.14 -56.30 22.73
CA ASP B 484 1.76 -55.91 22.95
C ASP B 484 1.52 -54.48 22.49
N VAL B 485 2.49 -53.59 22.72
CA VAL B 485 2.38 -52.21 22.25
C VAL B 485 2.33 -52.16 20.74
N LYS B 486 3.19 -52.95 20.07
CA LYS B 486 3.15 -53.00 18.62
C LYS B 486 1.80 -53.48 18.11
N ARG B 487 1.27 -54.54 18.74
CA ARG B 487 -0.01 -55.07 18.31
C ARG B 487 -1.12 -54.04 18.49
N GLU B 488 -1.11 -53.34 19.62
CA GLU B 488 -2.14 -52.33 19.87
C GLU B 488 -2.05 -51.19 18.87
N LEU B 489 -0.83 -50.73 18.57
CA LEU B 489 -0.67 -49.66 17.59
C LEU B 489 -1.12 -50.08 16.20
N GLN B 490 -0.74 -51.31 15.81
CA GLN B 490 -1.16 -51.82 14.51
C GLN B 490 -2.67 -51.91 14.42
N GLU B 491 -3.32 -52.42 15.46
CA GLU B 491 -4.78 -52.45 15.49
C GLU B 491 -5.36 -51.05 15.40
N LEU B 492 -4.82 -50.13 16.21
CA LEU B 492 -5.31 -48.75 16.24
C LEU B 492 -5.37 -48.14 14.86
N VAL B 493 -4.27 -48.24 14.11
CA VAL B 493 -4.24 -47.63 12.78
C VAL B 493 -5.03 -48.47 11.77
N GLN B 494 -4.89 -49.80 11.81
CA GLN B 494 -5.38 -50.62 10.72
C GLN B 494 -6.90 -50.80 10.76
N TYR B 495 -7.46 -51.06 11.95
CA TYR B 495 -8.86 -51.52 11.99
C TYR B 495 -9.83 -50.51 11.41
N PRO B 496 -9.85 -49.23 11.82
CA PRO B 496 -10.78 -48.29 11.17
C PRO B 496 -10.49 -48.09 9.70
N VAL B 497 -9.22 -48.15 9.30
CA VAL B 497 -8.86 -47.91 7.91
C VAL B 497 -9.25 -49.09 7.03
N GLU B 498 -8.99 -50.31 7.49
CA GLU B 498 -9.20 -51.46 6.61
C GLU B 498 -10.58 -52.09 6.81
N HIS B 499 -11.14 -52.02 8.01
CA HIS B 499 -12.44 -52.64 8.31
C HIS B 499 -13.39 -51.62 8.93
N PRO B 500 -13.87 -50.65 8.16
CA PRO B 500 -14.86 -49.72 8.72
C PRO B 500 -16.26 -50.30 8.75
N ASP B 501 -16.59 -51.20 7.81
CA ASP B 501 -17.92 -51.81 7.81
C ASP B 501 -18.12 -52.64 9.06
N LYS B 502 -17.05 -53.22 9.60
CA LYS B 502 -17.15 -53.95 10.86
C LYS B 502 -17.48 -53.01 12.01
N PHE B 503 -16.90 -51.81 12.01
CA PHE B 503 -17.25 -50.82 13.02
C PHE B 503 -18.70 -50.38 12.88
N LEU B 504 -19.17 -50.23 11.64
CA LEU B 504 -20.57 -49.85 11.41
C LEU B 504 -21.51 -50.96 11.86
N LYS B 505 -21.10 -52.22 11.69
CA LYS B 505 -21.94 -53.33 12.10
C LYS B 505 -22.15 -53.35 13.61
N PHE B 506 -21.11 -53.03 14.37
CA PHE B 506 -21.24 -52.96 15.82
C PHE B 506 -21.75 -51.61 16.29
N GLY B 507 -21.82 -50.63 15.41
CA GLY B 507 -22.44 -49.36 15.74
C GLY B 507 -21.64 -48.45 16.66
N MET B 508 -20.35 -48.72 16.86
CA MET B 508 -19.49 -47.92 17.71
C MET B 508 -18.34 -47.36 16.89
N THR B 509 -17.88 -46.18 17.27
CA THR B 509 -16.74 -45.57 16.59
C THR B 509 -15.43 -46.10 17.16
N PRO B 510 -14.36 -46.05 16.38
CA PRO B 510 -13.05 -46.50 16.90
C PRO B 510 -12.46 -45.47 17.85
N SER B 511 -11.54 -45.96 18.70
CA SER B 511 -10.78 -45.07 19.57
C SER B 511 -9.52 -44.61 18.86
N LYS B 512 -9.18 -43.33 19.01
CA LYS B 512 -8.11 -42.74 18.21
C LYS B 512 -7.09 -41.95 19.04
N GLY B 513 -6.91 -42.28 20.31
CA GLY B 513 -5.95 -41.55 21.11
C GLY B 513 -5.01 -42.42 21.90
N VAL B 514 -3.71 -42.13 21.84
CA VAL B 514 -2.69 -42.92 22.51
C VAL B 514 -1.67 -41.98 23.14
N LEU B 515 -1.27 -42.27 24.37
CA LEU B 515 -0.21 -41.55 25.06
C LEU B 515 0.90 -42.52 25.42
N PHE B 516 2.13 -42.16 25.10
CA PHE B 516 3.31 -42.92 25.48
C PHE B 516 4.04 -42.17 26.58
N TYR B 517 4.19 -42.80 27.75
CA TYR B 517 4.95 -42.22 28.85
C TYR B 517 5.87 -43.27 29.43
N GLY B 518 7.10 -42.86 29.75
CA GLY B 518 8.08 -43.76 30.30
C GLY B 518 9.42 -43.08 30.46
N PRO B 519 10.42 -43.82 30.94
CA PRO B 519 11.74 -43.25 31.09
C PRO B 519 12.31 -42.87 29.74
N PRO B 520 13.28 -41.95 29.70
CA PRO B 520 13.89 -41.58 28.42
C PRO B 520 14.59 -42.77 27.77
N GLY B 521 14.50 -42.83 26.44
CA GLY B 521 15.19 -43.84 25.68
C GLY B 521 14.61 -45.24 25.75
N CYS B 522 13.32 -45.38 26.01
CA CYS B 522 12.71 -46.70 26.13
C CYS B 522 11.93 -47.11 24.90
N GLY B 523 11.79 -46.25 23.90
CA GLY B 523 11.20 -46.64 22.63
C GLY B 523 9.90 -45.97 22.24
N LYS B 524 9.64 -44.75 22.70
CA LYS B 524 8.41 -44.06 22.32
C LYS B 524 8.55 -43.41 20.95
N THR B 525 9.60 -42.62 20.75
CA THR B 525 9.86 -42.05 19.43
C THR B 525 10.16 -43.15 18.42
N LEU B 526 10.79 -44.24 18.87
CA LEU B 526 11.01 -45.39 17.99
C LEU B 526 9.69 -45.97 17.52
N LEU B 527 8.72 -46.11 18.43
CA LEU B 527 7.40 -46.59 18.04
C LEU B 527 6.72 -45.61 17.08
N ALA B 528 6.88 -44.31 17.33
CA ALA B 528 6.30 -43.32 16.43
C ALA B 528 6.88 -43.43 15.03
N LYS B 529 8.20 -43.59 14.93
CA LYS B 529 8.82 -43.74 13.61
C LYS B 529 8.39 -45.04 12.93
N ALA B 530 8.29 -46.12 13.71
CA ALA B 530 7.85 -47.39 13.14
C ALA B 530 6.43 -47.30 12.61
N ILE B 531 5.53 -46.66 13.36
CA ILE B 531 4.16 -46.50 12.89
C ILE B 531 4.09 -45.43 11.83
N ALA B 532 5.16 -44.64 11.68
CA ALA B 532 5.23 -43.73 10.55
C ALA B 532 5.50 -44.49 9.26
N ASN B 533 6.44 -45.44 9.30
CA ASN B 533 6.73 -46.22 8.10
C ASN B 533 5.65 -47.27 7.82
N GLU B 534 5.16 -47.94 8.87
CA GLU B 534 4.47 -49.21 8.67
C GLU B 534 2.96 -49.06 8.63
N CYS B 535 2.43 -47.91 9.06
CA CYS B 535 0.98 -47.78 9.19
C CYS B 535 0.28 -47.80 7.83
N GLN B 536 0.97 -47.31 6.80
CA GLN B 536 0.34 -46.96 5.53
C GLN B 536 -0.79 -45.97 5.74
N ALA B 537 -0.52 -44.93 6.52
CA ALA B 537 -1.40 -43.78 6.68
C ALA B 537 -0.54 -42.53 6.71
N ASN B 538 -1.17 -41.38 6.45
CA ASN B 538 -0.44 -40.12 6.50
C ASN B 538 0.10 -39.87 7.91
N PHE B 539 1.27 -39.26 7.99
CA PHE B 539 1.95 -39.02 9.26
C PHE B 539 2.35 -37.56 9.35
N ILE B 540 1.92 -36.90 10.42
CA ILE B 540 2.35 -35.54 10.74
C ILE B 540 3.03 -35.56 12.08
N SER B 541 4.29 -35.15 12.12
CA SER B 541 5.08 -35.11 13.34
C SER B 541 5.19 -33.68 13.83
N ILE B 542 5.02 -33.48 15.12
CA ILE B 542 5.10 -32.16 15.73
C ILE B 542 6.14 -32.22 16.85
N LYS B 543 7.24 -31.50 16.68
CA LYS B 543 8.13 -31.25 17.81
C LYS B 543 7.38 -30.41 18.83
N GLY B 544 7.69 -30.64 20.10
CA GLY B 544 6.84 -30.20 21.19
C GLY B 544 6.38 -28.76 21.11
N PRO B 545 7.30 -27.81 21.28
CA PRO B 545 6.95 -26.39 21.26
C PRO B 545 6.93 -25.75 19.89
N GLU B 546 6.89 -26.54 18.81
CA GLU B 546 7.03 -25.97 17.47
C GLU B 546 5.86 -25.06 17.12
N LEU B 547 4.66 -25.36 17.64
CA LEU B 547 3.47 -24.64 17.21
C LEU B 547 3.39 -23.25 17.83
N LEU B 548 4.12 -23.03 18.92
CA LEU B 548 3.95 -21.79 19.68
C LEU B 548 4.59 -20.60 18.96
N THR B 549 3.96 -19.44 19.11
CA THR B 549 4.38 -18.21 18.45
C THR B 549 4.25 -17.07 19.46
N MET B 550 5.04 -16.01 19.24
CA MET B 550 5.00 -14.88 20.15
C MET B 550 3.73 -14.06 19.98
N TRP B 551 3.10 -14.12 18.81
CA TRP B 551 1.97 -13.25 18.54
C TRP B 551 0.72 -13.74 19.27
N PHE B 552 -0.27 -12.86 19.39
CA PHE B 552 -1.34 -13.04 20.38
C PHE B 552 -2.21 -14.25 20.06
N GLY B 553 -2.70 -14.35 18.84
CA GLY B 553 -3.58 -15.46 18.50
C GLY B 553 -2.98 -16.45 17.53
N GLU B 554 -1.67 -16.36 17.31
CA GLU B 554 -1.05 -17.15 16.25
C GLU B 554 -0.81 -18.59 16.68
N SER B 555 -0.57 -18.82 17.97
CA SER B 555 -0.30 -20.17 18.44
C SER B 555 -1.52 -21.07 18.27
N GLU B 556 -2.69 -20.57 18.66
CA GLU B 556 -3.92 -21.33 18.49
C GLU B 556 -4.25 -21.51 17.02
N ALA B 557 -3.90 -20.51 16.20
CA ALA B 557 -4.09 -20.65 14.76
C ALA B 557 -3.22 -21.76 14.19
N ASN B 558 -1.97 -21.85 14.66
CA ASN B 558 -1.09 -22.95 14.27
C ASN B 558 -1.67 -24.29 14.68
N VAL B 559 -2.18 -24.37 15.91
CA VAL B 559 -2.79 -25.61 16.36
C VAL B 559 -3.95 -26.00 15.46
N ARG B 560 -4.84 -25.06 15.17
CA ARG B 560 -6.03 -25.43 14.41
C ARG B 560 -5.68 -25.72 12.95
N GLU B 561 -4.64 -25.09 12.41
CA GLU B 561 -4.27 -25.39 11.02
C GLU B 561 -3.61 -26.76 10.92
N ILE B 562 -2.79 -27.14 11.91
CA ILE B 562 -2.20 -28.47 11.85
C ILE B 562 -3.27 -29.54 12.05
N PHE B 563 -4.27 -29.25 12.90
CA PHE B 563 -5.36 -30.20 13.05
C PHE B 563 -6.21 -30.28 11.79
N ASP B 564 -6.41 -29.15 11.11
CA ASP B 564 -7.13 -29.17 9.84
C ASP B 564 -6.37 -29.95 8.78
N LYS B 565 -5.03 -29.84 8.78
CA LYS B 565 -4.23 -30.65 7.88
C LYS B 565 -4.39 -32.14 8.17
N ALA B 566 -4.41 -32.50 9.46
CA ALA B 566 -4.65 -33.89 9.81
C ALA B 566 -6.03 -34.35 9.35
N ARG B 567 -7.03 -33.48 9.45
CA ARG B 567 -8.37 -33.83 8.97
C ARG B 567 -8.38 -34.03 7.47
N GLN B 568 -7.72 -33.15 6.73
CA GLN B 568 -7.76 -33.23 5.27
C GLN B 568 -7.11 -34.53 4.77
N ALA B 569 -5.90 -34.81 5.24
CA ALA B 569 -5.16 -35.99 4.79
C ALA B 569 -5.54 -37.25 5.54
N ALA B 570 -6.74 -37.30 6.14
CA ALA B 570 -7.15 -38.49 6.86
C ALA B 570 -7.28 -39.66 5.89
N PRO B 571 -6.90 -40.89 6.31
CA PRO B 571 -6.42 -41.26 7.64
C PRO B 571 -5.02 -40.77 7.93
N CYS B 572 -4.88 -39.92 8.96
CA CYS B 572 -3.63 -39.28 9.28
C CYS B 572 -3.28 -39.55 10.73
N VAL B 573 -2.00 -39.82 10.98
CA VAL B 573 -1.46 -40.01 12.32
C VAL B 573 -0.79 -38.71 12.72
N LEU B 574 -1.27 -38.11 13.80
CA LEU B 574 -0.77 -36.83 14.28
C LEU B 574 0.03 -37.07 15.55
N PHE B 575 1.35 -36.99 15.45
CA PHE B 575 2.24 -37.36 16.55
C PHE B 575 2.81 -36.10 17.20
N PHE B 576 2.69 -36.02 18.52
CA PHE B 576 3.22 -34.90 19.30
C PHE B 576 4.35 -35.43 20.17
N ASP B 577 5.58 -35.20 19.75
CA ASP B 577 6.73 -35.60 20.56
C ASP B 577 6.96 -34.57 21.67
N GLN B 578 7.31 -35.06 22.86
CA GLN B 578 7.39 -34.23 24.06
C GLN B 578 6.10 -33.43 24.24
N LEU B 579 5.01 -34.17 24.45
CA LEU B 579 3.69 -33.55 24.50
C LEU B 579 3.55 -32.58 25.67
N ASP B 580 4.29 -32.80 26.76
CA ASP B 580 4.10 -32.00 27.95
C ASP B 580 4.57 -30.57 27.75
N SER B 581 5.35 -30.31 26.70
CA SER B 581 5.81 -28.95 26.46
C SER B 581 4.67 -28.05 26.00
N ILE B 582 3.78 -28.57 25.16
CA ILE B 582 2.71 -27.75 24.62
C ILE B 582 1.41 -27.97 25.38
N ALA B 583 1.31 -29.09 26.10
CA ALA B 583 0.12 -29.44 26.86
C ALA B 583 0.47 -29.58 28.33
N LYS B 584 0.06 -28.59 29.13
CA LYS B 584 0.27 -28.59 30.56
C LYS B 584 -1.07 -28.51 31.26
N ALA B 585 -1.06 -28.76 32.57
CA ALA B 585 -2.24 -28.49 33.37
C ALA B 585 -2.51 -26.99 33.34
N ARG B 586 -3.76 -26.62 33.05
CA ARG B 586 -4.09 -25.21 32.91
C ARG B 586 -3.98 -24.50 34.26
N GLY B 587 -3.47 -23.27 34.22
CA GLY B 587 -3.18 -22.52 35.42
C GLY B 587 -1.81 -22.76 36.00
N GLY B 588 -0.94 -23.48 35.30
CA GLY B 588 0.36 -23.81 35.86
C GLY B 588 1.27 -22.60 36.03
N ASN B 589 1.32 -21.72 35.02
CA ASN B 589 2.20 -20.57 35.04
C ASN B 589 1.41 -19.32 34.71
N ILE B 590 1.44 -18.33 35.61
CA ILE B 590 0.70 -17.10 35.40
C ILE B 590 1.33 -16.25 34.31
N GLY B 591 2.65 -16.14 34.31
CA GLY B 591 3.37 -15.26 33.41
C GLY B 591 3.82 -15.88 32.10
N ASP B 592 3.36 -17.09 31.77
CA ASP B 592 3.77 -17.77 30.55
C ASP B 592 2.95 -17.23 29.38
N GLY B 593 3.37 -16.08 28.87
CA GLY B 593 2.71 -15.49 27.72
C GLY B 593 1.38 -14.86 28.00
N GLY B 594 1.11 -14.52 29.26
CA GLY B 594 -0.20 -13.98 29.62
C GLY B 594 -1.32 -14.96 29.35
N GLY B 595 -1.15 -16.22 29.72
CA GLY B 595 -2.18 -17.21 29.50
C GLY B 595 -2.28 -17.71 28.08
N ALA B 596 -1.25 -17.49 27.25
CA ALA B 596 -1.29 -17.99 25.88
C ALA B 596 -1.23 -19.50 25.85
N ALA B 597 -0.43 -20.11 26.74
CA ALA B 597 -0.35 -21.56 26.78
C ALA B 597 -1.67 -22.18 27.19
N ASP B 598 -2.39 -21.55 28.13
CA ASP B 598 -3.70 -22.05 28.52
C ASP B 598 -4.66 -22.03 27.34
N ARG B 599 -4.64 -20.96 26.55
CA ARG B 599 -5.49 -20.89 25.37
C ARG B 599 -5.09 -21.92 24.33
N VAL B 600 -3.79 -22.19 24.20
CA VAL B 600 -3.34 -23.24 23.28
C VAL B 600 -3.87 -24.59 23.74
N ILE B 601 -3.84 -24.86 25.05
CA ILE B 601 -4.37 -26.10 25.57
C ILE B 601 -5.88 -26.19 25.31
N ASN B 602 -6.59 -25.08 25.50
CA ASN B 602 -8.02 -25.07 25.21
C ASN B 602 -8.29 -25.36 23.75
N GLN B 603 -7.48 -24.79 22.86
CA GLN B 603 -7.64 -25.06 21.43
C GLN B 603 -7.37 -26.53 21.11
N ILE B 604 -6.35 -27.12 21.74
CA ILE B 604 -6.08 -28.54 21.55
C ILE B 604 -7.26 -29.37 22.03
N LEU B 605 -7.82 -29.02 23.19
CA LEU B 605 -8.99 -29.71 23.71
C LEU B 605 -10.14 -29.64 22.71
N THR B 606 -10.40 -28.46 22.16
CA THR B 606 -11.53 -28.30 21.24
C THR B 606 -11.30 -29.08 19.96
N GLU B 607 -10.07 -29.09 19.45
CA GLU B 607 -9.78 -29.80 18.22
C GLU B 607 -9.90 -31.30 18.40
N MET B 608 -9.42 -31.82 19.52
CA MET B 608 -9.43 -33.26 19.74
C MET B 608 -10.86 -33.78 19.91
N ASP B 609 -11.69 -33.06 20.68
CA ASP B 609 -13.07 -33.44 20.92
C ASP B 609 -13.91 -32.19 21.11
N GLY B 610 -14.53 -31.72 20.04
CA GLY B 610 -15.43 -30.59 20.11
C GLY B 610 -16.71 -30.93 19.38
N MET B 611 -17.34 -29.90 18.81
CA MET B 611 -18.51 -30.10 17.96
C MET B 611 -18.10 -30.19 16.50
N SER B 612 -17.50 -31.32 16.15
CA SER B 612 -17.18 -31.62 14.78
C SER B 612 -17.28 -33.12 14.56
N THR B 613 -17.65 -33.51 13.35
CA THR B 613 -17.62 -34.93 13.00
C THR B 613 -16.18 -35.43 13.08
N LYS B 614 -16.02 -36.61 13.65
CA LYS B 614 -14.69 -37.17 13.89
C LYS B 614 -14.18 -37.80 12.61
N LYS B 615 -12.99 -37.38 12.18
CA LYS B 615 -12.32 -38.00 11.05
C LYS B 615 -11.34 -39.06 11.55
N ASN B 616 -10.70 -39.74 10.61
CA ASN B 616 -9.73 -40.78 10.95
C ASN B 616 -8.38 -40.12 11.24
N VAL B 617 -8.36 -39.34 12.32
CA VAL B 617 -7.14 -38.73 12.83
C VAL B 617 -6.77 -39.44 14.12
N PHE B 618 -5.55 -39.96 14.18
CA PHE B 618 -5.03 -40.65 15.34
C PHE B 618 -3.96 -39.80 15.98
N ILE B 619 -4.10 -39.54 17.27
CA ILE B 619 -3.24 -38.61 18.00
C ILE B 619 -2.38 -39.40 18.96
N ILE B 620 -1.07 -39.30 18.80
CA ILE B 620 -0.09 -40.00 19.62
C ILE B 620 0.75 -38.96 20.33
N GLY B 621 0.92 -39.13 21.63
CA GLY B 621 1.74 -38.23 22.40
C GLY B 621 2.81 -38.96 23.19
N ALA B 622 4.05 -38.48 23.11
CA ALA B 622 5.15 -39.04 23.88
C ALA B 622 5.54 -38.02 24.94
N THR B 623 5.61 -38.47 26.19
CA THR B 623 5.94 -37.58 27.30
C THR B 623 6.77 -38.33 28.34
N ASN B 624 7.70 -37.61 28.96
CA ASN B 624 8.41 -38.10 30.13
C ASN B 624 7.79 -37.60 31.43
N ARG B 625 6.80 -36.72 31.35
CA ARG B 625 6.14 -36.15 32.53
C ARG B 625 4.63 -36.24 32.33
N PRO B 626 4.07 -37.45 32.44
CA PRO B 626 2.61 -37.57 32.25
C PRO B 626 1.80 -36.84 33.30
N ASP B 627 2.35 -36.68 34.51
CA ASP B 627 1.56 -36.14 35.61
C ASP B 627 1.29 -34.65 35.44
N ILE B 628 2.05 -33.98 34.59
CA ILE B 628 1.85 -32.54 34.42
C ILE B 628 0.90 -32.24 33.26
N ILE B 629 0.57 -33.25 32.45
CA ILE B 629 -0.32 -33.03 31.33
C ILE B 629 -1.72 -32.76 31.84
N ASP B 630 -2.45 -31.89 31.13
CA ASP B 630 -3.78 -31.48 31.55
C ASP B 630 -4.69 -32.71 31.66
N PRO B 631 -5.45 -32.84 32.76
CA PRO B 631 -6.34 -34.00 32.90
C PRO B 631 -7.40 -34.09 31.81
N ALA B 632 -7.79 -32.96 31.22
CA ALA B 632 -8.80 -33.00 30.17
C ALA B 632 -8.24 -33.51 28.86
N ILE B 633 -6.92 -33.44 28.68
CA ILE B 633 -6.29 -33.99 27.48
C ILE B 633 -6.31 -35.51 27.54
N LEU B 634 -6.26 -36.08 28.73
CA LEU B 634 -6.08 -37.52 28.91
C LEU B 634 -7.38 -38.31 29.08
N ARG B 635 -8.54 -37.64 29.09
CA ARG B 635 -9.78 -38.38 29.25
C ARG B 635 -10.18 -39.01 27.92
N PRO B 636 -10.89 -40.14 27.94
CA PRO B 636 -11.25 -40.82 26.69
C PRO B 636 -12.04 -39.93 25.76
N GLY B 637 -11.78 -40.07 24.46
CA GLY B 637 -12.15 -39.09 23.47
C GLY B 637 -11.01 -38.16 23.11
N ARG B 638 -10.02 -38.05 24.00
CA ARG B 638 -8.76 -37.37 23.73
C ARG B 638 -7.68 -38.20 24.39
N LEU B 639 -6.78 -38.79 23.61
CA LEU B 639 -5.78 -39.71 24.16
C LEU B 639 -6.46 -40.81 24.96
N ASP B 640 -7.22 -41.65 24.24
CA ASP B 640 -8.06 -42.65 24.90
C ASP B 640 -7.25 -43.61 25.75
N GLN B 641 -6.13 -44.09 25.22
CA GLN B 641 -5.38 -45.17 25.84
C GLN B 641 -4.01 -44.65 26.28
N LEU B 642 -3.67 -44.87 27.54
CA LEU B 642 -2.41 -44.43 28.12
C LEU B 642 -1.50 -45.63 28.25
N ILE B 643 -0.42 -45.65 27.46
CA ILE B 643 0.48 -46.80 27.37
C ILE B 643 1.78 -46.46 28.09
N TYR B 644 2.21 -47.34 28.97
CA TYR B 644 3.45 -47.17 29.71
C TYR B 644 4.55 -47.97 29.04
N ILE B 645 5.62 -47.28 28.65
CA ILE B 645 6.77 -47.93 28.02
C ILE B 645 7.88 -48.03 29.05
N PRO B 646 7.98 -49.15 29.76
CA PRO B 646 8.90 -49.24 30.90
C PRO B 646 10.31 -49.56 30.46
N LEU B 647 11.22 -49.54 31.43
CA LEU B 647 12.55 -50.08 31.20
C LEU B 647 12.43 -51.55 30.84
N PRO B 648 13.09 -51.99 29.77
CA PRO B 648 12.90 -53.37 29.30
C PRO B 648 13.35 -54.39 30.34
N ASP B 649 12.62 -55.50 30.42
CA ASP B 649 13.05 -56.63 31.23
C ASP B 649 13.98 -57.52 30.41
N GLU B 650 14.31 -58.69 30.96
CA GLU B 650 15.38 -59.50 30.38
C GLU B 650 15.07 -59.90 28.95
N LYS B 651 13.90 -60.49 28.70
CA LYS B 651 13.57 -60.93 27.35
C LYS B 651 13.48 -59.74 26.40
N SER B 652 12.91 -58.63 26.87
CA SER B 652 12.87 -57.43 26.05
C SER B 652 14.27 -56.93 25.73
N ARG B 653 15.20 -57.06 26.68
CA ARG B 653 16.58 -56.62 26.43
C ARG B 653 17.27 -57.52 25.43
N VAL B 654 17.01 -58.83 25.48
CA VAL B 654 17.53 -59.72 24.45
C VAL B 654 17.01 -59.30 23.09
N ALA B 655 15.71 -59.00 23.00
CA ALA B 655 15.13 -58.58 21.73
C ALA B 655 15.75 -57.27 21.25
N ILE B 656 15.96 -56.32 22.17
CA ILE B 656 16.56 -55.04 21.80
C ILE B 656 17.96 -55.23 21.26
N LEU B 657 18.77 -56.05 21.95
CA LEU B 657 20.14 -56.28 21.47
C LEU B 657 20.14 -56.97 20.12
N LYS B 658 19.25 -57.96 19.92
CA LYS B 658 19.18 -58.63 18.63
C LYS B 658 18.79 -57.67 17.52
N ALA B 659 17.82 -56.79 17.78
CA ALA B 659 17.39 -55.82 16.78
C ALA B 659 18.49 -54.82 16.47
N ASN B 660 19.23 -54.39 17.50
CA ASN B 660 20.30 -53.42 17.29
C ASN B 660 21.45 -54.05 16.51
N LEU B 661 21.73 -55.33 16.73
CA LEU B 661 22.88 -55.99 16.12
C LEU B 661 22.52 -56.88 14.95
N ARG B 662 21.28 -56.81 14.45
CA ARG B 662 20.87 -57.69 13.35
C ARG B 662 21.58 -57.31 12.05
N LYS B 663 21.74 -56.01 11.79
CA LYS B 663 22.42 -55.58 10.57
C LYS B 663 23.93 -55.71 10.70
N SER B 664 24.45 -55.69 11.93
CA SER B 664 25.89 -55.78 12.12
C SER B 664 26.34 -57.24 12.10
N PRO B 665 27.57 -57.51 11.68
CA PRO B 665 28.10 -58.88 11.77
C PRO B 665 28.64 -59.16 13.18
N VAL B 666 28.04 -60.14 13.84
CA VAL B 666 28.34 -60.47 15.23
C VAL B 666 28.80 -61.92 15.31
N ALA B 667 29.88 -62.15 16.05
CA ALA B 667 30.42 -63.50 16.19
C ALA B 667 29.48 -64.39 16.97
N LYS B 668 29.57 -65.70 16.70
CA LYS B 668 28.64 -66.65 17.31
C LYS B 668 28.94 -66.83 18.80
N ASP B 669 30.20 -66.75 19.20
CA ASP B 669 30.60 -67.18 20.54
C ASP B 669 30.07 -66.22 21.61
N VAL B 670 29.70 -64.99 21.24
CA VAL B 670 29.23 -64.04 22.23
C VAL B 670 27.77 -64.33 22.58
N ASP B 671 27.40 -64.01 23.81
CA ASP B 671 26.09 -64.36 24.36
C ASP B 671 25.32 -63.09 24.67
N LEU B 672 24.26 -62.82 23.91
CA LEU B 672 23.42 -61.66 24.18
C LEU B 672 22.60 -61.85 25.44
N GLU B 673 22.17 -63.08 25.72
CA GLU B 673 21.32 -63.33 26.88
C GLU B 673 22.06 -63.01 28.18
N PHE B 674 23.37 -63.28 28.22
CA PHE B 674 24.15 -62.92 29.40
C PHE B 674 24.21 -61.42 29.59
N LEU B 675 24.40 -60.68 28.48
CA LEU B 675 24.36 -59.22 28.55
C LEU B 675 23.02 -58.73 29.09
N ALA B 676 21.93 -59.30 28.59
CA ALA B 676 20.61 -58.89 29.06
C ALA B 676 20.44 -59.22 30.54
N LYS B 677 20.94 -60.37 30.97
CA LYS B 677 20.82 -60.76 32.38
C LYS B 677 21.57 -59.79 33.27
N MET B 678 22.77 -59.36 32.86
CA MET B 678 23.59 -58.53 33.74
C MET B 678 23.09 -57.09 33.76
N THR B 679 22.57 -56.60 32.62
CA THR B 679 22.13 -55.21 32.49
C THR B 679 20.67 -55.08 32.93
N ASN B 680 20.47 -54.94 34.24
CA ASN B 680 19.11 -54.88 34.75
C ASN B 680 18.42 -53.57 34.39
N GLY B 681 18.89 -52.46 34.95
CA GLY B 681 18.23 -51.18 34.80
C GLY B 681 18.55 -50.45 33.53
N PHE B 682 19.30 -51.07 32.63
CA PHE B 682 19.70 -50.43 31.39
C PHE B 682 18.48 -50.14 30.52
N SER B 683 18.48 -48.96 29.92
CA SER B 683 17.46 -48.59 28.96
C SER B 683 17.74 -49.24 27.62
N GLY B 684 16.81 -49.07 26.68
CA GLY B 684 17.09 -49.47 25.31
C GLY B 684 18.20 -48.64 24.70
N ALA B 685 18.22 -47.34 25.01
CA ALA B 685 19.27 -46.47 24.52
C ALA B 685 20.62 -46.90 25.07
N ASP B 686 20.66 -47.37 26.32
CA ASP B 686 21.92 -47.85 26.89
C ASP B 686 22.44 -49.08 26.16
N LEU B 687 21.54 -50.00 25.78
CA LEU B 687 21.95 -51.17 25.01
C LEU B 687 22.44 -50.77 23.63
N THR B 688 21.75 -49.83 22.99
CA THR B 688 22.21 -49.36 21.69
C THR B 688 23.56 -48.66 21.80
N GLU B 689 23.79 -47.96 22.91
CA GLU B 689 25.09 -47.32 23.13
C GLU B 689 26.17 -48.36 23.38
N ILE B 690 25.83 -49.47 24.05
CA ILE B 690 26.77 -50.57 24.21
C ILE B 690 27.16 -51.12 22.84
N CYS B 691 26.18 -51.35 21.98
CA CYS B 691 26.48 -51.85 20.64
C CYS B 691 27.33 -50.84 19.86
N GLN B 692 27.04 -49.55 20.00
CA GLN B 692 27.81 -48.53 19.32
C GLN B 692 29.25 -48.51 19.82
N ARG B 693 29.46 -48.65 21.13
CA ARG B 693 30.81 -48.71 21.68
C ARG B 693 31.55 -49.94 21.16
N ALA B 694 30.87 -51.08 21.11
CA ALA B 694 31.52 -52.29 20.61
C ALA B 694 31.92 -52.13 19.15
N CYS B 695 31.03 -51.59 18.32
CA CYS B 695 31.36 -51.40 16.92
C CYS B 695 32.42 -50.33 16.73
N LYS B 696 32.50 -49.35 17.64
CA LYS B 696 33.55 -48.35 17.56
C LYS B 696 34.91 -48.96 17.90
N LEU B 697 34.95 -49.82 18.91
CA LEU B 697 36.18 -50.56 19.19
C LEU B 697 36.55 -51.45 18.00
N ALA B 698 35.54 -52.02 17.33
CA ALA B 698 35.81 -52.82 16.14
C ALA B 698 36.38 -51.96 15.01
N ILE B 699 35.86 -50.75 14.84
CA ILE B 699 36.43 -49.82 13.85
C ILE B 699 37.88 -49.52 14.17
N ARG B 700 38.17 -49.25 15.45
CA ARG B 700 39.56 -49.01 15.84
C ARG B 700 40.44 -50.20 15.52
N GLU B 701 39.95 -51.42 15.83
CA GLU B 701 40.72 -52.62 15.55
C GLU B 701 40.98 -52.79 14.06
N SER B 702 39.95 -52.58 13.24
CA SER B 702 40.13 -52.75 11.79
C SER B 702 41.06 -51.70 11.22
N ILE B 703 40.95 -50.46 11.67
CA ILE B 703 41.84 -49.41 11.19
C ILE B 703 43.27 -49.67 11.62
N GLU B 704 43.46 -50.14 12.86
CA GLU B 704 44.80 -50.50 13.32
C GLU B 704 45.38 -51.65 12.50
N SER B 705 44.55 -52.64 12.17
CA SER B 705 45.02 -53.74 11.32
C SER B 705 45.42 -53.24 9.94
N GLU B 706 44.63 -52.31 9.37
CA GLU B 706 44.98 -51.74 8.08
C GLU B 706 46.30 -50.98 8.16
N ILE B 707 46.51 -50.22 9.24
CA ILE B 707 47.76 -49.49 9.41
C ILE B 707 48.93 -50.46 9.56
N ARG B 708 48.70 -51.58 10.26
CA ARG B 708 49.75 -52.59 10.38
C ARG B 708 50.08 -53.20 9.02
N ARG B 709 49.06 -53.43 8.19
CA ARG B 709 49.31 -53.94 6.84
C ARG B 709 50.10 -52.93 6.02
N GLU B 710 49.74 -51.65 6.09
CA GLU B 710 50.45 -50.65 5.31
C GLU B 710 51.85 -50.40 5.88
N ARG B 711 52.06 -50.77 7.13
CA ARG B 711 53.40 -50.69 7.72
C ARG B 711 54.26 -51.86 7.31
N GLU B 712 53.68 -53.07 7.25
CA GLU B 712 54.46 -54.24 6.85
C GLU B 712 54.76 -54.20 5.36
N ARG B 713 53.86 -53.63 4.55
CA ARG B 713 54.19 -53.35 3.16
C ARG B 713 55.35 -52.39 3.08
N GLN B 714 55.47 -51.48 4.03
CA GLN B 714 56.59 -50.55 4.09
C GLN B 714 57.85 -51.25 4.55
N PRO B 727 40.02 -54.86 8.33
CA PRO B 727 40.38 -56.25 8.09
C PRO B 727 39.88 -57.18 9.20
N VAL B 728 38.89 -56.73 9.95
CA VAL B 728 38.27 -57.54 11.00
C VAL B 728 36.86 -57.91 10.54
N PRO B 729 36.63 -59.15 10.08
CA PRO B 729 35.29 -59.53 9.62
C PRO B 729 34.17 -59.23 10.59
N GLU B 730 34.24 -59.73 11.83
CA GLU B 730 33.10 -59.69 12.73
C GLU B 730 33.54 -59.20 14.10
N ILE B 731 32.55 -58.81 14.91
CA ILE B 731 32.81 -58.29 16.24
C ILE B 731 33.04 -59.45 17.21
N ARG B 732 34.15 -59.40 17.94
CA ARG B 732 34.51 -60.44 18.87
C ARG B 732 33.94 -60.16 20.26
N ARG B 733 34.23 -61.08 21.19
CA ARG B 733 33.73 -60.93 22.55
C ARG B 733 34.52 -59.91 23.34
N ASP B 734 35.81 -59.75 23.03
CA ASP B 734 36.64 -58.80 23.76
C ASP B 734 36.17 -57.36 23.52
N HIS B 735 35.77 -57.06 22.28
CA HIS B 735 35.16 -55.76 21.99
C HIS B 735 33.96 -55.52 22.88
N PHE B 736 33.10 -56.54 23.03
CA PHE B 736 31.91 -56.41 23.86
C PHE B 736 32.27 -56.22 25.33
N GLU B 737 33.30 -56.92 25.81
CA GLU B 737 33.72 -56.77 27.20
C GLU B 737 34.25 -55.36 27.47
N GLU B 738 35.03 -54.82 26.53
CA GLU B 738 35.49 -53.44 26.68
C GLU B 738 34.32 -52.46 26.67
N ALA B 739 33.43 -52.60 25.69
CA ALA B 739 32.27 -51.71 25.63
C ALA B 739 31.43 -51.81 26.89
N MET B 740 31.37 -53.01 27.48
CA MET B 740 30.59 -53.19 28.70
C MET B 740 31.28 -52.52 29.89
N ARG B 741 32.62 -52.54 29.93
CA ARG B 741 33.32 -51.78 30.95
C ARG B 741 33.06 -50.30 30.76
N PHE B 742 32.72 -49.88 29.53
CA PHE B 742 32.30 -48.51 29.31
C PHE B 742 30.83 -48.26 29.65
N ALA B 743 30.01 -49.32 29.72
CA ALA B 743 28.57 -49.15 29.78
C ALA B 743 28.12 -48.50 31.09
N ARG B 744 27.03 -47.73 31.01
CA ARG B 744 26.51 -47.00 32.16
C ARG B 744 24.99 -46.87 32.05
N ARG B 745 24.31 -47.02 33.18
CA ARG B 745 22.87 -46.82 33.27
C ARG B 745 22.56 -45.34 33.09
N SER B 746 21.63 -45.03 32.17
CA SER B 746 21.30 -43.63 31.94
C SER B 746 20.18 -43.15 32.86
N VAL B 747 19.25 -44.03 33.21
CA VAL B 747 18.08 -43.65 33.99
C VAL B 747 18.28 -44.06 35.44
N SER B 748 18.10 -43.11 36.35
CA SER B 748 18.28 -43.38 37.77
C SER B 748 17.13 -44.21 38.32
N ASP B 749 17.27 -44.63 39.58
CA ASP B 749 16.22 -45.41 40.21
C ASP B 749 15.07 -44.53 40.67
N ASN B 750 15.37 -43.26 41.00
CA ASN B 750 14.31 -42.34 41.41
C ASN B 750 13.35 -42.05 40.26
N ASP B 751 13.88 -41.91 39.05
CA ASP B 751 13.02 -41.66 37.90
C ASP B 751 12.09 -42.84 37.64
N ILE B 752 12.64 -44.06 37.63
CA ILE B 752 11.78 -45.22 37.41
C ILE B 752 10.79 -45.36 38.55
N ARG B 753 11.18 -44.93 39.76
CA ARG B 753 10.24 -44.97 40.88
C ARG B 753 9.06 -44.04 40.64
N LYS B 754 9.32 -42.82 40.14
CA LYS B 754 8.20 -41.91 39.90
C LYS B 754 7.32 -42.39 38.74
N TYR B 755 7.92 -43.00 37.71
CA TYR B 755 7.11 -43.54 36.62
C TYR B 755 6.24 -44.70 37.10
N GLU B 756 6.81 -45.59 37.92
CA GLU B 756 6.01 -46.65 38.51
C GLU B 756 4.93 -46.09 39.40
N MET B 757 5.21 -44.97 40.08
CA MET B 757 4.18 -44.34 40.90
C MET B 757 3.02 -43.85 40.05
N PHE B 758 3.30 -43.24 38.89
CA PHE B 758 2.22 -42.80 38.02
C PHE B 758 1.41 -43.99 37.49
N ALA B 759 2.10 -45.05 37.04
CA ALA B 759 1.37 -46.22 36.55
C ALA B 759 0.51 -46.82 37.66
N GLN B 760 1.08 -46.94 38.87
CA GLN B 760 0.35 -47.54 39.97
C GLN B 760 -0.83 -46.68 40.39
N THR B 761 -0.70 -45.36 40.35
CA THR B 761 -1.83 -44.52 40.72
C THR B 761 -2.92 -44.59 39.66
N LEU B 762 -2.55 -44.84 38.40
CA LEU B 762 -3.58 -45.13 37.40
C LEU B 762 -4.33 -46.41 37.74
N GLN B 763 -3.60 -47.49 38.05
CA GLN B 763 -4.25 -48.74 38.42
C GLN B 763 -5.14 -48.56 39.64
N GLN B 764 -4.67 -47.83 40.64
CA GLN B 764 -5.48 -47.57 41.83
C GLN B 764 -6.69 -46.70 41.51
N SER B 765 -6.54 -45.78 40.55
CA SER B 765 -7.67 -44.94 40.15
C SER B 765 -8.74 -45.77 39.45
N ARG B 766 -8.35 -46.90 38.86
CA ARG B 766 -9.35 -47.83 38.34
C ARG B 766 -10.37 -48.20 39.41
N GLY B 767 -9.89 -48.65 40.57
CA GLY B 767 -10.74 -49.31 41.54
C GLY B 767 -10.93 -50.77 41.20
N PHE B 768 -11.35 -51.54 42.20
CA PHE B 768 -11.66 -52.97 42.09
C PHE B 768 -10.53 -53.77 41.45
N GLY B 769 -10.82 -55.02 41.09
CA GLY B 769 -9.86 -55.85 40.38
C GLY B 769 -10.52 -57.07 39.81
N SER B 770 -10.05 -57.48 38.63
CA SER B 770 -10.52 -58.70 37.96
C SER B 770 -12.05 -58.70 37.84
N PHE B 771 -12.56 -57.75 37.06
CA PHE B 771 -14.00 -57.63 36.86
C PHE B 771 -14.57 -58.91 36.26
N ARG B 772 -15.70 -59.35 36.80
CA ARG B 772 -16.36 -60.57 36.34
C ARG B 772 -17.86 -60.43 36.58
N PHE B 773 -18.63 -60.67 35.53
CA PHE B 773 -20.07 -60.51 35.62
C PHE B 773 -20.68 -61.58 36.52
N PRO B 774 -21.60 -61.21 37.41
CA PRO B 774 -22.22 -62.21 38.29
C PRO B 774 -22.99 -63.26 37.50
N SER B 775 -22.93 -64.50 37.98
CA SER B 775 -23.62 -65.63 37.36
C SER B 775 -23.28 -65.77 35.87
N LEU C 12 -50.15 4.95 11.38
CA LEU C 12 -50.33 6.02 10.41
C LEU C 12 -49.27 5.95 9.33
N SER C 13 -48.15 5.30 9.64
CA SER C 13 -47.06 5.20 8.68
C SER C 13 -47.46 4.38 7.46
N THR C 14 -48.16 3.27 7.67
CA THR C 14 -48.51 2.34 6.60
C THR C 14 -49.84 2.71 5.94
N ALA C 15 -50.45 3.82 6.36
CA ALA C 15 -51.82 4.14 5.94
C ALA C 15 -51.92 4.30 4.42
N ILE C 16 -50.81 4.59 3.74
CA ILE C 16 -50.86 4.75 2.29
C ILE C 16 -51.15 3.41 1.62
N LEU C 17 -50.66 2.30 2.21
CA LEU C 17 -50.86 0.99 1.60
C LEU C 17 -52.29 0.50 1.79
N LYS C 18 -52.94 0.89 2.89
CA LYS C 18 -54.27 0.40 3.17
C LYS C 18 -55.23 0.79 2.05
N GLN C 19 -55.83 -0.22 1.43
CA GLN C 19 -56.71 0.01 0.29
C GLN C 19 -58.04 0.60 0.73
N LYS C 20 -58.53 1.56 -0.06
CA LYS C 20 -59.78 2.24 0.20
C LYS C 20 -60.84 1.71 -0.76
N ASN C 21 -62.00 1.35 -0.21
CA ASN C 21 -63.09 0.84 -1.03
C ASN C 21 -63.63 1.94 -1.95
N ARG C 22 -63.89 1.57 -3.20
CA ARG C 22 -64.45 2.45 -4.20
C ARG C 22 -65.52 1.72 -5.00
N PRO C 23 -66.48 2.45 -5.58
CA PRO C 23 -67.45 1.80 -6.47
C PRO C 23 -66.81 1.18 -7.72
N ASN C 24 -65.73 1.79 -8.23
CA ASN C 24 -65.13 1.30 -9.46
C ASN C 24 -64.41 -0.03 -9.25
N ARG C 25 -63.88 -0.24 -8.04
CA ARG C 25 -63.02 -1.39 -7.79
C ARG C 25 -63.85 -2.66 -7.61
N LEU C 26 -63.38 -3.76 -8.19
CA LEU C 26 -64.11 -5.02 -8.18
C LEU C 26 -63.15 -6.19 -8.07
N ILE C 27 -63.63 -7.27 -7.46
CA ILE C 27 -62.83 -8.48 -7.30
C ILE C 27 -62.80 -9.26 -8.61
N VAL C 28 -61.63 -9.80 -8.95
CA VAL C 28 -61.48 -10.57 -10.17
C VAL C 28 -62.29 -11.87 -10.06
N ASP C 29 -62.98 -12.21 -11.14
CA ASP C 29 -63.87 -13.37 -11.18
C ASP C 29 -63.38 -14.37 -12.23
N GLU C 30 -63.95 -15.56 -12.19
CA GLU C 30 -63.66 -16.58 -13.19
C GLU C 30 -64.47 -16.33 -14.46
N ALA C 31 -63.93 -16.81 -15.59
CA ALA C 31 -64.63 -16.71 -16.86
C ALA C 31 -65.55 -17.92 -17.05
N ILE C 32 -66.68 -17.69 -17.74
CA ILE C 32 -67.59 -18.77 -18.08
C ILE C 32 -67.79 -18.82 -19.59
N ASN C 33 -68.35 -17.74 -20.15
CA ASN C 33 -68.66 -17.67 -21.57
C ASN C 33 -68.12 -16.40 -22.23
N GLU C 34 -67.31 -15.62 -21.52
CA GLU C 34 -66.83 -14.36 -22.05
C GLU C 34 -65.82 -14.60 -23.17
N ASP C 35 -65.88 -13.77 -24.21
CA ASP C 35 -64.89 -13.81 -25.26
C ASP C 35 -63.70 -12.93 -24.90
N ASN C 36 -62.81 -12.75 -25.87
CA ASN C 36 -61.57 -12.03 -25.62
C ASN C 36 -61.82 -10.56 -25.35
N SER C 37 -62.68 -9.92 -26.14
CA SER C 37 -62.77 -8.46 -26.19
C SER C 37 -63.94 -7.90 -25.38
N VAL C 38 -64.62 -8.71 -24.58
CA VAL C 38 -65.73 -8.24 -23.77
C VAL C 38 -65.45 -8.57 -22.32
N VAL C 39 -66.08 -7.80 -21.42
CA VAL C 39 -66.01 -8.04 -19.99
C VAL C 39 -67.44 -8.03 -19.45
N SER C 40 -67.69 -8.90 -18.47
CA SER C 40 -69.03 -9.10 -17.95
C SER C 40 -69.12 -8.60 -16.51
N LEU C 41 -70.08 -7.72 -16.26
CA LEU C 41 -70.33 -7.14 -14.95
C LEU C 41 -71.72 -7.52 -14.49
N SER C 42 -71.89 -7.64 -13.17
CA SER C 42 -73.22 -7.90 -12.61
C SER C 42 -74.17 -6.77 -12.95
N GLN C 43 -75.43 -7.11 -13.20
CA GLN C 43 -76.42 -6.11 -13.55
C GLN C 43 -76.60 -5.03 -12.48
N PRO C 44 -76.74 -5.36 -11.18
CA PRO C 44 -76.84 -4.28 -10.18
C PRO C 44 -75.62 -3.37 -10.15
N LYS C 45 -74.42 -3.94 -10.22
CA LYS C 45 -73.21 -3.13 -10.17
C LYS C 45 -73.12 -2.23 -11.40
N MET C 46 -73.46 -2.78 -12.57
CA MET C 46 -73.46 -1.98 -13.80
C MET C 46 -74.49 -0.86 -13.72
N ASP C 47 -75.65 -1.13 -13.13
CA ASP C 47 -76.65 -0.08 -12.95
C ASP C 47 -76.18 0.97 -11.96
N GLU C 48 -75.32 0.57 -11.01
CA GLU C 48 -74.78 1.54 -10.06
C GLU C 48 -73.79 2.48 -10.72
N LEU C 49 -72.93 1.95 -11.60
CA LEU C 49 -71.87 2.75 -12.20
C LEU C 49 -72.29 3.41 -13.51
N GLN C 50 -73.55 3.27 -13.93
CA GLN C 50 -74.06 3.89 -15.15
C GLN C 50 -73.36 3.38 -16.40
N LEU C 51 -73.14 2.06 -16.48
CA LEU C 51 -72.62 1.47 -17.70
C LEU C 51 -73.76 0.94 -18.57
N PHE C 52 -73.47 0.76 -19.86
CA PHE C 52 -74.46 0.28 -20.81
C PHE C 52 -73.81 -0.74 -21.76
N ARG C 53 -74.65 -1.60 -22.33
CA ARG C 53 -74.16 -2.60 -23.27
C ARG C 53 -73.53 -1.93 -24.49
N GLY C 54 -72.46 -2.54 -24.99
CA GLY C 54 -71.80 -2.04 -26.17
C GLY C 54 -70.95 -0.81 -25.96
N ASP C 55 -70.76 -0.38 -24.71
CA ASP C 55 -69.99 0.81 -24.40
C ASP C 55 -68.58 0.39 -23.99
N THR C 56 -67.59 0.88 -24.72
CA THR C 56 -66.20 0.60 -24.39
C THR C 56 -65.84 1.16 -23.03
N VAL C 57 -65.22 0.32 -22.20
CA VAL C 57 -64.82 0.70 -20.86
C VAL C 57 -63.34 0.40 -20.68
N LEU C 58 -62.61 1.34 -20.09
CA LEU C 58 -61.19 1.15 -19.84
C LEU C 58 -60.96 0.41 -18.53
N LEU C 59 -60.01 -0.52 -18.55
CA LEU C 59 -59.66 -1.31 -17.37
C LEU C 59 -58.25 -0.95 -16.93
N LYS C 60 -58.08 -0.72 -15.63
CA LYS C 60 -56.77 -0.47 -15.03
C LYS C 60 -56.27 -1.74 -14.38
N GLY C 61 -55.01 -2.09 -14.62
CA GLY C 61 -54.43 -3.29 -14.07
C GLY C 61 -53.12 -3.01 -13.37
N LYS C 62 -52.60 -4.04 -12.71
CA LYS C 62 -51.34 -3.93 -11.99
C LYS C 62 -50.19 -3.65 -12.96
N LYS C 63 -49.15 -2.99 -12.44
CA LYS C 63 -47.97 -2.59 -13.19
C LYS C 63 -48.32 -1.68 -14.35
N ARG C 64 -49.35 -0.85 -14.17
CA ARG C 64 -49.76 0.15 -15.16
C ARG C 64 -50.05 -0.47 -16.52
N ARG C 65 -50.74 -1.61 -16.50
CA ARG C 65 -51.11 -2.33 -17.72
C ARG C 65 -52.62 -2.24 -17.88
N GLU C 66 -53.06 -1.78 -19.04
CA GLU C 66 -54.46 -1.48 -19.27
C GLU C 66 -54.95 -2.12 -20.56
N ALA C 67 -56.24 -2.46 -20.57
CA ALA C 67 -56.89 -2.99 -21.76
C ALA C 67 -58.31 -2.45 -21.80
N VAL C 68 -58.87 -2.42 -23.02
CA VAL C 68 -60.21 -1.88 -23.25
C VAL C 68 -61.10 -3.01 -23.76
N CYS C 69 -62.25 -3.17 -23.11
CA CYS C 69 -63.20 -4.20 -23.49
C CYS C 69 -64.62 -3.67 -23.40
N ILE C 70 -65.54 -4.34 -24.08
CA ILE C 70 -66.96 -4.01 -23.98
C ILE C 70 -67.52 -4.60 -22.70
N VAL C 71 -68.38 -3.83 -22.02
CA VAL C 71 -69.02 -4.27 -20.79
C VAL C 71 -70.41 -4.84 -21.13
N LEU C 72 -70.75 -5.96 -20.51
CA LEU C 72 -72.04 -6.61 -20.70
C LEU C 72 -72.61 -7.00 -19.35
N SER C 73 -73.94 -6.95 -19.23
CA SER C 73 -74.60 -7.43 -18.03
C SER C 73 -74.57 -8.95 -18.00
N ASP C 74 -74.34 -9.52 -16.81
CA ASP C 74 -74.23 -10.96 -16.64
C ASP C 74 -74.75 -11.33 -15.26
N ASP C 75 -75.83 -12.12 -15.23
CA ASP C 75 -76.46 -12.44 -13.95
C ASP C 75 -75.57 -13.32 -13.10
N THR C 76 -74.84 -14.25 -13.72
CA THR C 76 -73.94 -15.12 -12.96
C THR C 76 -72.86 -14.30 -12.25
N CYS C 77 -72.43 -13.21 -12.87
CA CYS C 77 -71.48 -12.31 -12.24
C CYS C 77 -72.07 -11.70 -10.98
N SER C 78 -71.31 -11.74 -9.89
CA SER C 78 -71.80 -11.21 -8.62
C SER C 78 -71.57 -9.71 -8.54
N ASP C 79 -72.24 -9.08 -7.58
CA ASP C 79 -72.29 -7.62 -7.52
C ASP C 79 -70.91 -7.01 -7.31
N GLU C 80 -70.12 -7.58 -6.40
CA GLU C 80 -68.82 -7.02 -6.04
C GLU C 80 -67.68 -7.58 -6.87
N LYS C 81 -67.98 -8.40 -7.88
CA LYS C 81 -66.96 -9.00 -8.73
C LYS C 81 -67.28 -8.71 -10.19
N ILE C 82 -66.28 -8.88 -11.04
CA ILE C 82 -66.42 -8.69 -12.48
C ILE C 82 -65.75 -9.85 -13.20
N ARG C 83 -66.49 -10.47 -14.12
CA ARG C 83 -65.99 -11.67 -14.78
C ARG C 83 -64.86 -11.31 -15.73
N MET C 84 -63.80 -12.14 -15.71
CA MET C 84 -62.61 -11.91 -16.52
C MET C 84 -62.18 -13.22 -17.14
N ASN C 85 -61.82 -13.18 -18.42
CA ASN C 85 -61.18 -14.32 -19.05
C ASN C 85 -59.69 -14.33 -18.75
N ARG C 86 -59.03 -15.42 -19.12
CA ARG C 86 -57.58 -15.47 -18.98
C ARG C 86 -56.91 -14.46 -19.89
N VAL C 87 -57.58 -14.08 -20.99
CA VAL C 87 -56.96 -13.19 -21.97
C VAL C 87 -56.68 -11.82 -21.36
N VAL C 88 -57.69 -11.20 -20.73
CA VAL C 88 -57.47 -9.89 -20.12
C VAL C 88 -56.58 -10.02 -18.88
N ARG C 89 -56.65 -11.18 -18.21
CA ARG C 89 -55.80 -11.39 -17.04
C ARG C 89 -54.32 -11.36 -17.43
N ASN C 90 -53.97 -12.00 -18.55
CA ASN C 90 -52.63 -11.81 -19.10
C ASN C 90 -52.43 -10.37 -19.55
N ASN C 91 -53.46 -9.76 -20.14
CA ASN C 91 -53.34 -8.37 -20.58
C ASN C 91 -53.13 -7.42 -19.40
N LEU C 92 -53.93 -7.57 -18.36
CA LEU C 92 -53.86 -6.67 -17.21
C LEU C 92 -52.87 -7.14 -16.15
N ARG C 93 -52.19 -8.26 -16.37
CA ARG C 93 -51.23 -8.82 -15.41
C ARG C 93 -51.87 -8.99 -14.04
N VAL C 94 -53.13 -9.43 -14.03
CA VAL C 94 -53.89 -9.63 -12.81
C VAL C 94 -54.17 -11.12 -12.66
N ARG C 95 -54.51 -11.50 -11.43
CA ARG C 95 -54.85 -12.88 -11.11
C ARG C 95 -56.22 -12.93 -10.47
N LEU C 96 -56.70 -14.15 -10.19
CA LEU C 96 -58.01 -14.31 -9.61
C LEU C 96 -58.05 -13.74 -8.20
N GLY C 97 -59.12 -13.01 -7.91
CA GLY C 97 -59.30 -12.38 -6.62
C GLY C 97 -58.72 -10.99 -6.50
N ASP C 98 -57.96 -10.54 -7.49
CA ASP C 98 -57.36 -9.21 -7.45
C ASP C 98 -58.44 -8.14 -7.62
N VAL C 99 -58.01 -6.89 -7.60
CA VAL C 99 -58.90 -5.74 -7.66
C VAL C 99 -58.44 -4.84 -8.80
N ILE C 100 -59.37 -4.45 -9.68
CA ILE C 100 -59.10 -3.50 -10.74
C ILE C 100 -60.13 -2.39 -10.68
N SER C 101 -59.90 -1.35 -11.47
CA SER C 101 -60.87 -0.27 -11.64
C SER C 101 -61.40 -0.29 -13.07
N ILE C 102 -62.69 -0.02 -13.23
CA ILE C 102 -63.34 0.03 -14.53
C ILE C 102 -63.95 1.41 -14.73
N GLN C 103 -63.71 2.00 -15.90
CA GLN C 103 -64.29 3.27 -16.27
C GLN C 103 -64.64 3.24 -17.74
N PRO C 104 -65.67 3.97 -18.17
CA PRO C 104 -66.00 4.03 -19.60
C PRO C 104 -64.89 4.70 -20.40
N CYS C 105 -64.77 4.29 -21.67
CA CYS C 105 -63.76 4.85 -22.55
C CYS C 105 -64.45 5.79 -23.53
N PRO C 106 -64.26 7.10 -23.43
CA PRO C 106 -65.01 8.04 -24.26
C PRO C 106 -64.36 8.30 -25.61
N ASP C 107 -65.21 8.61 -26.58
CA ASP C 107 -64.80 9.05 -27.92
C ASP C 107 -63.84 8.06 -28.58
N VAL C 108 -64.11 6.77 -28.39
CA VAL C 108 -63.32 5.75 -29.08
C VAL C 108 -63.67 5.79 -30.56
N LYS C 109 -62.65 5.67 -31.41
CA LYS C 109 -62.81 5.89 -32.84
C LYS C 109 -62.21 4.75 -33.63
N TYR C 110 -62.72 4.55 -34.83
CA TYR C 110 -62.24 3.50 -35.72
C TYR C 110 -60.78 3.75 -36.07
N GLY C 111 -60.01 2.67 -36.15
CA GLY C 111 -58.59 2.81 -36.44
C GLY C 111 -58.34 3.33 -37.84
N LYS C 112 -57.38 4.23 -37.96
CA LYS C 112 -56.90 4.64 -39.27
C LYS C 112 -56.01 3.56 -39.87
N ARG C 113 -55.12 3.00 -39.06
CA ARG C 113 -54.30 1.86 -39.46
C ARG C 113 -53.93 1.07 -38.21
N ILE C 114 -54.09 -0.25 -38.29
CA ILE C 114 -53.88 -1.13 -37.14
C ILE C 114 -52.90 -2.23 -37.55
N HIS C 115 -51.87 -2.44 -36.73
CA HIS C 115 -50.85 -3.44 -36.98
C HIS C 115 -50.85 -4.46 -35.85
N VAL C 116 -51.14 -5.71 -36.19
CA VAL C 116 -51.17 -6.81 -35.23
C VAL C 116 -50.16 -7.85 -35.66
N LEU C 117 -49.34 -8.31 -34.71
CA LEU C 117 -48.28 -9.28 -34.98
C LEU C 117 -48.48 -10.51 -34.10
N PRO C 118 -48.61 -11.70 -34.69
CA PRO C 118 -48.69 -12.91 -33.86
C PRO C 118 -47.35 -13.32 -33.29
N ILE C 119 -47.39 -14.08 -32.20
CA ILE C 119 -46.17 -14.51 -31.53
C ILE C 119 -45.49 -15.61 -32.35
N ASP C 120 -44.15 -15.64 -32.27
CA ASP C 120 -43.36 -16.48 -33.17
C ASP C 120 -43.70 -17.96 -33.02
N ASP C 121 -43.89 -18.43 -31.79
CA ASP C 121 -44.27 -19.83 -31.59
C ASP C 121 -45.61 -20.12 -32.24
N THR C 122 -46.54 -19.18 -32.17
CA THR C 122 -47.82 -19.33 -32.86
C THR C 122 -47.67 -19.12 -34.36
N VAL C 123 -46.65 -18.36 -34.77
CA VAL C 123 -46.39 -18.16 -36.20
C VAL C 123 -45.99 -19.48 -36.86
N GLU C 124 -45.11 -20.24 -36.20
CA GLU C 124 -44.63 -21.50 -36.77
C GLU C 124 -45.79 -22.48 -36.91
N GLY C 125 -45.74 -23.28 -37.99
CA GLY C 125 -46.77 -24.25 -38.26
C GLY C 125 -47.98 -23.72 -38.98
N ILE C 126 -47.99 -22.44 -39.35
CA ILE C 126 -49.11 -21.82 -40.04
C ILE C 126 -48.75 -21.67 -41.51
N THR C 127 -49.43 -22.44 -42.37
CA THR C 127 -49.23 -22.28 -43.81
C THR C 127 -50.05 -21.13 -44.36
N GLY C 128 -51.35 -21.08 -44.02
CA GLY C 128 -52.23 -20.10 -44.62
C GLY C 128 -51.94 -18.70 -44.13
N ASN C 129 -52.48 -17.71 -44.84
CA ASN C 129 -52.25 -16.32 -44.51
C ASN C 129 -52.79 -16.00 -43.12
N LEU C 130 -51.96 -15.34 -42.32
CA LEU C 130 -52.34 -15.05 -40.94
C LEU C 130 -53.53 -14.09 -40.88
N PHE C 131 -53.54 -13.08 -41.76
CA PHE C 131 -54.62 -12.10 -41.74
C PHE C 131 -55.92 -12.70 -42.26
N GLU C 132 -55.85 -13.46 -43.35
CA GLU C 132 -57.07 -13.98 -43.96
C GLU C 132 -57.67 -15.12 -43.15
N VAL C 133 -56.84 -16.05 -42.67
CA VAL C 133 -57.36 -17.23 -41.99
C VAL C 133 -57.95 -16.86 -40.64
N TYR C 134 -57.27 -16.00 -39.88
CA TYR C 134 -57.68 -15.67 -38.52
C TYR C 134 -58.17 -14.24 -38.37
N LEU C 135 -57.38 -13.23 -38.76
CA LEU C 135 -57.68 -11.86 -38.41
C LEU C 135 -58.99 -11.37 -39.03
N LYS C 136 -59.15 -11.53 -40.35
CA LYS C 136 -60.28 -10.93 -41.03
C LYS C 136 -61.63 -11.46 -40.54
N PRO C 137 -61.86 -12.77 -40.42
CA PRO C 137 -63.14 -13.21 -39.83
C PRO C 137 -63.32 -12.75 -38.40
N TYR C 138 -62.24 -12.70 -37.62
CA TYR C 138 -62.35 -12.38 -36.20
C TYR C 138 -62.84 -10.95 -35.98
N PHE C 139 -62.40 -10.03 -36.84
CA PHE C 139 -62.77 -8.62 -36.72
C PHE C 139 -63.86 -8.22 -37.72
N LEU C 140 -64.59 -9.20 -38.27
CA LEU C 140 -65.68 -8.93 -39.20
C LEU C 140 -66.87 -8.41 -38.40
N GLU C 141 -67.07 -7.09 -38.45
CA GLU C 141 -68.18 -6.36 -37.84
C GLU C 141 -68.15 -6.47 -36.31
N ALA C 142 -67.09 -6.99 -35.72
CA ALA C 142 -67.05 -7.13 -34.26
C ALA C 142 -66.80 -5.79 -33.58
N TYR C 143 -66.07 -4.89 -34.26
CA TYR C 143 -65.68 -3.59 -33.69
C TYR C 143 -65.02 -3.76 -32.32
N ARG C 144 -64.14 -4.75 -32.22
CA ARG C 144 -63.51 -5.05 -30.95
C ARG C 144 -62.64 -3.88 -30.48
N PRO C 145 -62.67 -3.56 -29.19
CA PRO C 145 -61.73 -2.57 -28.66
C PRO C 145 -60.36 -3.20 -28.43
N ILE C 146 -59.32 -2.59 -29.01
CA ILE C 146 -57.97 -3.09 -28.84
C ILE C 146 -57.07 -1.93 -28.44
N ARG C 147 -56.08 -2.24 -27.60
CA ARG C 147 -55.16 -1.26 -27.06
C ARG C 147 -53.74 -1.80 -27.21
N LYS C 148 -52.77 -0.89 -27.27
CA LYS C 148 -51.39 -1.28 -27.54
C LYS C 148 -50.86 -2.20 -26.44
N GLY C 149 -50.18 -3.26 -26.85
CA GLY C 149 -49.54 -4.18 -25.92
C GLY C 149 -50.39 -5.32 -25.42
N ASP C 150 -51.64 -5.42 -25.84
CA ASP C 150 -52.50 -6.49 -25.37
C ASP C 150 -52.21 -7.80 -26.13
N ILE C 151 -52.66 -8.91 -25.55
CA ILE C 151 -52.54 -10.23 -26.14
C ILE C 151 -53.94 -10.81 -26.28
N PHE C 152 -54.26 -11.34 -27.45
CA PHE C 152 -55.52 -12.04 -27.66
C PHE C 152 -55.29 -13.21 -28.60
N LEU C 153 -56.22 -14.17 -28.56
CA LEU C 153 -56.11 -15.42 -29.29
C LEU C 153 -57.27 -15.53 -30.28
N VAL C 154 -56.95 -15.84 -31.54
CA VAL C 154 -57.97 -16.04 -32.56
C VAL C 154 -58.11 -17.53 -32.82
N ARG C 155 -59.28 -18.06 -32.50
CA ARG C 155 -59.56 -19.48 -32.69
C ARG C 155 -59.81 -19.80 -34.16
N GLY C 156 -59.84 -21.10 -34.45
CA GLY C 156 -60.07 -21.57 -35.80
C GLY C 156 -58.81 -22.09 -36.45
N GLY C 157 -58.96 -22.47 -37.72
CA GLY C 157 -57.86 -23.00 -38.49
C GLY C 157 -57.36 -24.32 -37.93
N MET C 158 -56.13 -24.66 -38.32
CA MET C 158 -55.50 -25.87 -37.82
C MET C 158 -55.03 -25.71 -36.38
N ARG C 159 -54.75 -24.46 -35.98
CA ARG C 159 -54.19 -24.19 -34.67
C ARG C 159 -54.57 -22.78 -34.22
N ALA C 160 -54.80 -22.63 -32.92
CA ALA C 160 -55.04 -21.32 -32.34
C ALA C 160 -53.75 -20.52 -32.31
N VAL C 161 -53.85 -19.23 -32.65
CA VAL C 161 -52.69 -18.35 -32.80
C VAL C 161 -52.90 -17.11 -31.95
N GLU C 162 -51.91 -16.80 -31.10
CA GLU C 162 -51.98 -15.64 -30.24
C GLU C 162 -51.47 -14.39 -30.97
N PHE C 163 -52.26 -13.32 -30.89
CA PHE C 163 -51.99 -12.08 -31.61
C PHE C 163 -51.76 -10.95 -30.62
N LYS C 164 -50.76 -10.12 -30.88
CA LYS C 164 -50.45 -8.94 -30.07
C LYS C 164 -50.58 -7.69 -30.94
N VAL C 165 -51.31 -6.70 -30.43
CA VAL C 165 -51.46 -5.43 -31.14
C VAL C 165 -50.32 -4.51 -30.75
N VAL C 166 -49.26 -4.51 -31.55
CA VAL C 166 -48.10 -3.66 -31.26
C VAL C 166 -48.41 -2.20 -31.53
N GLU C 167 -49.25 -1.93 -32.53
CA GLU C 167 -49.52 -0.56 -32.98
C GLU C 167 -51.01 -0.27 -32.92
N THR C 168 -51.38 0.86 -32.35
CA THR C 168 -52.75 1.32 -32.27
C THR C 168 -52.85 2.77 -32.73
N ASP C 169 -53.79 3.05 -33.64
CA ASP C 169 -54.07 4.40 -34.09
C ASP C 169 -55.57 4.63 -34.04
N PRO C 170 -56.04 5.72 -33.41
CA PRO C 170 -55.19 6.68 -32.71
C PRO C 170 -54.70 6.13 -31.37
N SER C 171 -53.48 6.50 -30.99
CA SER C 171 -52.87 5.92 -29.81
C SER C 171 -53.56 6.41 -28.54
N PRO C 172 -53.74 5.53 -27.55
CA PRO C 172 -53.45 4.10 -27.71
C PRO C 172 -54.72 3.26 -27.87
N TYR C 173 -55.88 3.91 -27.90
CA TYR C 173 -57.17 3.24 -27.94
C TYR C 173 -57.78 3.35 -29.33
N CYS C 174 -58.20 2.21 -29.88
CA CYS C 174 -58.79 2.20 -31.21
C CYS C 174 -59.78 1.05 -31.31
N ILE C 175 -60.68 1.15 -32.28
CA ILE C 175 -61.65 0.11 -32.60
C ILE C 175 -61.21 -0.57 -33.88
N VAL C 176 -60.97 -1.88 -33.81
CA VAL C 176 -60.56 -2.63 -34.99
C VAL C 176 -61.77 -2.85 -35.88
N ALA C 177 -61.84 -2.10 -36.98
CA ALA C 177 -62.98 -2.17 -37.88
C ALA C 177 -62.58 -2.81 -39.21
N PRO C 178 -63.53 -3.45 -39.89
CA PRO C 178 -63.20 -4.08 -41.18
C PRO C 178 -62.69 -3.10 -42.23
N ASP C 179 -63.18 -1.86 -42.22
CA ASP C 179 -62.69 -0.87 -43.17
C ASP C 179 -61.27 -0.43 -42.80
N THR C 180 -60.94 -0.49 -41.52
CA THR C 180 -59.59 -0.15 -41.08
C THR C 180 -58.59 -1.16 -41.62
N VAL C 181 -57.44 -0.67 -42.07
CA VAL C 181 -56.40 -1.53 -42.63
C VAL C 181 -55.82 -2.39 -41.53
N ILE C 182 -55.78 -3.70 -41.77
CA ILE C 182 -55.18 -4.67 -40.85
C ILE C 182 -54.14 -5.46 -41.62
N HIS C 183 -52.90 -5.43 -41.14
CA HIS C 183 -51.81 -6.13 -41.81
C HIS C 183 -51.07 -6.98 -40.80
N CYS C 184 -51.12 -8.29 -40.99
CA CYS C 184 -50.46 -9.22 -40.08
C CYS C 184 -48.94 -9.23 -40.30
N GLU C 185 -48.51 -8.95 -41.52
CA GLU C 185 -47.10 -9.09 -41.87
C GLU C 185 -46.23 -8.14 -41.06
N GLY C 186 -45.04 -8.60 -40.71
CA GLY C 186 -44.10 -7.78 -39.97
C GLY C 186 -43.01 -8.65 -39.37
N GLU C 187 -42.29 -8.06 -38.42
CA GLU C 187 -41.29 -8.80 -37.68
C GLU C 187 -41.99 -9.68 -36.64
N PRO C 188 -41.69 -10.97 -36.57
CA PRO C 188 -42.28 -11.81 -35.53
C PRO C 188 -41.84 -11.36 -34.15
N ILE C 189 -42.70 -11.57 -33.16
CA ILE C 189 -42.42 -11.20 -31.78
C ILE C 189 -42.24 -12.47 -30.97
N LYS C 190 -41.09 -12.60 -30.33
CA LYS C 190 -40.74 -13.82 -29.62
C LYS C 190 -41.61 -14.01 -28.37
N ARG C 191 -41.90 -15.27 -28.05
CA ARG C 191 -42.68 -15.59 -26.86
C ARG C 191 -41.92 -15.25 -25.60
N GLU C 192 -40.59 -15.28 -25.67
CA GLU C 192 -39.77 -15.02 -24.49
C GLU C 192 -40.01 -13.61 -23.95
N ASP C 193 -40.10 -12.63 -24.84
CA ASP C 193 -40.33 -11.25 -24.40
C ASP C 193 -41.71 -11.08 -23.78
N GLU C 194 -42.72 -11.72 -24.34
CA GLU C 194 -44.06 -11.67 -23.74
C GLU C 194 -44.06 -12.31 -22.35
N GLU C 195 -43.39 -13.45 -22.22
CA GLU C 195 -43.29 -14.11 -20.92
C GLU C 195 -42.55 -13.23 -19.91
N GLU C 196 -41.51 -12.54 -20.36
CA GLU C 196 -40.74 -11.66 -19.48
C GLU C 196 -41.57 -10.47 -19.03
N SER C 197 -42.29 -9.83 -19.96
CA SER C 197 -43.14 -8.70 -19.60
C SER C 197 -44.25 -9.13 -18.65
N LEU C 198 -44.79 -10.32 -18.85
CA LEU C 198 -45.80 -10.85 -17.94
C LEU C 198 -45.22 -11.06 -16.55
N ASN C 199 -43.97 -11.53 -16.48
CA ASN C 199 -43.33 -11.86 -15.21
C ASN C 199 -42.48 -10.73 -14.67
N GLU C 200 -42.70 -9.49 -15.10
CA GLU C 200 -41.94 -8.37 -14.57
C GLU C 200 -42.31 -8.14 -13.10
N VAL C 201 -41.30 -7.79 -12.30
CA VAL C 201 -41.50 -7.65 -10.86
C VAL C 201 -42.32 -6.41 -10.57
N GLY C 202 -43.35 -6.57 -9.73
CA GLY C 202 -44.14 -5.46 -9.26
C GLY C 202 -44.08 -5.37 -7.74
N TYR C 203 -44.83 -4.41 -7.20
CA TYR C 203 -44.84 -4.23 -5.75
C TYR C 203 -45.39 -5.45 -5.04
N ASP C 204 -46.21 -6.25 -5.73
CA ASP C 204 -46.78 -7.45 -5.10
C ASP C 204 -45.75 -8.58 -5.04
N ASP C 205 -44.57 -8.36 -5.62
CA ASP C 205 -43.53 -9.38 -5.56
C ASP C 205 -42.55 -9.13 -4.41
N ILE C 206 -42.83 -8.13 -3.59
CA ILE C 206 -42.04 -7.91 -2.38
C ILE C 206 -42.87 -8.32 -1.16
N GLY C 207 -42.29 -9.15 -0.31
CA GLY C 207 -42.97 -9.59 0.89
C GLY C 207 -42.12 -9.31 2.11
N GLY C 208 -42.81 -9.05 3.22
CA GLY C 208 -42.14 -8.79 4.48
C GLY C 208 -41.64 -7.36 4.66
N CYS C 209 -41.84 -6.50 3.67
CA CYS C 209 -41.37 -5.12 3.71
C CYS C 209 -42.54 -4.15 3.65
N ARG C 210 -43.58 -4.39 4.45
CA ARG C 210 -44.81 -3.61 4.31
C ARG C 210 -44.60 -2.16 4.70
N LYS C 211 -44.00 -1.91 5.87
CA LYS C 211 -43.78 -0.53 6.30
C LYS C 211 -42.77 0.18 5.42
N GLN C 212 -41.68 -0.51 5.07
CA GLN C 212 -40.67 0.07 4.18
C GLN C 212 -41.26 0.37 2.81
N LEU C 213 -42.07 -0.54 2.29
CA LEU C 213 -42.73 -0.27 1.00
C LEU C 213 -43.69 0.90 1.13
N ALA C 214 -44.35 1.04 2.28
CA ALA C 214 -45.23 2.20 2.48
C ALA C 214 -44.44 3.50 2.42
N GLN C 215 -43.28 3.54 3.08
CA GLN C 215 -42.45 4.73 3.03
C GLN C 215 -41.97 5.01 1.61
N ILE C 216 -41.51 3.97 0.91
CA ILE C 216 -41.03 4.14 -0.46
C ILE C 216 -42.16 4.64 -1.34
N LYS C 217 -43.38 4.14 -1.12
CA LYS C 217 -44.51 4.57 -1.93
C LYS C 217 -44.87 6.03 -1.64
N GLU C 218 -44.91 6.41 -0.36
CA GLU C 218 -45.15 7.81 -0.01
C GLU C 218 -44.13 8.72 -0.67
N MET C 219 -42.89 8.25 -0.81
CA MET C 219 -41.84 9.16 -1.24
C MET C 219 -41.62 9.10 -2.75
N VAL C 220 -42.20 8.10 -3.42
CA VAL C 220 -42.04 7.98 -4.86
C VAL C 220 -43.36 8.21 -5.59
N GLU C 221 -44.38 7.40 -5.28
CA GLU C 221 -45.59 7.41 -6.06
C GLU C 221 -46.49 8.61 -5.73
N LEU C 222 -46.63 8.92 -4.45
CA LEU C 222 -47.52 10.01 -4.06
C LEU C 222 -47.12 11.36 -4.63
N PRO C 223 -45.84 11.78 -4.60
CA PRO C 223 -45.51 13.07 -5.22
C PRO C 223 -45.82 13.13 -6.70
N LEU C 224 -45.67 12.01 -7.42
CA LEU C 224 -45.93 12.01 -8.86
C LEU C 224 -47.43 12.06 -9.15
N ARG C 225 -48.21 11.25 -8.44
CA ARG C 225 -49.63 11.16 -8.76
C ARG C 225 -50.41 12.38 -8.25
N HIS C 226 -50.06 12.89 -7.08
CA HIS C 226 -50.76 14.03 -6.47
C HIS C 226 -49.77 15.10 -6.09
N PRO C 227 -49.24 15.85 -7.06
CA PRO C 227 -48.40 17.00 -6.72
C PRO C 227 -49.18 18.10 -6.04
N ALA C 228 -50.50 18.11 -6.17
CA ALA C 228 -51.31 19.16 -5.57
C ALA C 228 -51.22 19.12 -4.05
N LEU C 229 -51.11 17.92 -3.48
CA LEU C 229 -50.99 17.81 -2.02
C LEU C 229 -49.74 18.51 -1.51
N PHE C 230 -48.58 18.19 -2.11
CA PHE C 230 -47.33 18.76 -1.63
C PHE C 230 -47.20 20.22 -2.02
N LYS C 231 -47.89 20.65 -3.08
CA LYS C 231 -47.90 22.07 -3.40
C LYS C 231 -48.77 22.83 -2.41
N GLU C 232 -49.90 22.27 -2.02
CA GLU C 232 -50.85 22.98 -1.18
C GLU C 232 -50.38 23.01 0.27
N ILE C 233 -49.68 21.97 0.72
CA ILE C 233 -49.15 21.96 2.08
C ILE C 233 -47.92 22.86 2.19
N GLY C 234 -47.21 23.12 1.09
CA GLY C 234 -46.13 24.10 1.09
C GLY C 234 -44.74 23.55 1.30
N VAL C 235 -44.52 22.26 1.01
CA VAL C 235 -43.19 21.67 1.11
C VAL C 235 -42.91 20.84 -0.12
N LYS C 236 -41.64 20.58 -0.34
CA LYS C 236 -41.20 19.65 -1.37
C LYS C 236 -41.10 18.26 -0.80
N PRO C 237 -41.53 17.23 -1.52
CA PRO C 237 -41.38 15.86 -1.02
C PRO C 237 -39.92 15.47 -0.96
N PRO C 238 -39.56 14.54 -0.08
CA PRO C 238 -38.18 14.04 -0.07
C PRO C 238 -37.82 13.43 -1.42
N ARG C 239 -36.58 13.68 -1.86
CA ARG C 239 -36.14 13.29 -3.18
C ARG C 239 -34.99 12.30 -3.19
N GLY C 240 -34.50 11.88 -2.02
CA GLY C 240 -33.41 10.93 -1.97
C GLY C 240 -33.71 9.78 -1.04
N ILE C 241 -33.53 8.56 -1.52
CA ILE C 241 -33.84 7.35 -0.77
C ILE C 241 -32.60 6.48 -0.75
N LEU C 242 -32.18 6.08 0.44
CA LEU C 242 -31.09 5.12 0.60
C LEU C 242 -31.64 3.87 1.26
N LEU C 243 -31.76 2.80 0.48
CA LEU C 243 -32.16 1.50 0.99
C LEU C 243 -30.92 0.77 1.48
N TYR C 244 -30.98 0.21 2.69
CA TYR C 244 -29.85 -0.53 3.23
C TYR C 244 -30.33 -1.75 3.97
N GLY C 245 -29.49 -2.77 4.03
CA GLY C 245 -29.79 -3.99 4.72
C GLY C 245 -28.77 -5.06 4.36
N PRO C 246 -28.89 -6.23 4.99
CA PRO C 246 -28.02 -7.34 4.61
C PRO C 246 -28.35 -7.85 3.23
N PRO C 247 -27.45 -8.60 2.59
CA PRO C 247 -27.75 -9.14 1.27
C PRO C 247 -28.96 -10.06 1.29
N GLY C 248 -29.75 -9.99 0.22
CA GLY C 248 -30.92 -10.83 0.08
C GLY C 248 -32.21 -10.25 0.62
N THR C 249 -32.17 -9.08 1.25
CA THR C 249 -33.38 -8.54 1.86
C THR C 249 -34.39 -8.07 0.82
N GLY C 250 -33.92 -7.69 -0.35
CA GLY C 250 -34.78 -7.23 -1.42
C GLY C 250 -34.62 -5.79 -1.84
N LYS C 251 -33.41 -5.23 -1.75
CA LYS C 251 -33.21 -3.84 -2.16
C LYS C 251 -33.29 -3.70 -3.67
N THR C 252 -32.58 -4.56 -4.41
CA THR C 252 -32.65 -4.53 -5.86
C THR C 252 -34.01 -4.99 -6.35
N LEU C 253 -34.67 -5.88 -5.60
CA LEU C 253 -36.04 -6.24 -5.93
C LEU C 253 -36.97 -5.05 -5.83
N ILE C 254 -36.82 -4.25 -4.79
CA ILE C 254 -37.66 -3.06 -4.63
C ILE C 254 -37.35 -2.04 -5.71
N ALA C 255 -36.07 -1.91 -6.08
CA ALA C 255 -35.72 -1.03 -7.19
C ALA C 255 -36.36 -1.50 -8.49
N ARG C 256 -36.35 -2.80 -8.76
CA ARG C 256 -36.98 -3.34 -9.95
C ARG C 256 -38.48 -3.09 -9.95
N ALA C 257 -39.13 -3.30 -8.80
CA ALA C 257 -40.56 -3.04 -8.71
C ALA C 257 -40.88 -1.58 -8.97
N VAL C 258 -40.08 -0.67 -8.38
CA VAL C 258 -40.30 0.75 -8.59
C VAL C 258 -40.13 1.10 -10.07
N ALA C 259 -39.10 0.56 -10.70
CA ALA C 259 -38.88 0.84 -12.12
C ALA C 259 -40.04 0.32 -12.96
N ASN C 260 -40.55 -0.87 -12.64
CA ASN C 260 -41.58 -1.48 -13.47
C ASN C 260 -42.92 -0.79 -13.28
N GLU C 261 -43.21 -0.30 -12.08
CA GLU C 261 -44.58 0.09 -11.75
C GLU C 261 -44.73 1.58 -11.50
N THR C 262 -43.75 2.40 -11.86
CA THR C 262 -43.89 3.85 -11.79
C THR C 262 -43.95 4.41 -13.21
N GLY C 263 -44.67 5.51 -13.38
CA GLY C 263 -44.74 6.18 -14.66
C GLY C 263 -43.73 7.30 -14.78
N ALA C 264 -42.45 6.97 -14.63
CA ALA C 264 -41.39 7.96 -14.66
C ALA C 264 -40.17 7.35 -15.34
N PHE C 265 -39.33 8.22 -15.88
CA PHE C 265 -38.11 7.75 -16.54
C PHE C 265 -37.16 7.18 -15.49
N PHE C 266 -36.94 5.87 -15.54
CA PHE C 266 -36.09 5.19 -14.58
C PHE C 266 -34.71 5.00 -15.19
N PHE C 267 -33.69 5.47 -14.47
CA PHE C 267 -32.30 5.35 -14.88
C PHE C 267 -31.58 4.44 -13.90
N LEU C 268 -30.91 3.42 -14.42
CA LEU C 268 -30.12 2.50 -13.61
C LEU C 268 -28.65 2.88 -13.69
N ILE C 269 -28.07 3.20 -12.53
CA ILE C 269 -26.62 3.34 -12.40
C ILE C 269 -26.14 2.21 -11.51
N ASN C 270 -25.18 1.44 -12.01
CA ASN C 270 -24.45 0.48 -11.20
C ASN C 270 -23.23 1.19 -10.63
N GLY C 271 -22.90 0.88 -9.38
CA GLY C 271 -21.81 1.53 -8.71
C GLY C 271 -20.51 1.50 -9.49
N PRO C 272 -19.94 0.30 -9.64
CA PRO C 272 -18.64 0.19 -10.32
C PRO C 272 -18.62 0.68 -11.76
N GLU C 273 -19.69 0.45 -12.52
CA GLU C 273 -19.60 0.61 -13.97
C GLU C 273 -19.28 2.05 -14.37
N ILE C 274 -19.51 3.00 -13.46
CA ILE C 274 -19.20 4.40 -13.76
C ILE C 274 -17.70 4.61 -13.86
N MET C 275 -16.93 3.90 -13.03
CA MET C 275 -15.49 4.13 -12.93
C MET C 275 -14.79 3.92 -14.25
N SER C 276 -13.77 4.74 -14.51
CA SER C 276 -12.95 4.63 -15.72
C SER C 276 -11.50 4.93 -15.37
N LYS C 277 -10.59 4.30 -16.13
CA LYS C 277 -9.17 4.55 -15.96
C LYS C 277 -8.82 5.99 -16.31
N LEU C 278 -9.55 6.56 -17.26
CA LEU C 278 -9.27 7.92 -17.72
C LEU C 278 -9.55 8.93 -16.62
N ALA C 279 -8.94 10.11 -16.74
CA ALA C 279 -9.23 11.21 -15.84
C ALA C 279 -10.45 11.97 -16.35
N GLY C 280 -11.45 12.14 -15.47
CA GLY C 280 -12.62 12.90 -15.79
C GLY C 280 -13.71 12.14 -16.52
N GLU C 281 -13.48 10.88 -16.88
CA GLU C 281 -14.50 10.12 -17.59
C GLU C 281 -15.62 9.64 -16.67
N SER C 282 -15.27 9.24 -15.44
CA SER C 282 -16.28 8.65 -14.55
C SER C 282 -17.27 9.71 -14.07
N GLU C 283 -16.78 10.85 -13.60
CA GLU C 283 -17.71 11.91 -13.22
C GLU C 283 -18.43 12.48 -14.44
N SER C 284 -17.83 12.33 -15.63
CA SER C 284 -18.55 12.67 -16.85
C SER C 284 -19.72 11.72 -17.06
N ASN C 285 -19.53 10.43 -16.76
CA ASN C 285 -20.63 9.48 -16.85
C ASN C 285 -21.73 9.83 -15.86
N LEU C 286 -21.35 10.19 -14.64
CA LEU C 286 -22.36 10.58 -13.65
C LEU C 286 -23.11 11.83 -14.09
N ARG C 287 -22.40 12.82 -14.62
CA ARG C 287 -23.05 14.02 -15.12
C ARG C 287 -24.01 13.70 -16.25
N LYS C 288 -23.59 12.84 -17.18
CA LYS C 288 -24.45 12.47 -18.30
C LYS C 288 -25.71 11.77 -17.81
N ALA C 289 -25.57 10.85 -16.85
CA ALA C 289 -26.74 10.15 -16.34
C ALA C 289 -27.70 11.09 -15.63
N PHE C 290 -27.19 11.95 -14.77
CA PHE C 290 -28.07 12.89 -14.06
C PHE C 290 -28.73 13.86 -15.02
N GLU C 291 -28.00 14.30 -16.05
CA GLU C 291 -28.56 15.22 -17.03
C GLU C 291 -29.64 14.55 -17.87
N GLU C 292 -29.42 13.27 -18.23
CA GLU C 292 -30.43 12.52 -18.94
C GLU C 292 -31.69 12.37 -18.11
N ALA C 293 -31.54 12.07 -16.82
CA ALA C 293 -32.70 11.99 -15.95
C ALA C 293 -33.40 13.34 -15.85
N GLU C 294 -32.62 14.43 -15.88
CA GLU C 294 -33.22 15.76 -15.88
C GLU C 294 -34.06 15.99 -17.14
N LYS C 295 -33.56 15.55 -18.29
CA LYS C 295 -34.26 15.85 -19.55
C LYS C 295 -35.56 15.08 -19.67
N ASN C 296 -35.68 13.96 -18.97
CA ASN C 296 -36.92 13.19 -18.93
C ASN C 296 -37.46 13.25 -17.51
N ALA C 297 -38.23 14.30 -17.21
CA ALA C 297 -38.73 14.50 -15.85
C ALA C 297 -40.24 14.34 -15.83
N PRO C 298 -40.81 13.75 -14.76
CA PRO C 298 -40.14 13.25 -13.56
C PRO C 298 -39.35 11.96 -13.80
N ALA C 299 -38.29 11.75 -13.01
CA ALA C 299 -37.38 10.64 -13.23
C ALA C 299 -36.93 10.06 -11.91
N ILE C 300 -36.43 8.83 -11.96
CA ILE C 300 -35.80 8.17 -10.83
C ILE C 300 -34.44 7.65 -11.27
N ILE C 301 -33.42 7.91 -10.47
CA ILE C 301 -32.09 7.36 -10.66
C ILE C 301 -31.83 6.37 -9.54
N PHE C 302 -31.43 5.15 -9.90
CA PHE C 302 -31.07 4.14 -8.92
C PHE C 302 -29.57 3.89 -9.01
N ILE C 303 -28.86 4.08 -7.90
CA ILE C 303 -27.44 3.84 -7.83
C ILE C 303 -27.23 2.57 -7.03
N ASP C 304 -27.16 1.44 -7.73
CA ASP C 304 -26.91 0.16 -7.09
C ASP C 304 -25.47 0.07 -6.63
N GLU C 305 -25.26 -0.53 -5.46
CA GLU C 305 -23.93 -0.64 -4.86
C GLU C 305 -23.30 0.74 -4.69
N LEU C 306 -23.93 1.56 -3.85
CA LEU C 306 -23.45 2.92 -3.65
C LEU C 306 -22.12 2.95 -2.91
N ASP C 307 -21.87 2.00 -2.02
CA ASP C 307 -20.62 2.02 -1.26
C ASP C 307 -19.42 1.84 -2.16
N ALA C 308 -19.59 1.14 -3.29
CA ALA C 308 -18.49 0.99 -4.24
C ALA C 308 -18.12 2.33 -4.86
N ILE C 309 -19.12 3.14 -5.19
CA ILE C 309 -18.87 4.38 -5.93
C ILE C 309 -18.69 5.56 -4.97
N ALA C 310 -19.16 5.42 -3.73
CA ALA C 310 -19.21 6.53 -2.78
C ALA C 310 -18.56 6.16 -1.46
N PRO C 311 -17.23 6.10 -1.40
CA PRO C 311 -16.54 5.98 -0.11
C PRO C 311 -16.34 7.34 0.53
N LYS C 312 -15.90 7.31 1.79
CA LYS C 312 -15.61 8.55 2.48
C LYS C 312 -14.40 9.24 1.87
N ARG C 313 -14.54 10.56 1.64
CA ARG C 313 -13.43 11.32 1.07
C ARG C 313 -12.27 11.39 2.03
N GLU C 314 -12.54 11.50 3.32
CA GLU C 314 -11.47 11.55 4.31
C GLU C 314 -10.68 10.24 4.35
N LYS C 315 -11.31 9.14 3.96
CA LYS C 315 -10.66 7.84 4.06
C LYS C 315 -10.00 7.44 2.75
N THR C 316 -10.64 7.70 1.62
CA THR C 316 -10.10 7.25 0.34
C THR C 316 -8.86 8.05 -0.03
N HIS C 317 -7.84 7.35 -0.54
CA HIS C 317 -6.58 8.00 -0.85
C HIS C 317 -6.53 8.47 -2.30
N GLY C 318 -6.97 7.62 -3.23
CA GLY C 318 -6.93 7.95 -4.63
C GLY C 318 -7.76 9.16 -4.99
N GLU C 319 -7.23 10.01 -5.87
CA GLU C 319 -7.93 11.22 -6.26
C GLU C 319 -9.19 10.92 -7.05
N VAL C 320 -9.17 9.90 -7.90
CA VAL C 320 -10.33 9.55 -8.71
C VAL C 320 -11.19 8.55 -7.93
N GLU C 321 -11.92 9.08 -6.96
CA GLU C 321 -12.78 8.43 -5.96
C GLU C 321 -13.29 9.58 -5.11
N ARG C 322 -12.35 10.35 -4.54
CA ARG C 322 -12.70 11.64 -3.97
C ARG C 322 -13.43 12.51 -5.00
N ARG C 323 -12.93 12.52 -6.24
CA ARG C 323 -13.55 13.39 -7.24
C ARG C 323 -14.93 12.89 -7.64
N ILE C 324 -15.12 11.58 -7.75
CA ILE C 324 -16.44 11.07 -8.14
C ILE C 324 -17.44 11.29 -7.00
N VAL C 325 -16.99 11.16 -5.75
CA VAL C 325 -17.88 11.45 -4.63
C VAL C 325 -18.25 12.92 -4.61
N SER C 326 -17.29 13.81 -4.87
CA SER C 326 -17.59 15.24 -4.91
C SER C 326 -18.55 15.57 -6.05
N GLN C 327 -18.37 14.92 -7.20
CA GLN C 327 -19.31 15.11 -8.30
C GLN C 327 -20.71 14.67 -7.92
N LEU C 328 -20.83 13.53 -7.24
CA LEU C 328 -22.15 13.06 -6.82
C LEU C 328 -22.78 14.04 -5.83
N LEU C 329 -21.98 14.56 -4.90
CA LEU C 329 -22.48 15.54 -3.96
C LEU C 329 -23.00 16.78 -4.68
N THR C 330 -22.23 17.27 -5.65
CA THR C 330 -22.65 18.47 -6.40
C THR C 330 -23.90 18.21 -7.22
N LEU C 331 -23.97 17.05 -7.88
CA LEU C 331 -25.16 16.73 -8.68
C LEU C 331 -26.40 16.64 -7.81
N MET C 332 -26.27 16.03 -6.64
CA MET C 332 -27.44 15.79 -5.80
C MET C 332 -27.93 17.08 -5.16
N ASP C 333 -27.02 17.88 -4.60
CA ASP C 333 -27.35 19.20 -4.08
C ASP C 333 -26.22 20.16 -4.36
N GLY C 334 -26.40 21.00 -5.36
CA GLY C 334 -25.41 22.01 -5.70
C GLY C 334 -26.09 23.35 -5.87
N LEU C 335 -25.37 24.29 -6.47
CA LEU C 335 -25.94 25.61 -6.70
C LEU C 335 -27.14 25.52 -7.64
N LYS C 336 -27.11 24.57 -8.58
CA LYS C 336 -28.28 24.20 -9.36
C LYS C 336 -28.81 22.89 -8.82
N GLN C 337 -30.07 22.90 -8.38
CA GLN C 337 -30.67 21.74 -7.74
C GLN C 337 -31.54 20.98 -8.74
N ARG C 338 -31.49 19.65 -8.65
CA ARG C 338 -32.34 18.82 -9.49
C ARG C 338 -33.79 19.08 -9.15
N ALA C 339 -34.63 19.19 -10.18
CA ALA C 339 -36.00 19.67 -9.97
C ALA C 339 -36.94 18.54 -9.63
N HIS C 340 -37.01 17.51 -10.49
CA HIS C 340 -37.92 16.40 -10.26
C HIS C 340 -37.22 15.05 -10.19
N VAL C 341 -35.89 15.03 -10.11
CA VAL C 341 -35.17 13.77 -10.09
C VAL C 341 -35.19 13.17 -8.70
N ILE C 342 -35.57 11.91 -8.59
CA ILE C 342 -35.57 11.17 -7.34
C ILE C 342 -34.42 10.17 -7.40
N VAL C 343 -33.44 10.34 -6.52
CA VAL C 343 -32.25 9.49 -6.52
C VAL C 343 -32.42 8.43 -5.43
N MET C 344 -32.41 7.18 -5.84
CA MET C 344 -32.49 6.04 -4.93
C MET C 344 -31.17 5.29 -4.96
N ALA C 345 -30.80 4.70 -3.83
CA ALA C 345 -29.56 3.94 -3.73
C ALA C 345 -29.78 2.73 -2.84
N ALA C 346 -28.97 1.71 -3.05
CA ALA C 346 -28.99 0.50 -2.25
C ALA C 346 -27.56 0.18 -1.83
N THR C 347 -27.35 -0.01 -0.54
CA THR C 347 -26.03 -0.35 -0.02
C THR C 347 -26.17 -1.36 1.11
N ASN C 348 -25.33 -2.39 1.08
CA ASN C 348 -25.30 -3.35 2.18
C ASN C 348 -24.73 -2.70 3.44
N ARG C 349 -23.71 -1.87 3.27
CA ARG C 349 -23.07 -1.15 4.36
C ARG C 349 -23.30 0.35 4.23
N PRO C 350 -24.19 0.93 5.04
CA PRO C 350 -24.47 2.37 4.90
C PRO C 350 -23.44 3.25 5.60
N ASN C 351 -22.67 2.70 6.52
CA ASN C 351 -21.69 3.52 7.23
C ASN C 351 -20.53 3.91 6.32
N SER C 352 -20.16 3.04 5.38
CA SER C 352 -19.05 3.34 4.49
C SER C 352 -19.37 4.46 3.52
N ILE C 353 -20.64 4.84 3.41
CA ILE C 353 -21.01 5.96 2.56
C ILE C 353 -20.47 7.25 3.15
N ASP C 354 -20.07 8.17 2.27
CA ASP C 354 -19.58 9.47 2.70
C ASP C 354 -20.67 10.20 3.48
N PRO C 355 -20.35 10.77 4.63
CA PRO C 355 -21.40 11.39 5.46
C PRO C 355 -22.11 12.57 4.81
N ALA C 356 -21.45 13.26 3.88
CA ALA C 356 -22.10 14.39 3.22
C ALA C 356 -23.22 13.92 2.31
N LEU C 357 -23.16 12.67 1.84
CA LEU C 357 -24.26 12.11 1.07
C LEU C 357 -25.44 11.75 1.97
N ARG C 358 -25.16 11.27 3.18
CA ARG C 358 -26.22 10.93 4.11
C ARG C 358 -26.91 12.15 4.69
N ARG C 359 -26.54 13.35 4.25
CA ARG C 359 -27.19 14.57 4.67
C ARG C 359 -28.64 14.60 4.17
N PHE C 360 -29.40 15.58 4.66
CA PHE C 360 -30.77 15.75 4.17
C PHE C 360 -30.82 15.97 2.67
N GLY C 361 -30.28 17.10 2.19
CA GLY C 361 -30.53 17.50 0.82
C GLY C 361 -30.11 16.46 -0.21
N ARG C 362 -29.14 15.61 0.15
CA ARG C 362 -28.73 14.55 -0.75
C ARG C 362 -29.64 13.32 -0.60
N PHE C 363 -29.55 12.64 0.54
CA PHE C 363 -30.34 11.42 0.76
C PHE C 363 -31.28 11.69 1.93
N ASP C 364 -32.50 12.13 1.60
CA ASP C 364 -33.42 12.65 2.60
C ASP C 364 -33.70 11.64 3.70
N ARG C 365 -34.09 10.43 3.33
CA ARG C 365 -34.49 9.39 4.28
C ARG C 365 -33.79 8.08 3.94
N GLU C 366 -33.42 7.34 4.97
CA GLU C 366 -32.78 6.05 4.83
C GLU C 366 -33.74 4.96 5.31
N VAL C 367 -33.98 3.97 4.46
CA VAL C 367 -34.95 2.92 4.74
C VAL C 367 -34.20 1.62 4.99
N ASP C 368 -34.44 1.01 6.14
CA ASP C 368 -33.78 -0.23 6.53
C ASP C 368 -34.64 -1.40 6.07
N ILE C 369 -34.19 -2.08 5.02
CA ILE C 369 -34.84 -3.29 4.55
C ILE C 369 -34.19 -4.46 5.28
N GLY C 370 -34.83 -4.91 6.37
CA GLY C 370 -34.21 -5.84 7.29
C GLY C 370 -34.69 -7.26 7.08
N ILE C 371 -34.23 -8.12 7.98
CA ILE C 371 -34.60 -9.54 7.94
C ILE C 371 -36.08 -9.69 8.27
N PRO C 372 -36.87 -10.39 7.48
CA PRO C 372 -38.31 -10.46 7.73
C PRO C 372 -38.64 -11.33 8.93
N ASP C 373 -39.83 -11.10 9.47
CA ASP C 373 -40.36 -11.91 10.56
C ASP C 373 -40.97 -13.19 10.00
N ALA C 374 -41.59 -13.97 10.89
CA ALA C 374 -42.23 -15.20 10.46
C ALA C 374 -43.38 -14.93 9.50
N THR C 375 -44.20 -13.92 9.79
CA THR C 375 -45.28 -13.57 8.88
C THR C 375 -44.74 -13.01 7.56
N GLY C 376 -43.72 -12.16 7.64
CA GLY C 376 -43.11 -11.64 6.43
C GLY C 376 -42.52 -12.73 5.56
N ARG C 377 -41.86 -13.71 6.18
CA ARG C 377 -41.26 -14.77 5.40
C ARG C 377 -42.31 -15.76 4.90
N LEU C 378 -43.44 -15.88 5.60
CA LEU C 378 -44.57 -16.62 5.04
C LEU C 378 -45.09 -15.93 3.78
N GLU C 379 -45.18 -14.60 3.82
CA GLU C 379 -45.61 -13.84 2.65
C GLU C 379 -44.61 -14.02 1.51
N ILE C 380 -43.32 -14.04 1.81
CA ILE C 380 -42.30 -14.24 0.78
C ILE C 380 -42.41 -15.65 0.18
N LEU C 381 -42.66 -16.65 1.02
CA LEU C 381 -42.84 -18.01 0.51
C LEU C 381 -44.06 -18.11 -0.38
N GLN C 382 -45.15 -17.44 0.01
CA GLN C 382 -46.33 -17.40 -0.84
C GLN C 382 -46.02 -16.73 -2.18
N ILE C 383 -45.24 -15.65 -2.16
CA ILE C 383 -44.89 -14.95 -3.38
C ILE C 383 -44.07 -15.86 -4.29
N HIS C 384 -43.10 -16.58 -3.74
CA HIS C 384 -42.21 -17.37 -4.58
C HIS C 384 -42.87 -18.65 -5.07
N THR C 385 -43.76 -19.23 -4.27
CA THR C 385 -44.41 -20.47 -4.66
C THR C 385 -45.72 -20.26 -5.42
N LYS C 386 -46.05 -19.03 -5.79
CA LYS C 386 -47.28 -18.80 -6.55
C LYS C 386 -47.20 -19.43 -7.93
N ASN C 387 -45.99 -19.49 -8.51
CA ASN C 387 -45.84 -20.10 -9.82
C ASN C 387 -45.70 -21.61 -9.71
N MET C 388 -45.18 -22.09 -8.59
CA MET C 388 -44.97 -23.52 -8.40
C MET C 388 -46.30 -24.26 -8.30
N LYS C 389 -46.25 -25.55 -8.61
CA LYS C 389 -47.40 -26.41 -8.36
C LYS C 389 -47.18 -27.17 -7.05
N LEU C 390 -48.07 -26.95 -6.09
CA LEU C 390 -47.91 -27.49 -4.74
C LEU C 390 -49.03 -28.48 -4.45
N ALA C 391 -48.66 -29.63 -3.90
CA ALA C 391 -49.63 -30.64 -3.54
C ALA C 391 -50.53 -30.15 -2.41
N ASP C 392 -51.64 -30.86 -2.23
CA ASP C 392 -52.65 -30.41 -1.28
C ASP C 392 -52.13 -30.47 0.16
N ASP C 393 -51.06 -31.23 0.40
CA ASP C 393 -50.54 -31.37 1.75
C ASP C 393 -49.58 -30.24 2.11
N VAL C 394 -49.31 -29.35 1.16
CA VAL C 394 -48.32 -28.30 1.39
C VAL C 394 -48.87 -27.27 2.35
N ASP C 395 -48.12 -26.98 3.41
CA ASP C 395 -48.45 -26.01 4.44
C ASP C 395 -47.28 -25.06 4.57
N LEU C 396 -47.41 -23.87 3.99
CA LEU C 396 -46.29 -22.92 4.00
C LEU C 396 -46.15 -22.24 5.35
N GLU C 397 -47.17 -22.33 6.20
CA GLU C 397 -47.07 -21.75 7.54
C GLU C 397 -45.98 -22.43 8.36
N GLN C 398 -45.92 -23.75 8.31
CA GLN C 398 -44.88 -24.48 9.02
C GLN C 398 -43.50 -24.15 8.46
N VAL C 399 -43.38 -24.09 7.13
CA VAL C 399 -42.09 -23.77 6.52
C VAL C 399 -41.63 -22.39 6.93
N ALA C 400 -42.56 -21.44 7.02
CA ALA C 400 -42.22 -20.11 7.51
C ALA C 400 -41.80 -20.15 8.97
N ASN C 401 -42.45 -20.97 9.78
CA ASN C 401 -42.11 -21.04 11.20
C ASN C 401 -40.73 -21.65 11.41
N GLU C 402 -40.29 -22.54 10.51
CA GLU C 402 -39.02 -23.23 10.73
C GLU C 402 -37.82 -22.41 10.25
N THR C 403 -37.99 -21.61 9.20
CA THR C 403 -36.87 -20.84 8.62
C THR C 403 -36.64 -19.58 9.45
N HIS C 404 -35.84 -19.70 10.50
CA HIS C 404 -35.76 -18.63 11.50
C HIS C 404 -34.96 -17.43 11.01
N GLY C 405 -33.71 -17.64 10.63
CA GLY C 405 -32.87 -16.53 10.21
C GLY C 405 -32.90 -16.21 8.74
N HIS C 406 -33.80 -16.83 7.97
CA HIS C 406 -33.81 -16.65 6.53
C HIS C 406 -34.28 -15.25 6.18
N VAL C 407 -33.79 -14.74 5.04
CA VAL C 407 -33.84 -13.31 4.76
C VAL C 407 -34.69 -12.99 3.54
N GLY C 408 -35.06 -13.98 2.74
CA GLY C 408 -35.88 -13.71 1.58
C GLY C 408 -35.28 -14.23 0.29
N ALA C 409 -33.97 -14.08 0.13
CA ALA C 409 -33.26 -14.83 -0.90
C ALA C 409 -33.04 -16.27 -0.47
N ASP C 410 -32.91 -16.49 0.84
CA ASP C 410 -32.80 -17.85 1.36
C ASP C 410 -34.10 -18.60 1.21
N LEU C 411 -35.23 -17.89 1.29
CA LEU C 411 -36.53 -18.53 1.05
C LEU C 411 -36.69 -18.91 -0.41
N ALA C 412 -36.22 -18.06 -1.33
CA ALA C 412 -36.22 -18.41 -2.73
C ALA C 412 -35.33 -19.62 -2.99
N ALA C 413 -34.17 -19.67 -2.33
CA ALA C 413 -33.30 -20.84 -2.44
C ALA C 413 -34.00 -22.08 -1.91
N LEU C 414 -34.73 -21.96 -0.81
CA LEU C 414 -35.44 -23.11 -0.25
C LEU C 414 -36.51 -23.62 -1.21
N CYS C 415 -37.27 -22.71 -1.80
CA CYS C 415 -38.28 -23.12 -2.78
C CYS C 415 -37.64 -23.82 -3.97
N SER C 416 -36.52 -23.26 -4.46
CA SER C 416 -35.84 -23.88 -5.58
C SER C 416 -35.32 -25.27 -5.21
N GLU C 417 -34.77 -25.43 -4.02
CA GLU C 417 -34.28 -26.74 -3.61
C GLU C 417 -35.42 -27.75 -3.50
N ALA C 418 -36.58 -27.32 -3.00
CA ALA C 418 -37.72 -28.23 -2.93
C ALA C 418 -38.16 -28.65 -4.34
N ALA C 419 -38.24 -27.70 -5.26
CA ALA C 419 -38.62 -28.05 -6.62
C ALA C 419 -37.61 -28.99 -7.26
N LEU C 420 -36.32 -28.75 -7.04
CA LEU C 420 -35.30 -29.62 -7.59
C LEU C 420 -35.34 -31.01 -6.94
N GLN C 421 -35.75 -31.10 -5.67
CA GLN C 421 -35.90 -32.42 -5.07
C GLN C 421 -37.06 -33.19 -5.69
N ALA C 422 -38.16 -32.51 -5.97
CA ALA C 422 -39.27 -33.17 -6.68
C ALA C 422 -38.83 -33.64 -8.07
N ILE C 423 -38.14 -32.76 -8.80
CA ILE C 423 -37.64 -33.12 -10.13
C ILE C 423 -36.65 -34.28 -10.01
N ARG C 424 -35.86 -34.31 -8.94
CA ARG C 424 -34.91 -35.39 -8.74
C ARG C 424 -35.62 -36.71 -8.50
N LYS C 425 -36.72 -36.69 -7.76
CA LYS C 425 -37.48 -37.91 -7.55
C LYS C 425 -38.03 -38.46 -8.87
N LYS C 426 -38.65 -37.60 -9.67
CA LYS C 426 -39.14 -38.08 -10.97
C LYS C 426 -38.00 -38.45 -11.91
N MET C 427 -36.85 -37.79 -11.77
CA MET C 427 -35.67 -38.16 -12.56
C MET C 427 -35.18 -39.56 -12.19
N ASP C 428 -35.23 -39.90 -10.90
CA ASP C 428 -34.93 -41.27 -10.49
C ASP C 428 -35.99 -42.24 -11.03
N LEU C 429 -37.24 -41.77 -11.16
CA LEU C 429 -38.26 -42.58 -11.81
C LEU C 429 -37.91 -42.85 -13.27
N ILE C 430 -37.36 -41.84 -13.97
CA ILE C 430 -37.02 -42.01 -15.38
C ILE C 430 -35.61 -42.60 -15.50
N ASP C 431 -35.37 -43.32 -16.61
CA ASP C 431 -34.05 -43.89 -16.84
C ASP C 431 -33.01 -42.79 -17.08
N LEU C 432 -33.46 -41.58 -17.40
CA LEU C 432 -32.68 -40.35 -17.65
C LEU C 432 -31.98 -40.36 -19.00
N GLU C 433 -31.99 -41.48 -19.74
CA GLU C 433 -31.38 -41.52 -21.06
C GLU C 433 -32.35 -41.15 -22.17
N ASP C 434 -33.62 -40.95 -21.84
CA ASP C 434 -34.62 -40.63 -22.85
C ASP C 434 -34.45 -39.22 -23.37
N GLU C 435 -34.76 -39.02 -24.65
CA GLU C 435 -34.69 -37.67 -25.22
C GLU C 435 -35.78 -36.77 -24.65
N THR C 436 -36.97 -37.32 -24.40
CA THR C 436 -38.09 -36.57 -23.84
C THR C 436 -38.76 -37.40 -22.75
N ILE C 437 -39.26 -36.72 -21.72
CA ILE C 437 -39.94 -37.40 -20.62
C ILE C 437 -41.38 -37.69 -21.02
N ASP C 438 -41.90 -38.83 -20.56
CA ASP C 438 -43.26 -39.23 -20.91
C ASP C 438 -44.28 -38.28 -20.31
N ALA C 439 -45.42 -38.14 -21.00
CA ALA C 439 -46.44 -37.17 -20.62
C ALA C 439 -47.03 -37.49 -19.24
N GLU C 440 -47.12 -38.77 -18.91
CA GLU C 440 -47.70 -39.15 -17.62
C GLU C 440 -46.83 -38.68 -16.45
N VAL C 441 -45.52 -38.91 -16.52
CA VAL C 441 -44.61 -38.35 -15.51
C VAL C 441 -44.50 -36.84 -15.69
N MET C 442 -44.64 -36.37 -16.93
CA MET C 442 -44.54 -34.93 -17.20
C MET C 442 -45.60 -34.17 -16.43
N ASN C 443 -46.82 -34.72 -16.36
CA ASN C 443 -47.88 -34.09 -15.57
C ASN C 443 -47.78 -34.46 -14.09
N SER C 444 -47.36 -35.69 -13.80
CA SER C 444 -47.45 -36.20 -12.43
C SER C 444 -46.63 -35.38 -11.45
N LEU C 445 -45.55 -34.76 -11.93
CA LEU C 445 -44.60 -34.12 -11.04
C LEU C 445 -45.18 -32.86 -10.41
N ALA C 446 -45.06 -32.77 -9.09
CA ALA C 446 -45.52 -31.62 -8.32
C ALA C 446 -44.82 -31.63 -6.96
N VAL C 447 -44.77 -30.47 -6.32
CA VAL C 447 -43.97 -30.33 -5.10
C VAL C 447 -44.80 -30.71 -3.87
N THR C 448 -44.23 -31.57 -3.03
CA THR C 448 -44.89 -32.06 -1.83
C THR C 448 -44.16 -31.57 -0.60
N MET C 449 -44.78 -31.76 0.57
CA MET C 449 -44.15 -31.37 1.82
C MET C 449 -42.86 -32.14 2.10
N ASP C 450 -42.71 -33.32 1.51
CA ASP C 450 -41.44 -34.03 1.68
C ASP C 450 -40.30 -33.27 1.03
N ASP C 451 -40.53 -32.70 -0.15
CA ASP C 451 -39.52 -31.88 -0.81
C ASP C 451 -39.20 -30.63 0.00
N PHE C 452 -40.24 -29.97 0.52
CA PHE C 452 -40.01 -28.79 1.35
C PHE C 452 -39.29 -29.15 2.64
N ARG C 453 -39.54 -30.34 3.17
CA ARG C 453 -38.85 -30.77 4.38
C ARG C 453 -37.39 -31.05 4.12
N TRP C 454 -37.09 -31.69 2.98
CA TRP C 454 -35.68 -31.88 2.62
C TRP C 454 -34.99 -30.55 2.40
N ALA C 455 -35.67 -29.60 1.74
CA ALA C 455 -35.10 -28.27 1.57
C ALA C 455 -34.84 -27.61 2.90
N LEU C 456 -35.78 -27.73 3.84
CA LEU C 456 -35.61 -27.15 5.17
C LEU C 456 -34.41 -27.76 5.89
N SER C 457 -34.26 -29.08 5.81
CA SER C 457 -33.11 -29.72 6.44
C SER C 457 -31.81 -29.25 5.81
N GLN C 458 -31.81 -29.05 4.49
CA GLN C 458 -30.60 -28.55 3.82
C GLN C 458 -30.40 -27.06 4.04
N SER C 459 -31.49 -26.30 4.16
CA SER C 459 -31.40 -24.85 4.16
C SER C 459 -30.72 -24.32 5.41
N ASN C 460 -29.89 -23.30 5.23
CA ASN C 460 -29.22 -22.55 6.27
C ASN C 460 -29.14 -21.10 5.82
N PRO C 461 -29.29 -20.14 6.73
CA PRO C 461 -29.20 -18.74 6.32
C PRO C 461 -27.88 -18.43 5.63
N SER C 462 -27.95 -17.61 4.59
CA SER C 462 -26.76 -17.30 3.81
C SER C 462 -25.78 -16.44 4.58
N ALA C 463 -26.25 -15.78 5.64
CA ALA C 463 -25.37 -14.97 6.47
C ALA C 463 -24.52 -15.85 7.39
N LEU C 464 -25.03 -17.02 7.74
CA LEU C 464 -24.32 -17.95 8.61
C LEU C 464 -23.53 -19.00 7.84
N ARG C 465 -23.41 -18.85 6.52
CA ARG C 465 -22.76 -19.88 5.71
C ARG C 465 -21.29 -20.03 6.07
N GLU C 466 -20.62 -18.92 6.38
CA GLU C 466 -19.22 -19.01 6.76
C GLU C 466 -19.04 -19.61 8.15
N THR C 467 -20.00 -19.36 9.05
CA THR C 467 -19.97 -19.90 10.40
C THR C 467 -20.82 -21.17 10.48
N VAL C 468 -20.33 -22.21 9.82
CA VAL C 468 -21.03 -23.49 9.77
C VAL C 468 -20.04 -24.61 10.06
N VAL C 469 -20.49 -25.62 10.79
CA VAL C 469 -19.69 -26.79 11.11
C VAL C 469 -20.57 -28.02 10.93
N GLU C 470 -19.92 -29.18 10.86
CA GLU C 470 -20.64 -30.44 10.70
C GLU C 470 -20.83 -31.07 12.09
N VAL C 471 -22.01 -30.85 12.67
CA VAL C 471 -22.38 -31.48 13.93
C VAL C 471 -22.71 -32.94 13.62
N PRO C 472 -22.33 -33.89 14.47
CA PRO C 472 -22.45 -35.31 14.14
C PRO C 472 -23.81 -35.96 14.39
N GLN C 473 -24.90 -35.20 14.47
CA GLN C 473 -26.26 -35.76 14.57
C GLN C 473 -26.49 -36.46 15.91
N VAL C 474 -26.35 -35.69 17.00
CA VAL C 474 -26.68 -36.19 18.32
C VAL C 474 -28.07 -35.70 18.72
N THR C 475 -28.89 -36.61 19.24
CA THR C 475 -30.25 -36.29 19.67
C THR C 475 -30.33 -36.33 21.19
N TRP C 476 -31.49 -35.95 21.71
CA TRP C 476 -31.65 -35.93 23.17
C TRP C 476 -31.61 -37.35 23.74
N GLU C 477 -31.98 -38.34 22.93
CA GLU C 477 -31.96 -39.72 23.41
C GLU C 477 -30.54 -40.27 23.44
N ASP C 478 -29.62 -39.60 22.74
CA ASP C 478 -28.23 -40.03 22.78
C ASP C 478 -27.58 -39.70 24.12
N ILE C 479 -28.13 -38.73 24.84
CA ILE C 479 -27.60 -38.37 26.14
C ILE C 479 -28.29 -39.20 27.23
N GLY C 480 -27.50 -39.69 28.17
CA GLY C 480 -28.04 -40.40 29.31
C GLY C 480 -28.00 -39.56 30.57
N GLY C 481 -29.09 -39.53 31.30
CA GLY C 481 -29.16 -38.69 32.46
C GLY C 481 -29.34 -37.23 32.08
N LEU C 482 -29.16 -36.36 33.08
CA LEU C 482 -29.27 -34.91 32.89
C LEU C 482 -30.63 -34.53 32.33
N GLU C 483 -31.68 -35.22 32.77
CA GLU C 483 -33.02 -34.94 32.26
C GLU C 483 -33.47 -33.53 32.64
N ASP C 484 -33.11 -33.08 33.84
CA ASP C 484 -33.40 -31.70 34.22
C ASP C 484 -32.67 -30.72 33.29
N VAL C 485 -31.41 -31.01 32.97
CA VAL C 485 -30.67 -30.15 32.06
C VAL C 485 -31.29 -30.17 30.67
N LYS C 486 -31.70 -31.34 30.20
CA LYS C 486 -32.34 -31.44 28.90
C LYS C 486 -33.61 -30.61 28.85
N ARG C 487 -34.46 -30.73 29.87
CA ARG C 487 -35.69 -29.95 29.88
C ARG C 487 -35.41 -28.47 29.97
N GLU C 488 -34.44 -28.08 30.81
CA GLU C 488 -34.12 -26.66 30.93
C GLU C 488 -33.64 -26.07 29.62
N LEU C 489 -32.79 -26.81 28.90
CA LEU C 489 -32.32 -26.31 27.60
C LEU C 489 -33.45 -26.25 26.58
N GLN C 490 -34.30 -27.28 26.54
CA GLN C 490 -35.40 -27.28 25.60
C GLN C 490 -36.34 -26.11 25.84
N GLU C 491 -36.71 -25.88 27.10
CA GLU C 491 -37.56 -24.73 27.41
C GLU C 491 -36.84 -23.42 27.11
N LEU C 492 -35.56 -23.33 27.46
CA LEU C 492 -34.77 -22.14 27.19
C LEU C 492 -34.89 -21.72 25.73
N VAL C 493 -34.69 -22.65 24.81
CA VAL C 493 -34.67 -22.28 23.41
C VAL C 493 -36.09 -22.16 22.85
N GLN C 494 -37.03 -22.96 23.40
CA GLN C 494 -38.34 -23.09 22.76
C GLN C 494 -39.30 -21.99 23.20
N TYR C 495 -39.30 -21.62 24.48
CA TYR C 495 -40.33 -20.70 24.97
C TYR C 495 -40.28 -19.34 24.29
N PRO C 496 -39.16 -18.63 24.22
CA PRO C 496 -39.18 -17.30 23.59
C PRO C 496 -39.47 -17.32 22.10
N VAL C 497 -39.19 -18.42 21.40
CA VAL C 497 -39.39 -18.46 19.96
C VAL C 497 -40.79 -18.93 19.60
N GLU C 498 -41.31 -19.90 20.36
CA GLU C 498 -42.63 -20.43 20.04
C GLU C 498 -43.74 -19.66 20.75
N HIS C 499 -43.46 -19.15 21.96
CA HIS C 499 -44.48 -18.53 22.80
C HIS C 499 -44.01 -17.13 23.22
N PRO C 500 -43.91 -16.19 22.28
CA PRO C 500 -43.52 -14.83 22.68
C PRO C 500 -44.67 -14.05 23.28
N ASP C 501 -45.90 -14.36 22.89
CA ASP C 501 -47.07 -13.69 23.46
C ASP C 501 -47.20 -13.99 24.95
N LYS C 502 -46.75 -15.17 25.37
CA LYS C 502 -46.73 -15.50 26.79
C LYS C 502 -45.81 -14.56 27.55
N PHE C 503 -44.63 -14.28 26.99
CA PHE C 503 -43.71 -13.36 27.65
C PHE C 503 -44.23 -11.94 27.62
N LEU C 504 -44.93 -11.57 26.55
CA LEU C 504 -45.57 -10.25 26.50
C LEU C 504 -46.65 -10.12 27.57
N LYS C 505 -47.42 -11.18 27.79
CA LYS C 505 -48.50 -11.13 28.77
C LYS C 505 -47.96 -10.89 30.17
N PHE C 506 -47.01 -11.70 30.61
CA PHE C 506 -46.38 -11.52 31.91
C PHE C 506 -45.40 -10.37 31.92
N GLY C 507 -45.05 -9.82 30.77
CA GLY C 507 -44.25 -8.61 30.69
C GLY C 507 -42.84 -8.73 31.21
N MET C 508 -42.16 -9.83 30.90
CA MET C 508 -40.78 -10.03 31.31
C MET C 508 -39.97 -10.53 30.12
N THR C 509 -38.70 -10.15 30.09
CA THR C 509 -37.80 -10.59 29.03
C THR C 509 -37.40 -12.05 29.25
N PRO C 510 -37.26 -12.82 28.18
CA PRO C 510 -36.74 -14.18 28.31
C PRO C 510 -35.29 -14.17 28.79
N SER C 511 -34.94 -15.22 29.53
CA SER C 511 -33.56 -15.43 29.95
C SER C 511 -32.82 -16.18 28.86
N LYS C 512 -31.60 -15.74 28.53
CA LYS C 512 -30.86 -16.29 27.41
C LYS C 512 -29.39 -16.54 27.73
N GLY C 513 -29.07 -17.17 28.85
CA GLY C 513 -27.69 -17.45 29.17
C GLY C 513 -27.50 -18.75 29.92
N VAL C 514 -26.55 -19.57 29.49
CA VAL C 514 -26.25 -20.84 30.15
C VAL C 514 -24.75 -21.04 30.19
N LEU C 515 -24.23 -21.44 31.34
CA LEU C 515 -22.86 -21.90 31.46
C LEU C 515 -22.88 -23.35 31.91
N PHE C 516 -22.22 -24.21 31.14
CA PHE C 516 -21.97 -25.59 31.52
C PHE C 516 -20.58 -25.65 32.13
N TYR C 517 -20.47 -26.19 33.35
CA TYR C 517 -19.18 -26.40 33.98
C TYR C 517 -19.19 -27.71 34.73
N GLY C 518 -18.09 -28.45 34.63
CA GLY C 518 -17.98 -29.74 35.26
C GLY C 518 -16.73 -30.49 34.85
N PRO C 519 -16.60 -31.73 35.30
CA PRO C 519 -15.42 -32.51 34.96
C PRO C 519 -15.37 -32.81 33.49
N PRO C 520 -14.19 -33.08 32.94
CA PRO C 520 -14.09 -33.42 31.52
C PRO C 520 -14.85 -34.69 31.19
N GLY C 521 -15.43 -34.70 29.99
CA GLY C 521 -16.10 -35.90 29.49
C GLY C 521 -17.43 -36.21 30.13
N CYS C 522 -18.13 -35.21 30.66
CA CYS C 522 -19.35 -35.47 31.40
C CYS C 522 -20.62 -35.02 30.68
N GLY C 523 -20.51 -34.40 29.51
CA GLY C 523 -21.66 -34.19 28.66
C GLY C 523 -21.93 -32.77 28.21
N LYS C 524 -21.02 -31.83 28.43
CA LYS C 524 -21.28 -30.44 28.06
C LYS C 524 -21.34 -30.26 26.54
N THR C 525 -20.30 -30.72 25.84
CA THR C 525 -20.30 -30.61 24.39
C THR C 525 -21.34 -31.52 23.76
N LEU C 526 -21.67 -32.63 24.43
CA LEU C 526 -22.76 -33.47 23.95
C LEU C 526 -24.10 -32.75 24.03
N LEU C 527 -24.33 -32.04 25.14
CA LEU C 527 -25.54 -31.24 25.24
C LEU C 527 -25.57 -30.16 24.18
N ALA C 528 -24.42 -29.55 23.89
CA ALA C 528 -24.35 -28.56 22.83
C ALA C 528 -24.69 -29.16 21.47
N LYS C 529 -24.19 -30.37 21.18
CA LYS C 529 -24.52 -31.03 19.92
C LYS C 529 -26.01 -31.34 19.85
N ALA C 530 -26.59 -31.80 20.96
CA ALA C 530 -28.02 -32.09 20.98
C ALA C 530 -28.83 -30.84 20.74
N ILE C 531 -28.41 -29.71 21.32
CA ILE C 531 -29.08 -28.44 21.08
C ILE C 531 -28.96 -28.05 19.61
N ALA C 532 -27.79 -28.28 19.02
CA ALA C 532 -27.59 -27.93 17.61
C ALA C 532 -28.52 -28.74 16.72
N ASN C 533 -28.69 -30.02 17.03
CA ASN C 533 -29.51 -30.87 16.17
C ASN C 533 -31.00 -30.66 16.39
N GLU C 534 -31.42 -30.47 17.63
CA GLU C 534 -32.83 -30.60 17.99
C GLU C 534 -33.54 -29.26 18.12
N CYS C 535 -32.89 -28.25 18.69
CA CYS C 535 -33.57 -26.99 18.97
C CYS C 535 -33.99 -26.30 17.69
N GLN C 536 -35.11 -25.60 17.76
CA GLN C 536 -35.65 -24.84 16.62
C GLN C 536 -35.09 -23.42 16.65
N ALA C 537 -33.80 -23.34 16.36
CA ALA C 537 -33.08 -22.06 16.33
C ALA C 537 -31.80 -22.25 15.54
N ASN C 538 -31.26 -21.14 15.06
CA ASN C 538 -29.97 -21.18 14.41
C ASN C 538 -28.88 -21.51 15.43
N PHE C 539 -27.74 -21.97 14.93
CA PHE C 539 -26.64 -22.39 15.79
C PHE C 539 -25.32 -21.95 15.20
N ILE C 540 -24.52 -21.25 16.02
CA ILE C 540 -23.15 -20.91 15.67
C ILE C 540 -22.25 -21.56 16.71
N SER C 541 -21.34 -22.42 16.26
CA SER C 541 -20.40 -23.10 17.12
C SER C 541 -19.08 -22.35 17.09
N ILE C 542 -18.62 -21.92 18.26
CA ILE C 542 -17.40 -21.14 18.38
C ILE C 542 -16.40 -21.90 19.22
N LYS C 543 -15.29 -22.30 18.61
CA LYS C 543 -14.14 -22.73 19.39
C LYS C 543 -13.58 -21.52 20.12
N GLY C 544 -13.13 -21.74 21.35
CA GLY C 544 -12.78 -20.66 22.23
C GLY C 544 -11.90 -19.58 21.63
N PRO C 545 -10.64 -19.90 21.37
CA PRO C 545 -9.68 -18.88 20.91
C PRO C 545 -9.63 -18.63 19.40
N GLU C 546 -10.65 -19.05 18.65
CA GLU C 546 -10.63 -18.81 17.21
C GLU C 546 -10.81 -17.34 16.88
N LEU C 547 -11.36 -16.56 17.81
CA LEU C 547 -11.66 -15.15 17.54
C LEU C 547 -10.41 -14.30 17.62
N LEU C 548 -9.38 -14.77 18.31
CA LEU C 548 -8.23 -13.94 18.62
C LEU C 548 -7.31 -13.81 17.41
N THR C 549 -6.80 -12.59 17.20
CA THR C 549 -5.92 -12.27 16.10
C THR C 549 -4.76 -11.44 16.62
N MET C 550 -3.61 -11.55 15.94
CA MET C 550 -2.43 -10.81 16.36
C MET C 550 -2.60 -9.31 16.16
N TRP C 551 -3.44 -8.92 15.20
CA TRP C 551 -3.62 -7.51 14.88
C TRP C 551 -4.32 -6.78 16.02
N PHE C 552 -4.10 -5.47 16.09
CA PHE C 552 -4.37 -4.73 17.32
C PHE C 552 -5.85 -4.74 17.70
N GLY C 553 -6.73 -4.44 16.75
CA GLY C 553 -8.13 -4.32 17.09
C GLY C 553 -9.03 -5.34 16.43
N GLU C 554 -8.44 -6.39 15.86
CA GLU C 554 -9.23 -7.31 15.05
C GLU C 554 -9.86 -8.42 15.89
N SER C 555 -9.37 -8.64 17.10
CA SER C 555 -10.00 -9.63 17.97
C SER C 555 -11.37 -9.15 18.44
N GLU C 556 -11.44 -7.89 18.87
CA GLU C 556 -12.72 -7.29 19.24
C GLU C 556 -13.62 -7.16 18.01
N ALA C 557 -13.02 -6.93 16.85
CA ALA C 557 -13.79 -6.90 15.61
C ALA C 557 -14.41 -8.25 15.32
N ASN C 558 -13.65 -9.33 15.55
CA ASN C 558 -14.20 -10.67 15.39
C ASN C 558 -15.35 -10.92 16.35
N VAL C 559 -15.20 -10.47 17.60
CA VAL C 559 -16.28 -10.62 18.56
C VAL C 559 -17.54 -9.88 18.10
N ARG C 560 -17.39 -8.64 17.65
CA ARG C 560 -18.54 -7.90 17.15
C ARG C 560 -19.15 -8.58 15.93
N GLU C 561 -18.33 -9.08 15.02
CA GLU C 561 -18.86 -9.73 13.83
C GLU C 561 -19.65 -10.97 14.19
N ILE C 562 -19.14 -11.79 15.12
CA ILE C 562 -19.85 -13.02 15.47
C ILE C 562 -21.14 -12.72 16.21
N PHE C 563 -21.13 -11.72 17.09
CA PHE C 563 -22.36 -11.39 17.80
C PHE C 563 -23.37 -10.74 16.86
N ASP C 564 -22.91 -10.01 15.85
CA ASP C 564 -23.82 -9.42 14.89
C ASP C 564 -24.41 -10.47 13.96
N LYS C 565 -23.62 -11.46 13.57
CA LYS C 565 -24.17 -12.58 12.81
C LYS C 565 -25.20 -13.33 13.62
N ALA C 566 -24.94 -13.53 14.92
CA ALA C 566 -25.92 -14.19 15.77
C ALA C 566 -27.20 -13.37 15.89
N ARG C 567 -27.06 -12.05 16.02
CA ARG C 567 -28.25 -11.20 16.15
C ARG C 567 -29.06 -11.17 14.87
N GLN C 568 -28.39 -11.11 13.71
CA GLN C 568 -29.13 -11.07 12.44
C GLN C 568 -29.84 -12.38 12.17
N ALA C 569 -29.30 -13.49 12.68
CA ALA C 569 -29.91 -14.79 12.51
C ALA C 569 -30.78 -15.19 13.70
N ALA C 570 -31.21 -14.23 14.50
CA ALA C 570 -32.00 -14.55 15.67
C ALA C 570 -33.34 -15.16 15.24
N PRO C 571 -33.83 -16.21 15.93
CA PRO C 571 -33.23 -16.84 17.10
C PRO C 571 -32.02 -17.70 16.78
N CYS C 572 -30.91 -17.46 17.47
CA CYS C 572 -29.66 -18.16 17.24
C CYS C 572 -29.06 -18.55 18.57
N VAL C 573 -28.47 -19.73 18.63
CA VAL C 573 -27.75 -20.21 19.80
C VAL C 573 -26.26 -20.04 19.52
N LEU C 574 -25.59 -19.24 20.34
CA LEU C 574 -24.17 -18.96 20.21
C LEU C 574 -23.42 -19.76 21.26
N PHE C 575 -22.82 -20.88 20.85
CA PHE C 575 -22.15 -21.79 21.78
C PHE C 575 -20.66 -21.48 21.79
N PHE C 576 -20.10 -21.33 22.99
CA PHE C 576 -18.69 -21.07 23.20
C PHE C 576 -18.06 -22.28 23.86
N ASP C 577 -17.57 -23.21 23.04
CA ASP C 577 -16.81 -24.32 23.57
C ASP C 577 -15.48 -23.83 24.14
N GLN C 578 -15.16 -24.28 25.35
CA GLN C 578 -13.98 -23.81 26.07
C GLN C 578 -14.04 -22.30 26.26
N LEU C 579 -15.03 -21.86 27.04
CA LEU C 579 -15.23 -20.45 27.29
C LEU C 579 -14.09 -19.81 28.09
N ASP C 580 -13.39 -20.60 28.90
CA ASP C 580 -12.37 -20.03 29.77
C ASP C 580 -11.17 -19.50 28.98
N SER C 581 -11.08 -19.87 27.70
CA SER C 581 -9.97 -19.38 26.89
C SER C 581 -10.12 -17.89 26.61
N ILE C 582 -11.35 -17.40 26.48
CA ILE C 582 -11.55 -16.00 26.11
C ILE C 582 -12.06 -15.19 27.30
N ALA C 583 -12.64 -15.83 28.29
CA ALA C 583 -13.16 -15.15 29.47
C ALA C 583 -12.20 -15.37 30.63
N LYS C 584 -11.67 -14.28 31.18
CA LYS C 584 -10.74 -14.32 32.30
C LYS C 584 -11.04 -13.15 33.22
N ALA C 585 -10.45 -13.18 34.41
CA ALA C 585 -10.84 -12.24 35.46
C ALA C 585 -10.46 -10.80 35.13
N ARG C 586 -9.65 -10.60 34.10
CA ARG C 586 -9.14 -9.32 33.57
C ARG C 586 -8.01 -8.74 34.41
N GLY C 587 -7.64 -9.38 35.52
CA GLY C 587 -6.55 -8.87 36.33
C GLY C 587 -5.39 -9.83 36.44
N GLY C 588 -5.68 -11.12 36.31
CA GLY C 588 -4.63 -12.13 36.48
C GLY C 588 -3.56 -12.05 35.41
N ASN C 589 -3.96 -11.93 34.15
CA ASN C 589 -3.00 -11.98 33.06
C ASN C 589 -2.15 -10.71 33.01
N ILE C 590 -0.85 -10.90 32.86
CA ILE C 590 0.11 -9.81 32.71
C ILE C 590 0.93 -10.07 31.47
N GLY C 591 1.05 -9.06 30.61
CA GLY C 591 1.74 -9.25 29.34
C GLY C 591 1.01 -10.20 28.40
N ASP C 592 -0.30 -10.06 28.29
CA ASP C 592 -1.13 -10.93 27.44
C ASP C 592 -1.56 -10.14 26.22
N GLY C 593 -0.73 -10.16 25.18
CA GLY C 593 -1.05 -9.46 23.95
C GLY C 593 -1.14 -7.96 24.09
N GLY C 594 -0.51 -7.40 25.11
CA GLY C 594 -0.62 -5.97 25.36
C GLY C 594 -2.02 -5.50 25.68
N GLY C 595 -2.75 -6.28 26.48
CA GLY C 595 -4.12 -5.94 26.82
C GLY C 595 -5.16 -6.35 25.80
N ALA C 596 -4.83 -7.26 24.88
CA ALA C 596 -5.81 -7.67 23.87
C ALA C 596 -6.90 -8.54 24.49
N ALA C 597 -6.51 -9.45 25.40
CA ALA C 597 -7.49 -10.35 26.00
C ALA C 597 -8.48 -9.58 26.87
N ASP C 598 -8.01 -8.57 27.60
CA ASP C 598 -8.90 -7.75 28.39
C ASP C 598 -9.89 -6.99 27.51
N ARG C 599 -9.40 -6.47 26.38
CA ARG C 599 -10.29 -5.76 25.46
C ARG C 599 -11.32 -6.69 24.85
N VAL C 600 -10.92 -7.93 24.54
CA VAL C 600 -11.88 -8.90 24.02
C VAL C 600 -12.93 -9.21 25.08
N ILE C 601 -12.52 -9.33 26.33
CA ILE C 601 -13.46 -9.58 27.42
C ILE C 601 -14.46 -8.44 27.51
N ASN C 602 -13.97 -7.20 27.42
CA ASN C 602 -14.85 -6.04 27.47
C ASN C 602 -15.81 -6.01 26.28
N GLN C 603 -15.32 -6.38 25.10
CA GLN C 603 -16.20 -6.42 23.93
C GLN C 603 -17.30 -7.46 24.11
N ILE C 604 -16.95 -8.63 24.65
CA ILE C 604 -17.97 -9.65 24.93
C ILE C 604 -18.98 -9.11 25.95
N LEU C 605 -18.47 -8.46 27.00
CA LEU C 605 -19.35 -7.89 28.02
C LEU C 605 -20.32 -6.90 27.42
N THR C 606 -19.86 -6.10 26.46
CA THR C 606 -20.74 -5.08 25.88
C THR C 606 -21.73 -5.71 24.92
N GLU C 607 -21.32 -6.73 24.17
CA GLU C 607 -22.24 -7.38 23.24
C GLU C 607 -23.34 -8.13 23.98
N MET C 608 -22.99 -8.83 25.06
CA MET C 608 -23.98 -9.65 25.75
C MET C 608 -24.98 -8.79 26.51
N ASP C 609 -24.52 -7.69 27.12
CA ASP C 609 -25.38 -6.81 27.87
C ASP C 609 -24.84 -5.38 27.79
N GLY C 610 -25.35 -4.60 26.85
CA GLY C 610 -24.88 -3.25 26.66
C GLY C 610 -26.01 -2.35 26.26
N MET C 611 -25.66 -1.26 25.56
CA MET C 611 -26.61 -0.23 25.18
C MET C 611 -27.32 -0.59 23.87
N SER C 612 -27.96 -1.75 23.88
CA SER C 612 -28.63 -2.24 22.69
C SER C 612 -29.86 -3.05 23.09
N THR C 613 -30.82 -3.12 22.18
CA THR C 613 -32.01 -3.92 22.42
C THR C 613 -31.67 -5.40 22.32
N LYS C 614 -32.17 -6.18 23.28
CA LYS C 614 -31.94 -7.62 23.26
C LYS C 614 -32.67 -8.28 22.10
N LYS C 615 -31.98 -9.21 21.45
CA LYS C 615 -32.57 -10.09 20.46
C LYS C 615 -32.61 -11.49 21.05
N ASN C 616 -33.16 -12.43 20.29
CA ASN C 616 -33.28 -13.81 20.75
C ASN C 616 -31.99 -14.58 20.47
N VAL C 617 -30.92 -14.13 21.10
CA VAL C 617 -29.59 -14.72 20.95
C VAL C 617 -29.23 -15.38 22.27
N PHE C 618 -29.14 -16.70 22.27
CA PHE C 618 -28.85 -17.48 23.47
C PHE C 618 -27.38 -17.86 23.47
N ILE C 619 -26.64 -17.33 24.44
CA ILE C 619 -25.21 -17.58 24.55
C ILE C 619 -25.01 -18.73 25.53
N ILE C 620 -24.34 -19.79 25.07
CA ILE C 620 -24.05 -20.97 25.89
C ILE C 620 -22.55 -21.17 25.91
N GLY C 621 -22.01 -21.42 27.10
CA GLY C 621 -20.60 -21.68 27.22
C GLY C 621 -20.32 -22.94 28.00
N ALA C 622 -19.24 -23.63 27.66
CA ALA C 622 -18.80 -24.82 28.37
C ALA C 622 -17.37 -24.61 28.81
N THR C 623 -17.09 -24.86 30.09
CA THR C 623 -15.75 -24.66 30.63
C THR C 623 -15.47 -25.71 31.70
N ASN C 624 -14.24 -26.24 31.69
CA ASN C 624 -13.84 -27.13 32.77
C ASN C 624 -13.56 -26.34 34.04
N ARG C 625 -12.93 -25.18 33.91
CA ARG C 625 -12.53 -24.39 35.07
C ARG C 625 -13.27 -23.06 35.10
N PRO C 626 -14.42 -22.98 35.79
CA PRO C 626 -15.23 -21.76 35.74
C PRO C 626 -14.81 -20.72 36.75
N ASP C 627 -13.96 -21.07 37.73
CA ASP C 627 -13.54 -20.10 38.73
C ASP C 627 -12.77 -18.95 38.11
N ILE C 628 -12.13 -19.18 36.96
CA ILE C 628 -11.35 -18.14 36.32
C ILE C 628 -12.20 -17.27 35.41
N ILE C 629 -13.45 -17.66 35.15
CA ILE C 629 -14.32 -16.85 34.31
C ILE C 629 -14.53 -15.49 34.95
N ASP C 630 -14.60 -14.46 34.12
CA ASP C 630 -14.80 -13.10 34.61
C ASP C 630 -16.13 -13.02 35.36
N PRO C 631 -16.14 -12.44 36.58
CA PRO C 631 -17.41 -12.35 37.32
C PRO C 631 -18.47 -11.54 36.61
N ALA C 632 -18.07 -10.63 35.73
CA ALA C 632 -19.05 -9.82 35.01
C ALA C 632 -19.74 -10.63 33.92
N ILE C 633 -19.08 -11.68 33.43
CA ILE C 633 -19.72 -12.56 32.46
C ILE C 633 -20.82 -13.38 33.11
N LEU C 634 -20.61 -13.80 34.36
CA LEU C 634 -21.50 -14.75 35.02
C LEU C 634 -22.68 -14.10 35.71
N ARG C 635 -22.83 -12.78 35.63
CA ARG C 635 -23.99 -12.14 36.24
C ARG C 635 -25.26 -12.53 35.47
N PRO C 636 -26.43 -12.42 36.11
CA PRO C 636 -27.66 -12.88 35.46
C PRO C 636 -27.99 -12.16 34.16
N GLY C 637 -27.42 -10.97 33.92
CA GLY C 637 -27.68 -10.29 32.67
C GLY C 637 -27.11 -11.03 31.48
N ARG C 638 -25.96 -11.69 31.66
CA ARG C 638 -25.24 -12.25 30.53
C ARG C 638 -25.34 -13.77 30.50
N LEU C 639 -24.91 -14.44 31.59
CA LEU C 639 -24.97 -15.91 31.70
C LEU C 639 -25.61 -16.21 33.05
N ASP C 640 -26.94 -16.29 33.06
CA ASP C 640 -27.66 -16.34 34.33
C ASP C 640 -27.73 -17.74 34.89
N GLN C 641 -27.89 -18.74 34.03
CA GLN C 641 -27.98 -20.13 34.47
C GLN C 641 -26.58 -20.74 34.48
N LEU C 642 -26.07 -21.00 35.67
CA LEU C 642 -24.81 -21.71 35.86
C LEU C 642 -25.14 -23.16 36.15
N ILE C 643 -25.03 -24.01 35.13
CA ILE C 643 -25.44 -25.41 35.21
C ILE C 643 -24.19 -26.24 35.46
N TYR C 644 -24.20 -26.99 36.57
CA TYR C 644 -23.12 -27.89 36.90
C TYR C 644 -23.43 -29.26 36.31
N ILE C 645 -22.61 -29.70 35.36
CA ILE C 645 -22.75 -31.03 34.77
C ILE C 645 -21.89 -31.98 35.57
N PRO C 646 -22.46 -32.74 36.51
CA PRO C 646 -21.64 -33.47 37.47
C PRO C 646 -21.15 -34.80 36.92
N LEU C 647 -20.31 -35.43 37.72
CA LEU C 647 -19.94 -36.81 37.45
C LEU C 647 -21.13 -37.70 37.75
N PRO C 648 -21.56 -38.53 36.79
CA PRO C 648 -22.87 -39.18 36.92
C PRO C 648 -22.94 -40.15 38.09
N ASP C 649 -24.15 -40.31 38.62
CA ASP C 649 -24.43 -41.33 39.61
C ASP C 649 -24.84 -42.63 38.91
N GLU C 650 -25.21 -43.63 39.72
CA GLU C 650 -25.41 -44.97 39.19
C GLU C 650 -26.57 -45.01 38.20
N LYS C 651 -27.67 -44.35 38.52
CA LYS C 651 -28.81 -44.29 37.60
C LYS C 651 -28.40 -43.68 36.27
N SER C 652 -27.70 -42.54 36.32
CA SER C 652 -27.27 -41.87 35.10
C SER C 652 -26.24 -42.71 34.36
N ARG C 653 -25.45 -43.51 35.08
CA ARG C 653 -24.49 -44.37 34.41
C ARG C 653 -25.18 -45.51 33.67
N VAL C 654 -26.23 -46.07 34.25
CA VAL C 654 -27.06 -47.03 33.50
C VAL C 654 -27.61 -46.36 32.25
N ALA C 655 -28.10 -45.13 32.40
CA ALA C 655 -28.67 -44.42 31.26
C ALA C 655 -27.61 -44.19 30.18
N ILE C 656 -26.40 -43.81 30.58
CA ILE C 656 -25.32 -43.56 29.62
C ILE C 656 -24.96 -44.84 28.88
N LEU C 657 -24.82 -45.94 29.62
CA LEU C 657 -24.48 -47.21 28.99
C LEU C 657 -25.56 -47.65 28.01
N LYS C 658 -26.83 -47.45 28.37
CA LYS C 658 -27.91 -47.77 27.45
C LYS C 658 -27.87 -46.87 26.21
N ALA C 659 -27.59 -45.59 26.40
CA ALA C 659 -27.59 -44.65 25.28
C ALA C 659 -26.47 -44.95 24.31
N ASN C 660 -25.28 -45.32 24.81
CA ASN C 660 -24.18 -45.65 23.92
C ASN C 660 -24.46 -46.93 23.14
N LEU C 661 -25.24 -47.85 23.71
CA LEU C 661 -25.40 -49.19 23.16
C LEU C 661 -26.74 -49.42 22.48
N ARG C 662 -27.53 -48.38 22.25
CA ARG C 662 -28.83 -48.59 21.61
C ARG C 662 -28.67 -48.90 20.12
N LYS C 663 -27.54 -48.49 19.54
CA LYS C 663 -27.27 -48.83 18.14
C LYS C 663 -26.53 -50.16 18.03
N SER C 664 -25.82 -50.56 19.08
CA SER C 664 -24.95 -51.72 19.01
C SER C 664 -25.74 -53.01 19.22
N PRO C 665 -25.39 -54.10 18.54
CA PRO C 665 -25.94 -55.42 18.87
C PRO C 665 -25.13 -56.05 20.00
N VAL C 666 -25.76 -56.21 21.16
CA VAL C 666 -25.07 -56.63 22.37
C VAL C 666 -25.74 -57.89 22.89
N ALA C 667 -25.00 -58.70 23.65
CA ALA C 667 -25.53 -59.93 24.18
C ALA C 667 -26.64 -59.66 25.21
N LYS C 668 -27.47 -60.66 25.45
CA LYS C 668 -28.55 -60.51 26.41
C LYS C 668 -28.05 -60.64 27.83
N ASP C 669 -27.03 -61.48 28.06
CA ASP C 669 -26.62 -61.79 29.43
C ASP C 669 -25.81 -60.65 30.04
N VAL C 670 -25.29 -59.73 29.21
CA VAL C 670 -24.54 -58.62 29.76
C VAL C 670 -25.45 -57.75 30.60
N ASP C 671 -24.97 -57.36 31.77
CA ASP C 671 -25.76 -56.61 32.74
C ASP C 671 -25.21 -55.20 32.83
N LEU C 672 -25.91 -54.24 32.23
CA LEU C 672 -25.48 -52.85 32.27
C LEU C 672 -25.59 -52.30 33.68
N GLU C 673 -26.52 -52.82 34.48
CA GLU C 673 -26.64 -52.40 35.87
C GLU C 673 -25.39 -52.74 36.66
N PHE C 674 -24.81 -53.93 36.42
CA PHE C 674 -23.57 -54.28 37.09
C PHE C 674 -22.42 -53.39 36.64
N LEU C 675 -22.35 -53.09 35.33
CA LEU C 675 -21.31 -52.21 34.84
C LEU C 675 -21.41 -50.83 35.50
N ALA C 676 -22.62 -50.31 35.64
CA ALA C 676 -22.80 -49.03 36.31
C ALA C 676 -22.43 -49.12 37.78
N LYS C 677 -22.80 -50.22 38.45
CA LYS C 677 -22.50 -50.36 39.87
C LYS C 677 -21.01 -50.42 40.13
N MET C 678 -20.27 -51.16 39.30
CA MET C 678 -18.83 -51.31 39.53
C MET C 678 -18.09 -50.02 39.21
N THR C 679 -18.49 -49.31 38.16
CA THR C 679 -17.82 -48.08 37.73
C THR C 679 -18.41 -46.88 38.48
N ASN C 680 -17.88 -46.66 39.68
CA ASN C 680 -18.45 -45.63 40.54
C ASN C 680 -18.16 -44.22 40.02
N GLY C 681 -16.90 -43.83 40.01
CA GLY C 681 -16.52 -42.49 39.62
C GLY C 681 -16.26 -42.29 38.15
N PHE C 682 -16.69 -43.22 37.32
CA PHE C 682 -16.45 -43.11 35.88
C PHE C 682 -17.34 -42.04 35.28
N SER C 683 -16.76 -41.28 34.34
CA SER C 683 -17.52 -40.27 33.62
C SER C 683 -18.19 -40.90 32.41
N GLY C 684 -18.94 -40.07 31.67
CA GLY C 684 -19.56 -40.56 30.44
C GLY C 684 -18.53 -41.00 29.42
N ALA C 685 -17.42 -40.27 29.32
CA ALA C 685 -16.36 -40.63 28.39
C ALA C 685 -15.74 -41.96 28.74
N ASP C 686 -15.61 -42.25 30.04
CA ASP C 686 -15.06 -43.53 30.48
C ASP C 686 -15.96 -44.69 30.09
N LEU C 687 -17.27 -44.54 30.29
CA LEU C 687 -18.20 -45.59 29.92
C LEU C 687 -18.22 -45.79 28.41
N THR C 688 -18.17 -44.71 27.65
CA THR C 688 -18.05 -44.82 26.20
C THR C 688 -16.77 -45.53 25.81
N GLU C 689 -15.67 -45.27 26.52
CA GLU C 689 -14.42 -45.96 26.25
C GLU C 689 -14.54 -47.44 26.51
N ILE C 690 -15.25 -47.82 27.58
CA ILE C 690 -15.49 -49.24 27.84
C ILE C 690 -16.27 -49.88 26.68
N CYS C 691 -17.32 -49.21 26.23
CA CYS C 691 -18.11 -49.77 25.13
C CYS C 691 -17.28 -49.89 23.86
N GLN C 692 -16.46 -48.88 23.56
CA GLN C 692 -15.63 -48.92 22.37
C GLN C 692 -14.56 -50.01 22.47
N ARG C 693 -14.01 -50.22 23.66
CA ARG C 693 -13.02 -51.28 23.84
C ARG C 693 -13.66 -52.65 23.63
N ALA C 694 -14.88 -52.84 24.15
CA ALA C 694 -15.59 -54.09 23.90
C ALA C 694 -15.85 -54.28 22.41
N CYS C 695 -16.25 -53.21 21.73
CA CYS C 695 -16.47 -53.30 20.29
C CYS C 695 -15.19 -53.68 19.56
N LYS C 696 -14.05 -53.11 19.94
CA LYS C 696 -12.81 -53.41 19.25
C LYS C 696 -12.37 -54.85 19.52
N LEU C 697 -12.60 -55.35 20.74
CA LEU C 697 -12.30 -56.75 21.02
C LEU C 697 -13.15 -57.68 20.17
N ALA C 698 -14.45 -57.37 20.05
CA ALA C 698 -15.31 -58.17 19.17
C ALA C 698 -14.82 -58.12 17.72
N ILE C 699 -14.40 -56.93 17.26
CA ILE C 699 -13.91 -56.80 15.89
C ILE C 699 -12.64 -57.61 15.70
N ARG C 700 -11.75 -57.60 16.70
CA ARG C 700 -10.54 -58.41 16.62
C ARG C 700 -10.87 -59.88 16.50
N GLU C 701 -11.83 -60.36 17.30
CA GLU C 701 -12.23 -61.76 17.22
C GLU C 701 -12.83 -62.08 15.85
N SER C 702 -13.66 -61.18 15.33
CA SER C 702 -14.25 -61.43 14.01
C SER C 702 -13.19 -61.48 12.92
N ILE C 703 -12.21 -60.59 13.00
CA ILE C 703 -11.12 -60.59 12.02
C ILE C 703 -10.32 -61.87 12.12
N GLU C 704 -10.07 -62.35 13.34
CA GLU C 704 -9.35 -63.61 13.49
C GLU C 704 -10.14 -64.77 12.91
N SER C 705 -11.46 -64.79 13.13
CA SER C 705 -12.28 -65.87 12.59
C SER C 705 -12.29 -65.83 11.06
N GLU C 706 -12.36 -64.62 10.48
CA GLU C 706 -12.30 -64.52 9.03
C GLU C 706 -10.94 -64.97 8.50
N ILE C 707 -9.86 -64.67 9.23
CA ILE C 707 -8.54 -65.15 8.85
C ILE C 707 -8.49 -66.66 8.87
N ARG C 708 -9.08 -67.27 9.90
CA ARG C 708 -9.10 -68.74 9.98
C ARG C 708 -9.91 -69.35 8.85
N ARG C 709 -11.03 -68.73 8.50
CA ARG C 709 -11.80 -69.19 7.33
C ARG C 709 -10.97 -69.12 6.06
N GLU C 710 -10.27 -67.99 5.85
CA GLU C 710 -9.46 -67.86 4.65
C GLU C 710 -8.34 -68.88 4.61
N ARG C 711 -7.71 -69.13 5.76
CA ARG C 711 -6.64 -70.13 5.81
C ARG C 711 -7.17 -71.53 5.49
N GLU C 712 -8.33 -71.91 6.05
CA GLU C 712 -8.82 -73.26 5.81
C GLU C 712 -9.30 -73.40 4.37
N ARG C 713 -9.87 -72.34 3.78
CA ARG C 713 -10.26 -72.38 2.38
C ARG C 713 -9.04 -72.52 1.48
N GLN C 714 -7.98 -71.78 1.77
CA GLN C 714 -6.76 -71.82 0.97
C GLN C 714 -6.05 -73.16 1.12
N PRO C 727 -19.96 -65.71 13.20
CA PRO C 727 -18.72 -65.71 13.99
C PRO C 727 -18.89 -64.93 15.29
N VAL C 728 -18.91 -63.61 15.18
CA VAL C 728 -19.19 -62.74 16.32
C VAL C 728 -20.37 -61.85 15.92
N PRO C 729 -21.60 -62.37 15.97
CA PRO C 729 -22.75 -61.56 15.55
C PRO C 729 -22.99 -60.36 16.44
N GLU C 730 -22.66 -60.48 17.73
CA GLU C 730 -23.00 -59.46 18.71
C GLU C 730 -21.98 -59.50 19.85
N ILE C 731 -21.84 -58.37 20.54
CA ILE C 731 -20.86 -58.26 21.61
C ILE C 731 -21.33 -59.09 22.80
N ARG C 732 -20.42 -59.91 23.34
CA ARG C 732 -20.74 -60.83 24.42
C ARG C 732 -20.26 -60.28 25.75
N ARG C 733 -20.47 -61.10 26.79
CA ARG C 733 -20.13 -60.67 28.15
C ARG C 733 -18.63 -60.67 28.38
N ASP C 734 -17.92 -61.66 27.82
CA ASP C 734 -16.48 -61.74 28.02
C ASP C 734 -15.77 -60.55 27.40
N HIS C 735 -16.31 -60.02 26.30
CA HIS C 735 -15.73 -58.81 25.72
C HIS C 735 -15.82 -57.65 26.70
N PHE C 736 -16.95 -57.52 27.39
CA PHE C 736 -17.08 -56.43 28.34
C PHE C 736 -16.21 -56.65 29.58
N GLU C 737 -15.99 -57.91 29.96
CA GLU C 737 -15.06 -58.18 31.06
C GLU C 737 -13.64 -57.78 30.69
N GLU C 738 -13.21 -58.15 29.48
CA GLU C 738 -11.87 -57.78 29.03
C GLU C 738 -11.75 -56.26 28.83
N ALA C 739 -12.84 -55.61 28.45
CA ALA C 739 -12.83 -54.16 28.35
C ALA C 739 -12.75 -53.50 29.72
N MET C 740 -13.43 -54.06 30.71
CA MET C 740 -13.40 -53.52 32.06
C MET C 740 -12.04 -53.72 32.69
N ARG C 741 -11.28 -54.72 32.23
CA ARG C 741 -9.91 -54.85 32.71
C ARG C 741 -9.09 -53.60 32.38
N PHE C 742 -9.28 -53.05 31.18
CA PHE C 742 -8.47 -51.90 30.77
C PHE C 742 -9.05 -50.58 31.26
N ALA C 743 -10.27 -50.59 31.78
CA ALA C 743 -10.96 -49.35 32.09
C ALA C 743 -10.26 -48.61 33.22
N ARG C 744 -10.43 -47.29 33.23
CA ARG C 744 -9.83 -46.43 34.24
C ARG C 744 -10.73 -45.21 34.44
N ARG C 745 -10.48 -44.52 35.56
CA ARG C 745 -11.27 -43.35 35.93
C ARG C 745 -10.47 -42.09 35.65
N SER C 746 -10.99 -41.24 34.76
CA SER C 746 -10.18 -40.15 34.23
C SER C 746 -10.26 -38.90 35.09
N VAL C 747 -11.37 -38.71 35.81
CA VAL C 747 -11.51 -37.58 36.70
C VAL C 747 -11.03 -37.99 38.09
N SER C 748 -9.90 -37.43 38.51
CA SER C 748 -9.32 -37.74 39.81
C SER C 748 -10.22 -37.22 40.93
N ASP C 749 -9.93 -37.70 42.14
CA ASP C 749 -10.71 -37.26 43.29
C ASP C 749 -10.44 -35.81 43.63
N ASN C 750 -9.22 -35.34 43.38
CA ASN C 750 -8.91 -33.93 43.57
C ASN C 750 -9.72 -33.07 42.60
N ASP C 751 -9.85 -33.50 41.35
CA ASP C 751 -10.67 -32.76 40.40
C ASP C 751 -12.12 -32.71 40.87
N ILE C 752 -12.64 -33.84 41.33
CA ILE C 752 -14.03 -33.89 41.78
C ILE C 752 -14.24 -32.95 42.97
N ARG C 753 -13.29 -32.93 43.91
CA ARG C 753 -13.43 -32.02 45.04
C ARG C 753 -13.33 -30.57 44.59
N LYS C 754 -12.51 -30.27 43.58
CA LYS C 754 -12.44 -28.89 43.08
C LYS C 754 -13.79 -28.46 42.49
N TYR C 755 -14.40 -29.32 41.68
CA TYR C 755 -15.68 -28.97 41.07
C TYR C 755 -16.77 -28.87 42.13
N GLU C 756 -16.77 -29.80 43.10
CA GLU C 756 -17.73 -29.72 44.18
C GLU C 756 -17.51 -28.46 45.01
N MET C 757 -16.26 -28.01 45.12
CA MET C 757 -15.98 -26.78 45.85
C MET C 757 -16.57 -25.57 45.16
N PHE C 758 -16.41 -25.48 43.84
CA PHE C 758 -17.02 -24.35 43.12
C PHE C 758 -18.54 -24.41 43.22
N ALA C 759 -19.12 -25.60 43.06
CA ALA C 759 -20.58 -25.72 43.18
C ALA C 759 -21.04 -25.34 44.58
N GLN C 760 -20.28 -25.74 45.60
CA GLN C 760 -20.61 -25.38 46.98
C GLN C 760 -20.55 -23.88 47.18
N THR C 761 -19.56 -23.21 46.59
CA THR C 761 -19.52 -21.75 46.69
C THR C 761 -20.75 -21.13 46.06
N LEU C 762 -21.16 -21.62 44.88
CA LEU C 762 -22.37 -21.12 44.25
C LEU C 762 -23.59 -21.32 45.15
N GLN C 763 -23.75 -22.52 45.69
CA GLN C 763 -24.92 -22.84 46.50
C GLN C 763 -24.93 -22.03 47.80
N GLN C 764 -23.77 -21.84 48.43
CA GLN C 764 -23.71 -21.06 49.65
C GLN C 764 -24.04 -19.59 49.37
N SER C 765 -23.52 -19.05 48.26
CA SER C 765 -23.89 -17.69 47.88
C SER C 765 -25.38 -17.59 47.63
N ARG C 766 -25.98 -18.65 47.08
CA ARG C 766 -27.42 -18.65 46.81
C ARG C 766 -28.22 -18.36 48.07
N GLY C 767 -27.70 -18.72 49.22
CA GLY C 767 -28.45 -18.64 50.45
C GLY C 767 -29.25 -19.91 50.69
N PHE C 768 -29.99 -19.90 51.80
CA PHE C 768 -30.80 -21.06 52.14
C PHE C 768 -31.93 -21.23 51.14
N GLY C 769 -32.07 -22.46 50.63
CA GLY C 769 -33.16 -22.78 49.74
C GLY C 769 -34.47 -22.95 50.49
N SER C 770 -35.46 -23.46 49.77
CA SER C 770 -36.80 -23.65 50.31
C SER C 770 -37.34 -22.33 50.87
N PHE C 771 -37.12 -21.25 50.13
CA PHE C 771 -37.64 -19.94 50.52
C PHE C 771 -39.15 -19.98 50.61
N ARG C 772 -39.68 -19.52 51.74
CA ARG C 772 -41.11 -19.55 52.00
C ARG C 772 -41.58 -18.21 52.54
N PHE C 773 -42.69 -17.72 52.01
CA PHE C 773 -43.25 -16.47 52.47
C PHE C 773 -43.90 -16.66 53.83
N PRO C 774 -44.04 -15.59 54.62
CA PRO C 774 -44.68 -15.75 55.94
C PRO C 774 -46.13 -16.20 55.81
N SER C 775 -46.52 -17.09 56.73
CA SER C 775 -47.86 -17.69 56.78
C SER C 775 -48.27 -18.25 55.42
N LEU D 12 -20.74 45.82 15.73
CA LEU D 12 -20.15 46.57 14.63
C LEU D 12 -20.01 45.73 13.37
N SER D 13 -19.86 44.41 13.54
CA SER D 13 -19.73 43.53 12.40
C SER D 13 -21.01 43.50 11.56
N THR D 14 -22.17 43.48 12.21
CA THR D 14 -23.44 43.46 11.52
C THR D 14 -23.98 44.86 11.24
N ALA D 15 -23.11 45.88 11.29
CA ALA D 15 -23.56 47.24 11.02
C ALA D 15 -24.09 47.38 9.60
N ILE D 16 -23.61 46.55 8.69
CA ILE D 16 -24.07 46.60 7.30
C ILE D 16 -25.53 46.18 7.20
N LEU D 17 -25.96 45.26 8.08
CA LEU D 17 -27.26 44.62 7.92
C LEU D 17 -28.40 45.54 8.37
N LYS D 18 -28.13 46.48 9.28
CA LYS D 18 -29.20 47.24 9.90
C LYS D 18 -29.88 48.17 8.91
N GLN D 19 -31.22 48.23 9.00
CA GLN D 19 -32.00 49.08 8.09
C GLN D 19 -31.92 50.55 8.48
N LYS D 20 -31.87 50.84 9.78
CA LYS D 20 -31.77 52.19 10.37
C LYS D 20 -33.03 53.03 10.22
N ASN D 21 -34.12 52.46 9.68
CA ASN D 21 -35.42 53.14 9.63
C ASN D 21 -35.36 54.43 8.80
N ARG D 22 -35.04 54.29 7.52
CA ARG D 22 -35.01 55.43 6.62
C ARG D 22 -36.43 55.78 6.15
N PRO D 23 -36.68 57.04 5.81
CA PRO D 23 -38.05 57.43 5.41
C PRO D 23 -38.54 56.72 4.17
N ASN D 24 -37.65 56.35 3.25
CA ASN D 24 -38.08 55.79 1.97
C ASN D 24 -38.76 54.43 2.17
N ARG D 25 -38.35 53.67 3.17
CA ARG D 25 -38.91 52.34 3.39
C ARG D 25 -40.28 52.42 4.02
N LEU D 26 -41.23 51.67 3.46
CA LEU D 26 -42.59 51.60 3.96
C LEU D 26 -43.01 50.15 4.07
N ILE D 27 -43.88 49.87 5.05
CA ILE D 27 -44.35 48.50 5.25
C ILE D 27 -45.30 48.13 4.11
N VAL D 28 -45.10 46.92 3.57
CA VAL D 28 -45.98 46.43 2.51
C VAL D 28 -47.35 46.13 3.11
N ASP D 29 -48.40 46.63 2.46
CA ASP D 29 -49.76 46.47 2.95
C ASP D 29 -50.70 46.13 1.80
N GLU D 30 -51.81 45.49 2.14
CA GLU D 30 -52.83 45.15 1.17
C GLU D 30 -53.55 46.40 0.67
N ALA D 31 -53.68 46.52 -0.65
CA ALA D 31 -54.40 47.63 -1.26
C ALA D 31 -55.82 47.18 -1.57
N ILE D 32 -56.81 47.93 -1.08
CA ILE D 32 -58.20 47.50 -1.17
C ILE D 32 -58.67 47.56 -2.62
N ASN D 33 -58.42 48.68 -3.30
CA ASN D 33 -58.96 48.91 -4.63
C ASN D 33 -57.90 49.12 -5.70
N GLU D 34 -56.64 49.34 -5.33
CA GLU D 34 -55.61 49.65 -6.30
C GLU D 34 -55.41 48.49 -7.26
N ASP D 35 -55.38 48.81 -8.56
CA ASP D 35 -55.23 47.80 -9.60
C ASP D 35 -53.76 47.42 -9.77
N ASN D 36 -53.47 46.65 -10.81
CA ASN D 36 -52.15 46.05 -10.96
C ASN D 36 -51.07 47.09 -11.21
N SER D 37 -51.46 48.27 -11.70
CA SER D 37 -50.47 49.26 -12.11
C SER D 37 -50.44 50.52 -11.25
N VAL D 38 -51.15 50.55 -10.13
CA VAL D 38 -51.19 51.73 -9.27
C VAL D 38 -50.94 51.34 -7.83
N VAL D 39 -50.47 52.31 -7.04
CA VAL D 39 -50.26 52.14 -5.61
C VAL D 39 -50.83 53.35 -4.89
N SER D 40 -51.14 53.17 -3.61
CA SER D 40 -51.72 54.22 -2.79
C SER D 40 -50.85 54.46 -1.56
N LEU D 41 -50.63 55.73 -1.25
CA LEU D 41 -49.83 56.13 -0.10
C LEU D 41 -50.56 57.23 0.65
N SER D 42 -50.22 57.36 1.94
CA SER D 42 -50.85 58.38 2.77
C SER D 42 -50.41 59.77 2.33
N GLN D 43 -51.32 60.74 2.47
CA GLN D 43 -51.04 62.10 2.05
C GLN D 43 -49.86 62.74 2.78
N PRO D 44 -49.75 62.67 4.12
CA PRO D 44 -48.56 63.25 4.77
C PRO D 44 -47.26 62.64 4.30
N LYS D 45 -47.26 61.32 4.05
CA LYS D 45 -46.06 60.66 3.57
C LYS D 45 -45.65 61.18 2.20
N MET D 46 -46.62 61.37 1.30
CA MET D 46 -46.33 61.94 -0.01
C MET D 46 -45.86 63.38 0.12
N ASP D 47 -46.46 64.15 1.03
CA ASP D 47 -46.00 65.52 1.26
C ASP D 47 -44.55 65.55 1.71
N GLU D 48 -44.16 64.62 2.58
CA GLU D 48 -42.75 64.52 2.97
C GLU D 48 -41.88 64.14 1.77
N LEU D 49 -42.37 63.24 0.92
CA LEU D 49 -41.64 62.82 -0.26
C LEU D 49 -41.81 63.75 -1.46
N GLN D 50 -42.63 64.80 -1.32
CA GLN D 50 -42.84 65.80 -2.38
C GLN D 50 -43.36 65.16 -3.66
N LEU D 51 -44.40 64.35 -3.53
CA LEU D 51 -45.00 63.64 -4.65
C LEU D 51 -46.44 64.11 -4.84
N PHE D 52 -46.78 64.49 -6.06
CA PHE D 52 -48.16 64.82 -6.39
C PHE D 52 -48.92 63.57 -6.81
N ARG D 53 -50.24 63.69 -6.87
CA ARG D 53 -51.08 62.58 -7.29
C ARG D 53 -50.82 62.21 -8.74
N GLY D 54 -50.91 60.93 -9.05
CA GLY D 54 -50.69 60.44 -10.40
C GLY D 54 -49.25 60.33 -10.82
N ASP D 55 -48.30 60.59 -9.92
CA ASP D 55 -46.90 60.56 -10.28
C ASP D 55 -46.41 59.14 -10.50
N THR D 56 -45.59 58.95 -11.52
CA THR D 56 -44.94 57.67 -11.74
C THR D 56 -43.79 57.51 -10.74
N VAL D 57 -43.88 56.48 -9.91
CA VAL D 57 -42.91 56.27 -8.83
C VAL D 57 -42.29 54.89 -9.00
N LEU D 58 -40.98 54.82 -8.77
CA LEU D 58 -40.20 53.61 -8.95
C LEU D 58 -40.10 52.87 -7.61
N LEU D 59 -40.30 51.57 -7.65
CA LEU D 59 -40.27 50.73 -6.45
C LEU D 59 -39.09 49.79 -6.51
N LYS D 60 -38.26 49.81 -5.46
CA LYS D 60 -37.22 48.81 -5.32
C LYS D 60 -37.80 47.50 -4.82
N GLY D 61 -37.14 46.40 -5.19
CA GLY D 61 -37.54 45.10 -4.71
C GLY D 61 -36.33 44.23 -4.45
N LYS D 62 -36.58 43.12 -3.76
CA LYS D 62 -35.51 42.18 -3.47
C LYS D 62 -35.14 41.37 -4.72
N LYS D 63 -33.95 40.77 -4.66
CA LYS D 63 -33.43 39.93 -5.75
C LYS D 63 -33.32 40.72 -7.06
N ARG D 64 -32.90 41.98 -6.96
CA ARG D 64 -32.73 42.85 -8.14
C ARG D 64 -34.02 42.95 -8.96
N ARG D 65 -35.13 43.27 -8.29
CA ARG D 65 -36.41 43.47 -8.95
C ARG D 65 -36.87 44.89 -8.71
N GLU D 66 -37.62 45.44 -9.66
CA GLU D 66 -38.14 46.80 -9.55
C GLU D 66 -39.53 46.86 -10.17
N ALA D 67 -40.35 47.76 -9.65
CA ALA D 67 -41.71 47.94 -10.14
C ALA D 67 -42.02 49.43 -10.27
N VAL D 68 -42.90 49.75 -11.21
CA VAL D 68 -43.36 51.11 -11.44
C VAL D 68 -44.87 51.12 -11.24
N CYS D 69 -45.37 52.17 -10.59
CA CYS D 69 -46.79 52.30 -10.32
C CYS D 69 -47.18 53.76 -10.22
N ILE D 70 -48.47 54.01 -10.22
CA ILE D 70 -49.03 55.36 -10.12
C ILE D 70 -49.45 55.58 -8.66
N VAL D 71 -48.88 56.61 -8.03
CA VAL D 71 -49.15 56.86 -6.62
C VAL D 71 -50.56 57.39 -6.45
N LEU D 72 -51.19 57.05 -5.33
CA LEU D 72 -52.54 57.51 -5.00
C LEU D 72 -52.56 57.97 -3.54
N SER D 73 -53.50 58.88 -3.25
CA SER D 73 -53.65 59.43 -1.90
C SER D 73 -54.74 58.66 -1.17
N ASP D 74 -54.34 57.89 -0.16
CA ASP D 74 -55.25 57.04 0.58
C ASP D 74 -55.26 57.45 2.05
N ASP D 75 -56.47 57.69 2.59
CA ASP D 75 -56.58 57.99 4.01
C ASP D 75 -56.40 56.73 4.86
N THR D 76 -56.89 55.58 4.36
CA THR D 76 -56.77 54.34 5.11
C THR D 76 -55.32 53.93 5.28
N CYS D 77 -54.49 54.14 4.26
CA CYS D 77 -53.09 53.76 4.34
C CYS D 77 -52.35 54.61 5.36
N SER D 78 -51.49 53.96 6.14
CA SER D 78 -50.69 54.64 7.15
C SER D 78 -49.50 55.33 6.50
N ASP D 79 -48.96 56.33 7.22
CA ASP D 79 -47.78 57.03 6.72
C ASP D 79 -46.57 56.11 6.64
N GLU D 80 -46.43 55.20 7.60
CA GLU D 80 -45.32 54.27 7.64
C GLU D 80 -45.53 53.03 6.79
N LYS D 81 -46.61 52.99 6.01
CA LYS D 81 -46.95 51.81 5.22
C LYS D 81 -47.27 52.23 3.78
N ILE D 82 -47.16 51.26 2.87
CA ILE D 82 -47.56 51.43 1.47
C ILE D 82 -48.52 50.31 1.11
N ARG D 83 -49.61 50.66 0.46
CA ARG D 83 -50.66 49.70 0.11
C ARG D 83 -50.44 49.21 -1.32
N MET D 84 -50.32 47.90 -1.49
CA MET D 84 -50.14 47.28 -2.80
C MET D 84 -50.97 46.02 -2.88
N ASN D 85 -51.29 45.61 -4.11
CA ASN D 85 -51.96 44.35 -4.31
C ASN D 85 -50.94 43.22 -4.39
N ARG D 86 -51.42 42.03 -4.77
CA ARG D 86 -50.51 40.89 -4.87
C ARG D 86 -49.69 40.94 -6.15
N VAL D 87 -50.15 41.70 -7.15
CA VAL D 87 -49.45 41.75 -8.43
C VAL D 87 -48.10 42.44 -8.29
N VAL D 88 -48.08 43.64 -7.71
CA VAL D 88 -46.82 44.35 -7.54
C VAL D 88 -45.95 43.65 -6.49
N ARG D 89 -46.60 43.04 -5.49
CA ARG D 89 -45.87 42.27 -4.50
C ARG D 89 -45.13 41.10 -5.15
N ASN D 90 -45.78 40.44 -6.11
CA ASN D 90 -45.12 39.42 -6.92
C ASN D 90 -44.00 40.01 -7.75
N ASN D 91 -44.24 41.18 -8.35
CA ASN D 91 -43.24 41.80 -9.23
C ASN D 91 -41.97 42.13 -8.46
N LEU D 92 -42.10 42.68 -7.24
CA LEU D 92 -40.98 43.04 -6.40
C LEU D 92 -40.37 41.88 -5.64
N ARG D 93 -41.03 40.70 -5.65
CA ARG D 93 -40.55 39.52 -4.96
C ARG D 93 -40.44 39.77 -3.45
N VAL D 94 -41.51 40.27 -2.85
CA VAL D 94 -41.53 40.65 -1.44
C VAL D 94 -42.72 39.96 -0.77
N ARG D 95 -42.68 39.89 0.55
CA ARG D 95 -43.80 39.33 1.32
C ARG D 95 -44.47 40.43 2.15
N LEU D 96 -45.39 40.00 3.02
CA LEU D 96 -46.08 40.94 3.88
C LEU D 96 -45.16 41.48 4.97
N GLY D 97 -45.33 42.75 5.29
CA GLY D 97 -44.55 43.39 6.33
C GLY D 97 -43.16 43.80 5.92
N ASP D 98 -42.79 43.61 4.66
CA ASP D 98 -41.46 43.97 4.19
C ASP D 98 -41.36 45.47 3.95
N VAL D 99 -40.13 45.97 3.93
CA VAL D 99 -39.85 47.38 3.73
C VAL D 99 -39.21 47.56 2.36
N ILE D 100 -39.77 48.45 1.54
CA ILE D 100 -39.33 48.67 0.17
C ILE D 100 -39.13 50.16 -0.04
N SER D 101 -38.29 50.51 -1.01
CA SER D 101 -38.03 51.91 -1.32
C SER D 101 -39.10 52.46 -2.26
N ILE D 102 -39.28 53.78 -2.22
CA ILE D 102 -40.04 54.50 -3.23
C ILE D 102 -39.28 55.77 -3.60
N GLN D 103 -39.12 56.01 -4.89
CA GLN D 103 -38.49 57.22 -5.40
C GLN D 103 -39.22 57.66 -6.67
N PRO D 104 -39.29 58.97 -6.93
CA PRO D 104 -39.89 59.44 -8.18
C PRO D 104 -39.10 58.94 -9.38
N CYS D 105 -39.83 58.48 -10.41
CA CYS D 105 -39.18 57.91 -11.58
C CYS D 105 -38.98 58.99 -12.62
N PRO D 106 -37.75 59.30 -13.03
CA PRO D 106 -37.51 60.45 -13.92
C PRO D 106 -37.52 60.08 -15.40
N ASP D 107 -38.14 60.97 -16.20
CA ASP D 107 -38.10 60.88 -17.67
C ASP D 107 -38.59 59.53 -18.19
N VAL D 108 -39.85 59.21 -17.89
CA VAL D 108 -40.47 58.04 -18.50
C VAL D 108 -41.09 58.45 -19.84
N LYS D 109 -40.76 57.70 -20.89
CA LYS D 109 -41.21 57.99 -22.24
C LYS D 109 -42.33 57.04 -22.63
N TYR D 110 -43.32 57.56 -23.34
CA TYR D 110 -44.46 56.75 -23.75
C TYR D 110 -44.00 55.65 -24.70
N GLY D 111 -44.63 54.48 -24.57
CA GLY D 111 -44.15 53.30 -25.27
C GLY D 111 -44.45 53.37 -26.76
N LYS D 112 -43.54 52.80 -27.56
CA LYS D 112 -43.81 52.64 -28.99
C LYS D 112 -44.40 51.27 -29.28
N ARG D 113 -43.81 50.22 -28.72
CA ARG D 113 -44.32 48.87 -28.88
C ARG D 113 -43.78 48.00 -27.75
N ILE D 114 -44.63 47.10 -27.26
CA ILE D 114 -44.25 46.17 -26.21
C ILE D 114 -44.69 44.76 -26.62
N HIS D 115 -43.88 43.77 -26.25
CA HIS D 115 -44.16 42.37 -26.55
C HIS D 115 -44.62 41.69 -25.27
N VAL D 116 -45.82 41.12 -25.30
CA VAL D 116 -46.46 40.56 -24.12
C VAL D 116 -46.62 39.06 -24.31
N LEU D 117 -46.36 38.30 -23.25
CA LEU D 117 -46.46 36.84 -23.28
C LEU D 117 -47.22 36.35 -22.06
N PRO D 118 -48.33 35.63 -22.23
CA PRO D 118 -49.10 35.16 -21.08
C PRO D 118 -48.52 33.90 -20.47
N ILE D 119 -49.07 33.52 -19.30
CA ILE D 119 -48.65 32.30 -18.62
C ILE D 119 -49.42 31.11 -19.17
N ASP D 120 -48.70 30.01 -19.42
CA ASP D 120 -49.26 28.91 -20.19
C ASP D 120 -50.43 28.24 -19.47
N ASP D 121 -50.36 28.11 -18.15
CA ASP D 121 -51.46 27.46 -17.44
C ASP D 121 -52.75 28.25 -17.58
N THR D 122 -52.64 29.58 -17.73
CA THR D 122 -53.83 30.42 -17.87
C THR D 122 -54.42 30.33 -19.27
N VAL D 123 -53.56 30.22 -20.29
CA VAL D 123 -54.03 30.36 -21.67
C VAL D 123 -54.95 29.21 -22.05
N GLU D 124 -54.82 28.07 -21.36
CA GLU D 124 -55.65 26.91 -21.66
C GLU D 124 -57.10 27.19 -21.32
N GLY D 125 -58.01 26.71 -22.16
CA GLY D 125 -59.43 26.86 -21.94
C GLY D 125 -60.00 28.19 -22.36
N ILE D 126 -59.23 29.06 -23.01
CA ILE D 126 -59.70 30.37 -23.44
C ILE D 126 -59.80 30.34 -24.96
N THR D 127 -61.03 30.18 -25.47
CA THR D 127 -61.23 30.16 -26.91
C THR D 127 -61.01 31.53 -27.53
N GLY D 128 -61.52 32.58 -26.87
CA GLY D 128 -61.34 33.93 -27.39
C GLY D 128 -59.89 34.36 -27.36
N ASN D 129 -59.54 35.25 -28.29
CA ASN D 129 -58.16 35.73 -28.38
C ASN D 129 -57.78 36.47 -27.11
N LEU D 130 -56.64 36.10 -26.54
CA LEU D 130 -56.22 36.68 -25.27
C LEU D 130 -55.97 38.18 -25.40
N PHE D 131 -55.35 38.60 -26.49
CA PHE D 131 -55.07 40.03 -26.70
C PHE D 131 -56.35 40.85 -26.75
N GLU D 132 -57.30 40.42 -27.59
CA GLU D 132 -58.52 41.21 -27.76
C GLU D 132 -59.39 41.17 -26.50
N VAL D 133 -59.56 40.00 -25.91
CA VAL D 133 -60.46 39.87 -24.76
C VAL D 133 -59.86 40.52 -23.53
N TYR D 134 -58.56 40.37 -23.32
CA TYR D 134 -57.93 40.75 -22.05
C TYR D 134 -57.04 41.98 -22.19
N LEU D 135 -56.04 41.95 -23.06
CA LEU D 135 -55.03 43.02 -23.09
C LEU D 135 -55.62 44.31 -23.62
N LYS D 136 -56.43 44.25 -24.68
CA LYS D 136 -56.96 45.47 -25.28
C LYS D 136 -57.82 46.29 -24.33
N PRO D 137 -58.83 45.73 -23.65
CA PRO D 137 -59.60 46.58 -22.72
C PRO D 137 -58.81 46.95 -21.48
N TYR D 138 -57.90 46.09 -21.03
CA TYR D 138 -57.09 46.40 -19.86
C TYR D 138 -56.17 47.58 -20.13
N PHE D 139 -55.56 47.62 -21.31
CA PHE D 139 -54.56 48.63 -21.65
C PHE D 139 -55.15 49.82 -22.40
N LEU D 140 -56.44 49.82 -22.71
CA LEU D 140 -57.05 50.90 -23.47
C LEU D 140 -57.22 52.13 -22.58
N GLU D 141 -56.51 53.21 -22.94
CA GLU D 141 -56.47 54.44 -22.15
C GLU D 141 -56.00 54.17 -20.73
N ALA D 142 -55.14 53.17 -20.59
CA ALA D 142 -54.68 52.76 -19.27
C ALA D 142 -53.72 53.78 -18.66
N TYR D 143 -52.76 54.24 -19.46
CA TYR D 143 -51.68 55.10 -18.96
C TYR D 143 -50.99 54.46 -17.77
N ARG D 144 -50.67 53.17 -17.91
CA ARG D 144 -50.07 52.38 -16.86
C ARG D 144 -48.61 52.11 -17.17
N PRO D 145 -47.67 52.58 -16.35
CA PRO D 145 -46.27 52.22 -16.58
C PRO D 145 -46.05 50.75 -16.31
N ILE D 146 -45.17 50.14 -17.10
CA ILE D 146 -44.84 48.73 -16.95
C ILE D 146 -43.34 48.54 -17.07
N ARG D 147 -42.86 47.40 -16.57
CA ARG D 147 -41.45 47.07 -16.57
C ARG D 147 -41.28 45.60 -16.90
N LYS D 148 -40.14 45.25 -17.47
CA LYS D 148 -39.87 43.87 -17.85
C LYS D 148 -39.88 42.96 -16.64
N GLY D 149 -40.37 41.73 -16.83
CA GLY D 149 -40.41 40.77 -15.76
C GLY D 149 -41.58 40.92 -14.81
N ASP D 150 -42.55 41.77 -15.12
CA ASP D 150 -43.67 42.06 -14.24
C ASP D 150 -44.87 41.26 -14.69
N ILE D 151 -45.44 40.48 -13.76
CA ILE D 151 -46.58 39.62 -14.04
C ILE D 151 -47.82 40.25 -13.45
N PHE D 152 -48.82 40.49 -14.29
CA PHE D 152 -50.07 41.10 -13.87
C PHE D 152 -51.25 40.25 -14.33
N LEU D 153 -52.39 40.47 -13.69
CA LEU D 153 -53.58 39.64 -13.87
C LEU D 153 -54.70 40.49 -14.46
N VAL D 154 -55.45 39.91 -15.39
CA VAL D 154 -56.59 40.57 -16.00
C VAL D 154 -57.84 39.72 -15.74
N ARG D 155 -58.88 40.34 -15.22
CA ARG D 155 -60.13 39.63 -14.97
C ARG D 155 -60.97 39.56 -16.23
N GLY D 156 -61.86 38.59 -16.27
CA GLY D 156 -62.75 38.38 -17.40
C GLY D 156 -62.62 36.98 -17.95
N GLY D 157 -63.49 36.64 -18.89
CA GLY D 157 -63.42 35.36 -19.55
C GLY D 157 -63.76 34.19 -18.64
N MET D 158 -63.46 32.99 -19.13
CA MET D 158 -63.66 31.79 -18.31
C MET D 158 -62.65 31.73 -17.19
N ARG D 159 -61.37 31.96 -17.51
CA ARG D 159 -60.29 31.92 -16.53
C ARG D 159 -59.46 33.19 -16.67
N ALA D 160 -59.06 33.75 -15.53
CA ALA D 160 -58.22 34.93 -15.55
C ALA D 160 -56.83 34.58 -16.08
N VAL D 161 -56.38 35.35 -17.08
CA VAL D 161 -55.13 35.07 -17.79
C VAL D 161 -54.09 36.10 -17.37
N GLU D 162 -53.02 35.64 -16.75
CA GLU D 162 -51.90 36.49 -16.38
C GLU D 162 -51.09 36.81 -17.62
N PHE D 163 -50.47 37.99 -17.64
CA PHE D 163 -49.65 38.42 -18.76
C PHE D 163 -48.29 38.89 -18.25
N LYS D 164 -47.23 38.36 -18.84
CA LYS D 164 -45.87 38.70 -18.49
C LYS D 164 -45.24 39.47 -19.64
N VAL D 165 -44.85 40.71 -19.38
CA VAL D 165 -44.30 41.58 -20.42
C VAL D 165 -42.81 41.28 -20.50
N VAL D 166 -42.42 40.56 -21.56
CA VAL D 166 -41.03 40.18 -21.74
C VAL D 166 -40.21 41.35 -22.24
N GLU D 167 -40.79 42.19 -23.10
CA GLU D 167 -40.06 43.25 -23.78
C GLU D 167 -40.87 44.53 -23.79
N THR D 168 -40.23 45.64 -23.43
CA THR D 168 -40.83 46.97 -23.46
C THR D 168 -39.85 47.94 -24.11
N ASP D 169 -40.37 48.92 -24.82
CA ASP D 169 -39.58 49.99 -25.39
C ASP D 169 -40.22 51.33 -25.08
N PRO D 170 -39.46 52.32 -24.57
CA PRO D 170 -38.01 52.23 -24.30
C PRO D 170 -37.70 51.35 -23.08
N SER D 171 -36.62 50.59 -23.17
CA SER D 171 -36.28 49.66 -22.11
C SER D 171 -35.75 50.41 -20.89
N PRO D 172 -36.35 50.19 -19.71
CA PRO D 172 -37.55 49.36 -19.57
C PRO D 172 -38.82 50.17 -19.24
N TYR D 173 -38.68 51.49 -19.13
CA TYR D 173 -39.73 52.35 -18.59
C TYR D 173 -40.56 52.90 -19.74
N CYS D 174 -41.85 52.54 -19.77
CA CYS D 174 -42.77 53.05 -20.77
C CYS D 174 -44.16 53.13 -20.18
N ILE D 175 -45.01 53.93 -20.82
CA ILE D 175 -46.40 54.09 -20.41
C ILE D 175 -47.29 53.52 -21.51
N VAL D 176 -48.11 52.53 -21.15
CA VAL D 176 -48.99 51.92 -22.14
C VAL D 176 -50.13 52.88 -22.48
N ALA D 177 -50.32 53.12 -23.77
CA ALA D 177 -51.30 54.05 -24.27
C ALA D 177 -52.01 53.42 -25.47
N PRO D 178 -53.21 53.89 -25.81
CA PRO D 178 -53.92 53.29 -26.95
C PRO D 178 -53.16 53.35 -28.25
N ASP D 179 -52.40 54.41 -28.50
CA ASP D 179 -51.63 54.51 -29.74
C ASP D 179 -50.53 53.46 -29.79
N THR D 180 -49.92 53.17 -28.64
CA THR D 180 -48.86 52.17 -28.58
C THR D 180 -49.40 50.79 -28.96
N VAL D 181 -48.62 50.06 -29.74
CA VAL D 181 -49.01 48.72 -30.21
C VAL D 181 -48.69 47.71 -29.11
N ILE D 182 -49.67 46.89 -28.76
CA ILE D 182 -49.50 45.80 -27.81
C ILE D 182 -49.97 44.51 -28.50
N HIS D 183 -49.26 43.41 -28.23
CA HIS D 183 -49.59 42.13 -28.84
C HIS D 183 -49.20 41.01 -27.87
N CYS D 184 -49.93 39.90 -27.92
CA CYS D 184 -49.62 38.75 -27.08
C CYS D 184 -49.10 37.56 -27.86
N GLU D 185 -48.65 37.76 -29.10
CA GLU D 185 -48.16 36.64 -29.91
C GLU D 185 -46.83 36.14 -29.38
N GLY D 186 -46.69 34.81 -29.36
CA GLY D 186 -45.47 34.17 -28.90
C GLY D 186 -45.77 33.02 -27.95
N GLU D 187 -44.69 32.33 -27.59
CA GLU D 187 -44.79 31.16 -26.72
C GLU D 187 -45.24 31.59 -25.32
N PRO D 188 -46.30 31.01 -24.77
CA PRO D 188 -46.74 31.39 -23.43
C PRO D 188 -45.70 31.05 -22.38
N ILE D 189 -45.60 31.91 -21.37
CA ILE D 189 -44.57 31.74 -20.34
C ILE D 189 -44.92 30.56 -19.45
N LYS D 190 -43.95 29.68 -19.26
CA LYS D 190 -44.16 28.50 -18.43
C LYS D 190 -44.45 28.90 -16.99
N ARG D 191 -45.51 28.32 -16.43
CA ARG D 191 -45.86 28.59 -15.04
C ARG D 191 -44.73 28.20 -14.11
N GLU D 192 -44.03 27.10 -14.43
CA GLU D 192 -42.92 26.66 -13.60
C GLU D 192 -41.78 27.68 -13.63
N ASP D 193 -41.59 28.37 -14.75
CA ASP D 193 -40.55 29.39 -14.80
C ASP D 193 -40.85 30.54 -13.85
N GLU D 194 -42.09 31.03 -13.84
CA GLU D 194 -42.45 32.09 -12.91
C GLU D 194 -42.39 31.60 -11.47
N GLU D 195 -42.78 30.34 -11.24
CA GLU D 195 -42.70 29.78 -9.89
C GLU D 195 -41.25 29.70 -9.41
N GLU D 196 -40.34 29.25 -10.28
CA GLU D 196 -38.93 29.21 -9.91
C GLU D 196 -38.36 30.61 -9.72
N SER D 197 -38.87 31.58 -10.48
CA SER D 197 -38.48 32.97 -10.23
C SER D 197 -38.92 33.41 -8.84
N LEU D 198 -40.13 33.04 -8.44
CA LEU D 198 -40.56 33.26 -7.07
C LEU D 198 -39.73 32.45 -6.08
N ASN D 199 -39.44 31.20 -6.43
CA ASN D 199 -38.64 30.33 -5.56
C ASN D 199 -37.15 30.58 -5.84
N GLU D 200 -36.70 31.75 -5.41
CA GLU D 200 -35.32 32.17 -5.54
C GLU D 200 -34.78 32.46 -4.14
N VAL D 201 -33.50 32.14 -3.94
CA VAL D 201 -32.91 32.32 -2.62
C VAL D 201 -32.32 33.72 -2.50
N GLY D 202 -32.44 34.31 -1.31
CA GLY D 202 -31.88 35.61 -1.06
C GLY D 202 -31.09 35.62 0.24
N TYR D 203 -30.63 36.82 0.61
CA TYR D 203 -29.91 36.95 1.87
C TYR D 203 -30.85 36.73 3.06
N ASP D 204 -32.15 36.96 2.85
CA ASP D 204 -33.12 36.71 3.92
C ASP D 204 -33.41 35.23 4.08
N ASP D 205 -33.23 34.44 3.01
CA ASP D 205 -33.43 33.01 3.11
C ASP D 205 -32.28 32.33 3.84
N ILE D 206 -31.23 33.07 4.15
CA ILE D 206 -30.13 32.51 4.93
C ILE D 206 -30.43 32.74 6.41
N GLY D 207 -30.54 31.66 7.16
CA GLY D 207 -30.90 31.72 8.57
C GLY D 207 -29.72 31.36 9.44
N GLY D 208 -29.66 31.97 10.62
CA GLY D 208 -28.47 31.86 11.43
C GLY D 208 -27.32 32.57 10.76
N CYS D 209 -26.11 32.30 11.27
CA CYS D 209 -24.86 32.81 10.69
C CYS D 209 -24.99 34.27 10.26
N ARG D 210 -25.52 35.10 11.15
CA ARG D 210 -25.76 36.51 10.81
C ARG D 210 -24.46 37.26 10.58
N LYS D 211 -23.45 37.02 11.42
CA LYS D 211 -22.16 37.66 11.24
C LYS D 211 -21.46 37.17 9.98
N GLN D 212 -21.60 35.89 9.67
CA GLN D 212 -21.01 35.35 8.45
C GLN D 212 -21.64 36.00 7.22
N LEU D 213 -22.97 36.12 7.22
CA LEU D 213 -23.64 36.78 6.11
C LEU D 213 -23.25 38.26 6.04
N ALA D 214 -23.04 38.89 7.20
CA ALA D 214 -22.60 40.28 7.20
C ALA D 214 -21.23 40.42 6.55
N GLN D 215 -20.31 39.51 6.87
CA GLN D 215 -18.99 39.56 6.25
C GLN D 215 -19.07 39.34 4.75
N ILE D 216 -19.85 38.35 4.32
CA ILE D 216 -20.00 38.09 2.90
C ILE D 216 -20.60 39.30 2.19
N LYS D 217 -21.60 39.94 2.80
CA LYS D 217 -22.21 41.12 2.19
C LYS D 217 -21.25 42.28 2.14
N GLU D 218 -20.43 42.46 3.18
CA GLU D 218 -19.39 43.48 3.14
C GLU D 218 -18.41 43.23 2.01
N MET D 219 -18.23 41.96 1.64
CA MET D 219 -17.07 41.66 0.80
C MET D 219 -17.45 41.46 -0.66
N VAL D 220 -18.71 41.12 -0.97
CA VAL D 220 -19.18 40.99 -2.35
C VAL D 220 -20.20 42.07 -2.69
N GLU D 221 -20.98 42.52 -1.72
CA GLU D 221 -22.02 43.50 -2.01
C GLU D 221 -21.53 44.93 -1.82
N LEU D 222 -20.84 45.20 -0.71
CA LEU D 222 -20.40 46.55 -0.42
C LEU D 222 -19.46 47.14 -1.46
N PRO D 223 -18.41 46.44 -1.93
CA PRO D 223 -17.56 47.06 -2.95
C PRO D 223 -18.30 47.39 -4.23
N LEU D 224 -19.32 46.61 -4.58
CA LEU D 224 -20.08 46.89 -5.80
C LEU D 224 -20.98 48.10 -5.63
N ARG D 225 -21.70 48.18 -4.50
CA ARG D 225 -22.61 49.29 -4.28
C ARG D 225 -21.87 50.61 -4.15
N HIS D 226 -20.82 50.64 -3.33
CA HIS D 226 -20.07 51.87 -3.05
C HIS D 226 -18.59 51.62 -3.25
N PRO D 227 -18.14 51.57 -4.50
CA PRO D 227 -16.69 51.53 -4.73
C PRO D 227 -15.99 52.80 -4.27
N ALA D 228 -16.70 53.93 -4.25
CA ALA D 228 -16.09 55.20 -3.89
C ALA D 228 -15.48 55.15 -2.50
N LEU D 229 -16.02 54.32 -1.61
CA LEU D 229 -15.40 54.13 -0.29
C LEU D 229 -13.98 53.64 -0.42
N PHE D 230 -13.75 52.64 -1.26
CA PHE D 230 -12.44 52.03 -1.37
C PHE D 230 -11.52 52.84 -2.27
N LYS D 231 -12.10 53.66 -3.16
CA LYS D 231 -11.27 54.59 -3.92
C LYS D 231 -10.83 55.75 -3.06
N GLU D 232 -11.65 56.15 -2.09
CA GLU D 232 -11.29 57.27 -1.22
C GLU D 232 -10.30 56.84 -0.15
N ILE D 233 -10.65 55.79 0.62
CA ILE D 233 -9.76 55.31 1.67
C ILE D 233 -8.54 54.60 1.11
N GLY D 234 -8.50 54.36 -0.19
CA GLY D 234 -7.29 53.86 -0.84
C GLY D 234 -6.88 52.46 -0.50
N VAL D 235 -7.85 51.54 -0.40
CA VAL D 235 -7.55 50.14 -0.17
C VAL D 235 -8.39 49.30 -1.12
N LYS D 236 -7.85 48.16 -1.49
CA LYS D 236 -8.57 47.22 -2.34
C LYS D 236 -9.24 46.16 -1.47
N PRO D 237 -10.55 45.96 -1.60
CA PRO D 237 -11.25 45.07 -0.69
C PRO D 237 -10.80 43.64 -0.88
N PRO D 238 -11.06 42.76 0.09
CA PRO D 238 -10.74 41.34 -0.08
C PRO D 238 -11.43 40.77 -1.31
N ARG D 239 -10.73 39.88 -2.01
CA ARG D 239 -11.19 39.36 -3.29
C ARG D 239 -11.36 37.84 -3.28
N GLY D 240 -11.25 37.20 -2.12
CA GLY D 240 -11.41 35.76 -2.04
C GLY D 240 -12.12 35.30 -0.79
N ILE D 241 -13.15 34.48 -0.95
CA ILE D 241 -13.95 33.98 0.17
C ILE D 241 -13.83 32.47 0.19
N LEU D 242 -13.50 31.91 1.35
CA LEU D 242 -13.56 30.47 1.56
C LEU D 242 -14.62 30.19 2.61
N LEU D 243 -15.70 29.56 2.20
CA LEU D 243 -16.76 29.15 3.11
C LEU D 243 -16.51 27.70 3.51
N TYR D 244 -16.39 27.45 4.81
CA TYR D 244 -16.18 26.11 5.32
C TYR D 244 -17.06 25.87 6.53
N GLY D 245 -17.49 24.63 6.69
CA GLY D 245 -18.30 24.23 7.81
C GLY D 245 -18.74 22.79 7.64
N PRO D 246 -19.43 22.25 8.64
CA PRO D 246 -19.98 20.90 8.50
C PRO D 246 -21.04 20.87 7.42
N PRO D 247 -21.29 19.71 6.82
CA PRO D 247 -22.29 19.63 5.74
C PRO D 247 -23.67 20.06 6.21
N GLY D 248 -24.37 20.77 5.34
CA GLY D 248 -25.72 21.20 5.62
C GLY D 248 -25.86 22.49 6.38
N THR D 249 -24.81 23.31 6.43
CA THR D 249 -24.84 24.55 7.20
C THR D 249 -25.21 25.77 6.37
N GLY D 250 -25.19 25.67 5.05
CA GLY D 250 -25.62 26.77 4.21
C GLY D 250 -24.54 27.41 3.36
N LYS D 251 -23.52 26.66 2.96
CA LYS D 251 -22.49 27.22 2.10
C LYS D 251 -22.99 27.40 0.68
N THR D 252 -23.51 26.32 0.09
CA THR D 252 -24.09 26.42 -1.25
C THR D 252 -25.35 27.28 -1.23
N LEU D 253 -26.06 27.33 -0.10
CA LEU D 253 -27.21 28.21 -0.01
C LEU D 253 -26.80 29.68 -0.06
N ILE D 254 -25.70 30.03 0.61
CA ILE D 254 -25.18 31.39 0.53
C ILE D 254 -24.70 31.68 -0.90
N ALA D 255 -24.09 30.70 -1.55
CA ALA D 255 -23.69 30.88 -2.94
C ALA D 255 -24.90 31.12 -3.85
N ARG D 256 -25.99 30.38 -3.64
CA ARG D 256 -27.19 30.60 -4.42
C ARG D 256 -27.77 31.98 -4.17
N ALA D 257 -27.78 32.42 -2.92
CA ALA D 257 -28.28 33.75 -2.61
C ALA D 257 -27.46 34.81 -3.32
N VAL D 258 -26.13 34.69 -3.26
CA VAL D 258 -25.26 35.65 -3.92
C VAL D 258 -25.51 35.65 -5.43
N ALA D 259 -25.62 34.46 -6.02
CA ALA D 259 -25.86 34.38 -7.46
C ALA D 259 -27.20 34.99 -7.84
N ASN D 260 -28.22 34.78 -7.00
CA ASN D 260 -29.55 35.28 -7.33
C ASN D 260 -29.62 36.79 -7.21
N GLU D 261 -28.94 37.39 -6.24
CA GLU D 261 -29.13 38.81 -5.98
C GLU D 261 -27.83 39.61 -5.94
N THR D 262 -26.94 39.42 -6.91
CA THR D 262 -25.85 40.35 -7.19
C THR D 262 -25.96 40.81 -8.64
N GLY D 263 -25.67 42.09 -8.88
CA GLY D 263 -25.62 42.57 -10.25
C GLY D 263 -24.39 42.09 -10.98
N ALA D 264 -23.38 41.62 -10.23
CA ALA D 264 -22.16 41.12 -10.84
C ALA D 264 -22.42 39.86 -11.65
N PHE D 265 -21.60 39.64 -12.67
CA PHE D 265 -21.65 38.40 -13.41
C PHE D 265 -21.24 37.25 -12.49
N PHE D 266 -22.01 36.17 -12.52
CA PHE D 266 -21.77 35.02 -11.68
C PHE D 266 -21.38 33.84 -12.56
N PHE D 267 -20.22 33.26 -12.27
CA PHE D 267 -19.75 32.05 -12.94
C PHE D 267 -19.59 30.96 -11.88
N LEU D 268 -20.23 29.82 -12.10
CA LEU D 268 -20.18 28.72 -11.16
C LEU D 268 -19.25 27.63 -11.69
N ILE D 269 -18.32 27.21 -10.84
CA ILE D 269 -17.46 26.07 -11.11
C ILE D 269 -17.80 24.97 -10.13
N ASN D 270 -18.30 23.84 -10.63
CA ASN D 270 -18.45 22.64 -9.83
C ASN D 270 -17.15 21.85 -9.90
N GLY D 271 -16.70 21.36 -8.74
CA GLY D 271 -15.36 20.87 -8.59
C GLY D 271 -14.89 19.92 -9.68
N PRO D 272 -15.44 18.71 -9.70
CA PRO D 272 -14.97 17.71 -10.65
C PRO D 272 -15.25 18.05 -12.11
N GLU D 273 -16.12 19.03 -12.38
CA GLU D 273 -16.48 19.35 -13.76
C GLU D 273 -15.27 19.89 -14.53
N ILE D 274 -14.23 20.30 -13.82
CA ILE D 274 -13.02 20.80 -14.47
C ILE D 274 -12.29 19.67 -15.18
N MET D 275 -12.26 18.49 -14.58
CA MET D 275 -11.41 17.40 -15.05
C MET D 275 -11.79 16.95 -16.45
N SER D 276 -10.79 16.63 -17.25
CA SER D 276 -10.98 16.09 -18.59
C SER D 276 -9.85 15.15 -18.93
N LYS D 277 -10.13 14.25 -19.89
CA LYS D 277 -9.14 13.22 -20.24
C LYS D 277 -7.99 13.80 -21.06
N LEU D 278 -8.27 14.82 -21.86
CA LEU D 278 -7.23 15.40 -22.71
C LEU D 278 -6.13 16.04 -21.87
N ALA D 279 -4.93 16.10 -22.44
CA ALA D 279 -3.82 16.72 -21.74
C ALA D 279 -3.98 18.24 -21.75
N GLY D 280 -3.93 18.85 -20.57
CA GLY D 280 -4.10 20.27 -20.45
C GLY D 280 -5.53 20.76 -20.62
N GLU D 281 -6.50 19.86 -20.70
CA GLU D 281 -7.89 20.29 -20.91
C GLU D 281 -8.50 20.82 -19.62
N SER D 282 -8.14 20.25 -18.48
CA SER D 282 -8.64 20.76 -17.21
C SER D 282 -8.13 22.18 -16.95
N GLU D 283 -6.84 22.40 -17.15
CA GLU D 283 -6.29 23.73 -16.99
C GLU D 283 -6.89 24.69 -17.99
N SER D 284 -7.17 24.21 -19.21
CA SER D 284 -7.84 25.04 -20.19
C SER D 284 -9.24 25.43 -19.72
N ASN D 285 -9.95 24.49 -19.09
CA ASN D 285 -11.28 24.81 -18.57
C ASN D 285 -11.20 25.86 -17.46
N LEU D 286 -10.23 25.72 -16.56
CA LEU D 286 -10.06 26.72 -15.50
C LEU D 286 -9.73 28.08 -16.07
N ARG D 287 -8.79 28.13 -17.03
CA ARG D 287 -8.43 29.41 -17.65
C ARG D 287 -9.61 30.00 -18.41
N LYS D 288 -10.41 29.16 -19.06
CA LYS D 288 -11.58 29.66 -19.77
C LYS D 288 -12.59 30.25 -18.81
N ALA D 289 -12.80 29.61 -17.65
CA ALA D 289 -13.71 30.15 -16.65
C ALA D 289 -13.22 31.51 -16.15
N PHE D 290 -11.93 31.59 -15.82
CA PHE D 290 -11.41 32.85 -15.30
C PHE D 290 -11.40 33.95 -16.36
N GLU D 291 -11.15 33.58 -17.62
CA GLU D 291 -11.16 34.58 -18.68
C GLU D 291 -12.57 35.05 -18.97
N GLU D 292 -13.55 34.15 -18.94
CA GLU D 292 -14.94 34.55 -19.09
C GLU D 292 -15.38 35.49 -17.98
N ALA D 293 -14.92 35.21 -16.75
CA ALA D 293 -15.23 36.12 -15.65
C ALA D 293 -14.54 37.47 -15.83
N GLU D 294 -13.29 37.48 -16.28
CA GLU D 294 -12.55 38.73 -16.43
C GLU D 294 -13.15 39.59 -17.54
N LYS D 295 -13.63 38.97 -18.61
CA LYS D 295 -14.28 39.72 -19.68
C LYS D 295 -15.51 40.45 -19.17
N ASN D 296 -16.08 39.98 -18.06
CA ASN D 296 -17.36 40.46 -17.57
C ASN D 296 -17.25 41.43 -16.39
N ALA D 297 -16.25 42.30 -16.38
CA ALA D 297 -16.25 43.50 -15.54
C ALA D 297 -16.18 43.08 -14.06
N PRO D 298 -17.04 43.56 -13.14
CA PRO D 298 -17.18 42.81 -11.88
C PRO D 298 -17.81 41.45 -12.10
N ALA D 299 -17.12 40.41 -11.63
CA ALA D 299 -17.60 39.05 -11.76
C ALA D 299 -17.29 38.29 -10.48
N ILE D 300 -18.12 37.29 -10.20
CA ILE D 300 -17.94 36.41 -9.05
C ILE D 300 -17.84 34.99 -9.56
N ILE D 301 -16.77 34.31 -9.16
CA ILE D 301 -16.56 32.90 -9.48
C ILE D 301 -16.77 32.11 -8.19
N PHE D 302 -17.71 31.18 -8.21
CA PHE D 302 -17.91 30.27 -7.09
C PHE D 302 -17.39 28.90 -7.49
N ILE D 303 -16.55 28.32 -6.65
CA ILE D 303 -16.01 26.99 -6.87
C ILE D 303 -16.60 26.07 -5.81
N ASP D 304 -17.70 25.41 -6.16
CA ASP D 304 -18.30 24.43 -5.25
C ASP D 304 -17.41 23.21 -5.14
N GLU D 305 -17.34 22.64 -3.93
CA GLU D 305 -16.48 21.51 -3.64
C GLU D 305 -15.03 21.81 -4.03
N LEU D 306 -14.46 22.80 -3.34
CA LEU D 306 -13.09 23.22 -3.66
C LEU D 306 -12.09 22.11 -3.37
N ASP D 307 -12.29 21.34 -2.30
CA ASP D 307 -11.32 20.33 -1.91
C ASP D 307 -11.20 19.23 -2.95
N ALA D 308 -12.20 19.13 -3.85
CA ALA D 308 -12.14 18.12 -4.90
C ALA D 308 -10.99 18.37 -5.86
N ILE D 309 -10.79 19.63 -6.25
CA ILE D 309 -9.79 19.98 -7.25
C ILE D 309 -8.65 20.82 -6.69
N ALA D 310 -8.60 21.01 -5.38
CA ALA D 310 -7.52 21.76 -4.74
C ALA D 310 -6.94 20.98 -3.57
N PRO D 311 -6.35 19.81 -3.83
CA PRO D 311 -5.63 19.12 -2.77
C PRO D 311 -4.23 19.66 -2.62
N LYS D 312 -3.57 19.25 -1.54
CA LYS D 312 -2.21 19.69 -1.31
C LYS D 312 -1.28 19.12 -2.38
N ARG D 313 -0.47 20.00 -2.98
CA ARG D 313 0.44 19.56 -4.03
C ARG D 313 1.47 18.58 -3.49
N GLU D 314 1.90 18.77 -2.24
CA GLU D 314 2.89 17.87 -1.66
C GLU D 314 2.30 16.50 -1.36
N LYS D 315 1.00 16.43 -1.07
CA LYS D 315 0.35 15.16 -0.77
C LYS D 315 -0.36 14.55 -1.97
N THR D 316 -0.44 15.26 -3.09
CA THR D 316 -1.09 14.74 -4.28
C THR D 316 -0.11 13.82 -5.00
N HIS D 317 -0.64 12.75 -5.61
CA HIS D 317 0.22 11.80 -6.31
C HIS D 317 0.15 12.01 -7.82
N GLY D 318 -1.04 12.26 -8.35
CA GLY D 318 -1.19 12.42 -9.79
C GLY D 318 -0.71 13.79 -10.25
N GLU D 319 -0.06 13.83 -11.42
CA GLU D 319 0.51 15.09 -11.89
C GLU D 319 -0.57 16.07 -12.35
N VAL D 320 -1.67 15.55 -12.91
CA VAL D 320 -2.72 16.43 -13.42
C VAL D 320 -3.34 17.24 -12.29
N GLU D 321 -3.58 16.61 -11.15
CA GLU D 321 -4.16 17.33 -10.02
C GLU D 321 -3.23 18.43 -9.53
N ARG D 322 -1.93 18.15 -9.43
CA ARG D 322 -0.99 19.19 -9.00
C ARG D 322 -0.93 20.31 -10.01
N ARG D 323 -0.99 19.99 -11.30
CA ARG D 323 -0.96 21.03 -12.32
C ARG D 323 -2.21 21.90 -12.24
N ILE D 324 -3.35 21.30 -11.90
CA ILE D 324 -4.57 22.08 -11.73
C ILE D 324 -4.47 22.99 -10.51
N VAL D 325 -3.89 22.49 -9.42
CA VAL D 325 -3.70 23.33 -8.25
C VAL D 325 -2.79 24.51 -8.59
N SER D 326 -1.70 24.24 -9.31
CA SER D 326 -0.80 25.31 -9.73
C SER D 326 -1.49 26.30 -10.65
N GLN D 327 -2.34 25.81 -11.55
CA GLN D 327 -3.09 26.70 -12.43
C GLN D 327 -4.00 27.61 -11.63
N LEU D 328 -4.69 27.07 -10.63
CA LEU D 328 -5.51 27.92 -9.76
C LEU D 328 -4.65 28.95 -9.04
N LEU D 329 -3.48 28.53 -8.57
CA LEU D 329 -2.59 29.44 -7.86
C LEU D 329 -2.19 30.62 -8.74
N THR D 330 -1.82 30.35 -9.99
CA THR D 330 -1.40 31.43 -10.87
C THR D 330 -2.58 32.24 -11.36
N LEU D 331 -3.77 31.64 -11.43
CA LEU D 331 -4.93 32.38 -11.89
C LEU D 331 -5.37 33.40 -10.85
N MET D 332 -5.46 33.02 -9.58
CA MET D 332 -5.92 33.99 -8.58
C MET D 332 -4.85 35.01 -8.25
N ASP D 333 -3.59 34.58 -8.10
CA ASP D 333 -2.51 35.51 -7.79
C ASP D 333 -1.27 35.11 -8.56
N GLY D 334 -1.05 35.75 -9.71
CA GLY D 334 0.10 35.47 -10.54
C GLY D 334 0.69 36.78 -11.03
N LEU D 335 1.48 36.68 -12.11
CA LEU D 335 2.12 37.87 -12.65
C LEU D 335 1.08 38.85 -13.15
N LYS D 336 0.01 38.36 -13.77
CA LYS D 336 -1.09 39.19 -14.24
C LYS D 336 -2.21 39.15 -13.19
N GLN D 337 -2.67 40.33 -12.80
CA GLN D 337 -3.61 40.45 -11.69
C GLN D 337 -5.06 40.34 -12.16
N ARG D 338 -5.92 39.85 -11.28
CA ARG D 338 -7.34 39.74 -11.60
C ARG D 338 -7.95 41.12 -11.82
N ALA D 339 -8.86 41.21 -12.78
CA ALA D 339 -9.53 42.46 -13.12
C ALA D 339 -10.84 42.54 -12.34
N HIS D 340 -10.72 42.70 -11.02
CA HIS D 340 -11.87 42.74 -10.12
C HIS D 340 -12.78 41.53 -10.32
N VAL D 341 -12.25 40.34 -10.06
CA VAL D 341 -13.02 39.11 -10.11
C VAL D 341 -13.02 38.52 -8.71
N ILE D 342 -14.20 38.40 -8.11
CA ILE D 342 -14.36 37.82 -6.78
C ILE D 342 -14.38 36.31 -6.94
N VAL D 343 -13.55 35.62 -6.16
CA VAL D 343 -13.50 34.16 -6.18
C VAL D 343 -13.96 33.66 -4.83
N MET D 344 -15.17 33.09 -4.78
CA MET D 344 -15.64 32.37 -3.60
C MET D 344 -15.40 30.89 -3.81
N ALA D 345 -15.40 30.14 -2.70
CA ALA D 345 -15.38 28.68 -2.76
C ALA D 345 -15.99 28.14 -1.48
N ALA D 346 -16.54 26.94 -1.57
CA ALA D 346 -17.10 26.23 -0.42
C ALA D 346 -16.40 24.89 -0.31
N THR D 347 -16.09 24.48 0.91
CA THR D 347 -15.43 23.20 1.14
C THR D 347 -15.88 22.63 2.47
N ASN D 348 -16.03 21.31 2.52
CA ASN D 348 -16.30 20.64 3.79
C ASN D 348 -15.03 20.52 4.61
N ARG D 349 -13.88 20.41 3.94
CA ARG D 349 -12.61 20.15 4.61
C ARG D 349 -11.62 21.25 4.30
N PRO D 350 -11.65 22.38 5.04
CA PRO D 350 -10.71 23.46 4.73
C PRO D 350 -9.25 23.09 4.90
N ASN D 351 -8.95 22.13 5.77
CA ASN D 351 -7.54 21.77 5.99
C ASN D 351 -7.02 20.87 4.88
N SER D 352 -7.91 20.40 4.01
CA SER D 352 -7.47 19.61 2.87
C SER D 352 -6.99 20.49 1.72
N ILE D 353 -7.24 21.80 1.81
CA ILE D 353 -6.88 22.70 0.72
C ILE D 353 -5.38 22.96 0.74
N ASP D 354 -4.83 23.28 -0.43
CA ASP D 354 -3.41 23.61 -0.53
C ASP D 354 -3.13 24.89 0.26
N PRO D 355 -2.13 24.89 1.13
CA PRO D 355 -1.91 26.07 1.99
C PRO D 355 -1.57 27.33 1.22
N ALA D 356 -1.05 27.19 0.00
CA ALA D 356 -0.73 28.38 -0.79
C ALA D 356 -2.00 29.08 -1.26
N LEU D 357 -3.11 28.35 -1.34
CA LEU D 357 -4.38 28.96 -1.71
C LEU D 357 -4.94 29.79 -0.57
N ARG D 358 -4.57 29.45 0.66
CA ARG D 358 -5.17 30.04 1.85
C ARG D 358 -4.46 31.31 2.31
N ARG D 359 -3.67 31.95 1.45
CA ARG D 359 -3.03 33.21 1.83
C ARG D 359 -3.86 34.40 1.34
N PHE D 360 -3.33 35.60 1.57
CA PHE D 360 -4.11 36.81 1.31
C PHE D 360 -4.39 37.03 -0.17
N GLY D 361 -3.44 36.68 -1.03
CA GLY D 361 -3.62 36.98 -2.44
C GLY D 361 -4.71 36.15 -3.09
N ARG D 362 -5.03 34.99 -2.51
CA ARG D 362 -5.91 34.06 -3.17
C ARG D 362 -7.24 33.82 -2.45
N PHE D 363 -7.21 33.33 -1.21
CA PHE D 363 -8.42 33.16 -0.39
C PHE D 363 -8.09 33.80 0.95
N ASP D 364 -8.25 35.12 1.02
CA ASP D 364 -7.71 35.86 2.15
C ASP D 364 -8.61 35.75 3.37
N ARG D 365 -9.91 35.61 3.17
CA ARG D 365 -10.86 35.54 4.27
C ARG D 365 -11.57 34.20 4.25
N GLU D 366 -11.49 33.48 5.36
CA GLU D 366 -12.17 32.20 5.52
C GLU D 366 -13.34 32.38 6.47
N VAL D 367 -14.54 32.09 5.99
CA VAL D 367 -15.76 32.32 6.73
C VAL D 367 -16.28 30.97 7.21
N ASP D 368 -16.49 30.87 8.52
CA ASP D 368 -16.92 29.62 9.14
C ASP D 368 -18.43 29.61 9.26
N ILE D 369 -19.10 28.81 8.43
CA ILE D 369 -20.54 28.66 8.48
C ILE D 369 -20.80 27.52 9.47
N GLY D 370 -20.80 27.84 10.75
CA GLY D 370 -20.86 26.83 11.78
C GLY D 370 -22.26 26.34 12.08
N ILE D 371 -22.34 25.46 13.07
CA ILE D 371 -23.65 24.97 13.53
C ILE D 371 -24.41 26.10 14.21
N PRO D 372 -25.66 26.36 13.82
CA PRO D 372 -26.39 27.49 14.42
C PRO D 372 -26.77 27.21 15.86
N ASP D 373 -27.01 28.29 16.60
CA ASP D 373 -27.47 28.18 17.97
C ASP D 373 -28.99 28.14 18.01
N ALA D 374 -29.55 28.29 19.22
CA ALA D 374 -30.99 28.17 19.39
C ALA D 374 -31.74 29.26 18.64
N THR D 375 -31.30 30.51 18.77
CA THR D 375 -31.95 31.60 18.05
C THR D 375 -31.73 31.49 16.55
N GLY D 376 -30.52 31.08 16.15
CA GLY D 376 -30.26 30.88 14.74
C GLY D 376 -31.15 29.80 14.14
N ARG D 377 -31.33 28.70 14.88
CA ARG D 377 -32.15 27.62 14.33
C ARG D 377 -33.63 27.94 14.41
N LEU D 378 -34.04 28.81 15.35
CA LEU D 378 -35.39 29.36 15.29
C LEU D 378 -35.60 30.19 14.04
N GLU D 379 -34.60 31.00 13.68
CA GLU D 379 -34.69 31.77 12.45
C GLU D 379 -34.76 30.86 11.23
N ILE D 380 -33.96 29.79 11.21
CA ILE D 380 -34.00 28.84 10.10
C ILE D 380 -35.37 28.17 10.01
N LEU D 381 -35.95 27.79 11.16
CA LEU D 381 -37.28 27.19 11.16
C LEU D 381 -38.32 28.14 10.62
N GLN D 382 -38.24 29.41 11.01
CA GLN D 382 -39.17 30.41 10.47
C GLN D 382 -39.03 30.55 8.97
N ILE D 383 -37.78 30.59 8.48
CA ILE D 383 -37.57 30.69 7.03
C ILE D 383 -38.17 29.50 6.31
N HIS D 384 -38.00 28.29 6.87
CA HIS D 384 -38.46 27.11 6.16
C HIS D 384 -39.98 26.96 6.25
N THR D 385 -40.59 27.44 7.32
CA THR D 385 -42.03 27.32 7.48
C THR D 385 -42.80 28.55 7.03
N LYS D 386 -42.12 29.57 6.49
CA LYS D 386 -42.84 30.76 6.03
C LYS D 386 -43.83 30.43 4.91
N ASN D 387 -43.54 29.40 4.12
CA ASN D 387 -44.46 29.04 3.04
C ASN D 387 -45.40 27.92 3.45
N MET D 388 -45.08 27.21 4.51
CA MET D 388 -45.95 26.13 4.97
C MET D 388 -47.23 26.67 5.56
N LYS D 389 -48.27 25.84 5.58
CA LYS D 389 -49.48 26.17 6.32
C LYS D 389 -49.38 25.60 7.72
N LEU D 390 -49.32 26.47 8.72
CA LEU D 390 -49.14 26.07 10.10
C LEU D 390 -50.41 26.29 10.88
N ALA D 391 -50.74 25.34 11.75
CA ALA D 391 -51.89 25.50 12.62
C ALA D 391 -51.61 26.57 13.67
N ASP D 392 -52.58 26.77 14.55
CA ASP D 392 -52.42 27.78 15.60
C ASP D 392 -51.47 27.32 16.68
N ASP D 393 -51.50 26.03 17.02
CA ASP D 393 -50.75 25.55 18.19
C ASP D 393 -49.28 25.32 17.87
N VAL D 394 -48.88 25.53 16.61
CA VAL D 394 -47.47 25.39 16.27
C VAL D 394 -46.66 26.40 17.05
N ASP D 395 -45.50 25.97 17.55
CA ASP D 395 -44.64 26.80 18.38
C ASP D 395 -43.20 26.57 17.93
N LEU D 396 -42.71 27.45 17.05
CA LEU D 396 -41.40 27.22 16.46
C LEU D 396 -40.28 27.47 17.46
N GLU D 397 -40.53 28.29 18.49
CA GLU D 397 -39.50 28.50 19.50
C GLU D 397 -39.20 27.20 20.24
N GLN D 398 -40.23 26.43 20.57
CA GLN D 398 -40.01 25.18 21.27
C GLN D 398 -39.26 24.19 20.40
N VAL D 399 -39.63 24.10 19.11
CA VAL D 399 -38.93 23.22 18.18
C VAL D 399 -37.47 23.63 18.05
N ALA D 400 -37.21 24.95 18.05
CA ALA D 400 -35.83 25.43 18.04
C ALA D 400 -35.08 25.00 19.30
N ASN D 401 -35.77 25.04 20.44
CA ASN D 401 -35.13 24.63 21.69
C ASN D 401 -34.79 23.13 21.67
N GLU D 402 -35.65 22.31 21.08
CA GLU D 402 -35.46 20.87 21.16
C GLU D 402 -34.31 20.38 20.29
N THR D 403 -34.09 21.02 19.14
CA THR D 403 -33.19 20.49 18.11
C THR D 403 -31.75 20.95 18.39
N HIS D 404 -31.04 20.14 19.16
CA HIS D 404 -29.77 20.60 19.74
C HIS D 404 -28.63 20.62 18.72
N GLY D 405 -28.51 19.59 17.89
CA GLY D 405 -27.41 19.53 16.95
C GLY D 405 -27.75 19.84 15.51
N HIS D 406 -28.95 20.35 15.23
CA HIS D 406 -29.40 20.48 13.84
C HIS D 406 -28.76 21.70 13.19
N VAL D 407 -28.45 21.57 11.89
CA VAL D 407 -27.66 22.57 11.18
C VAL D 407 -28.45 23.35 10.14
N GLY D 408 -29.73 23.04 9.96
CA GLY D 408 -30.52 23.77 8.98
C GLY D 408 -30.99 22.86 7.87
N ALA D 409 -30.10 22.00 7.39
CA ALA D 409 -30.56 20.88 6.57
C ALA D 409 -31.34 19.89 7.43
N ASP D 410 -30.91 19.70 8.68
CA ASP D 410 -31.69 18.87 9.60
C ASP D 410 -33.00 19.54 9.98
N LEU D 411 -33.00 20.87 10.10
CA LEU D 411 -34.25 21.59 10.34
C LEU D 411 -35.18 21.52 9.14
N ALA D 412 -34.63 21.62 7.94
CA ALA D 412 -35.44 21.44 6.74
C ALA D 412 -36.00 20.03 6.65
N ALA D 413 -35.20 19.03 7.04
CA ALA D 413 -35.70 17.66 7.08
C ALA D 413 -36.81 17.50 8.10
N LEU D 414 -36.66 18.16 9.26
CA LEU D 414 -37.71 18.12 10.28
C LEU D 414 -39.01 18.72 9.75
N CYS D 415 -38.93 19.88 9.09
CA CYS D 415 -40.13 20.50 8.56
C CYS D 415 -40.77 19.65 7.47
N SER D 416 -39.94 19.06 6.59
CA SER D 416 -40.47 18.20 5.54
C SER D 416 -41.16 16.97 6.13
N GLU D 417 -40.57 16.38 7.17
CA GLU D 417 -41.18 15.18 7.76
C GLU D 417 -42.45 15.54 8.51
N ALA D 418 -42.48 16.72 9.14
CA ALA D 418 -43.72 17.19 9.77
C ALA D 418 -44.83 17.36 8.75
N ALA D 419 -44.52 17.97 7.60
CA ALA D 419 -45.53 18.13 6.57
C ALA D 419 -45.97 16.80 6.00
N LEU D 420 -45.04 15.86 5.83
CA LEU D 420 -45.40 14.56 5.29
C LEU D 420 -46.27 13.79 6.28
N GLN D 421 -46.04 13.97 7.59
CA GLN D 421 -46.92 13.39 8.59
C GLN D 421 -48.31 14.02 8.54
N ALA D 422 -48.36 15.35 8.38
CA ALA D 422 -49.64 16.02 8.20
C ALA D 422 -50.41 15.45 7.03
N ILE D 423 -49.71 15.14 5.94
CA ILE D 423 -50.36 14.53 4.79
C ILE D 423 -50.81 13.10 5.11
N ARG D 424 -49.97 12.35 5.83
CA ARG D 424 -50.34 10.98 6.21
C ARG D 424 -51.60 10.96 7.06
N LYS D 425 -51.86 12.04 7.80
CA LYS D 425 -53.08 12.09 8.59
C LYS D 425 -54.33 12.10 7.72
N LYS D 426 -54.17 12.34 6.42
CA LYS D 426 -55.28 12.38 5.48
C LYS D 426 -55.30 11.21 4.50
N MET D 427 -54.63 10.10 4.81
CA MET D 427 -54.60 8.95 3.90
C MET D 427 -55.99 8.35 3.70
N ASP D 428 -56.83 8.35 4.73
CA ASP D 428 -58.16 7.77 4.58
C ASP D 428 -58.96 8.51 3.52
N LEU D 429 -58.88 9.85 3.51
CA LEU D 429 -59.66 10.63 2.56
C LEU D 429 -59.03 10.63 1.17
N ILE D 430 -57.76 10.24 1.07
CA ILE D 430 -57.05 10.33 -0.20
C ILE D 430 -56.75 8.94 -0.74
N ASP D 431 -57.14 8.71 -2.00
CA ASP D 431 -56.86 7.46 -2.69
C ASP D 431 -55.93 7.74 -3.87
N LEU D 432 -54.80 7.04 -3.91
CA LEU D 432 -53.84 7.27 -4.99
C LEU D 432 -54.42 6.85 -6.33
N GLU D 433 -55.36 5.90 -6.33
CA GLU D 433 -56.04 5.54 -7.57
C GLU D 433 -56.92 6.69 -8.06
N ASP D 434 -57.54 7.42 -7.15
CA ASP D 434 -58.33 8.59 -7.53
C ASP D 434 -57.44 9.63 -8.19
N GLU D 435 -57.92 10.17 -9.32
CA GLU D 435 -57.11 11.09 -10.12
C GLU D 435 -56.93 12.43 -9.41
N THR D 436 -57.92 12.86 -8.64
CA THR D 436 -57.87 14.15 -7.97
C THR D 436 -58.32 13.99 -6.52
N ILE D 437 -58.03 15.02 -5.73
CA ILE D 437 -58.35 15.04 -4.31
C ILE D 437 -59.46 16.06 -4.07
N ASP D 438 -60.25 15.84 -3.02
CA ASP D 438 -61.37 16.73 -2.74
C ASP D 438 -60.88 18.10 -2.29
N ALA D 439 -61.73 19.10 -2.50
CA ALA D 439 -61.42 20.45 -2.02
C ALA D 439 -61.41 20.52 -0.51
N GLU D 440 -62.32 19.79 0.13
CA GLU D 440 -62.38 19.76 1.59
C GLU D 440 -61.09 19.18 2.17
N VAL D 441 -60.55 18.14 1.55
CA VAL D 441 -59.29 17.56 2.02
C VAL D 441 -58.16 18.57 1.91
N MET D 442 -58.11 19.31 0.80
CA MET D 442 -57.09 20.35 0.64
C MET D 442 -57.23 21.42 1.72
N ASN D 443 -58.46 21.83 2.02
CA ASN D 443 -58.65 22.89 3.01
C ASN D 443 -58.27 22.40 4.42
N SER D 444 -58.70 21.20 4.79
CA SER D 444 -58.46 20.71 6.14
C SER D 444 -57.00 20.33 6.35
N LEU D 445 -56.29 20.04 5.26
CA LEU D 445 -54.88 19.65 5.37
C LEU D 445 -54.04 20.84 5.82
N ALA D 446 -53.35 20.68 6.95
CA ALA D 446 -52.47 21.72 7.48
C ALA D 446 -51.52 21.07 8.48
N VAL D 447 -50.41 21.76 8.75
CA VAL D 447 -49.40 21.27 9.67
C VAL D 447 -49.70 21.78 11.05
N THR D 448 -49.73 20.88 12.03
CA THR D 448 -50.04 21.21 13.41
C THR D 448 -48.83 20.96 14.29
N MET D 449 -49.00 21.28 15.58
CA MET D 449 -47.92 21.06 16.54
C MET D 449 -47.68 19.58 16.77
N ASP D 450 -48.72 18.77 16.64
CA ASP D 450 -48.55 17.33 16.82
C ASP D 450 -47.60 16.76 15.77
N ASP D 451 -47.74 17.21 14.53
CA ASP D 451 -46.84 16.75 13.48
C ASP D 451 -45.42 17.19 13.74
N PHE D 452 -45.23 18.40 14.25
CA PHE D 452 -43.89 18.87 14.57
C PHE D 452 -43.29 18.08 15.72
N ARG D 453 -44.10 17.73 16.72
CA ARG D 453 -43.59 16.91 17.82
C ARG D 453 -43.21 15.52 17.34
N TRP D 454 -43.99 14.94 16.43
CA TRP D 454 -43.63 13.64 15.89
C TRP D 454 -42.34 13.72 15.08
N ALA D 455 -42.19 14.77 14.27
CA ALA D 455 -40.96 14.96 13.52
C ALA D 455 -39.78 15.16 14.45
N LEU D 456 -39.99 15.86 15.56
CA LEU D 456 -38.93 16.00 16.57
C LEU D 456 -38.54 14.66 17.14
N SER D 457 -39.52 13.79 17.39
CA SER D 457 -39.21 12.45 17.85
C SER D 457 -38.37 11.70 16.83
N GLN D 458 -38.69 11.86 15.54
CA GLN D 458 -37.92 11.17 14.50
C GLN D 458 -36.59 11.84 14.21
N SER D 459 -36.48 13.15 14.48
CA SER D 459 -35.34 13.91 14.01
C SER D 459 -34.10 13.66 14.86
N ASN D 460 -32.96 13.56 14.19
CA ASN D 460 -31.63 13.54 14.78
C ASN D 460 -30.69 14.32 13.86
N PRO D 461 -29.59 14.85 14.40
CA PRO D 461 -28.62 15.51 13.53
C PRO D 461 -28.04 14.53 12.51
N SER D 462 -27.73 15.05 11.33
CA SER D 462 -27.21 14.20 10.27
C SER D 462 -25.80 13.72 10.58
N ALA D 463 -25.03 14.52 11.32
CA ALA D 463 -23.66 14.15 11.62
C ALA D 463 -23.60 12.93 12.53
N LEU D 464 -24.70 12.64 13.22
CA LEU D 464 -24.75 11.51 14.14
C LEU D 464 -25.38 10.27 13.54
N ARG D 465 -25.66 10.27 12.23
CA ARG D 465 -26.33 9.12 11.61
C ARG D 465 -25.47 7.87 11.72
N GLU D 466 -24.16 8.02 11.52
CA GLU D 466 -23.26 6.87 11.63
C GLU D 466 -23.24 6.32 13.05
N THR D 467 -23.32 7.20 14.04
CA THR D 467 -23.37 6.80 15.45
C THR D 467 -24.81 6.76 15.97
N VAL D 468 -25.65 5.98 15.30
CA VAL D 468 -27.02 5.75 15.75
C VAL D 468 -27.13 4.32 16.24
N VAL D 469 -27.50 4.16 17.51
CA VAL D 469 -27.66 2.86 18.14
C VAL D 469 -29.04 2.81 18.78
N GLU D 470 -29.78 1.74 18.49
CA GLU D 470 -31.10 1.57 19.09
C GLU D 470 -30.99 1.37 20.59
N VAL D 471 -31.67 2.22 21.35
CA VAL D 471 -31.64 2.18 22.81
C VAL D 471 -32.97 1.60 23.28
N PRO D 472 -32.98 0.69 24.26
CA PRO D 472 -34.20 -0.07 24.56
C PRO D 472 -35.32 0.72 25.21
N GLN D 473 -35.26 2.05 25.24
CA GLN D 473 -36.32 2.88 25.80
C GLN D 473 -36.52 2.63 27.30
N VAL D 474 -35.48 2.91 28.09
CA VAL D 474 -35.60 2.87 29.53
C VAL D 474 -35.98 4.26 30.05
N THR D 475 -36.78 4.29 31.10
CA THR D 475 -37.26 5.52 31.70
C THR D 475 -36.68 5.62 33.10
N TRP D 476 -36.70 6.82 33.68
CA TRP D 476 -36.20 7.01 35.03
C TRP D 476 -36.95 6.14 36.03
N GLU D 477 -38.24 5.88 35.77
CA GLU D 477 -39.01 5.06 36.70
C GLU D 477 -38.64 3.58 36.60
N ASP D 478 -38.05 3.17 35.47
CA ASP D 478 -37.61 1.79 35.34
C ASP D 478 -36.47 1.49 36.29
N ILE D 479 -35.76 2.53 36.74
CA ILE D 479 -34.67 2.35 37.68
C ILE D 479 -35.20 2.48 39.10
N GLY D 480 -34.93 1.49 39.93
CA GLY D 480 -35.32 1.49 41.32
C GLY D 480 -34.13 1.86 42.20
N GLY D 481 -34.37 2.76 43.14
CA GLY D 481 -33.30 3.31 43.93
C GLY D 481 -32.50 4.33 43.13
N LEU D 482 -31.31 4.64 43.64
CA LEU D 482 -30.39 5.56 42.97
C LEU D 482 -31.04 6.93 42.74
N GLU D 483 -31.78 7.41 43.73
CA GLU D 483 -32.45 8.70 43.59
C GLU D 483 -31.46 9.84 43.47
N ASP D 484 -30.42 9.82 44.29
CA ASP D 484 -29.41 10.88 44.23
C ASP D 484 -28.65 10.85 42.91
N VAL D 485 -28.33 9.66 42.41
CA VAL D 485 -27.64 9.55 41.12
C VAL D 485 -28.54 10.05 40.00
N LYS D 486 -29.83 9.69 40.03
CA LYS D 486 -30.76 10.20 39.02
C LYS D 486 -30.80 11.71 39.04
N ARG D 487 -30.92 12.30 40.23
CA ARG D 487 -30.97 13.75 40.34
C ARG D 487 -29.70 14.38 39.80
N GLU D 488 -28.54 13.80 40.13
CA GLU D 488 -27.28 14.37 39.67
C GLU D 488 -27.14 14.27 38.16
N LEU D 489 -27.55 13.16 37.56
CA LEU D 489 -27.46 13.05 36.11
C LEU D 489 -28.39 14.03 35.42
N GLN D 490 -29.62 14.15 35.92
CA GLN D 490 -30.55 15.11 35.33
C GLN D 490 -30.03 16.52 35.44
N GLU D 491 -29.50 16.89 36.60
CA GLU D 491 -28.92 18.22 36.76
C GLU D 491 -27.71 18.41 35.85
N LEU D 492 -26.84 17.40 35.76
CA LEU D 492 -25.68 17.45 34.88
C LEU D 492 -26.08 17.81 33.46
N VAL D 493 -27.07 17.13 32.91
CA VAL D 493 -27.41 17.34 31.51
C VAL D 493 -28.25 18.60 31.33
N GLN D 494 -29.03 18.96 32.35
CA GLN D 494 -30.02 20.03 32.17
C GLN D 494 -29.45 21.40 32.47
N TYR D 495 -28.76 21.57 33.60
CA TYR D 495 -28.37 22.90 34.05
C TYR D 495 -27.54 23.68 33.03
N PRO D 496 -26.48 23.12 32.44
CA PRO D 496 -25.74 23.91 31.42
C PRO D 496 -26.57 24.24 30.20
N VAL D 497 -27.61 23.45 29.91
CA VAL D 497 -28.39 23.67 28.70
C VAL D 497 -29.50 24.69 28.95
N GLU D 498 -30.38 24.42 29.90
CA GLU D 498 -31.55 25.28 30.09
C GLU D 498 -31.23 26.51 30.92
N HIS D 499 -30.20 26.44 31.76
CA HIS D 499 -29.82 27.55 32.64
C HIS D 499 -28.35 27.89 32.49
N PRO D 500 -27.94 28.42 31.33
CA PRO D 500 -26.54 28.86 31.21
C PRO D 500 -26.29 30.21 31.87
N ASP D 501 -27.28 31.10 31.84
CA ASP D 501 -27.10 32.42 32.43
C ASP D 501 -26.82 32.31 33.93
N LYS D 502 -27.28 31.24 34.57
CA LYS D 502 -26.92 31.02 35.97
C LYS D 502 -25.43 30.80 36.12
N PHE D 503 -24.83 30.03 35.22
CA PHE D 503 -23.39 29.78 35.30
C PHE D 503 -22.60 31.02 34.94
N LEU D 504 -23.08 31.80 33.97
CA LEU D 504 -22.42 33.07 33.66
C LEU D 504 -22.55 34.07 34.81
N LYS D 505 -23.66 34.03 35.54
CA LYS D 505 -23.82 34.90 36.70
C LYS D 505 -22.87 34.49 37.82
N PHE D 506 -22.80 33.19 38.11
CA PHE D 506 -21.88 32.70 39.13
C PHE D 506 -20.46 32.56 38.61
N GLY D 507 -20.24 32.71 37.32
CA GLY D 507 -18.89 32.73 36.78
C GLY D 507 -18.13 31.44 36.90
N MET D 508 -18.76 30.31 36.60
CA MET D 508 -18.11 29.01 36.60
C MET D 508 -18.63 28.19 35.43
N THR D 509 -17.75 27.37 34.85
CA THR D 509 -18.18 26.44 33.83
C THR D 509 -18.74 25.18 34.47
N PRO D 510 -19.68 24.51 33.81
CA PRO D 510 -20.22 23.27 34.36
C PRO D 510 -19.22 22.14 34.31
N SER D 511 -19.36 21.20 35.23
CA SER D 511 -18.62 19.95 35.14
C SER D 511 -19.22 19.08 34.05
N LYS D 512 -18.37 18.39 33.29
CA LYS D 512 -18.83 17.63 32.14
C LYS D 512 -18.27 16.22 32.09
N GLY D 513 -18.12 15.56 33.23
CA GLY D 513 -17.65 14.18 33.24
C GLY D 513 -18.12 13.41 34.45
N VAL D 514 -18.59 12.18 34.24
CA VAL D 514 -19.04 11.30 35.31
C VAL D 514 -18.51 9.90 35.02
N LEU D 515 -18.01 9.24 36.06
CA LEU D 515 -17.59 7.85 35.96
C LEU D 515 -18.49 7.01 36.85
N PHE D 516 -19.08 5.98 36.28
CA PHE D 516 -19.84 4.99 37.04
C PHE D 516 -18.94 3.79 37.27
N TYR D 517 -18.68 3.48 38.53
CA TYR D 517 -17.95 2.27 38.90
C TYR D 517 -18.73 1.53 39.96
N GLY D 518 -18.79 0.22 39.86
CA GLY D 518 -19.54 -0.58 40.79
C GLY D 518 -19.56 -2.05 40.40
N PRO D 519 -20.22 -2.87 41.21
CA PRO D 519 -20.30 -4.29 40.89
C PRO D 519 -21.13 -4.50 39.64
N PRO D 520 -20.96 -5.65 38.97
CA PRO D 520 -21.77 -5.92 37.79
C PRO D 520 -23.25 -6.01 38.13
N GLY D 521 -24.09 -5.51 37.22
CA GLY D 521 -25.52 -5.65 37.34
C GLY D 521 -26.21 -4.65 38.23
N CYS D 522 -25.54 -3.56 38.61
CA CYS D 522 -26.07 -2.66 39.62
C CYS D 522 -26.71 -1.40 39.04
N GLY D 523 -26.69 -1.22 37.73
CA GLY D 523 -27.45 -0.16 37.10
C GLY D 523 -26.67 0.93 36.41
N LYS D 524 -25.47 0.65 35.91
CA LYS D 524 -24.72 1.68 35.19
C LYS D 524 -25.23 1.84 33.77
N THR D 525 -25.22 0.76 32.98
CA THR D 525 -25.77 0.83 31.63
C THR D 525 -27.24 1.19 31.65
N LEU D 526 -27.96 0.80 32.71
CA LEU D 526 -29.36 1.20 32.82
C LEU D 526 -29.50 2.71 32.98
N LEU D 527 -28.63 3.32 33.80
CA LEU D 527 -28.64 4.77 33.92
C LEU D 527 -28.29 5.42 32.59
N ALA D 528 -27.36 4.84 31.85
CA ALA D 528 -27.02 5.39 30.53
C ALA D 528 -28.20 5.30 29.57
N LYS D 529 -28.96 4.20 29.60
CA LYS D 529 -30.16 4.11 28.77
C LYS D 529 -31.19 5.15 29.18
N ALA D 530 -31.38 5.33 30.48
CA ALA D 530 -32.33 6.32 30.95
C ALA D 530 -31.92 7.72 30.52
N ILE D 531 -30.62 8.00 30.54
CA ILE D 531 -30.13 9.29 30.04
C ILE D 531 -30.38 9.42 28.55
N ALA D 532 -30.09 8.37 27.79
CA ALA D 532 -30.25 8.43 26.34
C ALA D 532 -31.71 8.68 25.96
N ASN D 533 -32.64 8.16 26.76
CA ASN D 533 -34.04 8.31 26.41
C ASN D 533 -34.66 9.59 26.97
N GLU D 534 -34.33 9.93 28.22
CA GLU D 534 -35.03 10.99 28.94
C GLU D 534 -34.33 12.34 28.85
N CYS D 535 -33.00 12.38 28.84
CA CYS D 535 -32.31 13.65 28.82
C CYS D 535 -32.52 14.36 27.49
N GLN D 536 -32.58 15.70 27.54
CA GLN D 536 -32.73 16.51 26.35
C GLN D 536 -31.35 16.92 25.83
N ALA D 537 -30.71 15.97 25.19
CA ALA D 537 -29.39 16.18 24.60
C ALA D 537 -29.14 15.08 23.58
N ASN D 538 -28.18 15.32 22.70
CA ASN D 538 -27.76 14.28 21.78
C ASN D 538 -26.96 13.22 22.54
N PHE D 539 -27.07 11.98 22.10
CA PHE D 539 -26.45 10.86 22.79
C PHE D 539 -25.66 10.02 21.80
N ILE D 540 -24.38 9.80 22.09
CA ILE D 540 -23.52 8.93 21.31
C ILE D 540 -23.05 7.82 22.24
N SER D 541 -23.24 6.58 21.82
CA SER D 541 -22.92 5.40 22.62
C SER D 541 -21.72 4.70 21.99
N ILE D 542 -20.69 4.46 22.80
CA ILE D 542 -19.45 3.84 22.33
C ILE D 542 -19.15 2.64 23.21
N LYS D 543 -19.12 1.45 22.60
CA LYS D 543 -18.45 0.34 23.25
C LYS D 543 -16.95 0.59 23.21
N GLY D 544 -16.26 0.23 24.29
CA GLY D 544 -14.87 0.55 24.46
C GLY D 544 -14.01 0.27 23.25
N PRO D 545 -13.82 -1.01 22.92
CA PRO D 545 -12.83 -1.38 21.90
C PRO D 545 -13.29 -1.20 20.47
N GLU D 546 -14.39 -0.49 20.20
CA GLU D 546 -14.86 -0.36 18.84
C GLU D 546 -14.07 0.70 18.07
N LEU D 547 -13.39 1.60 18.79
CA LEU D 547 -12.67 2.68 18.12
C LEU D 547 -11.29 2.23 17.67
N LEU D 548 -10.85 1.06 18.12
CA LEU D 548 -9.50 0.61 17.83
C LEU D 548 -9.43 -0.03 16.44
N THR D 549 -8.38 0.33 15.70
CA THR D 549 -8.20 -0.10 14.33
C THR D 549 -6.81 -0.68 14.17
N MET D 550 -6.69 -1.66 13.26
CA MET D 550 -5.41 -2.31 13.03
C MET D 550 -4.35 -1.33 12.55
N TRP D 551 -4.76 -0.30 11.82
CA TRP D 551 -3.80 0.56 11.14
C TRP D 551 -3.12 1.50 12.14
N PHE D 552 -1.93 1.97 11.75
CA PHE D 552 -1.16 2.88 12.59
C PHE D 552 -1.80 4.27 12.56
N GLY D 553 -2.11 4.81 13.75
CA GLY D 553 -2.68 6.13 13.82
C GLY D 553 -4.16 6.23 13.54
N GLU D 554 -4.83 5.10 13.26
CA GLU D 554 -6.23 5.17 12.86
C GLU D 554 -7.16 5.06 14.06
N SER D 555 -6.73 4.39 15.13
CA SER D 555 -7.49 4.39 16.37
C SER D 555 -7.56 5.78 16.96
N GLU D 556 -6.45 6.50 16.93
CA GLU D 556 -6.41 7.86 17.43
C GLU D 556 -7.28 8.77 16.58
N ALA D 557 -7.29 8.55 15.26
CA ALA D 557 -8.16 9.29 14.38
C ALA D 557 -9.63 9.01 14.69
N ASN D 558 -9.95 7.76 15.03
CA ASN D 558 -11.32 7.42 15.41
C ASN D 558 -11.74 8.13 16.69
N VAL D 559 -10.84 8.17 17.69
CA VAL D 559 -11.16 8.90 18.91
C VAL D 559 -11.38 10.37 18.62
N ARG D 560 -10.49 10.96 17.82
CA ARG D 560 -10.61 12.37 17.46
C ARG D 560 -11.92 12.63 16.72
N GLU D 561 -12.30 11.71 15.82
CA GLU D 561 -13.53 11.88 15.06
C GLU D 561 -14.75 11.80 15.96
N ILE D 562 -14.78 10.85 16.89
CA ILE D 562 -15.95 10.73 17.76
C ILE D 562 -16.07 11.96 18.65
N PHE D 563 -14.94 12.50 19.09
CA PHE D 563 -15.00 13.70 19.92
C PHE D 563 -15.42 14.92 19.10
N ASP D 564 -15.00 14.98 17.82
CA ASP D 564 -15.45 16.07 16.96
C ASP D 564 -16.94 15.97 16.67
N LYS D 565 -17.45 14.76 16.47
CA LYS D 565 -18.88 14.57 16.28
C LYS D 565 -19.64 15.01 17.53
N ALA D 566 -19.14 14.67 18.70
CA ALA D 566 -19.77 15.14 19.94
C ALA D 566 -19.73 16.65 20.04
N ARG D 567 -18.63 17.27 19.64
CA ARG D 567 -18.52 18.72 19.71
C ARG D 567 -19.51 19.40 18.77
N GLN D 568 -19.68 18.86 17.56
CA GLN D 568 -20.61 19.45 16.61
C GLN D 568 -22.05 19.35 17.11
N ALA D 569 -22.40 18.21 17.71
CA ALA D 569 -23.76 17.95 18.16
C ALA D 569 -24.02 18.42 19.58
N ALA D 570 -23.19 19.31 20.11
CA ALA D 570 -23.36 19.76 21.49
C ALA D 570 -24.67 20.53 21.63
N PRO D 571 -25.41 20.34 22.73
CA PRO D 571 -25.11 19.49 23.90
C PRO D 571 -25.23 18.00 23.61
N CYS D 572 -24.15 17.27 23.84
CA CYS D 572 -24.08 15.85 23.50
C CYS D 572 -23.52 15.07 24.68
N VAL D 573 -24.04 13.86 24.86
CA VAL D 573 -23.58 12.94 25.89
C VAL D 573 -22.81 11.84 25.21
N LEU D 574 -21.55 11.65 25.62
CA LEU D 574 -20.67 10.65 25.04
C LEU D 574 -20.44 9.57 26.08
N PHE D 575 -21.01 8.39 25.86
CA PHE D 575 -21.01 7.32 26.85
C PHE D 575 -20.08 6.20 26.41
N PHE D 576 -19.18 5.81 27.31
CA PHE D 576 -18.29 4.67 27.11
C PHE D 576 -18.76 3.55 28.02
N ASP D 577 -19.36 2.52 27.42
CA ASP D 577 -19.96 1.46 28.22
C ASP D 577 -18.94 0.72 29.05
N GLN D 578 -17.77 0.44 28.47
CA GLN D 578 -16.67 -0.23 29.16
C GLN D 578 -15.46 0.68 29.03
N LEU D 579 -15.28 1.57 30.01
CA LEU D 579 -14.20 2.54 29.93
C LEU D 579 -12.84 1.90 30.17
N ASP D 580 -12.81 0.79 30.90
CA ASP D 580 -11.53 0.21 31.29
C ASP D 580 -10.78 -0.38 30.11
N SER D 581 -11.45 -0.53 28.96
CA SER D 581 -10.76 -1.02 27.77
C SER D 581 -10.02 0.10 27.06
N ILE D 582 -10.76 1.11 26.59
CA ILE D 582 -10.14 2.17 25.79
C ILE D 582 -9.27 3.06 26.66
N ALA D 583 -9.57 3.13 27.96
CA ALA D 583 -8.79 3.94 28.90
C ALA D 583 -8.23 3.01 29.97
N LYS D 584 -6.91 3.04 30.14
CA LYS D 584 -6.24 2.16 31.08
C LYS D 584 -4.93 2.83 31.48
N ALA D 585 -4.29 2.32 32.52
CA ALA D 585 -3.01 2.88 32.93
C ALA D 585 -1.96 2.68 31.84
N ARG D 586 -1.21 3.73 31.54
CA ARG D 586 -0.18 3.65 30.51
C ARG D 586 1.06 2.95 31.05
N GLY D 587 1.79 2.30 30.14
CA GLY D 587 3.02 1.62 30.47
C GLY D 587 2.88 0.18 30.90
N GLY D 588 1.66 -0.34 30.99
CA GLY D 588 1.42 -1.70 31.40
C GLY D 588 1.14 -2.69 30.30
N ASN D 589 1.15 -2.25 29.04
CA ASN D 589 0.88 -3.12 27.91
C ASN D 589 2.18 -3.40 27.18
N ILE D 590 2.58 -4.68 27.15
CA ILE D 590 3.84 -5.05 26.50
C ILE D 590 3.71 -4.93 24.98
N GLY D 591 2.57 -5.32 24.43
CA GLY D 591 2.34 -5.25 23.00
C GLY D 591 1.49 -4.07 22.57
N ASP D 592 0.22 -4.33 22.29
CA ASP D 592 -0.73 -3.29 21.89
C ASP D 592 -0.24 -2.52 20.66
N GLY D 593 0.25 -3.26 19.68
CA GLY D 593 0.85 -2.61 18.52
C GLY D 593 2.09 -1.87 18.94
N GLY D 594 2.30 -0.70 18.31
CA GLY D 594 3.39 0.17 18.71
C GLY D 594 2.96 1.19 19.74
N GLY D 595 2.48 0.71 20.89
CA GLY D 595 1.92 1.61 21.89
C GLY D 595 0.65 2.29 21.44
N ALA D 596 -0.17 1.59 20.63
CA ALA D 596 -1.40 2.19 20.14
C ALA D 596 -2.38 2.45 21.27
N ALA D 597 -2.42 1.56 22.26
CA ALA D 597 -3.32 1.77 23.40
C ALA D 597 -2.93 3.03 24.18
N ASP D 598 -1.64 3.23 24.42
CA ASP D 598 -1.20 4.42 25.14
C ASP D 598 -1.43 5.67 24.31
N ARG D 599 -1.23 5.61 23.00
CA ARG D 599 -1.51 6.77 22.16
C ARG D 599 -3.00 7.09 22.15
N VAL D 600 -3.85 6.07 22.17
CA VAL D 600 -5.29 6.29 22.25
C VAL D 600 -5.65 6.97 23.57
N ILE D 601 -5.05 6.51 24.66
CA ILE D 601 -5.30 7.12 25.97
C ILE D 601 -4.89 8.59 25.95
N ASN D 602 -3.72 8.88 25.38
CA ASN D 602 -3.25 10.26 25.30
C ASN D 602 -4.17 11.12 24.43
N GLN D 603 -4.68 10.54 23.34
CA GLN D 603 -5.63 11.27 22.51
C GLN D 603 -6.90 11.59 23.28
N ILE D 604 -7.41 10.63 24.06
CA ILE D 604 -8.59 10.89 24.87
C ILE D 604 -8.31 11.98 25.90
N LEU D 605 -7.10 11.95 26.49
CA LEU D 605 -6.72 12.97 27.45
C LEU D 605 -6.72 14.35 26.83
N THR D 606 -6.13 14.49 25.64
CA THR D 606 -6.11 15.78 24.97
C THR D 606 -7.51 16.22 24.55
N GLU D 607 -8.39 15.26 24.26
CA GLU D 607 -9.73 15.62 23.83
C GLU D 607 -10.57 16.13 25.00
N MET D 608 -10.50 15.45 26.15
CA MET D 608 -11.33 15.90 27.27
C MET D 608 -10.81 17.21 27.85
N ASP D 609 -9.50 17.39 27.91
CA ASP D 609 -8.90 18.58 28.48
C ASP D 609 -7.62 18.92 27.74
N GLY D 610 -7.72 19.87 26.81
CA GLY D 610 -6.56 20.33 26.06
C GLY D 610 -6.64 21.82 25.90
N MET D 611 -5.95 22.34 24.89
CA MET D 611 -5.96 23.77 24.67
C MET D 611 -7.15 24.22 23.84
N SER D 612 -7.97 23.31 23.35
CA SER D 612 -9.19 23.71 22.66
C SER D 612 -10.23 24.18 23.65
N THR D 613 -11.11 25.08 23.20
CA THR D 613 -12.16 25.60 24.08
C THR D 613 -13.18 24.53 24.39
N LYS D 614 -13.74 24.59 25.60
CA LYS D 614 -14.67 23.57 26.05
C LYS D 614 -16.05 23.82 25.48
N LYS D 615 -16.75 22.72 25.16
CA LYS D 615 -18.11 22.77 24.65
C LYS D 615 -19.00 21.99 25.61
N ASN D 616 -20.30 21.95 25.29
CA ASN D 616 -21.27 21.23 26.12
C ASN D 616 -21.29 19.75 25.72
N VAL D 617 -20.16 19.10 25.96
CA VAL D 617 -20.00 17.67 25.70
C VAL D 617 -19.79 16.99 27.05
N PHE D 618 -20.70 16.09 27.39
CA PHE D 618 -20.66 15.39 28.67
C PHE D 618 -20.19 13.96 28.44
N ILE D 619 -18.99 13.65 28.92
CA ILE D 619 -18.43 12.31 28.79
C ILE D 619 -18.83 11.51 30.03
N ILE D 620 -19.50 10.39 29.81
CA ILE D 620 -19.95 9.51 30.89
C ILE D 620 -19.33 8.14 30.65
N GLY D 621 -18.74 7.57 31.68
CA GLY D 621 -18.08 6.29 31.57
C GLY D 621 -18.60 5.32 32.60
N ALA D 622 -18.63 4.04 32.23
CA ALA D 622 -18.99 2.96 33.13
C ALA D 622 -17.86 1.94 33.12
N THR D 623 -17.44 1.50 34.29
CA THR D 623 -16.37 0.53 34.40
C THR D 623 -16.66 -0.41 35.56
N ASN D 624 -16.45 -1.71 35.33
CA ASN D 624 -16.54 -2.66 36.43
C ASN D 624 -15.37 -2.49 37.37
N ARG D 625 -14.15 -2.42 36.84
CA ARG D 625 -12.95 -2.33 37.64
C ARG D 625 -12.34 -0.95 37.47
N PRO D 626 -12.53 -0.03 38.44
CA PRO D 626 -12.04 1.34 38.28
C PRO D 626 -10.60 1.55 38.70
N ASP D 627 -9.91 0.51 39.17
CA ASP D 627 -8.54 0.68 39.63
C ASP D 627 -7.57 0.75 38.47
N ILE D 628 -7.94 0.19 37.32
CA ILE D 628 -6.98 0.05 36.22
C ILE D 628 -7.02 1.25 35.28
N ILE D 629 -8.00 2.14 35.42
CA ILE D 629 -8.09 3.28 34.52
C ILE D 629 -6.99 4.28 34.82
N ASP D 630 -6.51 4.95 33.78
CA ASP D 630 -5.38 5.87 33.92
C ASP D 630 -5.71 6.99 34.90
N PRO D 631 -4.80 7.33 35.81
CA PRO D 631 -5.11 8.36 36.81
C PRO D 631 -5.39 9.72 36.21
N ALA D 632 -4.81 10.05 35.06
CA ALA D 632 -5.08 11.34 34.43
C ALA D 632 -6.49 11.40 33.89
N ILE D 633 -7.05 10.26 33.51
CA ILE D 633 -8.43 10.20 33.03
C ILE D 633 -9.39 10.58 34.15
N LEU D 634 -9.02 10.25 35.39
CA LEU D 634 -9.91 10.47 36.53
C LEU D 634 -9.86 11.91 37.03
N ARG D 635 -8.98 12.72 36.49
CA ARG D 635 -8.72 14.05 37.03
C ARG D 635 -9.91 14.98 36.77
N PRO D 636 -10.35 15.73 37.78
CA PRO D 636 -11.48 16.66 37.55
C PRO D 636 -11.20 17.62 36.40
N GLY D 637 -12.18 17.77 35.53
CA GLY D 637 -11.98 18.28 34.20
C GLY D 637 -11.93 17.18 33.15
N ARG D 638 -11.69 15.94 33.59
CA ARG D 638 -11.94 14.74 32.83
C ARG D 638 -12.61 13.77 33.78
N LEU D 639 -13.91 13.55 33.61
CA LEU D 639 -14.68 12.74 34.56
C LEU D 639 -14.58 13.31 35.96
N ASP D 640 -15.14 14.51 36.13
CA ASP D 640 -15.05 15.24 37.39
C ASP D 640 -15.59 14.43 38.56
N GLN D 641 -16.76 13.81 38.38
CA GLN D 641 -17.47 13.13 39.45
C GLN D 641 -17.30 11.63 39.31
N LEU D 642 -16.90 10.97 40.38
CA LEU D 642 -16.81 9.52 40.42
C LEU D 642 -17.98 8.99 41.23
N ILE D 643 -19.00 8.50 40.54
CA ILE D 643 -20.22 8.02 41.16
C ILE D 643 -20.09 6.52 41.36
N TYR D 644 -20.34 6.05 42.58
CA TYR D 644 -20.24 4.64 42.91
C TYR D 644 -21.65 4.05 42.92
N ILE D 645 -21.87 3.06 42.06
CA ILE D 645 -23.16 2.37 41.99
C ILE D 645 -23.04 1.06 42.75
N PRO D 646 -23.43 1.01 44.01
CA PRO D 646 -23.20 -0.17 44.83
C PRO D 646 -24.35 -1.17 44.74
N LEU D 647 -24.20 -2.27 45.48
CA LEU D 647 -25.29 -3.21 45.64
C LEU D 647 -26.45 -2.54 46.37
N PRO D 648 -27.68 -2.68 45.88
CA PRO D 648 -28.81 -1.99 46.52
C PRO D 648 -29.05 -2.49 47.94
N ASP D 649 -29.52 -1.58 48.80
CA ASP D 649 -29.99 -1.96 50.12
C ASP D 649 -31.48 -2.31 50.04
N GLU D 650 -32.07 -2.58 51.22
CA GLU D 650 -33.42 -3.16 51.24
C GLU D 650 -34.45 -2.23 50.61
N LYS D 651 -34.37 -0.92 50.88
CA LYS D 651 -35.28 0.02 50.22
C LYS D 651 -35.04 0.03 48.71
N SER D 652 -33.78 0.05 48.30
CA SER D 652 -33.48 0.03 46.86
C SER D 652 -33.85 -1.30 46.24
N ARG D 653 -33.76 -2.39 47.01
CA ARG D 653 -34.19 -3.69 46.51
C ARG D 653 -35.70 -3.74 46.31
N VAL D 654 -36.46 -3.17 47.25
CA VAL D 654 -37.90 -3.06 47.06
C VAL D 654 -38.20 -2.26 45.81
N ALA D 655 -37.51 -1.12 45.64
CA ALA D 655 -37.75 -0.29 44.47
C ALA D 655 -37.42 -1.01 43.17
N ILE D 656 -36.32 -1.78 43.17
CA ILE D 656 -35.94 -2.54 41.98
C ILE D 656 -36.98 -3.60 41.65
N LEU D 657 -37.42 -4.35 42.66
CA LEU D 657 -38.43 -5.39 42.43
C LEU D 657 -39.74 -4.78 41.93
N LYS D 658 -40.12 -3.62 42.46
CA LYS D 658 -41.33 -2.96 41.99
C LYS D 658 -41.16 -2.45 40.57
N ALA D 659 -39.97 -1.95 40.24
CA ALA D 659 -39.72 -1.41 38.91
C ALA D 659 -39.70 -2.51 37.86
N ASN D 660 -39.30 -3.71 38.25
CA ASN D 660 -39.30 -4.82 37.29
C ASN D 660 -40.71 -5.32 37.03
N LEU D 661 -41.57 -5.29 38.05
CA LEU D 661 -42.88 -5.92 37.99
C LEU D 661 -44.02 -4.94 37.73
N ARG D 662 -43.72 -3.72 37.30
CA ARG D 662 -44.78 -2.73 37.10
C ARG D 662 -45.71 -3.13 35.96
N LYS D 663 -45.13 -3.64 34.86
CA LYS D 663 -45.96 -4.12 33.77
C LYS D 663 -46.38 -5.57 33.99
N SER D 664 -45.69 -6.27 34.87
CA SER D 664 -45.96 -7.69 35.08
C SER D 664 -47.24 -7.85 35.89
N PRO D 665 -48.22 -8.60 35.38
CA PRO D 665 -49.41 -8.91 36.20
C PRO D 665 -49.04 -9.91 37.28
N VAL D 666 -48.92 -9.42 38.51
CA VAL D 666 -48.42 -10.18 39.63
C VAL D 666 -49.49 -10.22 40.71
N ALA D 667 -49.57 -11.34 41.42
CA ALA D 667 -50.59 -11.52 42.44
C ALA D 667 -50.43 -10.52 43.57
N LYS D 668 -51.56 -10.05 44.09
CA LYS D 668 -51.54 -9.12 45.21
C LYS D 668 -50.93 -9.75 46.46
N ASP D 669 -51.10 -11.06 46.63
CA ASP D 669 -50.59 -11.72 47.83
C ASP D 669 -49.08 -11.95 47.77
N VAL D 670 -48.46 -11.64 46.63
CA VAL D 670 -47.01 -11.67 46.54
C VAL D 670 -46.42 -10.51 47.34
N ASP D 671 -45.46 -10.81 48.21
CA ASP D 671 -44.88 -9.83 49.13
C ASP D 671 -43.48 -9.46 48.64
N LEU D 672 -43.34 -8.26 48.09
CA LEU D 672 -42.04 -7.83 47.57
C LEU D 672 -41.11 -7.38 48.71
N GLU D 673 -41.68 -6.88 49.80
CA GLU D 673 -40.86 -6.47 50.93
C GLU D 673 -40.11 -7.65 51.53
N PHE D 674 -40.79 -8.79 51.67
CA PHE D 674 -40.12 -9.98 52.16
C PHE D 674 -39.03 -10.44 51.19
N LEU D 675 -39.31 -10.41 49.89
CA LEU D 675 -38.31 -10.80 48.91
C LEU D 675 -37.07 -9.91 49.02
N ALA D 676 -37.27 -8.60 49.11
CA ALA D 676 -36.15 -7.69 49.21
C ALA D 676 -35.39 -7.89 50.52
N LYS D 677 -36.10 -8.21 51.60
CA LYS D 677 -35.44 -8.48 52.86
C LYS D 677 -34.55 -9.71 52.77
N MET D 678 -35.03 -10.77 52.13
CA MET D 678 -34.26 -12.01 52.07
C MET D 678 -33.11 -11.91 51.08
N THR D 679 -33.27 -11.11 50.02
CA THR D 679 -32.27 -11.04 48.96
C THR D 679 -31.14 -10.07 49.32
N ASN D 680 -30.57 -10.26 50.49
CA ASN D 680 -29.42 -9.45 50.92
C ASN D 680 -28.19 -9.84 50.11
N GLY D 681 -27.48 -8.83 49.61
CA GLY D 681 -26.34 -9.05 48.76
C GLY D 681 -26.67 -9.26 47.30
N PHE D 682 -27.93 -9.12 46.91
CA PHE D 682 -28.32 -9.31 45.52
C PHE D 682 -28.20 -8.00 44.75
N SER D 683 -27.75 -8.09 43.50
CA SER D 683 -27.72 -6.93 42.64
C SER D 683 -29.06 -6.79 41.90
N GLY D 684 -29.18 -5.71 41.12
CA GLY D 684 -30.40 -5.51 40.35
C GLY D 684 -30.62 -6.61 39.33
N ALA D 685 -29.54 -7.09 38.72
CA ALA D 685 -29.66 -8.20 37.79
C ALA D 685 -30.14 -9.45 38.49
N ASP D 686 -29.76 -9.64 39.75
CA ASP D 686 -30.19 -10.81 40.50
C ASP D 686 -31.70 -10.79 40.76
N LEU D 687 -32.23 -9.63 41.17
CA LEU D 687 -33.66 -9.51 41.39
C LEU D 687 -34.43 -9.63 40.08
N THR D 688 -33.89 -9.05 39.01
CA THR D 688 -34.51 -9.22 37.71
C THR D 688 -34.51 -10.68 37.28
N GLU D 689 -33.45 -11.42 37.64
CA GLU D 689 -33.40 -12.84 37.35
C GLU D 689 -34.44 -13.61 38.14
N ILE D 690 -34.65 -13.23 39.41
CA ILE D 690 -35.71 -13.87 40.19
C ILE D 690 -37.07 -13.64 39.53
N CYS D 691 -37.33 -12.41 39.10
CA CYS D 691 -38.61 -12.11 38.45
C CYS D 691 -38.75 -12.86 37.13
N GLN D 692 -37.67 -12.95 36.36
CA GLN D 692 -37.72 -13.66 35.08
C GLN D 692 -37.94 -15.15 35.29
N ARG D 693 -37.31 -15.72 36.32
CA ARG D 693 -37.53 -17.12 36.64
C ARG D 693 -38.98 -17.37 37.05
N ALA D 694 -39.56 -16.47 37.83
CA ALA D 694 -40.96 -16.61 38.19
C ALA D 694 -41.86 -16.54 36.97
N CYS D 695 -41.58 -15.59 36.07
CA CYS D 695 -42.34 -15.49 34.82
C CYS D 695 -42.22 -16.77 34.00
N LYS D 696 -41.00 -17.34 33.93
CA LYS D 696 -40.78 -18.53 33.11
C LYS D 696 -41.47 -19.74 33.71
N LEU D 697 -41.50 -19.85 35.04
CA LEU D 697 -42.23 -20.95 35.66
C LEU D 697 -43.73 -20.81 35.44
N ALA D 698 -44.24 -19.58 35.50
CA ALA D 698 -45.65 -19.35 35.19
C ALA D 698 -45.95 -19.73 33.74
N ILE D 699 -45.05 -19.40 32.82
CA ILE D 699 -45.26 -19.74 31.41
C ILE D 699 -45.22 -21.25 31.21
N ARG D 700 -44.32 -21.95 31.91
CA ARG D 700 -44.29 -23.40 31.84
C ARG D 700 -45.61 -23.99 32.33
N GLU D 701 -46.13 -23.47 33.44
CA GLU D 701 -47.41 -23.95 33.97
C GLU D 701 -48.53 -23.70 32.96
N SER D 702 -48.58 -22.52 32.37
CA SER D 702 -49.66 -22.22 31.43
C SER D 702 -49.56 -23.11 30.19
N ILE D 703 -48.34 -23.38 29.73
CA ILE D 703 -48.17 -24.23 28.56
C ILE D 703 -48.60 -25.66 28.87
N GLU D 704 -48.26 -26.17 30.05
CA GLU D 704 -48.67 -27.53 30.38
C GLU D 704 -50.19 -27.62 30.54
N SER D 705 -50.82 -26.57 31.09
CA SER D 705 -52.27 -26.57 31.19
C SER D 705 -52.92 -26.55 29.81
N GLU D 706 -52.37 -25.75 28.90
CA GLU D 706 -52.91 -25.71 27.54
C GLU D 706 -52.72 -27.05 26.83
N ILE D 707 -51.58 -27.70 27.07
CA ILE D 707 -51.35 -29.03 26.50
C ILE D 707 -52.37 -30.03 27.04
N ARG D 708 -52.66 -29.95 28.34
CA ARG D 708 -53.69 -30.81 28.93
C ARG D 708 -55.04 -30.57 28.29
N ARG D 709 -55.41 -29.30 28.09
CA ARG D 709 -56.67 -29.00 27.44
C ARG D 709 -56.70 -29.55 26.03
N GLU D 710 -55.62 -29.37 25.27
CA GLU D 710 -55.57 -29.88 23.90
C GLU D 710 -55.71 -31.39 23.87
N ARG D 711 -55.05 -32.08 24.81
CA ARG D 711 -55.16 -33.54 24.86
C ARG D 711 -56.58 -33.99 25.19
N GLU D 712 -57.22 -33.31 26.16
CA GLU D 712 -58.57 -33.74 26.54
C GLU D 712 -59.57 -33.42 25.43
N ARG D 713 -59.33 -32.36 24.65
CA ARG D 713 -60.20 -32.07 23.52
C ARG D 713 -60.11 -33.16 22.46
N GLN D 714 -58.92 -33.66 22.19
CA GLN D 714 -58.71 -34.68 21.16
C GLN D 714 -59.28 -36.03 21.61
N PRO D 727 -56.19 -19.84 32.82
CA PRO D 727 -55.38 -20.84 33.54
C PRO D 727 -54.44 -20.19 34.53
N VAL D 728 -53.47 -19.44 34.03
CA VAL D 728 -52.50 -18.74 34.87
C VAL D 728 -52.50 -17.27 34.48
N PRO D 729 -53.43 -16.46 34.99
CA PRO D 729 -53.45 -15.04 34.58
C PRO D 729 -52.33 -14.21 35.18
N GLU D 730 -51.79 -14.62 36.33
CA GLU D 730 -50.82 -13.81 37.04
C GLU D 730 -49.84 -14.69 37.78
N ILE D 731 -48.77 -14.06 38.30
CA ILE D 731 -47.68 -14.81 38.92
C ILE D 731 -47.90 -14.90 40.42
N ARG D 732 -47.95 -16.13 40.92
CA ARG D 732 -48.38 -16.41 42.28
C ARG D 732 -47.18 -16.50 43.23
N ARG D 733 -47.49 -16.72 44.51
CA ARG D 733 -46.45 -16.85 45.52
C ARG D 733 -45.56 -18.06 45.24
N ASP D 734 -46.15 -19.17 44.82
CA ASP D 734 -45.37 -20.39 44.60
C ASP D 734 -44.33 -20.22 43.50
N HIS D 735 -44.68 -19.47 42.44
CA HIS D 735 -43.72 -19.20 41.38
C HIS D 735 -42.51 -18.44 41.92
N PHE D 736 -42.75 -17.40 42.73
CA PHE D 736 -41.65 -16.63 43.29
C PHE D 736 -40.86 -17.45 44.30
N GLU D 737 -41.54 -18.33 45.03
CA GLU D 737 -40.86 -19.23 45.95
C GLU D 737 -39.89 -20.13 45.22
N GLU D 738 -40.32 -20.71 44.10
CA GLU D 738 -39.43 -21.60 43.36
C GLU D 738 -38.31 -20.82 42.67
N ALA D 739 -38.63 -19.63 42.16
CA ALA D 739 -37.61 -18.77 41.56
C ALA D 739 -36.54 -18.42 42.59
N MET D 740 -36.95 -18.10 43.82
CA MET D 740 -35.99 -17.87 44.89
C MET D 740 -35.24 -19.13 45.27
N ARG D 741 -35.89 -20.29 45.11
CA ARG D 741 -35.21 -21.55 45.39
C ARG D 741 -34.04 -21.73 44.45
N PHE D 742 -34.20 -21.34 43.18
CA PHE D 742 -33.08 -21.40 42.25
C PHE D 742 -32.26 -20.11 42.21
N ALA D 743 -32.58 -19.12 43.05
CA ALA D 743 -31.86 -17.85 43.01
C ALA D 743 -30.45 -18.01 43.57
N ARG D 744 -29.56 -17.10 43.17
CA ARG D 744 -28.19 -17.07 43.64
C ARG D 744 -27.71 -15.63 43.72
N ARG D 745 -26.62 -15.43 44.45
CA ARG D 745 -26.00 -14.12 44.62
C ARG D 745 -24.86 -13.99 43.61
N SER D 746 -24.98 -13.02 42.71
CA SER D 746 -24.04 -12.93 41.59
C SER D 746 -22.70 -12.35 42.01
N VAL D 747 -22.70 -11.36 42.89
CA VAL D 747 -21.50 -10.65 43.28
C VAL D 747 -21.06 -11.17 44.65
N SER D 748 -19.79 -11.52 44.77
CA SER D 748 -19.25 -12.12 45.98
C SER D 748 -18.77 -11.06 46.96
N ASP D 749 -18.32 -11.52 48.13
CA ASP D 749 -17.89 -10.59 49.17
C ASP D 749 -16.51 -10.02 48.86
N ASN D 750 -15.67 -10.77 48.15
CA ASN D 750 -14.37 -10.24 47.74
C ASN D 750 -14.53 -9.10 46.75
N ASP D 751 -15.45 -9.25 45.79
CA ASP D 751 -15.70 -8.17 44.83
C ASP D 751 -16.18 -6.93 45.55
N ILE D 752 -17.14 -7.09 46.47
CA ILE D 752 -17.62 -5.95 47.24
C ILE D 752 -16.49 -5.34 48.04
N ARG D 753 -15.60 -6.18 48.56
CA ARG D 753 -14.48 -5.66 49.35
C ARG D 753 -13.56 -4.78 48.49
N LYS D 754 -13.29 -5.19 47.26
CA LYS D 754 -12.40 -4.38 46.43
C LYS D 754 -13.08 -3.09 45.96
N TYR D 755 -14.37 -3.16 45.64
CA TYR D 755 -15.09 -1.92 45.28
C TYR D 755 -15.14 -0.96 46.45
N GLU D 756 -15.42 -1.48 47.64
CA GLU D 756 -15.47 -0.64 48.83
C GLU D 756 -14.08 -0.15 49.20
N MET D 757 -13.05 -0.90 48.82
CA MET D 757 -11.69 -0.44 49.04
C MET D 757 -11.38 0.77 48.17
N PHE D 758 -11.79 0.74 46.90
CA PHE D 758 -11.63 1.93 46.06
C PHE D 758 -12.43 3.10 46.61
N ALA D 759 -13.67 2.84 47.03
CA ALA D 759 -14.50 3.91 47.57
C ALA D 759 -13.89 4.51 48.83
N GLN D 760 -13.28 3.66 49.68
CA GLN D 760 -12.68 4.17 50.90
C GLN D 760 -11.35 4.86 50.64
N THR D 761 -10.65 4.48 49.57
CA THR D 761 -9.51 5.27 49.15
C THR D 761 -9.94 6.68 48.78
N LEU D 762 -11.05 6.79 48.05
CA LEU D 762 -11.59 8.12 47.73
C LEU D 762 -12.01 8.86 49.00
N GLN D 763 -12.67 8.16 49.93
CA GLN D 763 -13.12 8.78 51.17
C GLN D 763 -11.95 9.29 51.99
N GLN D 764 -10.87 8.52 52.06
CA GLN D 764 -9.66 8.99 52.73
C GLN D 764 -9.03 10.14 51.96
N SER D 765 -9.16 10.16 50.64
CA SER D 765 -8.69 11.30 49.86
C SER D 765 -9.44 12.56 50.23
N ARG D 766 -10.71 12.43 50.67
CA ARG D 766 -11.44 13.59 51.17
C ARG D 766 -10.69 14.26 52.32
N GLY D 767 -10.13 13.46 53.22
CA GLY D 767 -9.20 13.97 54.23
C GLY D 767 -9.77 14.24 55.60
N PHE D 768 -11.09 14.29 55.75
CA PHE D 768 -11.72 14.51 57.05
C PHE D 768 -13.15 14.03 57.00
N GLY D 769 -13.70 13.69 58.18
CA GLY D 769 -15.07 13.20 58.23
C GLY D 769 -16.09 14.26 57.87
N SER D 770 -15.93 15.47 58.41
CA SER D 770 -16.88 16.54 58.19
C SER D 770 -16.15 17.87 58.09
N PHE D 771 -16.52 18.65 57.07
CA PHE D 771 -15.94 19.96 56.83
C PHE D 771 -16.93 21.02 57.30
N ARG D 772 -16.48 21.92 58.16
CA ARG D 772 -17.28 23.05 58.62
C ARG D 772 -16.38 24.26 58.73
N PHE D 773 -16.84 25.39 58.19
CA PHE D 773 -16.09 26.62 58.29
C PHE D 773 -16.13 27.13 59.73
N PRO D 774 -15.00 27.62 60.26
CA PRO D 774 -14.98 28.09 61.65
C PRO D 774 -15.94 29.25 61.86
N SER D 775 -16.61 29.25 63.01
CA SER D 775 -17.56 30.30 63.34
C SER D 775 -16.90 31.42 64.12
N LEU E 12 28.78 45.87 0.78
CA LEU E 12 28.86 46.01 -0.66
C LEU E 12 27.80 45.16 -1.36
N SER E 13 27.07 44.37 -0.57
CA SER E 13 26.00 43.55 -1.13
C SER E 13 24.87 44.40 -1.69
N THR E 14 24.52 45.48 -0.99
CA THR E 14 23.42 46.35 -1.39
C THR E 14 23.89 47.60 -2.11
N ALA E 15 25.14 47.64 -2.58
CA ALA E 15 25.66 48.84 -3.24
C ALA E 15 24.86 49.19 -4.48
N ILE E 16 24.48 48.17 -5.26
CA ILE E 16 23.76 48.42 -6.50
C ILE E 16 22.38 49.00 -6.22
N LEU E 17 21.86 48.79 -5.02
CA LEU E 17 20.53 49.30 -4.68
C LEU E 17 20.52 50.82 -4.61
N LYS E 18 21.47 51.41 -3.88
CA LYS E 18 21.44 52.85 -3.65
C LYS E 18 21.79 53.60 -4.94
N GLN E 19 21.10 54.73 -5.14
CA GLN E 19 21.30 55.52 -6.34
C GLN E 19 22.69 56.16 -6.32
N LYS E 20 23.34 56.15 -7.48
CA LYS E 20 24.65 56.78 -7.60
C LYS E 20 24.51 58.29 -7.64
N ASN E 21 25.28 58.98 -6.81
CA ASN E 21 25.19 60.43 -6.71
C ASN E 21 25.70 61.07 -8.00
N ARG E 22 24.79 61.68 -8.75
CA ARG E 22 25.09 62.29 -10.04
C ARG E 22 24.54 63.71 -10.04
N PRO E 23 25.14 64.61 -10.83
CA PRO E 23 24.55 65.95 -10.96
C PRO E 23 23.16 65.93 -11.54
N ASN E 24 22.86 64.99 -12.43
CA ASN E 24 21.53 64.89 -13.02
C ASN E 24 20.48 64.54 -11.97
N ARG E 25 20.90 63.87 -10.90
CA ARG E 25 19.97 63.51 -9.83
C ARG E 25 19.45 64.76 -9.12
N LEU E 26 18.12 64.90 -9.08
CA LEU E 26 17.49 66.07 -8.49
C LEU E 26 16.29 65.64 -7.66
N ILE E 27 16.01 66.43 -6.62
CA ILE E 27 14.88 66.15 -5.75
C ILE E 27 13.62 66.79 -6.31
N VAL E 28 12.51 66.06 -6.25
CA VAL E 28 11.25 66.58 -6.77
C VAL E 28 10.75 67.71 -5.87
N ASP E 29 10.39 68.83 -6.51
CA ASP E 29 9.88 70.00 -5.80
C ASP E 29 8.60 70.48 -6.47
N GLU E 30 7.74 71.13 -5.68
CA GLU E 30 6.48 71.63 -6.19
C GLU E 30 6.70 72.76 -7.19
N ALA E 31 5.76 72.89 -8.13
CA ALA E 31 5.80 73.91 -9.16
C ALA E 31 4.69 74.93 -8.90
N ILE E 32 5.09 76.17 -8.62
CA ILE E 32 4.11 77.22 -8.36
C ILE E 32 3.40 77.62 -9.65
N ASN E 33 4.16 77.80 -10.74
CA ASN E 33 3.59 78.27 -11.99
C ASN E 33 3.95 77.44 -13.21
N GLU E 34 4.82 76.45 -13.08
CA GLU E 34 5.20 75.60 -14.21
C GLU E 34 3.99 74.83 -14.71
N ASP E 35 3.85 74.75 -16.03
CA ASP E 35 2.82 73.91 -16.62
C ASP E 35 3.32 72.47 -16.69
N ASN E 36 2.55 71.62 -17.38
CA ASN E 36 2.89 70.21 -17.44
C ASN E 36 4.13 69.97 -18.29
N SER E 37 4.26 70.69 -19.40
CA SER E 37 5.30 70.41 -20.37
C SER E 37 6.64 71.06 -20.04
N VAL E 38 6.77 71.72 -18.88
CA VAL E 38 7.99 72.42 -18.52
C VAL E 38 8.40 72.08 -17.10
N VAL E 39 9.70 72.14 -16.84
CA VAL E 39 10.27 72.03 -15.50
C VAL E 39 11.30 73.14 -15.34
N SER E 40 11.53 73.54 -14.09
CA SER E 40 12.37 74.70 -13.80
C SER E 40 13.54 74.31 -12.92
N LEU E 41 14.71 74.86 -13.24
CA LEU E 41 15.94 74.62 -12.49
C LEU E 41 16.52 75.96 -12.06
N SER E 42 17.28 75.94 -10.97
CA SER E 42 17.97 77.14 -10.53
C SER E 42 19.10 77.48 -11.51
N GLN E 43 19.38 78.78 -11.62
CA GLN E 43 20.40 79.24 -12.56
C GLN E 43 21.76 78.58 -12.35
N PRO E 44 22.32 78.51 -11.14
CA PRO E 44 23.59 77.78 -10.98
C PRO E 44 23.50 76.32 -11.38
N LYS E 45 22.33 75.69 -11.20
CA LYS E 45 22.18 74.30 -11.59
C LYS E 45 22.26 74.13 -13.11
N MET E 46 21.57 74.98 -13.86
CA MET E 46 21.68 74.92 -15.32
C MET E 46 23.08 75.26 -15.78
N ASP E 47 23.78 76.14 -15.05
CA ASP E 47 25.18 76.36 -15.33
C ASP E 47 25.98 75.07 -15.12
N GLU E 48 25.65 74.33 -14.05
CA GLU E 48 26.33 73.06 -13.77
C GLU E 48 26.00 72.03 -14.84
N LEU E 49 24.79 72.05 -15.37
CA LEU E 49 24.37 71.15 -16.44
C LEU E 49 24.62 71.73 -17.83
N GLN E 50 25.09 72.98 -17.92
CA GLN E 50 25.32 73.64 -19.21
C GLN E 50 24.07 73.63 -20.08
N LEU E 51 22.93 73.93 -19.47
CA LEU E 51 21.65 73.96 -20.15
C LEU E 51 21.30 75.40 -20.48
N PHE E 52 21.05 75.67 -21.76
CA PHE E 52 20.70 77.01 -22.19
C PHE E 52 19.21 77.26 -22.00
N ARG E 53 18.81 78.50 -22.24
CA ARG E 53 17.41 78.86 -22.16
C ARG E 53 16.63 78.23 -23.31
N GLY E 54 15.50 77.61 -22.98
CA GLY E 54 14.63 77.01 -23.97
C GLY E 54 15.00 75.61 -24.43
N ASP E 55 16.02 74.99 -23.82
CA ASP E 55 16.43 73.65 -24.23
C ASP E 55 15.36 72.62 -23.85
N THR E 56 15.35 71.52 -24.59
CA THR E 56 14.52 70.36 -24.29
C THR E 56 15.34 69.38 -23.46
N VAL E 57 14.82 69.01 -22.29
CA VAL E 57 15.53 68.13 -21.37
C VAL E 57 14.67 66.91 -21.09
N LEU E 58 15.29 65.74 -21.15
CA LEU E 58 14.61 64.46 -21.01
C LEU E 58 14.64 64.02 -19.55
N LEU E 59 13.45 63.75 -19.01
CA LEU E 59 13.28 63.51 -17.58
C LEU E 59 13.09 62.02 -17.32
N LYS E 60 14.10 61.38 -16.76
CA LYS E 60 13.99 59.97 -16.40
C LYS E 60 13.12 59.79 -15.16
N GLY E 61 12.46 58.63 -15.05
CA GLY E 61 11.61 58.36 -13.92
C GLY E 61 11.65 56.88 -13.55
N LYS E 62 10.90 56.55 -12.50
CA LYS E 62 10.78 55.17 -12.07
C LYS E 62 9.83 54.40 -12.98
N LYS E 63 9.89 53.07 -12.88
CA LYS E 63 9.06 52.15 -13.66
C LYS E 63 9.25 52.33 -15.15
N ARG E 64 10.46 52.72 -15.57
CA ARG E 64 10.80 52.90 -16.98
C ARG E 64 9.79 53.79 -17.69
N ARG E 65 9.28 54.78 -16.98
CA ARG E 65 8.36 55.76 -17.54
C ARG E 65 9.10 57.09 -17.60
N GLU E 66 9.02 57.75 -18.76
CA GLU E 66 9.88 58.89 -19.04
C GLU E 66 9.09 59.93 -19.83
N ALA E 67 9.58 61.17 -19.81
CA ALA E 67 8.90 62.28 -20.44
C ALA E 67 9.91 63.35 -20.83
N VAL E 68 9.46 64.28 -21.67
CA VAL E 68 10.28 65.39 -22.14
C VAL E 68 9.63 66.69 -21.67
N CYS E 69 10.45 67.60 -21.14
CA CYS E 69 9.99 68.91 -20.72
C CYS E 69 11.05 69.96 -21.05
N ILE E 70 10.64 71.22 -20.97
CA ILE E 70 11.53 72.34 -21.27
C ILE E 70 12.22 72.78 -20.00
N VAL E 71 13.55 72.93 -20.06
CA VAL E 71 14.30 73.45 -18.93
C VAL E 71 13.97 74.92 -18.73
N LEU E 72 13.76 75.31 -17.47
CA LEU E 72 13.40 76.68 -17.14
C LEU E 72 14.39 77.24 -16.12
N SER E 73 14.42 78.57 -16.05
CA SER E 73 15.22 79.28 -15.05
C SER E 73 14.28 79.86 -14.00
N ASP E 74 14.50 79.48 -12.75
CA ASP E 74 13.73 80.00 -11.63
C ASP E 74 14.67 80.32 -10.47
N ASP E 75 14.61 81.57 -10.01
CA ASP E 75 15.38 81.95 -8.82
C ASP E 75 14.81 81.28 -7.57
N THR E 76 13.48 81.13 -7.51
CA THR E 76 12.87 80.48 -6.36
C THR E 76 13.17 78.98 -6.34
N CYS E 77 13.61 78.43 -7.47
CA CYS E 77 13.94 77.01 -7.53
C CYS E 77 15.17 76.70 -6.69
N SER E 78 15.11 75.59 -5.95
CA SER E 78 16.24 75.17 -5.15
C SER E 78 17.33 74.58 -6.03
N ASP E 79 18.58 74.71 -5.58
CA ASP E 79 19.71 74.21 -6.35
C ASP E 79 19.66 72.69 -6.46
N GLU E 80 19.21 72.02 -5.41
CA GLU E 80 19.16 70.56 -5.36
C GLU E 80 17.81 70.01 -5.78
N LYS E 81 16.86 70.85 -6.21
CA LYS E 81 15.49 70.42 -6.44
C LYS E 81 15.01 70.83 -7.81
N ILE E 82 14.01 70.10 -8.31
CA ILE E 82 13.35 70.37 -9.57
C ILE E 82 11.89 70.73 -9.28
N ARG E 83 11.47 71.91 -9.72
CA ARG E 83 10.11 72.37 -9.47
C ARG E 83 9.17 71.70 -10.46
N MET E 84 8.26 70.87 -9.96
CA MET E 84 7.49 69.97 -10.80
C MET E 84 6.05 69.88 -10.29
N ASN E 85 5.10 69.96 -11.22
CA ASN E 85 3.70 69.85 -10.87
C ASN E 85 3.23 68.39 -10.94
N ARG E 86 1.97 68.18 -10.57
CA ARG E 86 1.48 66.82 -10.35
C ARG E 86 1.23 66.08 -11.66
N VAL E 87 0.80 66.79 -12.70
CA VAL E 87 0.45 66.12 -13.96
C VAL E 87 1.68 65.48 -14.58
N VAL E 88 2.77 66.22 -14.71
CA VAL E 88 3.97 65.64 -15.29
C VAL E 88 4.61 64.67 -14.31
N ARG E 89 4.35 64.84 -13.01
CA ARG E 89 4.76 63.83 -12.04
C ARG E 89 4.13 62.48 -12.38
N ASN E 90 2.82 62.47 -12.62
CA ASN E 90 2.15 61.24 -13.03
C ASN E 90 2.65 60.78 -14.40
N ASN E 91 3.00 61.72 -15.27
CA ASN E 91 3.60 61.36 -16.55
C ASN E 91 4.93 60.64 -16.35
N LEU E 92 5.60 60.90 -15.22
CA LEU E 92 6.82 60.20 -14.85
C LEU E 92 6.61 59.13 -13.78
N ARG E 93 5.38 58.99 -13.27
CA ARG E 93 5.10 58.09 -12.14
C ARG E 93 5.99 58.41 -10.94
N VAL E 94 6.17 59.69 -10.65
CA VAL E 94 7.02 60.12 -9.55
C VAL E 94 6.16 60.88 -8.55
N ARG E 95 6.65 60.95 -7.31
CA ARG E 95 6.00 61.68 -6.24
C ARG E 95 6.99 62.65 -5.61
N LEU E 96 6.51 63.39 -4.63
CA LEU E 96 7.32 64.43 -4.00
C LEU E 96 8.49 63.82 -3.23
N GLY E 97 9.61 64.53 -3.23
CA GLY E 97 10.78 64.12 -2.48
C GLY E 97 11.63 63.07 -3.16
N ASP E 98 11.27 62.65 -4.38
CA ASP E 98 11.97 61.58 -5.05
C ASP E 98 13.20 62.10 -5.80
N VAL E 99 14.11 61.17 -6.11
CA VAL E 99 15.33 61.49 -6.83
C VAL E 99 15.16 61.01 -8.27
N ILE E 100 15.32 61.93 -9.23
CA ILE E 100 15.20 61.61 -10.65
C ILE E 100 16.37 62.23 -11.40
N SER E 101 16.64 61.69 -12.58
CA SER E 101 17.74 62.14 -13.42
C SER E 101 17.20 62.98 -14.57
N ILE E 102 17.86 64.10 -14.85
CA ILE E 102 17.50 64.97 -15.96
C ILE E 102 18.67 65.01 -16.94
N GLN E 103 18.37 64.79 -18.22
CA GLN E 103 19.39 64.88 -19.25
C GLN E 103 18.82 65.64 -20.45
N PRO E 104 19.66 66.32 -21.22
CA PRO E 104 19.18 66.92 -22.48
C PRO E 104 18.73 65.84 -23.44
N CYS E 105 17.71 66.15 -24.24
CA CYS E 105 17.25 65.23 -25.26
C CYS E 105 17.94 65.52 -26.57
N PRO E 106 18.82 64.65 -27.05
CA PRO E 106 19.58 64.96 -28.27
C PRO E 106 18.82 64.62 -29.54
N ASP E 107 18.99 65.47 -30.54
CA ASP E 107 18.38 65.28 -31.86
C ASP E 107 16.85 65.23 -31.77
N VAL E 108 16.27 66.21 -31.09
CA VAL E 108 14.82 66.35 -31.07
C VAL E 108 14.34 66.96 -32.38
N LYS E 109 13.24 66.44 -32.91
CA LYS E 109 12.69 66.89 -34.18
C LYS E 109 11.28 67.43 -33.98
N TYR E 110 10.91 68.39 -34.83
CA TYR E 110 9.57 68.95 -34.78
C TYR E 110 8.54 67.90 -35.20
N GLY E 111 7.41 67.88 -34.50
CA GLY E 111 6.39 66.88 -34.74
C GLY E 111 5.58 67.23 -35.98
N LYS E 112 5.68 66.37 -37.01
CA LYS E 112 4.91 66.59 -38.22
C LYS E 112 3.42 66.46 -37.96
N ARG E 113 3.01 65.40 -37.28
CA ARG E 113 1.62 65.24 -36.87
C ARG E 113 1.61 64.58 -35.49
N ILE E 114 0.51 64.79 -34.77
CA ILE E 114 0.37 64.26 -33.42
C ILE E 114 -1.08 63.86 -33.20
N HIS E 115 -1.28 62.73 -32.52
CA HIS E 115 -2.60 62.18 -32.25
C HIS E 115 -2.76 61.97 -30.76
N VAL E 116 -3.93 62.31 -30.23
CA VAL E 116 -4.17 62.32 -28.79
C VAL E 116 -5.49 61.61 -28.53
N LEU E 117 -5.68 61.21 -27.28
CA LEU E 117 -6.94 60.61 -26.83
C LEU E 117 -7.28 61.14 -25.44
N PRO E 118 -8.29 62.00 -25.32
CA PRO E 118 -8.69 62.46 -23.99
C PRO E 118 -9.30 61.34 -23.16
N ILE E 119 -9.20 61.49 -21.84
CA ILE E 119 -9.77 60.49 -20.93
C ILE E 119 -11.29 60.58 -20.98
N ASP E 120 -11.95 59.42 -20.84
CA ASP E 120 -13.38 59.33 -21.12
C ASP E 120 -14.21 60.13 -20.13
N ASP E 121 -13.81 60.16 -18.86
CA ASP E 121 -14.63 60.85 -17.86
C ASP E 121 -14.70 62.34 -18.14
N THR E 122 -13.61 62.92 -18.64
CA THR E 122 -13.56 64.38 -18.82
C THR E 122 -14.33 64.82 -20.06
N VAL E 123 -14.44 63.97 -21.08
CA VAL E 123 -15.08 64.38 -22.32
C VAL E 123 -16.58 64.59 -22.12
N GLU E 124 -17.17 63.87 -21.17
CA GLU E 124 -18.62 63.89 -21.00
C GLU E 124 -19.08 65.26 -20.48
N GLY E 125 -20.16 65.77 -21.07
CA GLY E 125 -20.73 67.03 -20.67
C GLY E 125 -20.15 68.25 -21.34
N ILE E 126 -19.16 68.09 -22.21
CA ILE E 126 -18.56 69.20 -22.94
C ILE E 126 -19.26 69.31 -24.29
N THR E 127 -20.07 70.36 -24.45
CA THR E 127 -20.79 70.55 -25.70
C THR E 127 -19.85 70.93 -26.84
N GLY E 128 -18.88 71.80 -26.57
CA GLY E 128 -17.95 72.20 -27.60
C GLY E 128 -16.93 71.13 -27.91
N ASN E 129 -16.25 71.31 -29.04
CA ASN E 129 -15.22 70.36 -29.43
C ASN E 129 -14.03 70.42 -28.48
N LEU E 130 -13.52 69.25 -28.12
CA LEU E 130 -12.39 69.19 -27.19
C LEU E 130 -11.15 69.85 -27.79
N PHE E 131 -10.91 69.64 -29.08
CA PHE E 131 -9.75 70.24 -29.73
C PHE E 131 -9.86 71.75 -29.76
N GLU E 132 -11.04 72.27 -30.12
CA GLU E 132 -11.21 73.72 -30.26
C GLU E 132 -11.10 74.42 -28.91
N VAL E 133 -11.75 73.90 -27.88
CA VAL E 133 -11.75 74.57 -26.59
C VAL E 133 -10.38 74.45 -25.92
N TYR E 134 -9.76 73.28 -26.02
CA TYR E 134 -8.54 73.00 -25.26
C TYR E 134 -7.31 72.79 -26.15
N LEU E 135 -7.36 71.86 -27.10
CA LEU E 135 -6.16 71.47 -27.82
C LEU E 135 -5.69 72.57 -28.78
N LYS E 136 -6.63 73.21 -29.50
CA LYS E 136 -6.24 74.24 -30.45
C LYS E 136 -5.54 75.42 -29.78
N PRO E 137 -6.04 76.00 -28.69
CA PRO E 137 -5.24 77.04 -28.03
C PRO E 137 -3.97 76.52 -27.39
N TYR E 138 -3.97 75.27 -26.94
CA TYR E 138 -2.84 74.75 -26.17
C TYR E 138 -1.60 74.56 -27.05
N PHE E 139 -1.79 74.06 -28.27
CA PHE E 139 -0.70 73.74 -29.18
C PHE E 139 -0.40 74.84 -30.21
N LEU E 140 -1.11 75.96 -30.16
CA LEU E 140 -0.90 77.02 -31.13
C LEU E 140 0.29 77.87 -30.71
N GLU E 141 1.36 77.83 -31.51
CA GLU E 141 2.63 78.50 -31.20
C GLU E 141 3.22 77.99 -29.89
N ALA E 142 2.84 76.78 -29.48
CA ALA E 142 3.24 76.27 -28.17
C ALA E 142 4.71 75.88 -28.13
N TYR E 143 5.17 75.15 -29.15
CA TYR E 143 6.51 74.55 -29.14
C TYR E 143 6.70 73.66 -27.92
N ARG E 144 5.73 72.79 -27.65
CA ARG E 144 5.76 71.94 -26.47
C ARG E 144 6.25 70.55 -26.83
N PRO E 145 7.41 70.13 -26.36
CA PRO E 145 7.83 68.73 -26.55
C PRO E 145 7.07 67.81 -25.61
N ILE E 146 6.63 66.67 -26.15
CA ILE E 146 5.91 65.66 -25.39
C ILE E 146 6.52 64.30 -25.68
N ARG E 147 6.08 63.30 -24.91
CA ARG E 147 6.52 61.94 -25.09
C ARG E 147 5.32 61.01 -25.21
N LYS E 148 5.55 59.84 -25.81
CA LYS E 148 4.50 58.86 -26.01
C LYS E 148 3.94 58.40 -24.68
N GLY E 149 2.61 58.35 -24.58
CA GLY E 149 1.92 57.92 -23.38
C GLY E 149 1.72 58.98 -22.33
N ASP E 150 2.28 60.18 -22.53
CA ASP E 150 2.11 61.25 -21.57
C ASP E 150 0.69 61.79 -21.61
N ILE E 151 0.20 62.25 -20.46
CA ILE E 151 -1.11 62.90 -20.35
C ILE E 151 -0.91 64.32 -19.86
N PHE E 152 -1.52 65.28 -20.56
CA PHE E 152 -1.42 66.69 -20.23
C PHE E 152 -2.80 67.27 -20.04
N LEU E 153 -2.92 68.17 -19.06
CA LEU E 153 -4.20 68.73 -18.65
C LEU E 153 -4.34 70.15 -19.22
N VAL E 154 -5.50 70.43 -19.79
CA VAL E 154 -5.85 71.76 -20.28
C VAL E 154 -7.09 72.24 -19.54
N ARG E 155 -6.99 73.41 -18.92
CA ARG E 155 -8.12 74.00 -18.22
C ARG E 155 -9.15 74.54 -19.21
N GLY E 156 -10.36 74.76 -18.71
CA GLY E 156 -11.43 75.34 -19.49
C GLY E 156 -12.71 74.53 -19.43
N GLY E 157 -13.80 75.20 -19.77
CA GLY E 157 -15.10 74.56 -19.82
C GLY E 157 -15.64 74.21 -18.43
N MET E 158 -16.75 73.47 -18.45
CA MET E 158 -17.34 73.01 -17.20
C MET E 158 -16.40 72.07 -16.46
N ARG E 159 -15.74 71.18 -17.18
CA ARG E 159 -14.77 70.26 -16.61
C ARG E 159 -13.47 70.36 -17.39
N ALA E 160 -12.36 70.52 -16.69
CA ALA E 160 -11.06 70.45 -17.35
C ALA E 160 -10.83 69.05 -17.90
N VAL E 161 -10.39 68.99 -19.16
CA VAL E 161 -10.32 67.74 -19.90
C VAL E 161 -8.86 67.31 -20.01
N GLU E 162 -8.59 66.07 -19.60
CA GLU E 162 -7.24 65.51 -19.62
C GLU E 162 -7.01 64.79 -20.94
N PHE E 163 -5.89 65.10 -21.60
CA PHE E 163 -5.56 64.52 -22.89
C PHE E 163 -4.28 63.70 -22.77
N LYS E 164 -4.32 62.48 -23.29
CA LYS E 164 -3.16 61.59 -23.28
C LYS E 164 -2.78 61.26 -24.72
N VAL E 165 -1.51 61.45 -25.05
CA VAL E 165 -1.01 61.18 -26.39
C VAL E 165 -0.60 59.71 -26.52
N VAL E 166 -1.34 58.96 -27.34
CA VAL E 166 -0.98 57.56 -27.57
C VAL E 166 -0.03 57.43 -28.74
N GLU E 167 -0.21 58.26 -29.77
CA GLU E 167 0.62 58.21 -30.97
C GLU E 167 1.47 59.47 -31.08
N THR E 168 2.78 59.29 -31.17
CA THR E 168 3.71 60.38 -31.42
C THR E 168 4.34 60.18 -32.79
N ASP E 169 4.29 61.22 -33.61
CA ASP E 169 4.90 61.18 -34.93
C ASP E 169 5.81 62.39 -35.10
N PRO E 170 7.14 62.22 -35.05
CA PRO E 170 7.84 60.94 -34.89
C PRO E 170 7.82 60.41 -33.46
N SER E 171 7.82 59.09 -33.32
CA SER E 171 7.89 58.48 -31.99
C SER E 171 9.34 58.40 -31.52
N PRO E 172 9.60 58.78 -30.26
CA PRO E 172 8.59 59.33 -29.36
C PRO E 172 8.68 60.84 -29.15
N TYR E 173 9.84 61.44 -29.43
CA TYR E 173 10.08 62.85 -29.16
C TYR E 173 9.64 63.68 -30.36
N CYS E 174 8.75 64.64 -30.12
CA CYS E 174 8.27 65.53 -31.17
C CYS E 174 8.05 66.92 -30.59
N ILE E 175 8.12 67.91 -31.46
CA ILE E 175 7.81 69.30 -31.12
C ILE E 175 6.50 69.66 -31.82
N VAL E 176 5.50 70.06 -31.03
CA VAL E 176 4.18 70.37 -31.59
C VAL E 176 4.26 71.75 -32.21
N ALA E 177 4.53 71.81 -33.51
CA ALA E 177 4.65 73.05 -34.24
C ALA E 177 3.28 73.69 -34.46
N PRO E 178 3.24 75.00 -34.74
CA PRO E 178 1.95 75.62 -35.08
C PRO E 178 1.28 75.01 -36.30
N ASP E 179 2.05 74.62 -37.33
CA ASP E 179 1.45 74.03 -38.52
C ASP E 179 1.13 72.56 -38.29
N THR E 180 1.62 71.98 -37.20
CA THR E 180 1.18 70.66 -36.80
C THR E 180 -0.28 70.70 -36.34
N VAL E 181 -1.05 69.69 -36.71
CA VAL E 181 -2.46 69.59 -36.37
C VAL E 181 -2.64 68.50 -35.32
N ILE E 182 -3.45 68.79 -34.31
CA ILE E 182 -3.79 67.83 -33.26
C ILE E 182 -5.27 67.50 -33.38
N HIS E 183 -5.59 66.21 -33.25
CA HIS E 183 -6.96 65.73 -33.35
C HIS E 183 -7.27 64.81 -32.18
N CYS E 184 -8.44 64.98 -31.58
CA CYS E 184 -8.88 64.18 -30.44
C CYS E 184 -9.76 63.00 -30.83
N GLU E 185 -9.92 62.73 -32.12
CA GLU E 185 -10.81 61.65 -32.55
C GLU E 185 -10.27 60.30 -32.10
N GLY E 186 -11.18 59.37 -31.86
CA GLY E 186 -10.83 58.02 -31.49
C GLY E 186 -11.67 57.55 -30.33
N GLU E 187 -11.16 56.53 -29.64
CA GLU E 187 -11.83 56.01 -28.45
C GLU E 187 -11.20 56.62 -27.21
N PRO E 188 -11.96 57.39 -26.41
CA PRO E 188 -11.36 58.01 -25.23
C PRO E 188 -10.80 56.99 -24.26
N ILE E 189 -9.66 57.34 -23.64
CA ILE E 189 -9.00 56.42 -22.74
C ILE E 189 -9.78 56.32 -21.43
N LYS E 190 -9.95 55.10 -20.96
CA LYS E 190 -10.67 54.88 -19.71
C LYS E 190 -9.88 55.43 -18.53
N ARG E 191 -10.59 56.00 -17.56
CA ARG E 191 -9.94 56.48 -16.35
C ARG E 191 -9.27 55.33 -15.60
N GLU E 192 -9.93 54.17 -15.57
CA GLU E 192 -9.34 52.99 -14.94
C GLU E 192 -8.06 52.58 -15.65
N ASP E 193 -8.02 52.73 -16.98
CA ASP E 193 -6.81 52.39 -17.73
C ASP E 193 -5.64 53.27 -17.32
N GLU E 194 -5.87 54.58 -17.22
CA GLU E 194 -4.82 55.49 -16.78
C GLU E 194 -4.41 55.20 -15.34
N GLU E 195 -5.39 54.87 -14.48
CA GLU E 195 -5.08 54.54 -13.10
C GLU E 195 -4.18 53.30 -13.02
N GLU E 196 -4.52 52.25 -13.78
CA GLU E 196 -3.73 51.03 -13.75
C GLU E 196 -2.35 51.27 -14.36
N SER E 197 -2.25 52.13 -15.36
CA SER E 197 -0.94 52.50 -15.90
C SER E 197 -0.12 53.22 -14.85
N LEU E 198 -0.76 54.08 -14.05
CA LEU E 198 -0.06 54.78 -12.98
C LEU E 198 0.40 53.80 -11.90
N ASN E 199 -0.51 52.96 -11.42
CA ASN E 199 -0.22 52.04 -10.32
C ASN E 199 0.48 50.82 -10.88
N GLU E 200 1.81 50.90 -10.98
CA GLU E 200 2.63 49.84 -11.54
C GLU E 200 3.72 49.48 -10.54
N VAL E 201 4.11 48.19 -10.55
CA VAL E 201 5.04 47.71 -9.54
C VAL E 201 6.47 47.98 -9.98
N GLY E 202 7.28 48.50 -9.06
CA GLY E 202 8.71 48.64 -9.27
C GLY E 202 9.46 48.09 -8.07
N TYR E 203 10.78 48.17 -8.15
CA TYR E 203 11.60 47.61 -7.08
C TYR E 203 11.33 48.30 -5.74
N ASP E 204 10.79 49.53 -5.78
CA ASP E 204 10.50 50.22 -4.53
C ASP E 204 9.20 49.72 -3.91
N ASP E 205 8.46 48.88 -4.62
CA ASP E 205 7.27 48.28 -4.04
C ASP E 205 7.62 47.03 -3.24
N ILE E 206 8.88 46.61 -3.27
CA ILE E 206 9.31 45.47 -2.48
C ILE E 206 9.99 45.95 -1.21
N GLY E 207 9.53 45.46 -0.07
CA GLY E 207 10.15 45.78 1.20
C GLY E 207 10.55 44.53 1.94
N GLY E 208 11.62 44.65 2.73
CA GLY E 208 12.13 43.55 3.49
C GLY E 208 13.01 42.59 2.72
N CYS E 209 13.20 42.79 1.42
CA CYS E 209 14.04 41.95 0.59
C CYS E 209 15.16 42.76 -0.05
N ARG E 210 15.73 43.72 0.69
CA ARG E 210 16.75 44.58 0.11
C ARG E 210 17.95 43.77 -0.35
N LYS E 211 18.43 42.85 0.49
CA LYS E 211 19.55 42.00 0.10
C LYS E 211 19.17 41.15 -1.11
N GLN E 212 17.96 40.58 -1.10
CA GLN E 212 17.50 39.79 -2.23
C GLN E 212 17.32 40.63 -3.48
N LEU E 213 16.81 41.86 -3.33
CA LEU E 213 16.69 42.75 -4.49
C LEU E 213 18.05 43.06 -5.10
N ALA E 214 19.04 43.40 -4.26
CA ALA E 214 20.37 43.68 -4.79
C ALA E 214 20.98 42.46 -5.43
N GLN E 215 20.79 41.29 -4.82
CA GLN E 215 21.31 40.05 -5.36
C GLN E 215 20.71 39.75 -6.72
N ILE E 216 19.39 39.94 -6.86
CA ILE E 216 18.73 39.73 -8.14
C ILE E 216 19.21 40.74 -9.17
N LYS E 217 19.30 42.02 -8.78
CA LYS E 217 19.72 43.05 -9.72
C LYS E 217 21.13 42.80 -10.22
N GLU E 218 22.00 42.29 -9.35
CA GLU E 218 23.31 41.86 -9.82
C GLU E 218 23.18 40.65 -10.75
N MET E 219 22.23 39.76 -10.47
CA MET E 219 22.13 38.53 -11.24
C MET E 219 21.56 38.75 -12.64
N VAL E 220 20.50 39.56 -12.77
CA VAL E 220 19.76 39.66 -14.02
C VAL E 220 19.96 41.03 -14.68
N GLU E 221 19.86 42.12 -13.92
CA GLU E 221 19.92 43.44 -14.53
C GLU E 221 21.33 43.81 -14.96
N LEU E 222 22.33 43.51 -14.13
CA LEU E 222 23.70 43.88 -14.46
C LEU E 222 24.24 43.15 -15.70
N PRO E 223 24.10 41.83 -15.84
CA PRO E 223 24.55 41.20 -17.09
C PRO E 223 23.83 41.71 -18.33
N LEU E 224 22.53 42.01 -18.21
CA LEU E 224 21.78 42.45 -19.37
C LEU E 224 22.16 43.86 -19.77
N ARG E 225 22.38 44.74 -18.80
CA ARG E 225 22.76 46.11 -19.13
C ARG E 225 24.20 46.19 -19.65
N HIS E 226 25.13 45.51 -19.00
CA HIS E 226 26.55 45.56 -19.35
C HIS E 226 27.11 44.14 -19.45
N PRO E 227 26.76 43.42 -20.52
CA PRO E 227 27.38 42.09 -20.72
C PRO E 227 28.85 42.17 -21.07
N ALA E 228 29.28 43.26 -21.71
CA ALA E 228 30.67 43.39 -22.10
C ALA E 228 31.59 43.42 -20.89
N LEU E 229 31.11 43.97 -19.77
CA LEU E 229 31.90 43.95 -18.54
C LEU E 229 32.16 42.53 -18.07
N PHE E 230 31.13 41.68 -18.06
CA PHE E 230 31.32 40.29 -17.69
C PHE E 230 32.23 39.57 -18.68
N LYS E 231 32.09 39.88 -19.97
CA LYS E 231 32.93 39.25 -20.97
C LYS E 231 34.41 39.61 -20.79
N GLU E 232 34.70 40.89 -20.53
CA GLU E 232 36.10 41.31 -20.40
C GLU E 232 36.69 40.86 -19.06
N ILE E 233 35.88 40.78 -18.00
CA ILE E 233 36.39 40.16 -16.78
C ILE E 233 36.77 38.71 -17.01
N GLY E 234 35.94 37.94 -17.73
CA GLY E 234 36.24 36.56 -17.99
C GLY E 234 35.46 35.55 -17.17
N VAL E 235 34.29 35.92 -16.67
CA VAL E 235 33.41 34.99 -15.96
C VAL E 235 32.05 35.01 -16.65
N LYS E 236 31.50 33.82 -16.87
CA LYS E 236 30.18 33.73 -17.48
C LYS E 236 29.11 34.06 -16.45
N PRO E 237 28.24 35.03 -16.72
CA PRO E 237 27.23 35.41 -15.74
C PRO E 237 26.22 34.29 -15.56
N PRO E 238 25.61 34.19 -14.37
CA PRO E 238 24.57 33.17 -14.14
C PRO E 238 23.45 33.27 -15.17
N ARG E 239 22.93 32.10 -15.55
CA ARG E 239 21.87 32.07 -16.56
C ARG E 239 20.51 31.81 -15.93
N GLY E 240 20.46 30.96 -14.91
CA GLY E 240 19.20 30.60 -14.27
C GLY E 240 19.20 31.00 -12.80
N ILE E 241 18.13 31.67 -12.38
CA ILE E 241 17.95 32.11 -11.01
C ILE E 241 16.64 31.54 -10.50
N LEU E 242 16.67 30.95 -9.31
CA LEU E 242 15.52 30.29 -8.72
C LEU E 242 15.12 31.01 -7.44
N LEU E 243 13.98 31.69 -7.47
CA LEU E 243 13.40 32.33 -6.29
C LEU E 243 12.56 31.30 -5.57
N TYR E 244 12.90 31.05 -4.30
CA TYR E 244 12.17 30.08 -3.50
C TYR E 244 11.90 30.68 -2.14
N GLY E 245 10.74 30.34 -1.57
CA GLY E 245 10.36 30.84 -0.27
C GLY E 245 8.94 30.44 0.08
N PRO E 246 8.52 30.75 1.29
CA PRO E 246 7.15 30.44 1.67
C PRO E 246 6.16 31.26 0.88
N PRO E 247 4.90 30.82 0.80
CA PRO E 247 3.91 31.60 0.05
C PRO E 247 3.72 32.99 0.66
N GLY E 248 3.53 33.97 -0.22
CA GLY E 248 3.30 35.34 0.19
C GLY E 248 4.53 36.13 0.53
N THR E 249 5.72 35.66 0.18
CA THR E 249 6.96 36.37 0.50
C THR E 249 7.41 37.32 -0.60
N GLY E 250 6.77 37.29 -1.77
CA GLY E 250 7.02 38.30 -2.78
C GLY E 250 7.77 37.85 -4.00
N LYS E 251 7.77 36.56 -4.33
CA LYS E 251 8.47 36.10 -5.53
C LYS E 251 7.81 36.63 -6.79
N THR E 252 6.49 36.46 -6.91
CA THR E 252 5.79 36.97 -8.08
C THR E 252 5.78 38.49 -8.09
N LEU E 253 5.78 39.12 -6.92
CA LEU E 253 5.88 40.58 -6.87
C LEU E 253 7.23 41.05 -7.40
N ILE E 254 8.30 40.35 -7.06
CA ILE E 254 9.62 40.68 -7.61
C ILE E 254 9.63 40.45 -9.12
N ALA E 255 8.94 39.41 -9.57
CA ALA E 255 8.83 39.19 -11.01
C ALA E 255 8.09 40.34 -11.70
N ARG E 256 7.01 40.85 -11.09
CA ARG E 256 6.32 42.00 -11.66
C ARG E 256 7.24 43.21 -11.70
N ALA E 257 7.99 43.44 -10.63
CA ALA E 257 8.91 44.58 -10.61
C ALA E 257 9.96 44.46 -11.70
N VAL E 258 10.51 43.26 -11.88
CA VAL E 258 11.50 43.03 -12.93
C VAL E 258 10.87 43.27 -14.31
N ALA E 259 9.67 42.74 -14.53
CA ALA E 259 9.02 42.89 -15.82
C ALA E 259 8.74 44.35 -16.14
N ASN E 260 8.30 45.11 -15.14
CA ASN E 260 7.97 46.52 -15.38
C ASN E 260 9.22 47.37 -15.53
N GLU E 261 10.24 47.12 -14.72
CA GLU E 261 11.36 48.04 -14.59
C GLU E 261 12.63 47.58 -15.31
N THR E 262 12.54 46.55 -16.14
CA THR E 262 13.66 46.12 -16.97
C THR E 262 13.34 46.41 -18.42
N GLY E 263 14.30 47.03 -19.13
CA GLY E 263 14.09 47.34 -20.52
C GLY E 263 14.11 46.11 -21.42
N ALA E 264 14.67 45.02 -20.92
CA ALA E 264 14.80 43.81 -21.73
C ALA E 264 13.44 43.16 -21.97
N PHE E 265 13.37 42.35 -23.02
CA PHE E 265 12.14 41.65 -23.33
C PHE E 265 11.80 40.66 -22.22
N PHE E 266 10.53 40.64 -21.82
CA PHE E 266 10.06 39.78 -20.75
C PHE E 266 9.08 38.75 -21.30
N PHE E 267 9.39 37.48 -21.08
CA PHE E 267 8.47 36.39 -21.41
C PHE E 267 8.02 35.74 -20.12
N LEU E 268 6.70 35.54 -20.00
CA LEU E 268 6.12 34.89 -18.83
C LEU E 268 5.71 33.48 -19.19
N ILE E 269 6.11 32.52 -18.35
CA ILE E 269 5.64 31.15 -18.42
C ILE E 269 5.02 30.77 -17.09
N ASN E 270 3.81 30.23 -17.13
CA ASN E 270 3.23 29.54 -15.99
C ASN E 270 3.24 28.06 -16.32
N GLY E 271 3.66 27.23 -15.34
CA GLY E 271 3.86 25.83 -15.56
C GLY E 271 2.74 25.10 -16.25
N PRO E 272 1.54 25.03 -15.66
CA PRO E 272 0.47 24.22 -16.27
C PRO E 272 0.03 24.70 -17.64
N GLU E 273 0.32 25.96 -18.01
CA GLU E 273 -0.11 26.46 -19.31
C GLU E 273 0.74 25.87 -20.44
N ILE E 274 1.83 25.19 -20.09
CA ILE E 274 2.64 24.49 -21.09
C ILE E 274 1.85 23.34 -21.70
N MET E 275 1.09 22.63 -20.88
CA MET E 275 0.38 21.44 -21.33
C MET E 275 -0.58 21.75 -22.47
N SER E 276 -0.70 20.80 -23.40
CA SER E 276 -1.64 20.90 -24.50
C SER E 276 -2.04 19.50 -24.92
N LYS E 277 -3.18 19.41 -25.62
CA LYS E 277 -3.76 18.11 -25.95
C LYS E 277 -2.93 17.38 -27.00
N LEU E 278 -2.42 18.10 -27.99
CA LEU E 278 -1.66 17.46 -29.06
C LEU E 278 -0.37 16.85 -28.52
N ALA E 279 -0.02 15.68 -29.06
CA ALA E 279 1.18 15.00 -28.62
C ALA E 279 2.42 15.78 -29.05
N GLY E 280 3.27 16.13 -28.08
CA GLY E 280 4.45 16.91 -28.34
C GLY E 280 4.23 18.40 -28.42
N GLU E 281 3.02 18.89 -28.15
CA GLU E 281 2.78 20.33 -28.22
C GLU E 281 3.33 21.05 -26.99
N SER E 282 3.44 20.35 -25.87
CA SER E 282 3.94 20.99 -24.65
C SER E 282 5.43 21.29 -24.75
N GLU E 283 6.21 20.32 -25.23
CA GLU E 283 7.61 20.56 -25.52
C GLU E 283 7.74 21.64 -26.57
N SER E 284 6.82 21.67 -27.53
CA SER E 284 6.82 22.74 -28.53
C SER E 284 6.58 24.09 -27.87
N ASN E 285 5.75 24.15 -26.83
CA ASN E 285 5.49 25.41 -26.16
C ASN E 285 6.72 25.89 -25.41
N LEU E 286 7.40 24.99 -24.71
CA LEU E 286 8.65 25.36 -24.05
C LEU E 286 9.69 25.83 -25.06
N ARG E 287 9.86 25.08 -26.15
CA ARG E 287 10.86 25.43 -27.16
C ARG E 287 10.51 26.75 -27.83
N LYS E 288 9.22 26.99 -28.08
CA LYS E 288 8.80 28.24 -28.69
C LYS E 288 9.03 29.41 -27.75
N ALA E 289 8.80 29.21 -26.45
CA ALA E 289 9.09 30.26 -25.48
C ALA E 289 10.57 30.63 -25.51
N PHE E 290 11.43 29.63 -25.49
CA PHE E 290 12.87 29.91 -25.49
C PHE E 290 13.32 30.54 -26.81
N GLU E 291 12.76 30.08 -27.93
CA GLU E 291 13.10 30.66 -29.22
C GLU E 291 12.62 32.10 -29.33
N GLU E 292 11.42 32.39 -28.82
CA GLU E 292 10.92 33.75 -28.82
C GLU E 292 11.78 34.64 -27.96
N ALA E 293 12.25 34.12 -26.83
CA ALA E 293 13.19 34.91 -26.01
C ALA E 293 14.47 35.21 -26.77
N GLU E 294 15.01 34.22 -27.49
CA GLU E 294 16.25 34.45 -28.24
C GLU E 294 16.04 35.45 -29.38
N LYS E 295 14.91 35.36 -30.08
CA LYS E 295 14.66 36.27 -31.19
C LYS E 295 14.61 37.72 -30.73
N ASN E 296 14.13 37.94 -29.51
CA ASN E 296 14.04 39.28 -28.92
C ASN E 296 14.94 39.31 -27.69
N ALA E 297 16.22 39.59 -27.90
CA ALA E 297 17.19 39.60 -26.82
C ALA E 297 17.76 41.00 -26.65
N PRO E 298 18.18 41.37 -25.43
CA PRO E 298 18.20 40.61 -24.18
C PRO E 298 16.81 40.31 -23.64
N ALA E 299 16.65 39.13 -23.04
CA ALA E 299 15.34 38.66 -22.63
C ALA E 299 15.42 38.05 -21.25
N ILE E 300 14.29 38.05 -20.55
CA ILE E 300 14.11 37.35 -19.29
C ILE E 300 12.89 36.47 -19.40
N ILE E 301 13.05 35.19 -19.08
CA ILE E 301 11.96 34.22 -19.07
C ILE E 301 11.61 33.94 -17.63
N PHE E 302 10.38 34.26 -17.24
CA PHE E 302 9.92 33.99 -15.89
C PHE E 302 9.01 32.77 -15.90
N ILE E 303 9.43 31.71 -15.21
CA ILE E 303 8.64 30.50 -15.08
C ILE E 303 8.00 30.54 -13.70
N ASP E 304 6.76 31.02 -13.64
CA ASP E 304 6.00 30.98 -12.41
C ASP E 304 5.55 29.56 -12.11
N GLU E 305 5.61 29.18 -10.83
CA GLU E 305 5.29 27.83 -10.39
C GLU E 305 6.13 26.80 -11.15
N LEU E 306 7.44 26.84 -10.92
CA LEU E 306 8.34 25.94 -11.62
C LEU E 306 8.07 24.48 -11.26
N ASP E 307 7.65 24.22 -10.03
CA ASP E 307 7.46 22.84 -9.59
C ASP E 307 6.26 22.20 -10.28
N ALA E 308 5.44 23.00 -10.96
CA ALA E 308 4.34 22.44 -11.73
C ALA E 308 4.84 21.62 -12.91
N ILE E 309 5.91 22.09 -13.57
CA ILE E 309 6.44 21.38 -14.74
C ILE E 309 7.80 20.76 -14.48
N ALA E 310 8.31 20.82 -13.26
CA ALA E 310 9.63 20.26 -12.93
C ALA E 310 9.57 19.37 -11.70
N PRO E 311 8.86 18.25 -11.78
CA PRO E 311 8.97 17.24 -10.72
C PRO E 311 10.15 16.31 -10.99
N LYS E 312 10.54 15.58 -9.95
CA LYS E 312 11.64 14.63 -10.08
C LYS E 312 11.26 13.53 -11.05
N ARG E 313 12.04 13.38 -12.12
CA ARG E 313 11.69 12.45 -13.19
C ARG E 313 11.58 11.03 -12.67
N GLU E 314 12.32 10.70 -11.62
CA GLU E 314 12.19 9.38 -11.00
C GLU E 314 10.81 9.21 -10.38
N LYS E 315 10.31 10.24 -9.68
CA LYS E 315 9.01 10.14 -9.06
C LYS E 315 7.88 10.34 -10.06
N THR E 316 8.20 10.89 -11.23
CA THR E 316 7.17 11.15 -12.25
C THR E 316 6.66 9.84 -12.83
N HIS E 317 5.34 9.76 -13.01
CA HIS E 317 4.70 8.56 -13.55
C HIS E 317 4.31 8.70 -15.01
N GLY E 318 4.16 9.91 -15.52
CA GLY E 318 3.64 10.15 -16.87
C GLY E 318 4.77 10.34 -17.85
N GLU E 319 4.55 9.90 -19.09
CA GLU E 319 5.57 10.02 -20.11
C GLU E 319 5.71 11.44 -20.60
N VAL E 320 4.59 12.16 -20.73
CA VAL E 320 4.65 13.53 -21.23
C VAL E 320 5.29 14.44 -20.19
N GLU E 321 4.99 14.23 -18.91
CA GLU E 321 5.63 15.02 -17.86
C GLU E 321 7.14 14.80 -17.84
N ARG E 322 7.58 13.55 -17.96
CA ARG E 322 9.01 13.26 -18.06
C ARG E 322 9.63 13.92 -19.27
N ARG E 323 8.96 13.84 -20.42
CA ARG E 323 9.50 14.45 -21.63
C ARG E 323 9.61 15.96 -21.48
N ILE E 324 8.68 16.57 -20.75
CA ILE E 324 8.74 18.01 -20.53
C ILE E 324 9.89 18.38 -19.60
N VAL E 325 10.09 17.59 -18.54
CA VAL E 325 11.23 17.88 -17.66
C VAL E 325 12.54 17.74 -18.43
N SER E 326 12.66 16.70 -19.25
CA SER E 326 13.87 16.52 -20.06
C SER E 326 14.03 17.64 -21.08
N GLN E 327 12.93 18.07 -21.70
CA GLN E 327 13.00 19.16 -22.67
C GLN E 327 13.44 20.45 -22.01
N LEU E 328 12.95 20.72 -20.80
CA LEU E 328 13.34 21.94 -20.10
C LEU E 328 14.81 21.87 -19.67
N LEU E 329 15.27 20.68 -19.24
CA LEU E 329 16.69 20.49 -18.97
C LEU E 329 17.53 20.74 -20.22
N THR E 330 17.07 20.26 -21.37
CA THR E 330 17.79 20.46 -22.62
C THR E 330 17.86 21.93 -23.00
N LEU E 331 16.75 22.65 -22.83
CA LEU E 331 16.74 24.08 -23.13
C LEU E 331 17.66 24.85 -22.18
N MET E 332 17.67 24.48 -20.90
CA MET E 332 18.59 25.11 -19.96
C MET E 332 20.04 24.84 -20.34
N ASP E 333 20.35 23.62 -20.79
CA ASP E 333 21.70 23.34 -21.28
C ASP E 333 22.04 24.20 -22.49
N GLY E 334 21.15 24.25 -23.47
CA GLY E 334 21.38 25.06 -24.65
C GLY E 334 21.36 26.55 -24.40
N LEU E 335 20.94 26.96 -23.20
CA LEU E 335 20.92 28.39 -22.86
C LEU E 335 22.32 28.99 -22.88
N LYS E 336 23.35 28.16 -22.84
CA LYS E 336 24.72 28.67 -22.93
C LYS E 336 24.95 29.44 -24.23
N GLN E 337 24.60 28.84 -25.36
CA GLN E 337 24.85 29.49 -26.65
C GLN E 337 23.90 30.66 -26.87
N ARG E 338 22.83 30.74 -26.08
CA ARG E 338 21.91 31.87 -26.20
C ARG E 338 22.63 33.15 -25.75
N ALA E 339 22.50 34.20 -26.55
CA ALA E 339 23.36 35.36 -26.37
C ALA E 339 23.05 36.12 -25.09
N HIS E 340 21.77 36.41 -24.84
CA HIS E 340 21.39 37.23 -23.72
C HIS E 340 20.15 36.74 -22.98
N VAL E 341 19.81 35.45 -23.06
CA VAL E 341 18.61 34.97 -22.41
C VAL E 341 18.94 34.51 -21.00
N ILE E 342 18.25 35.07 -20.01
CA ILE E 342 18.34 34.63 -18.61
C ILE E 342 16.98 34.12 -18.19
N VAL E 343 16.97 32.95 -17.54
CA VAL E 343 15.74 32.31 -17.08
C VAL E 343 15.64 32.51 -15.58
N MET E 344 14.53 33.10 -15.13
CA MET E 344 14.24 33.31 -13.72
C MET E 344 12.97 32.55 -13.38
N ALA E 345 12.99 31.79 -12.28
CA ALA E 345 11.86 30.96 -11.89
C ALA E 345 11.54 31.17 -10.42
N ALA E 346 10.27 30.96 -10.08
CA ALA E 346 9.79 31.07 -8.70
C ALA E 346 9.02 29.82 -8.33
N THR E 347 9.21 29.35 -7.10
CA THR E 347 8.47 28.21 -6.59
C THR E 347 8.50 28.23 -5.06
N ASN E 348 7.40 27.78 -4.47
CA ASN E 348 7.29 27.66 -3.02
C ASN E 348 7.54 26.24 -2.53
N ARG E 349 7.89 25.31 -3.42
CA ARG E 349 8.31 23.96 -3.04
C ARG E 349 9.65 23.69 -3.72
N PRO E 350 10.72 24.33 -3.26
CA PRO E 350 12.02 24.13 -3.93
C PRO E 350 12.50 22.69 -3.90
N ASN E 351 12.17 21.95 -2.85
CA ASN E 351 12.66 20.58 -2.71
C ASN E 351 12.07 19.67 -3.78
N SER E 352 10.81 19.87 -4.14
CA SER E 352 10.15 18.99 -5.10
C SER E 352 10.74 19.15 -6.50
N ILE E 353 11.52 20.20 -6.73
CA ILE E 353 12.17 20.38 -8.03
C ILE E 353 13.13 19.22 -8.29
N ASP E 354 13.22 18.82 -9.55
CA ASP E 354 14.16 17.78 -9.92
C ASP E 354 15.59 18.24 -9.63
N PRO E 355 16.37 17.43 -8.92
CA PRO E 355 17.73 17.89 -8.55
C PRO E 355 18.60 18.23 -9.74
N ALA E 356 18.41 17.55 -10.87
CA ALA E 356 19.27 17.80 -12.04
C ALA E 356 19.15 19.24 -12.51
N LEU E 357 18.02 19.89 -12.24
CA LEU E 357 17.86 21.29 -12.61
C LEU E 357 18.65 22.21 -11.68
N ARG E 358 18.97 21.74 -10.48
CA ARG E 358 19.64 22.62 -9.52
C ARG E 358 21.16 22.45 -9.50
N ARG E 359 21.73 21.64 -10.39
CA ARG E 359 23.17 21.65 -10.53
C ARG E 359 23.65 22.92 -11.21
N PHE E 360 24.96 22.99 -11.42
CA PHE E 360 25.56 24.21 -11.96
C PHE E 360 25.45 24.22 -13.48
N GLY E 361 25.25 25.41 -14.03
CA GLY E 361 25.03 25.58 -15.45
C GLY E 361 23.58 25.79 -15.82
N ARG E 362 22.65 25.15 -15.11
CA ARG E 362 21.22 25.33 -15.31
C ARG E 362 20.60 25.65 -13.96
N PHE E 363 19.82 26.73 -13.89
CA PHE E 363 19.36 27.29 -12.63
C PHE E 363 20.51 27.33 -11.62
N ASP E 364 21.60 27.95 -12.06
CA ASP E 364 22.84 27.92 -11.30
C ASP E 364 22.70 28.61 -9.95
N ARG E 365 22.03 29.76 -9.92
CA ARG E 365 21.88 30.56 -8.72
C ARG E 365 20.49 30.37 -8.12
N GLU E 366 20.40 30.42 -6.80
CA GLU E 366 19.13 30.34 -6.09
C GLU E 366 19.06 31.47 -5.07
N VAL E 367 17.94 32.19 -5.08
CA VAL E 367 17.71 33.32 -4.19
C VAL E 367 16.58 32.95 -3.24
N ASP E 368 16.82 33.14 -1.94
CA ASP E 368 15.87 32.75 -0.91
C ASP E 368 15.09 33.96 -0.44
N ILE E 369 13.87 34.11 -0.95
CA ILE E 369 12.97 35.19 -0.55
C ILE E 369 12.34 34.78 0.78
N GLY E 370 12.98 35.17 1.88
CA GLY E 370 12.58 34.70 3.18
C GLY E 370 11.52 35.55 3.85
N ILE E 371 11.32 35.28 5.13
CA ILE E 371 10.32 35.99 5.92
C ILE E 371 10.93 37.28 6.48
N PRO E 372 10.34 38.45 6.21
CA PRO E 372 10.99 39.70 6.62
C PRO E 372 11.03 39.85 8.14
N ASP E 373 12.07 40.53 8.62
CA ASP E 373 12.20 40.83 10.03
C ASP E 373 11.42 42.10 10.37
N ALA E 374 11.65 42.61 11.58
CA ALA E 374 10.85 43.74 12.08
C ALA E 374 10.99 44.97 11.19
N THR E 375 12.22 45.31 10.81
CA THR E 375 12.41 46.46 9.92
C THR E 375 11.87 46.17 8.52
N GLY E 376 12.01 44.93 8.05
CA GLY E 376 11.39 44.55 6.79
C GLY E 376 9.88 44.66 6.83
N ARG E 377 9.28 44.24 7.95
CA ARG E 377 7.83 44.36 8.10
C ARG E 377 7.41 45.82 8.13
N LEU E 378 8.21 46.67 8.77
CA LEU E 378 7.92 48.10 8.75
C LEU E 378 7.98 48.67 7.34
N GLU E 379 8.97 48.25 6.55
CA GLU E 379 9.06 48.70 5.17
C GLU E 379 7.85 48.24 4.35
N ILE E 380 7.44 46.99 4.53
CA ILE E 380 6.28 46.48 3.79
C ILE E 380 5.01 47.23 4.19
N LEU E 381 4.86 47.52 5.47
CA LEU E 381 3.69 48.29 5.91
C LEU E 381 3.71 49.70 5.35
N GLN E 382 4.89 50.32 5.28
CA GLN E 382 4.99 51.64 4.67
C GLN E 382 4.60 51.58 3.19
N ILE E 383 5.00 50.52 2.50
CA ILE E 383 4.62 50.38 1.10
C ILE E 383 3.11 50.20 0.96
N HIS E 384 2.51 49.38 1.80
CA HIS E 384 1.10 49.04 1.62
C HIS E 384 0.18 50.12 2.18
N THR E 385 0.70 51.03 2.99
CA THR E 385 -0.09 52.09 3.59
C THR E 385 0.16 53.46 2.96
N LYS E 386 0.85 53.53 1.82
CA LYS E 386 1.14 54.82 1.23
C LYS E 386 -0.08 55.43 0.56
N ASN E 387 -0.98 54.59 0.05
CA ASN E 387 -2.20 55.12 -0.56
C ASN E 387 -3.33 55.23 0.46
N MET E 388 -3.17 54.61 1.62
CA MET E 388 -4.21 54.65 2.64
C MET E 388 -4.28 56.03 3.29
N LYS E 389 -5.48 56.39 3.75
CA LYS E 389 -5.69 57.64 4.46
C LYS E 389 -5.37 57.42 5.94
N LEU E 390 -4.08 57.32 6.23
CA LEU E 390 -3.63 57.09 7.59
C LEU E 390 -3.89 58.33 8.45
N ALA E 391 -4.33 58.08 9.68
CA ALA E 391 -4.43 59.15 10.66
C ALA E 391 -3.06 59.43 11.27
N ASP E 392 -3.00 60.48 12.08
CA ASP E 392 -1.71 60.90 12.64
C ASP E 392 -1.26 59.97 13.76
N ASP E 393 -2.21 59.39 14.49
CA ASP E 393 -1.88 58.68 15.72
C ASP E 393 -1.18 57.36 15.44
N VAL E 394 -1.14 56.93 14.19
CA VAL E 394 -0.59 55.62 13.87
C VAL E 394 0.92 55.63 13.96
N ASP E 395 1.50 54.57 14.52
CA ASP E 395 2.92 54.31 14.47
C ASP E 395 3.14 52.94 13.86
N LEU E 396 3.61 52.91 12.61
CA LEU E 396 3.77 51.64 11.92
C LEU E 396 4.88 50.80 12.54
N GLU E 397 5.72 51.40 13.37
CA GLU E 397 6.75 50.63 14.08
C GLU E 397 6.12 49.65 15.05
N GLN E 398 5.07 50.06 15.77
CA GLN E 398 4.40 49.15 16.68
C GLN E 398 3.73 48.01 15.92
N VAL E 399 3.07 48.32 14.81
CA VAL E 399 2.43 47.29 14.00
C VAL E 399 3.48 46.32 13.45
N ALA E 400 4.64 46.85 13.08
CA ALA E 400 5.72 45.99 12.60
C ALA E 400 6.23 45.07 13.69
N ASN E 401 6.35 45.60 14.91
CA ASN E 401 6.88 44.80 16.01
C ASN E 401 5.89 43.73 16.46
N GLU E 402 4.59 44.04 16.41
CA GLU E 402 3.59 43.07 16.88
C GLU E 402 3.51 41.86 15.95
N THR E 403 3.52 42.09 14.63
CA THR E 403 3.39 41.02 13.64
C THR E 403 4.71 40.27 13.59
N HIS E 404 4.71 39.02 14.05
CA HIS E 404 5.95 38.27 14.14
C HIS E 404 6.18 37.39 12.91
N GLY E 405 5.28 36.46 12.64
CA GLY E 405 5.47 35.53 11.55
C GLY E 405 4.92 35.97 10.21
N HIS E 406 4.53 37.23 10.07
CA HIS E 406 3.89 37.69 8.84
C HIS E 406 4.93 37.83 7.73
N VAL E 407 4.50 37.53 6.50
CA VAL E 407 5.42 37.43 5.37
C VAL E 407 5.27 38.55 4.37
N GLY E 408 4.35 39.49 4.58
CA GLY E 408 4.12 40.59 3.67
C GLY E 408 2.74 40.53 3.01
N ALA E 409 2.31 39.34 2.59
CA ALA E 409 0.91 39.18 2.22
C ALA E 409 0.02 39.32 3.43
N ASP E 410 0.47 38.82 4.58
CA ASP E 410 -0.27 39.01 5.82
C ASP E 410 -0.32 40.48 6.21
N LEU E 411 0.72 41.25 5.87
CA LEU E 411 0.71 42.67 6.19
C LEU E 411 -0.27 43.43 5.30
N ALA E 412 -0.33 43.07 4.02
CA ALA E 412 -1.35 43.64 3.15
C ALA E 412 -2.75 43.26 3.61
N ALA E 413 -2.91 42.02 4.08
CA ALA E 413 -4.18 41.60 4.64
C ALA E 413 -4.53 42.41 5.89
N LEU E 414 -3.53 42.70 6.72
CA LEU E 414 -3.75 43.52 7.90
C LEU E 414 -4.22 44.91 7.52
N CYS E 415 -3.56 45.52 6.53
CA CYS E 415 -3.98 46.85 6.09
C CYS E 415 -5.40 46.83 5.54
N SER E 416 -5.72 45.81 4.73
CA SER E 416 -7.06 45.73 4.15
C SER E 416 -8.13 45.52 5.24
N GLU E 417 -7.85 44.64 6.20
CA GLU E 417 -8.79 44.41 7.29
C GLU E 417 -8.98 45.66 8.13
N ALA E 418 -7.89 46.38 8.40
CA ALA E 418 -8.02 47.61 9.19
C ALA E 418 -8.82 48.66 8.46
N ALA E 419 -8.60 48.81 7.15
CA ALA E 419 -9.38 49.78 6.39
C ALA E 419 -10.86 49.37 6.33
N LEU E 420 -11.13 48.07 6.24
CA LEU E 420 -12.51 47.62 6.22
C LEU E 420 -13.17 47.82 7.59
N GLN E 421 -12.40 47.67 8.67
CA GLN E 421 -12.90 48.03 10.00
C GLN E 421 -13.21 49.52 10.08
N ALA E 422 -12.35 50.35 9.51
CA ALA E 422 -12.61 51.78 9.45
C ALA E 422 -13.91 52.08 8.72
N ILE E 423 -14.14 51.40 7.59
CA ILE E 423 -15.40 51.58 6.86
C ILE E 423 -16.57 51.11 7.70
N ARG E 424 -16.39 50.01 8.44
CA ARG E 424 -17.45 49.52 9.32
C ARG E 424 -17.85 50.57 10.35
N LYS E 425 -16.85 51.27 10.91
CA LYS E 425 -17.15 52.27 11.93
C LYS E 425 -18.07 53.35 11.42
N LYS E 426 -18.00 53.66 10.12
CA LYS E 426 -18.85 54.68 9.52
C LYS E 426 -20.14 54.13 8.93
N MET E 427 -20.39 52.82 9.06
CA MET E 427 -21.54 52.22 8.38
C MET E 427 -22.85 52.72 8.98
N ASP E 428 -22.82 53.27 10.19
CA ASP E 428 -24.02 53.85 10.76
C ASP E 428 -24.41 55.13 10.02
N LEU E 429 -23.42 55.93 9.62
CA LEU E 429 -23.71 57.16 8.88
C LEU E 429 -24.24 56.86 7.48
N ILE E 430 -23.72 55.82 6.85
CA ILE E 430 -24.05 55.50 5.46
C ILE E 430 -24.55 54.06 5.40
N ASP E 431 -25.82 53.91 5.00
CA ASP E 431 -26.40 52.58 4.89
C ASP E 431 -26.11 52.00 3.51
N LEU E 432 -25.99 50.66 3.48
CA LEU E 432 -25.65 49.98 2.23
C LEU E 432 -26.72 50.22 1.16
N GLU E 433 -27.98 50.31 1.57
CA GLU E 433 -29.06 50.48 0.61
C GLU E 433 -29.02 51.86 -0.05
N ASP E 434 -28.26 52.79 0.53
CA ASP E 434 -28.12 54.10 -0.07
C ASP E 434 -27.35 53.99 -1.38
N GLU E 435 -27.92 54.55 -2.46
CA GLU E 435 -27.24 54.50 -3.75
C GLU E 435 -26.08 55.49 -3.80
N THR E 436 -26.22 56.63 -3.13
CA THR E 436 -25.19 57.65 -3.12
C THR E 436 -24.82 57.97 -1.68
N ILE E 437 -23.74 58.75 -1.54
CA ILE E 437 -23.14 59.02 -0.24
C ILE E 437 -22.91 60.51 -0.09
N ASP E 438 -22.87 60.98 1.15
CA ASP E 438 -22.49 62.35 1.44
C ASP E 438 -20.97 62.50 1.37
N ALA E 439 -20.50 63.70 1.02
CA ALA E 439 -19.07 63.94 0.92
C ALA E 439 -18.44 64.05 2.31
N GLU E 440 -19.20 64.52 3.29
CA GLU E 440 -18.67 64.62 4.65
C GLU E 440 -18.31 63.25 5.20
N VAL E 441 -18.99 62.20 4.71
CA VAL E 441 -18.60 60.84 5.09
C VAL E 441 -17.23 60.51 4.52
N MET E 442 -16.97 60.85 3.26
CA MET E 442 -15.64 60.70 2.70
C MET E 442 -14.59 61.45 3.51
N ASN E 443 -14.92 62.68 3.94
CA ASN E 443 -13.99 63.44 4.76
C ASN E 443 -13.75 62.74 6.09
N SER E 444 -14.78 62.14 6.67
CA SER E 444 -14.66 61.52 7.98
C SER E 444 -13.87 60.21 7.89
N LEU E 445 -13.87 59.57 6.73
CA LEU E 445 -13.33 58.22 6.61
C LEU E 445 -11.81 58.24 6.58
N ALA E 446 -11.20 57.63 7.61
CA ALA E 446 -9.76 57.50 7.69
C ALA E 446 -9.45 56.38 8.67
N VAL E 447 -8.25 55.82 8.55
CA VAL E 447 -7.83 54.65 9.31
C VAL E 447 -7.04 55.11 10.54
N THR E 448 -7.50 54.70 11.72
CA THR E 448 -6.90 55.12 12.98
C THR E 448 -6.19 53.94 13.64
N MET E 449 -5.43 54.25 14.69
CA MET E 449 -4.64 53.21 15.35
C MET E 449 -5.55 52.16 15.98
N ASP E 450 -6.78 52.52 16.29
CA ASP E 450 -7.74 51.53 16.77
C ASP E 450 -8.01 50.47 15.71
N ASP E 451 -8.11 50.89 14.44
CA ASP E 451 -8.33 49.94 13.36
C ASP E 451 -7.14 49.01 13.19
N PHE E 452 -5.92 49.54 13.28
CA PHE E 452 -4.74 48.69 13.18
C PHE E 452 -4.63 47.75 14.38
N ARG E 453 -5.04 48.19 15.57
CA ARG E 453 -5.04 47.30 16.72
C ARG E 453 -6.07 46.18 16.56
N TRP E 454 -7.25 46.52 16.03
CA TRP E 454 -8.24 45.49 15.71
C TRP E 454 -7.71 44.50 14.69
N ALA E 455 -7.08 44.99 13.61
CA ALA E 455 -6.52 44.09 12.62
C ALA E 455 -5.43 43.22 13.22
N LEU E 456 -4.62 43.80 14.10
CA LEU E 456 -3.59 43.04 14.81
C LEU E 456 -4.21 41.90 15.61
N SER E 457 -5.30 42.18 16.31
CA SER E 457 -6.00 41.14 17.04
C SER E 457 -6.53 40.06 16.11
N GLN E 458 -7.06 40.47 14.95
CA GLN E 458 -7.61 39.51 14.00
C GLN E 458 -6.50 38.78 13.24
N SER E 459 -5.35 39.43 13.05
CA SER E 459 -4.35 38.92 12.12
C SER E 459 -3.68 37.65 12.65
N ASN E 460 -3.51 36.69 11.75
CA ASN E 460 -2.77 35.46 11.99
C ASN E 460 -1.95 35.16 10.75
N PRO E 461 -0.71 34.68 10.91
CA PRO E 461 0.08 34.32 9.74
C PRO E 461 -0.63 33.27 8.90
N SER E 462 -0.52 33.41 7.58
CA SER E 462 -1.17 32.46 6.68
C SER E 462 -0.54 31.07 6.82
N ALA E 463 0.73 31.02 7.19
CA ALA E 463 1.40 29.72 7.36
C ALA E 463 0.75 28.91 8.47
N LEU E 464 0.42 29.56 9.57
CA LEU E 464 -0.15 28.89 10.73
C LEU E 464 -1.67 28.77 10.65
N ARG E 465 -2.25 28.91 9.46
CA ARG E 465 -3.71 28.92 9.36
C ARG E 465 -4.28 27.51 9.52
N GLU E 466 -3.56 26.49 9.05
CA GLU E 466 -4.05 25.13 9.21
C GLU E 466 -3.87 24.63 10.63
N THR E 467 -2.95 25.21 11.37
CA THR E 467 -2.66 24.76 12.73
C THR E 467 -3.44 25.52 13.79
N VAL E 468 -4.19 26.56 13.41
CA VAL E 468 -4.80 27.43 14.41
C VAL E 468 -5.94 26.69 15.11
N VAL E 469 -5.98 26.83 16.43
CA VAL E 469 -7.02 26.24 17.26
C VAL E 469 -7.46 27.31 18.26
N GLU E 470 -8.76 27.37 18.52
CA GLU E 470 -9.28 28.34 19.47
C GLU E 470 -8.81 27.98 20.87
N VAL E 471 -8.17 28.93 21.55
CA VAL E 471 -7.58 28.72 22.87
C VAL E 471 -8.34 29.59 23.86
N PRO E 472 -8.73 29.06 25.02
CA PRO E 472 -9.43 29.89 26.00
C PRO E 472 -8.58 31.06 26.46
N GLN E 473 -9.23 32.17 26.76
CA GLN E 473 -8.52 33.37 27.21
C GLN E 473 -8.05 33.18 28.64
N VAL E 474 -6.74 32.97 28.80
CA VAL E 474 -6.14 32.75 30.10
C VAL E 474 -5.01 33.77 30.28
N THR E 475 -4.93 34.34 31.48
CA THR E 475 -3.91 35.32 31.81
C THR E 475 -3.03 34.76 32.92
N TRP E 476 -1.91 35.46 33.17
CA TRP E 476 -1.02 35.01 34.24
C TRP E 476 -1.66 35.15 35.61
N GLU E 477 -2.66 36.03 35.74
CA GLU E 477 -3.37 36.13 37.01
C GLU E 477 -4.49 35.08 37.10
N ASP E 478 -4.80 34.43 35.98
CA ASP E 478 -5.70 33.28 36.03
C ASP E 478 -5.01 32.09 36.68
N ILE E 479 -3.69 32.02 36.58
CA ILE E 479 -2.93 30.98 37.26
C ILE E 479 -2.56 31.45 38.67
N GLY E 480 -2.77 30.56 39.64
CA GLY E 480 -2.40 30.82 41.02
C GLY E 480 -1.19 29.99 41.42
N GLY E 481 -0.25 30.64 42.09
CA GLY E 481 1.00 29.98 42.39
C GLY E 481 1.92 29.97 41.18
N LEU E 482 2.98 29.16 41.29
CA LEU E 482 3.96 28.99 40.21
C LEU E 482 4.56 30.32 39.78
N GLU E 483 4.79 31.21 40.74
CA GLU E 483 5.36 32.52 40.41
C GLU E 483 6.76 32.38 39.82
N ASP E 484 7.58 31.50 40.42
CA ASP E 484 8.89 31.23 39.86
C ASP E 484 8.79 30.62 38.48
N VAL E 485 7.82 29.72 38.27
CA VAL E 485 7.64 29.10 36.96
C VAL E 485 7.21 30.15 35.94
N LYS E 486 6.29 31.03 36.33
CA LYS E 486 5.86 32.09 35.41
C LYS E 486 7.02 32.99 35.03
N ARG E 487 7.82 33.39 36.01
CA ARG E 487 8.97 34.25 35.73
C ARG E 487 9.98 33.54 34.83
N GLU E 488 10.26 32.26 35.11
CA GLU E 488 11.22 31.52 34.31
C GLU E 488 10.72 31.33 32.88
N LEU E 489 9.43 31.05 32.71
CA LEU E 489 8.87 30.90 31.37
C LEU E 489 8.92 32.22 30.61
N GLN E 490 8.56 33.32 31.27
CA GLN E 490 8.64 34.62 30.61
C GLN E 490 10.08 34.94 30.22
N GLU E 491 11.04 34.59 31.07
CA GLU E 491 12.44 34.79 30.71
C GLU E 491 12.83 33.96 29.49
N LEU E 492 12.47 32.68 29.49
CA LEU E 492 12.87 31.81 28.38
C LEU E 492 12.21 32.23 27.07
N VAL E 493 11.03 32.84 27.15
CA VAL E 493 10.32 33.21 25.93
C VAL E 493 10.72 34.62 25.48
N GLN E 494 11.18 35.45 26.40
CA GLN E 494 11.44 36.85 26.07
C GLN E 494 12.91 37.11 25.78
N TYR E 495 13.80 36.62 26.64
CA TYR E 495 15.21 37.00 26.55
C TYR E 495 15.85 36.67 25.21
N PRO E 496 15.67 35.49 24.62
CA PRO E 496 16.37 35.20 23.36
C PRO E 496 16.00 36.12 22.21
N VAL E 497 14.84 36.76 22.24
CA VAL E 497 14.47 37.65 21.14
C VAL E 497 14.84 39.09 21.47
N GLU E 498 14.64 39.52 22.72
CA GLU E 498 14.92 40.90 23.08
C GLU E 498 16.41 41.17 23.24
N HIS E 499 17.16 40.21 23.80
CA HIS E 499 18.59 40.40 24.08
C HIS E 499 19.39 39.21 23.56
N PRO E 500 19.43 38.99 22.24
CA PRO E 500 20.35 37.97 21.72
C PRO E 500 21.80 38.45 21.73
N ASP E 501 22.01 39.76 21.70
CA ASP E 501 23.36 40.30 21.76
C ASP E 501 24.03 39.94 23.08
N LYS E 502 23.25 39.88 24.17
CA LYS E 502 23.80 39.44 25.44
C LYS E 502 24.30 37.99 25.36
N PHE E 503 23.51 37.12 24.72
CA PHE E 503 23.93 35.72 24.58
C PHE E 503 25.17 35.62 23.70
N LEU E 504 25.27 36.46 22.68
CA LEU E 504 26.49 36.51 21.87
C LEU E 504 27.68 36.99 22.69
N LYS E 505 27.45 37.98 23.57
CA LYS E 505 28.53 38.51 24.39
C LYS E 505 29.08 37.45 25.33
N PHE E 506 28.20 36.82 26.11
CA PHE E 506 28.63 35.75 27.01
C PHE E 506 28.86 34.43 26.27
N GLY E 507 28.43 34.32 25.02
CA GLY E 507 28.73 33.17 24.20
C GLY E 507 27.85 31.95 24.41
N MET E 508 26.89 32.01 25.33
CA MET E 508 26.05 30.87 25.67
C MET E 508 24.72 31.02 24.95
N THR E 509 24.39 30.05 24.09
CA THR E 509 23.14 30.11 23.35
C THR E 509 21.96 29.83 24.28
N PRO E 510 20.82 30.49 24.07
CA PRO E 510 19.65 30.22 24.90
C PRO E 510 19.10 28.83 24.65
N SER E 511 18.49 28.25 25.67
CA SER E 511 17.85 26.95 25.52
C SER E 511 16.63 27.07 24.61
N LYS E 512 16.37 26.03 23.83
CA LYS E 512 15.22 25.98 22.94
C LYS E 512 14.28 24.83 23.26
N GLY E 513 14.30 24.32 24.48
CA GLY E 513 13.43 23.21 24.85
C GLY E 513 13.03 23.24 26.30
N VAL E 514 11.75 22.97 26.57
CA VAL E 514 11.22 22.93 27.93
C VAL E 514 10.39 21.67 28.07
N LEU E 515 10.46 21.03 29.23
CA LEU E 515 9.59 19.91 29.56
C LEU E 515 8.84 20.20 30.85
N PHE E 516 7.52 20.19 30.78
CA PHE E 516 6.66 20.25 31.94
C PHE E 516 6.30 18.83 32.35
N TYR E 517 6.61 18.46 33.58
CA TYR E 517 6.19 17.18 34.12
C TYR E 517 5.67 17.38 35.53
N GLY E 518 4.59 16.67 35.87
CA GLY E 518 3.97 16.84 37.16
C GLY E 518 2.66 16.09 37.28
N PRO E 519 2.07 16.12 38.47
CA PRO E 519 0.81 15.42 38.67
C PRO E 519 -0.29 16.01 37.79
N PRO E 520 -1.27 15.20 37.40
CA PRO E 520 -2.36 15.72 36.57
C PRO E 520 -3.14 16.82 37.26
N GLY E 521 -3.55 17.82 36.48
CA GLY E 521 -4.36 18.90 36.99
C GLY E 521 -3.60 20.01 37.67
N CYS E 522 -2.28 20.06 37.57
CA CYS E 522 -1.49 20.99 38.34
C CYS E 522 -1.05 22.22 37.56
N GLY E 523 -1.38 22.31 36.28
CA GLY E 523 -1.22 23.55 35.54
C GLY E 523 -0.21 23.57 34.42
N LYS E 524 0.06 22.43 33.77
CA LYS E 524 0.92 22.45 32.60
C LYS E 524 0.20 23.03 31.39
N THR E 525 -0.99 22.52 31.09
CA THR E 525 -1.76 23.03 29.96
C THR E 525 -2.29 24.42 30.26
N LEU E 526 -2.53 24.73 31.53
CA LEU E 526 -2.89 26.10 31.90
C LEU E 526 -1.75 27.06 31.58
N LEU E 527 -0.51 26.66 31.86
CA LEU E 527 0.63 27.49 31.51
C LEU E 527 0.77 27.61 30.00
N ALA E 528 0.50 26.53 29.27
CA ALA E 528 0.53 26.61 27.81
C ALA E 528 -0.52 27.61 27.30
N LYS E 529 -1.72 27.57 27.86
CA LYS E 529 -2.76 28.53 27.48
C LYS E 529 -2.33 29.96 27.78
N ALA E 530 -1.73 30.17 28.96
CA ALA E 530 -1.28 31.51 29.32
C ALA E 530 -0.19 32.00 28.37
N ILE E 531 0.74 31.12 28.00
CA ILE E 531 1.78 31.49 27.05
C ILE E 531 1.18 31.84 25.70
N ALA E 532 0.21 31.04 25.24
CA ALA E 532 -0.43 31.31 23.97
C ALA E 532 -1.13 32.66 23.98
N ASN E 533 -1.82 32.98 25.07
CA ASN E 533 -2.61 34.21 25.12
C ASN E 533 -1.74 35.43 25.30
N GLU E 534 -0.74 35.38 26.20
CA GLU E 534 -0.02 36.56 26.63
C GLU E 534 1.27 36.81 25.87
N CYS E 535 2.09 35.78 25.66
CA CYS E 535 3.41 35.97 25.09
C CYS E 535 3.31 36.54 23.67
N GLN E 536 4.23 37.44 23.34
CA GLN E 536 4.32 38.04 22.01
C GLN E 536 5.13 37.12 21.11
N ALA E 537 4.52 35.99 20.77
CA ALA E 537 5.14 35.01 19.87
C ALA E 537 4.04 34.14 19.30
N ASN E 538 4.33 33.57 18.13
CA ASN E 538 3.39 32.65 17.52
C ASN E 538 3.29 31.38 18.35
N PHE E 539 2.13 30.73 18.32
CA PHE E 539 1.90 29.51 19.06
C PHE E 539 1.34 28.44 18.14
N ILE E 540 1.99 27.28 18.13
CA ILE E 540 1.48 26.10 17.44
C ILE E 540 1.15 25.06 18.49
N SER E 541 -0.14 24.84 18.72
CA SER E 541 -0.62 23.87 19.69
C SER E 541 -1.01 22.60 18.94
N ILE E 542 -0.26 21.53 19.13
CA ILE E 542 -0.51 20.28 18.44
C ILE E 542 -0.53 19.15 19.47
N LYS E 543 -1.57 18.32 19.40
CA LYS E 543 -1.57 17.08 20.17
C LYS E 543 -0.56 16.13 19.58
N GLY E 544 -0.29 15.05 20.29
CA GLY E 544 0.67 14.07 19.85
C GLY E 544 0.20 13.27 18.65
N PRO E 545 -0.84 12.45 18.84
CA PRO E 545 -1.15 11.42 17.84
C PRO E 545 -1.73 11.95 16.54
N GLU E 546 -1.91 13.26 16.37
CA GLU E 546 -2.50 13.75 15.13
C GLU E 546 -1.49 13.77 14.00
N LEU E 547 -0.20 13.73 14.33
CA LEU E 547 0.82 13.67 13.29
C LEU E 547 0.86 12.30 12.64
N LEU E 548 0.46 11.26 13.37
CA LEU E 548 0.58 9.90 12.89
C LEU E 548 -0.42 9.60 11.79
N THR E 549 0.01 8.81 10.82
CA THR E 549 -0.84 8.40 9.70
C THR E 549 -0.49 6.96 9.32
N MET E 550 -1.49 6.24 8.81
CA MET E 550 -1.28 4.84 8.46
C MET E 550 -0.36 4.70 7.26
N TRP E 551 -0.40 5.65 6.33
CA TRP E 551 0.43 5.57 5.15
C TRP E 551 1.90 5.70 5.51
N PHE E 552 2.73 4.82 4.96
CA PHE E 552 4.13 4.78 5.32
C PHE E 552 4.84 6.05 4.87
N GLY E 553 5.51 6.71 5.81
CA GLY E 553 6.24 7.92 5.53
C GLY E 553 5.45 9.21 5.62
N GLU E 554 4.18 9.15 6.01
CA GLU E 554 3.40 10.37 6.17
C GLU E 554 3.59 10.99 7.54
N SER E 555 3.88 10.17 8.56
CA SER E 555 4.06 10.71 9.90
C SER E 555 5.33 11.55 10.00
N GLU E 556 6.43 11.05 9.43
CA GLU E 556 7.67 11.83 9.41
C GLU E 556 7.50 13.09 8.58
N ALA E 557 6.76 13.01 7.47
CA ALA E 557 6.49 14.18 6.67
C ALA E 557 5.69 15.21 7.47
N ASN E 558 4.72 14.75 8.26
CA ASN E 558 3.96 15.66 9.11
C ASN E 558 4.84 16.33 10.15
N VAL E 559 5.76 15.58 10.75
CA VAL E 559 6.67 16.16 11.74
C VAL E 559 7.56 17.21 11.07
N ARG E 560 8.09 16.90 9.89
CA ARG E 560 8.90 17.87 9.16
C ARG E 560 8.10 19.12 8.85
N GLU E 561 6.85 18.96 8.44
CA GLU E 561 6.03 20.10 8.06
C GLU E 561 5.70 20.98 9.26
N ILE E 562 5.41 20.36 10.41
CA ILE E 562 5.09 21.16 11.59
C ILE E 562 6.32 21.92 12.06
N PHE E 563 7.50 21.30 12.02
CA PHE E 563 8.70 22.02 12.42
C PHE E 563 9.06 23.10 11.39
N ASP E 564 8.80 22.85 10.11
CA ASP E 564 9.07 23.85 9.10
C ASP E 564 8.18 25.08 9.27
N LYS E 565 6.90 24.87 9.57
CA LYS E 565 6.03 26.02 9.78
C LYS E 565 6.28 26.68 11.12
N ALA E 566 6.85 25.95 12.07
CA ALA E 566 7.32 26.59 13.29
C ALA E 566 8.51 27.51 13.00
N ARG E 567 9.40 27.08 12.10
CA ARG E 567 10.50 27.94 11.69
C ARG E 567 10.00 29.16 10.91
N GLN E 568 9.04 28.95 10.02
CA GLN E 568 8.52 30.06 9.21
C GLN E 568 7.84 31.11 10.08
N ALA E 569 7.35 30.70 11.26
CA ALA E 569 6.59 31.58 12.13
C ALA E 569 7.41 32.13 13.29
N ALA E 570 8.73 31.93 13.29
CA ALA E 570 9.54 32.33 14.42
C ALA E 570 9.48 33.84 14.61
N PRO E 571 9.47 34.35 15.86
CA PRO E 571 9.52 33.59 17.11
C PRO E 571 8.22 32.83 17.40
N CYS E 572 8.32 31.51 17.48
CA CYS E 572 7.16 30.65 17.62
C CYS E 572 7.37 29.69 18.78
N VAL E 573 6.29 29.46 19.53
CA VAL E 573 6.29 28.49 20.61
C VAL E 573 5.60 27.23 20.10
N LEU E 574 6.33 26.13 20.07
CA LEU E 574 5.82 24.85 19.61
C LEU E 574 5.54 23.96 20.81
N PHE E 575 4.26 23.70 21.09
CA PHE E 575 3.84 23.02 22.29
C PHE E 575 3.31 21.64 21.95
N PHE E 576 3.74 20.63 22.71
CA PHE E 576 3.24 19.26 22.57
C PHE E 576 2.56 18.87 23.87
N ASP E 577 1.24 18.96 23.88
CA ASP E 577 0.46 18.44 25.00
C ASP E 577 0.49 16.92 24.98
N GLN E 578 0.73 16.32 26.14
CA GLN E 578 0.92 14.88 26.26
C GLN E 578 2.04 14.40 25.34
N LEU E 579 3.25 14.84 25.67
CA LEU E 579 4.43 14.51 24.87
C LEU E 579 4.66 13.02 24.73
N ASP E 580 4.22 12.22 25.69
CA ASP E 580 4.57 10.80 25.70
C ASP E 580 3.87 10.02 24.61
N SER E 581 2.90 10.64 23.93
CA SER E 581 2.21 9.94 22.84
C SER E 581 3.14 9.74 21.65
N ILE E 582 3.88 10.78 21.28
CA ILE E 582 4.78 10.67 20.13
C ILE E 582 6.20 10.32 20.57
N ALA E 583 6.59 10.78 21.75
CA ALA E 583 7.93 10.53 22.29
C ALA E 583 7.81 9.51 23.42
N LYS E 584 7.95 8.24 23.08
CA LYS E 584 7.90 7.16 24.05
C LYS E 584 9.19 6.37 23.98
N ALA E 585 9.44 5.57 25.03
CA ALA E 585 10.72 4.89 25.16
C ALA E 585 10.99 3.99 23.97
N ARG E 586 12.15 4.18 23.34
CA ARG E 586 12.57 3.30 22.27
C ARG E 586 12.82 1.89 22.78
N GLY E 587 12.53 0.91 21.94
CA GLY E 587 12.60 -0.48 22.28
C GLY E 587 11.29 -1.11 22.69
N GLY E 588 10.34 -0.31 23.19
CA GLY E 588 9.03 -0.86 23.50
C GLY E 588 8.28 -1.29 22.26
N ASN E 589 8.28 -0.45 21.22
CA ASN E 589 7.62 -0.77 19.97
C ASN E 589 8.51 -1.57 19.02
N ILE E 590 9.78 -1.79 19.37
CA ILE E 590 10.66 -2.57 18.51
C ILE E 590 10.16 -4.01 18.42
N GLY E 591 9.80 -4.61 19.56
CA GLY E 591 9.28 -5.96 19.54
C GLY E 591 7.89 -6.06 18.96
N ASP E 592 6.99 -5.18 19.40
CA ASP E 592 5.57 -5.24 19.01
C ASP E 592 5.19 -3.98 18.27
N GLY E 593 4.49 -4.15 17.15
CA GLY E 593 4.07 -3.03 16.33
C GLY E 593 4.82 -2.98 15.00
N GLY E 594 4.34 -2.08 14.14
CA GLY E 594 4.97 -1.92 12.84
C GLY E 594 6.36 -1.32 12.93
N GLY E 595 6.56 -0.37 13.83
CA GLY E 595 7.82 0.34 13.93
C GLY E 595 7.81 1.77 13.42
N ALA E 596 6.63 2.35 13.22
CA ALA E 596 6.56 3.72 12.71
C ALA E 596 6.77 4.74 13.82
N ALA E 597 6.51 4.36 15.07
CA ALA E 597 6.71 5.28 16.18
C ALA E 597 8.18 5.61 16.35
N ASP E 598 9.07 4.63 16.18
CA ASP E 598 10.49 4.89 16.25
C ASP E 598 10.94 5.83 15.14
N ARG E 599 10.39 5.64 13.94
CA ARG E 599 10.69 6.57 12.84
C ARG E 599 10.22 7.98 13.18
N VAL E 600 9.05 8.08 13.82
CA VAL E 600 8.52 9.39 14.21
C VAL E 600 9.46 10.08 15.19
N ILE E 601 9.91 9.35 16.22
CA ILE E 601 10.76 9.98 17.23
C ILE E 601 12.13 10.30 16.64
N ASN E 602 12.63 9.47 15.72
CA ASN E 602 13.87 9.80 15.04
C ASN E 602 13.74 11.10 14.24
N GLN E 603 12.63 11.26 13.54
CA GLN E 603 12.41 12.49 12.77
C GLN E 603 12.24 13.69 13.71
N ILE E 604 11.61 13.49 14.86
CA ILE E 604 11.49 14.57 15.84
C ILE E 604 12.85 15.02 16.33
N LEU E 605 13.72 14.07 16.69
CA LEU E 605 15.05 14.43 17.14
C LEU E 605 15.87 15.09 16.03
N THR E 606 15.72 14.59 14.80
CA THR E 606 16.38 15.24 13.67
C THR E 606 15.93 16.69 13.53
N GLU E 607 14.62 16.93 13.61
CA GLU E 607 14.10 18.29 13.46
C GLU E 607 14.57 19.18 14.59
N MET E 608 14.63 18.66 15.82
CA MET E 608 15.11 19.47 16.94
C MET E 608 16.59 19.82 16.75
N ASP E 609 17.39 18.88 16.25
CA ASP E 609 18.81 19.16 16.06
C ASP E 609 19.05 20.07 14.87
N GLY E 610 18.13 20.08 13.91
CA GLY E 610 18.32 20.90 12.72
C GLY E 610 18.25 22.39 13.01
N MET E 611 17.31 22.82 13.84
CA MET E 611 17.10 24.24 14.08
C MET E 611 18.29 24.85 14.80
N SER E 612 18.75 25.99 14.31
CA SER E 612 19.92 26.64 14.84
C SER E 612 19.56 27.61 15.96
N THR E 613 20.60 28.16 16.59
CA THR E 613 20.39 29.12 17.67
C THR E 613 19.68 30.38 17.18
N LYS E 614 20.06 30.86 15.99
CA LYS E 614 19.52 32.12 15.49
C LYS E 614 18.01 32.05 15.30
N LYS E 615 17.50 30.94 14.77
CA LYS E 615 16.06 30.77 14.64
C LYS E 615 15.45 30.58 16.03
N ASN E 616 14.42 31.37 16.33
CA ASN E 616 13.85 31.40 17.68
C ASN E 616 12.57 30.57 17.75
N VAL E 617 12.77 29.26 17.80
CA VAL E 617 11.67 28.30 17.97
C VAL E 617 11.84 27.63 19.32
N PHE E 618 10.86 27.84 20.20
CA PHE E 618 10.88 27.26 21.54
C PHE E 618 9.96 26.05 21.56
N ILE E 619 10.54 24.88 21.83
CA ILE E 619 9.79 23.64 21.89
C ILE E 619 9.45 23.36 23.34
N ILE E 620 8.16 23.38 23.67
CA ILE E 620 7.68 23.11 25.01
C ILE E 620 6.94 21.78 24.98
N GLY E 621 7.28 20.90 25.91
CA GLY E 621 6.57 19.64 26.06
C GLY E 621 5.96 19.54 27.43
N ALA E 622 4.84 18.84 27.52
CA ALA E 622 4.16 18.60 28.77
C ALA E 622 3.77 17.14 28.84
N THR E 623 4.01 16.50 29.99
CA THR E 623 3.63 15.12 30.20
C THR E 623 3.36 14.90 31.68
N ASN E 624 2.33 14.11 31.97
CA ASN E 624 2.10 13.66 33.34
C ASN E 624 2.72 12.30 33.60
N ARG E 625 3.43 11.75 32.63
CA ARG E 625 4.14 10.48 32.76
C ARG E 625 5.58 10.69 32.31
N PRO E 626 6.39 11.39 33.10
CA PRO E 626 7.77 11.66 32.68
C PRO E 626 8.61 10.41 32.51
N ASP E 627 8.33 9.37 33.29
CA ASP E 627 9.18 8.18 33.27
C ASP E 627 9.12 7.45 31.94
N ILE E 628 7.99 7.55 31.21
CA ILE E 628 7.91 6.86 29.93
C ILE E 628 8.32 7.75 28.76
N ILE E 629 8.90 8.93 29.03
CA ILE E 629 9.48 9.70 27.94
C ILE E 629 10.79 9.06 27.53
N ASP E 630 11.10 9.10 26.25
CA ASP E 630 12.37 8.60 25.77
C ASP E 630 13.50 9.53 26.23
N PRO E 631 14.55 9.01 26.87
CA PRO E 631 15.62 9.90 27.37
C PRO E 631 16.36 10.64 26.28
N ALA E 632 16.34 10.15 25.03
CA ALA E 632 16.98 10.89 23.95
C ALA E 632 16.31 12.24 23.75
N ILE E 633 15.01 12.33 24.03
CA ILE E 633 14.32 13.61 24.01
C ILE E 633 14.92 14.54 25.05
N LEU E 634 15.48 13.97 26.12
CA LEU E 634 15.86 14.75 27.29
C LEU E 634 17.31 15.22 27.23
N ARG E 635 18.11 14.66 26.33
CA ARG E 635 19.54 14.93 26.34
C ARG E 635 19.83 16.39 26.00
N PRO E 636 20.96 16.93 26.46
CA PRO E 636 21.20 18.37 26.31
C PRO E 636 21.19 18.81 24.87
N GLY E 637 20.71 20.03 24.64
CA GLY E 637 20.45 20.55 23.31
C GLY E 637 19.07 20.21 22.79
N ARG E 638 18.32 19.39 23.52
CA ARG E 638 16.97 18.99 23.12
C ARG E 638 16.12 18.87 24.38
N LEU E 639 15.11 19.72 24.50
CA LEU E 639 14.29 19.81 25.72
C LEU E 639 15.18 19.81 26.96
N ASP E 640 16.22 20.63 26.94
CA ASP E 640 17.20 20.62 28.00
C ASP E 640 16.60 21.07 29.33
N GLN E 641 15.76 22.10 29.30
CA GLN E 641 15.13 22.62 30.51
C GLN E 641 14.05 21.67 31.00
N LEU E 642 14.09 21.31 32.27
CA LEU E 642 13.06 20.48 32.89
C LEU E 642 12.43 21.23 34.04
N ILE E 643 11.15 21.56 33.90
CA ILE E 643 10.41 22.30 34.90
C ILE E 643 9.34 21.38 35.48
N TYR E 644 9.38 21.20 36.80
CA TYR E 644 8.45 20.33 37.50
C TYR E 644 7.31 21.18 38.07
N ILE E 645 6.08 20.84 37.69
CA ILE E 645 4.90 21.54 38.18
C ILE E 645 4.33 20.76 39.36
N PRO E 646 4.66 21.12 40.59
CA PRO E 646 4.33 20.27 41.73
C PRO E 646 2.88 20.44 42.17
N LEU E 647 2.48 19.56 43.07
CA LEU E 647 1.19 19.68 43.71
C LEU E 647 1.21 20.96 44.56
N PRO E 648 0.19 21.82 44.44
CA PRO E 648 0.29 23.15 45.06
C PRO E 648 0.30 23.08 46.59
N ASP E 649 1.00 24.03 47.18
CA ASP E 649 1.08 24.17 48.64
C ASP E 649 0.08 25.22 49.13
N GLU E 650 0.08 25.45 50.45
CA GLU E 650 -1.00 26.19 51.08
C GLU E 650 -1.11 27.60 50.54
N LYS E 651 0.01 28.31 50.40
CA LYS E 651 -0.02 29.62 49.75
C LYS E 651 -0.47 29.50 48.29
N SER E 652 0.05 28.49 47.59
CA SER E 652 -0.38 28.27 46.21
C SER E 652 -1.85 27.88 46.15
N ARG E 653 -2.33 27.12 47.13
CA ARG E 653 -3.74 26.75 47.13
C ARG E 653 -4.63 27.95 47.38
N VAL E 654 -4.21 28.85 48.28
CA VAL E 654 -4.94 30.10 48.45
C VAL E 654 -4.97 30.89 47.15
N ALA E 655 -3.82 30.96 46.47
CA ALA E 655 -3.76 31.68 45.19
C ALA E 655 -4.69 31.04 44.15
N ILE E 656 -4.71 29.71 44.09
CA ILE E 656 -5.56 29.00 43.15
C ILE E 656 -7.03 29.28 43.44
N LEU E 657 -7.43 29.18 44.71
CA LEU E 657 -8.82 29.44 45.06
C LEU E 657 -9.22 30.88 44.77
N LYS E 658 -8.32 31.84 45.03
CA LYS E 658 -8.63 33.23 44.74
C LYS E 658 -8.72 33.47 43.24
N ALA E 659 -7.86 32.82 42.45
CA ALA E 659 -7.92 32.96 41.00
C ALA E 659 -9.22 32.39 40.45
N ASN E 660 -9.66 31.24 40.96
CA ASN E 660 -10.89 30.64 40.48
C ASN E 660 -12.10 31.49 40.84
N LEU E 661 -12.04 32.20 41.96
CA LEU E 661 -13.17 32.95 42.50
C LEU E 661 -13.07 34.45 42.24
N ARG E 662 -12.17 34.90 41.37
CA ARG E 662 -12.05 36.33 41.12
C ARG E 662 -13.28 36.87 40.40
N LYS E 663 -13.89 36.05 39.54
CA LYS E 663 -15.02 36.45 38.73
C LYS E 663 -16.35 35.95 39.27
N SER E 664 -16.37 35.36 40.45
CA SER E 664 -17.57 34.77 41.03
C SER E 664 -18.04 35.56 42.23
N PRO E 665 -19.33 35.90 42.32
CA PRO E 665 -19.83 36.57 43.53
C PRO E 665 -19.80 35.63 44.72
N VAL E 666 -18.91 35.92 45.67
CA VAL E 666 -18.69 35.06 46.82
C VAL E 666 -18.93 35.85 48.09
N ALA E 667 -19.55 35.20 49.07
CA ALA E 667 -19.83 35.84 50.35
C ALA E 667 -18.53 36.25 51.04
N LYS E 668 -18.57 37.43 51.68
CA LYS E 668 -17.39 37.94 52.39
C LYS E 668 -16.96 36.99 53.50
N ASP E 669 -17.91 36.31 54.12
CA ASP E 669 -17.59 35.49 55.28
C ASP E 669 -17.15 34.08 54.89
N VAL E 670 -16.90 33.85 53.60
CA VAL E 670 -16.25 32.61 53.18
C VAL E 670 -14.75 32.76 53.33
N ASP E 671 -14.11 31.75 53.91
CA ASP E 671 -12.69 31.80 54.27
C ASP E 671 -11.90 30.86 53.37
N LEU E 672 -11.16 31.43 52.43
CA LEU E 672 -10.39 30.62 51.50
C LEU E 672 -9.14 30.03 52.16
N GLU E 673 -8.64 30.70 53.19
CA GLU E 673 -7.47 30.20 53.90
C GLU E 673 -7.77 28.88 54.60
N PHE E 674 -8.94 28.77 55.23
CA PHE E 674 -9.32 27.51 55.86
C PHE E 674 -9.53 26.42 54.82
N LEU E 675 -10.10 26.78 53.67
CA LEU E 675 -10.22 25.82 52.58
C LEU E 675 -8.86 25.30 52.15
N ALA E 676 -7.87 26.19 52.04
CA ALA E 676 -6.53 25.75 51.65
C ALA E 676 -5.92 24.86 52.71
N LYS E 677 -6.11 25.21 53.99
CA LYS E 677 -5.56 24.39 55.07
C LYS E 677 -6.19 23.00 55.09
N MET E 678 -7.50 22.92 54.86
CA MET E 678 -8.19 21.63 54.91
C MET E 678 -7.88 20.78 53.69
N THR E 679 -7.74 21.40 52.52
CA THR E 679 -7.38 20.67 51.30
C THR E 679 -5.87 20.52 51.23
N ASN E 680 -5.36 19.44 51.84
CA ASN E 680 -3.92 19.29 51.96
C ASN E 680 -3.29 18.91 50.63
N GLY E 681 -3.66 17.77 50.07
CA GLY E 681 -3.05 17.27 48.86
C GLY E 681 -3.80 17.55 47.57
N PHE E 682 -4.70 18.53 47.57
CA PHE E 682 -5.52 18.79 46.40
C PHE E 682 -4.71 19.46 45.30
N SER E 683 -4.96 19.04 44.06
CA SER E 683 -4.38 19.72 42.91
C SER E 683 -5.24 20.92 42.54
N GLY E 684 -4.77 21.69 41.56
CA GLY E 684 -5.55 22.83 41.09
C GLY E 684 -6.89 22.41 40.52
N ALA E 685 -6.92 21.28 39.83
CA ALA E 685 -8.18 20.79 39.27
C ALA E 685 -9.15 20.40 40.38
N ASP E 686 -8.66 19.85 41.49
CA ASP E 686 -9.53 19.51 42.60
C ASP E 686 -10.14 20.75 43.23
N LEU E 687 -9.35 21.81 43.43
CA LEU E 687 -9.88 23.04 43.97
C LEU E 687 -10.89 23.68 43.02
N THR E 688 -10.59 23.65 41.72
CA THR E 688 -11.54 24.14 40.73
C THR E 688 -12.83 23.33 40.76
N GLU E 689 -12.73 22.03 41.01
CA GLU E 689 -13.94 21.21 41.13
C GLU E 689 -14.72 21.56 42.38
N ILE E 690 -14.03 21.87 43.48
CA ILE E 690 -14.72 22.35 44.68
C ILE E 690 -15.52 23.60 44.36
N CYS E 691 -14.88 24.56 43.70
CA CYS E 691 -15.56 25.81 43.37
C CYS E 691 -16.72 25.58 42.41
N GLN E 692 -16.52 24.71 41.41
CA GLN E 692 -17.59 24.42 40.45
C GLN E 692 -18.77 23.72 41.12
N ARG E 693 -18.50 22.85 42.08
CA ARG E 693 -19.59 22.15 42.75
C ARG E 693 -20.34 23.10 43.68
N ALA E 694 -19.63 24.04 44.30
CA ALA E 694 -20.30 25.09 45.06
C ALA E 694 -21.20 25.91 44.15
N CYS E 695 -20.71 26.25 42.96
CA CYS E 695 -21.53 26.97 41.98
C CYS E 695 -22.75 26.15 41.58
N LYS E 696 -22.58 24.85 41.38
CA LYS E 696 -23.71 24.01 41.01
C LYS E 696 -24.77 23.99 42.10
N LEU E 697 -24.34 23.89 43.36
CA LEU E 697 -25.30 23.88 44.45
C LEU E 697 -26.01 25.22 44.58
N ALA E 698 -25.28 26.32 44.36
CA ALA E 698 -25.92 27.63 44.36
C ALA E 698 -26.95 27.75 43.25
N ILE E 699 -26.63 27.25 42.06
CA ILE E 699 -27.57 27.30 40.95
C ILE E 699 -28.78 26.42 41.24
N ARG E 700 -28.56 25.26 41.85
CA ARG E 700 -29.66 24.41 42.26
C ARG E 700 -30.59 25.13 43.21
N GLU E 701 -30.04 25.83 44.20
CA GLU E 701 -30.88 26.57 45.14
C GLU E 701 -31.65 27.68 44.44
N SER E 702 -31.00 28.39 43.52
CA SER E 702 -31.69 29.46 42.80
C SER E 702 -32.84 28.92 41.97
N ILE E 703 -32.63 27.78 41.32
CA ILE E 703 -33.70 27.16 40.53
C ILE E 703 -34.82 26.69 41.44
N GLU E 704 -34.47 26.16 42.61
CA GLU E 704 -35.50 25.78 43.58
C GLU E 704 -36.35 26.97 43.97
N SER E 705 -35.72 28.12 44.22
CA SER E 705 -36.47 29.31 44.57
C SER E 705 -37.35 29.77 43.42
N GLU E 706 -36.84 29.70 42.19
CA GLU E 706 -37.65 30.07 41.03
C GLU E 706 -38.89 29.19 40.91
N ILE E 707 -38.70 27.88 41.07
CA ILE E 707 -39.85 26.96 41.00
C ILE E 707 -40.82 27.24 42.12
N ARG E 708 -40.31 27.54 43.32
CA ARG E 708 -41.19 27.84 44.44
C ARG E 708 -42.03 29.09 44.17
N ARG E 709 -41.41 30.16 43.68
CA ARG E 709 -42.17 31.38 43.40
C ARG E 709 -43.19 31.14 42.28
N GLU E 710 -42.80 30.39 41.25
CA GLU E 710 -43.73 30.12 40.16
C GLU E 710 -44.92 29.30 40.64
N ARG E 711 -44.67 28.30 41.49
CA ARG E 711 -45.74 27.45 41.99
C ARG E 711 -46.67 28.23 42.91
N GLU E 712 -46.11 29.01 43.84
CA GLU E 712 -46.95 29.75 44.77
C GLU E 712 -47.74 30.83 44.06
N ARG E 713 -47.16 31.45 43.03
CA ARG E 713 -47.86 32.53 42.33
C ARG E 713 -49.12 32.03 41.65
N GLN E 714 -49.07 30.86 41.03
CA GLN E 714 -50.24 30.29 40.37
C GLN E 714 -51.00 29.37 41.32
N PRO E 727 -32.45 36.11 45.43
CA PRO E 727 -32.65 34.86 46.15
C PRO E 727 -31.33 34.25 46.61
N VAL E 728 -30.48 33.89 45.65
CA VAL E 728 -29.14 33.41 45.93
C VAL E 728 -28.16 34.28 45.14
N PRO E 729 -27.90 35.51 45.58
CA PRO E 729 -27.01 36.38 44.79
C PRO E 729 -25.58 35.89 44.75
N GLU E 730 -25.15 35.12 45.75
CA GLU E 730 -23.74 34.77 45.90
C GLU E 730 -23.61 33.43 46.60
N ILE E 731 -22.43 32.82 46.42
CA ILE E 731 -22.14 31.54 47.06
C ILE E 731 -21.78 31.76 48.52
N ARG E 732 -22.22 30.84 49.38
CA ARG E 732 -22.15 31.04 50.81
C ARG E 732 -21.35 29.93 51.48
N ARG E 733 -21.31 29.98 52.82
CA ARG E 733 -20.56 29.02 53.61
C ARG E 733 -21.09 27.60 53.41
N ASP E 734 -22.42 27.45 53.42
CA ASP E 734 -23.01 26.12 53.35
C ASP E 734 -22.81 25.47 51.99
N HIS E 735 -22.85 26.25 50.91
CA HIS E 735 -22.57 25.67 49.60
C HIS E 735 -21.15 25.13 49.53
N PHE E 736 -20.18 25.87 50.07
CA PHE E 736 -18.81 25.41 50.07
C PHE E 736 -18.63 24.18 50.95
N GLU E 737 -19.31 24.15 52.10
CA GLU E 737 -19.24 22.97 52.96
C GLU E 737 -19.80 21.73 52.26
N GLU E 738 -20.95 21.88 51.60
CA GLU E 738 -21.55 20.75 50.90
C GLU E 738 -20.69 20.32 49.71
N ALA E 739 -20.01 21.28 49.07
CA ALA E 739 -19.08 20.91 48.01
C ALA E 739 -17.88 20.16 48.56
N MET E 740 -17.37 20.59 49.71
CA MET E 740 -16.25 19.88 50.35
C MET E 740 -16.64 18.47 50.74
N ARG E 741 -17.91 18.25 51.07
CA ARG E 741 -18.33 16.90 51.46
C ARG E 741 -18.11 15.90 50.33
N PHE E 742 -18.04 16.38 49.08
CA PHE E 742 -17.80 15.48 47.96
C PHE E 742 -16.34 15.52 47.50
N ALA E 743 -15.51 16.35 48.13
CA ALA E 743 -14.17 16.59 47.64
C ALA E 743 -13.31 15.34 47.74
N ARG E 744 -12.43 15.15 46.75
CA ARG E 744 -11.50 14.03 46.73
C ARG E 744 -10.18 14.49 46.12
N ARG E 745 -9.12 13.74 46.39
CA ARG E 745 -7.81 14.03 45.84
C ARG E 745 -7.61 13.27 44.53
N SER E 746 -7.39 14.02 43.45
CA SER E 746 -7.15 13.40 42.15
C SER E 746 -5.86 12.60 42.14
N VAL E 747 -4.82 13.10 42.80
CA VAL E 747 -3.48 12.53 42.70
C VAL E 747 -3.17 11.81 44.00
N SER E 748 -2.92 10.50 43.90
CA SER E 748 -2.54 9.73 45.07
C SER E 748 -1.08 9.98 45.41
N ASP E 749 -0.67 9.49 46.59
CA ASP E 749 0.70 9.72 47.04
C ASP E 749 1.70 8.93 46.20
N ASN E 750 1.32 7.74 45.74
CA ASN E 750 2.25 6.90 44.99
C ASN E 750 2.64 7.55 43.66
N ASP E 751 1.69 8.21 43.00
CA ASP E 751 2.01 8.93 41.78
C ASP E 751 3.03 10.03 42.05
N ILE E 752 2.85 10.77 43.14
CA ILE E 752 3.82 11.79 43.53
C ILE E 752 5.17 11.16 43.82
N ARG E 753 5.16 9.96 44.39
CA ARG E 753 6.42 9.24 44.60
C ARG E 753 7.10 8.94 43.27
N LYS E 754 6.32 8.57 42.26
CA LYS E 754 6.90 8.35 40.93
C LYS E 754 7.52 9.63 40.39
N TYR E 755 6.83 10.76 40.55
CA TYR E 755 7.38 12.03 40.07
C TYR E 755 8.67 12.39 40.80
N GLU E 756 8.69 12.18 42.12
CA GLU E 756 9.88 12.46 42.90
C GLU E 756 11.02 11.53 42.50
N MET E 757 10.71 10.27 42.22
CA MET E 757 11.73 9.33 41.74
C MET E 757 12.31 9.79 40.42
N PHE E 758 11.47 10.26 39.49
CA PHE E 758 11.98 10.76 38.22
C PHE E 758 12.84 12.00 38.44
N ALA E 759 12.43 12.89 39.33
CA ALA E 759 13.23 14.08 39.62
C ALA E 759 14.58 13.69 40.19
N GLN E 760 14.60 12.70 41.09
CA GLN E 760 15.85 12.24 41.67
C GLN E 760 16.75 11.63 40.60
N THR E 761 16.18 10.83 39.70
CA THR E 761 16.95 10.27 38.60
C THR E 761 17.52 11.36 37.71
N LEU E 762 16.72 12.40 37.42
CA LEU E 762 17.20 13.51 36.62
C LEU E 762 18.34 14.24 37.29
N GLN E 763 18.22 14.49 38.60
CA GLN E 763 19.31 15.12 39.34
C GLN E 763 20.56 14.26 39.34
N GLN E 764 20.38 12.93 39.38
CA GLN E 764 21.53 12.03 39.29
C GLN E 764 22.18 12.10 37.91
N SER E 765 21.37 12.28 36.86
CA SER E 765 21.91 12.28 35.50
C SER E 765 22.89 13.43 35.28
N ARG E 766 22.55 14.62 35.77
CA ARG E 766 23.42 15.79 35.61
C ARG E 766 24.15 16.09 36.92
N ASN F 21 58.37 8.66 -25.35
CA ASN F 21 59.19 9.71 -25.95
C ASN F 21 59.61 9.32 -27.37
N ARG F 22 59.58 10.29 -28.28
CA ARG F 22 59.98 10.08 -29.66
C ARG F 22 60.95 11.16 -30.10
N PRO F 23 61.86 10.84 -31.01
CA PRO F 23 62.84 11.86 -31.45
C PRO F 23 62.20 13.06 -32.11
N ASN F 24 61.05 12.89 -32.76
CA ASN F 24 60.36 14.02 -33.38
C ASN F 24 59.86 15.00 -32.32
N ARG F 25 59.44 14.50 -31.17
CA ARG F 25 58.94 15.36 -30.10
C ARG F 25 60.04 16.28 -29.59
N LEU F 26 59.70 17.56 -29.45
CA LEU F 26 60.64 18.58 -29.03
C LEU F 26 59.91 19.63 -28.22
N ILE F 27 60.67 20.36 -27.39
CA ILE F 27 60.10 21.44 -26.59
C ILE F 27 59.77 22.62 -27.48
N VAL F 28 58.63 23.26 -27.19
CA VAL F 28 58.13 24.37 -28.01
C VAL F 28 58.70 25.68 -27.47
N ASP F 29 59.28 26.48 -28.37
CA ASP F 29 59.82 27.78 -28.02
C ASP F 29 59.50 28.76 -29.14
N GLU F 30 59.44 30.04 -28.78
CA GLU F 30 59.07 31.07 -29.75
C GLU F 30 60.22 31.39 -30.70
N ALA F 31 59.87 31.78 -31.92
CA ALA F 31 60.83 32.14 -32.95
C ALA F 31 60.94 33.67 -33.01
N ILE F 32 62.15 34.18 -32.82
CA ILE F 32 62.33 35.62 -32.70
C ILE F 32 62.55 36.27 -34.06
N ASN F 33 63.17 35.56 -35.00
CA ASN F 33 63.52 36.14 -36.29
C ASN F 33 62.67 35.62 -37.46
N GLU F 34 62.17 34.39 -37.39
CA GLU F 34 61.45 33.81 -38.51
C GLU F 34 60.11 34.52 -38.72
N ASP F 35 59.63 34.50 -39.96
CA ASP F 35 58.37 35.15 -40.28
C ASP F 35 57.19 34.24 -39.94
N ASN F 36 56.00 34.63 -40.41
CA ASN F 36 54.77 33.99 -39.97
C ASN F 36 54.73 32.50 -40.34
N SER F 37 55.05 32.18 -41.59
CA SER F 37 54.81 30.85 -42.14
C SER F 37 56.05 29.96 -42.17
N VAL F 38 57.13 30.36 -41.51
CA VAL F 38 58.37 29.58 -41.54
C VAL F 38 58.82 29.27 -40.12
N VAL F 39 59.57 28.19 -39.97
CA VAL F 39 60.07 27.73 -38.69
C VAL F 39 61.55 27.41 -38.83
N SER F 40 62.23 27.32 -37.68
CA SER F 40 63.66 27.09 -37.65
C SER F 40 64.01 25.98 -36.66
N LEU F 41 64.93 25.11 -37.07
CA LEU F 41 65.42 24.02 -36.24
C LEU F 41 66.93 24.10 -36.13
N SER F 42 67.45 23.62 -35.00
CA SER F 42 68.89 23.60 -34.80
C SER F 42 69.56 22.67 -35.81
N GLN F 43 70.74 23.08 -36.29
CA GLN F 43 71.43 22.29 -37.31
C GLN F 43 71.76 20.87 -36.87
N PRO F 44 72.22 20.61 -35.64
CA PRO F 44 72.38 19.18 -35.25
C PRO F 44 71.09 18.39 -35.33
N LYS F 45 69.97 18.97 -34.87
CA LYS F 45 68.68 18.29 -34.98
C LYS F 45 68.22 18.25 -36.43
N MET F 46 68.62 19.25 -37.22
CA MET F 46 68.35 19.21 -38.66
C MET F 46 69.04 18.02 -39.31
N ASP F 47 70.28 17.74 -38.90
CA ASP F 47 71.04 16.65 -39.51
C ASP F 47 70.59 15.29 -38.97
N GLU F 48 70.21 15.21 -37.70
CA GLU F 48 69.76 13.94 -37.14
C GLU F 48 68.50 13.43 -37.84
N LEU F 49 67.54 14.31 -38.07
CA LEU F 49 66.29 13.95 -38.71
C LEU F 49 66.41 13.79 -40.22
N GLN F 50 67.58 14.10 -40.78
CA GLN F 50 67.82 14.05 -42.23
C GLN F 50 66.86 14.98 -42.97
N LEU F 51 66.74 16.20 -42.48
CA LEU F 51 65.97 17.26 -43.12
C LEU F 51 66.89 18.33 -43.68
N PHE F 52 66.45 18.98 -44.74
CA PHE F 52 67.25 19.98 -45.43
C PHE F 52 66.59 21.35 -45.35
N ARG F 53 67.38 22.39 -45.61
CA ARG F 53 66.88 23.75 -45.54
C ARG F 53 65.94 24.03 -46.71
N GLY F 54 64.90 24.82 -46.44
CA GLY F 54 63.87 25.08 -47.42
C GLY F 54 62.84 23.98 -47.54
N ASP F 55 62.99 22.89 -46.81
CA ASP F 55 62.03 21.79 -46.87
C ASP F 55 60.75 22.17 -46.14
N THR F 56 59.63 21.65 -46.64
CA THR F 56 58.34 21.83 -46.00
C THR F 56 58.03 20.62 -45.12
N VAL F 57 57.54 20.88 -43.91
CA VAL F 57 57.31 19.83 -42.93
C VAL F 57 55.97 20.09 -42.24
N LEU F 58 55.26 19.01 -41.92
CA LEU F 58 54.04 19.12 -41.14
C LEU F 58 54.37 19.19 -39.65
N LEU F 59 53.49 19.84 -38.90
CA LEU F 59 53.60 19.96 -37.45
C LEU F 59 52.31 19.51 -36.81
N LYS F 60 52.42 18.63 -35.82
CA LYS F 60 51.27 17.98 -35.18
C LYS F 60 50.95 18.68 -33.86
N GLY F 61 49.69 19.08 -33.71
CA GLY F 61 49.24 19.72 -32.49
C GLY F 61 47.99 19.05 -31.96
N LYS F 62 47.66 19.39 -30.71
CA LYS F 62 46.48 18.83 -30.06
C LYS F 62 45.20 19.39 -30.68
N LYS F 63 44.08 18.75 -30.33
CA LYS F 63 42.76 19.11 -30.83
C LYS F 63 42.66 19.01 -32.35
N ARG F 64 43.33 18.01 -32.93
CA ARG F 64 43.34 17.79 -34.38
C ARG F 64 43.74 19.05 -35.14
N ARG F 65 44.76 19.74 -34.63
CA ARG F 65 45.32 20.91 -35.28
C ARG F 65 46.68 20.56 -35.87
N GLU F 66 46.88 20.88 -37.14
CA GLU F 66 48.11 20.57 -37.85
C GLU F 66 48.58 21.81 -38.60
N ALA F 67 49.89 21.91 -38.80
CA ALA F 67 50.49 23.04 -39.48
C ALA F 67 51.60 22.56 -40.40
N VAL F 68 51.71 23.20 -41.56
CA VAL F 68 52.77 22.90 -42.53
C VAL F 68 53.53 24.19 -42.81
N CYS F 69 54.86 24.13 -42.68
CA CYS F 69 55.71 25.31 -42.76
C CYS F 69 57.09 24.92 -43.25
N ILE F 70 57.83 25.93 -43.73
CA ILE F 70 59.21 25.71 -44.15
C ILE F 70 60.13 25.71 -42.93
N VAL F 71 60.94 24.66 -42.80
CA VAL F 71 61.88 24.53 -41.71
C VAL F 71 63.26 24.92 -42.21
N LEU F 72 64.01 25.62 -41.36
CA LEU F 72 65.31 26.17 -41.73
C LEU F 72 66.32 25.90 -40.62
N SER F 73 67.58 25.82 -41.02
CA SER F 73 68.66 25.62 -40.04
C SER F 73 69.00 26.94 -39.35
N ASP F 74 69.07 26.91 -38.02
CA ASP F 74 69.37 28.08 -37.22
C ASP F 74 70.26 27.67 -36.06
N ASP F 75 71.39 28.37 -35.90
CA ASP F 75 72.30 28.06 -34.80
C ASP F 75 71.73 28.47 -33.46
N THR F 76 70.92 29.54 -33.44
CA THR F 76 70.32 30.01 -32.19
C THR F 76 69.35 28.97 -31.62
N CYS F 77 68.80 28.11 -32.48
CA CYS F 77 67.88 27.09 -32.02
C CYS F 77 68.63 26.03 -31.21
N SER F 78 67.94 25.48 -30.21
CA SER F 78 68.50 24.42 -29.40
C SER F 78 68.17 23.04 -29.97
N ASP F 79 68.99 22.05 -29.62
CA ASP F 79 68.77 20.70 -30.10
C ASP F 79 67.45 20.12 -29.58
N GLU F 80 67.15 20.35 -28.30
CA GLU F 80 65.95 19.81 -27.68
C GLU F 80 64.71 20.67 -27.88
N LYS F 81 64.84 21.80 -28.57
CA LYS F 81 63.73 22.72 -28.72
C LYS F 81 63.53 23.09 -30.19
N ILE F 82 62.30 23.52 -30.49
CA ILE F 82 61.93 24.02 -31.81
C ILE F 82 61.47 25.46 -31.67
N ARG F 83 62.01 26.33 -32.52
CA ARG F 83 61.66 27.75 -32.51
C ARG F 83 60.51 27.96 -33.50
N MET F 84 59.33 28.26 -32.97
CA MET F 84 58.15 28.47 -33.80
C MET F 84 57.52 29.82 -33.44
N ASN F 85 57.09 30.54 -34.47
CA ASN F 85 56.46 31.84 -34.27
C ASN F 85 55.05 31.68 -33.73
N ARG F 86 54.48 32.79 -33.26
CA ARG F 86 53.12 32.76 -32.72
C ARG F 86 52.10 32.42 -33.78
N VAL F 87 52.40 32.68 -35.05
CA VAL F 87 51.47 32.38 -36.14
C VAL F 87 51.25 30.87 -36.26
N VAL F 88 52.33 30.10 -36.27
CA VAL F 88 52.18 28.65 -36.41
C VAL F 88 51.63 28.05 -35.11
N ARG F 89 51.92 28.69 -33.97
CA ARG F 89 51.30 28.26 -32.72
C ARG F 89 49.80 28.46 -32.74
N ASN F 90 49.34 29.57 -33.33
CA ASN F 90 47.91 29.77 -33.54
C ASN F 90 47.36 28.74 -34.52
N ASN F 91 48.11 28.41 -35.56
CA ASN F 91 47.73 27.32 -36.46
C ASN F 91 47.50 26.04 -35.67
N LEU F 92 48.36 25.76 -34.69
CA LEU F 92 48.31 24.54 -33.93
C LEU F 92 47.52 24.66 -32.63
N ARG F 93 47.15 25.87 -32.21
CA ARG F 93 46.43 26.10 -30.96
C ARG F 93 47.19 25.50 -29.78
N VAL F 94 48.52 25.56 -29.86
CA VAL F 94 49.40 24.82 -28.97
C VAL F 94 50.00 25.77 -27.95
N ARG F 95 50.05 25.34 -26.70
CA ARG F 95 50.72 26.09 -25.66
C ARG F 95 52.24 26.01 -25.84
N LEU F 96 52.94 26.99 -25.28
CA LEU F 96 54.40 26.97 -25.30
C LEU F 96 54.93 25.82 -24.44
N GLY F 97 56.09 25.28 -24.82
CA GLY F 97 56.74 24.25 -24.06
C GLY F 97 56.21 22.84 -24.29
N ASP F 98 55.26 22.67 -25.20
CA ASP F 98 54.68 21.36 -25.45
C ASP F 98 55.63 20.50 -26.28
N VAL F 99 55.22 19.25 -26.51
CA VAL F 99 55.97 18.33 -27.36
C VAL F 99 55.26 18.23 -28.70
N ILE F 100 56.01 18.40 -29.79
CA ILE F 100 55.45 18.53 -31.13
C ILE F 100 56.13 17.54 -32.05
N SER F 101 55.33 16.89 -32.90
CA SER F 101 55.88 16.01 -33.93
C SER F 101 56.34 16.82 -35.12
N ILE F 102 57.51 16.46 -35.66
CA ILE F 102 58.06 17.08 -36.85
C ILE F 102 58.36 15.98 -37.85
N GLN F 103 57.73 16.04 -39.02
CA GLN F 103 57.89 15.06 -40.07
C GLN F 103 57.85 15.75 -41.43
N PRO F 104 58.52 15.19 -42.43
CA PRO F 104 58.53 15.82 -43.75
C PRO F 104 57.14 15.82 -44.38
N CYS F 105 56.89 16.82 -45.22
CA CYS F 105 55.61 16.93 -45.90
C CYS F 105 55.54 15.94 -47.06
N PRO F 106 54.53 15.07 -47.10
CA PRO F 106 54.40 14.15 -48.23
C PRO F 106 53.50 14.67 -49.34
N ASP F 107 53.79 14.27 -50.59
CA ASP F 107 52.91 14.40 -51.75
C ASP F 107 52.08 15.69 -51.76
N VAL F 108 52.73 16.81 -51.40
CA VAL F 108 52.06 18.10 -51.45
C VAL F 108 51.80 18.49 -52.90
N LYS F 109 50.61 19.04 -53.16
CA LYS F 109 50.18 19.35 -54.51
C LYS F 109 49.65 20.77 -54.58
N TYR F 110 49.98 21.48 -55.65
CA TYR F 110 49.42 22.81 -55.88
C TYR F 110 47.97 22.72 -56.33
N GLY F 111 47.18 23.71 -55.92
CA GLY F 111 45.77 23.73 -56.25
C GLY F 111 45.34 24.95 -57.05
N LYS F 112 44.73 24.73 -58.20
CA LYS F 112 44.36 25.85 -59.07
C LYS F 112 43.33 26.77 -58.41
N ARG F 113 42.33 26.20 -57.75
CA ARG F 113 41.25 26.96 -57.15
C ARG F 113 41.26 26.77 -55.63
N ILE F 114 41.30 27.88 -54.89
CA ILE F 114 41.18 27.86 -53.44
C ILE F 114 40.75 29.26 -52.98
N HIS F 115 39.86 29.31 -51.99
CA HIS F 115 39.41 30.58 -51.42
C HIS F 115 39.71 30.60 -49.94
N VAL F 116 40.10 31.76 -49.44
CA VAL F 116 40.46 31.96 -48.03
C VAL F 116 39.61 33.10 -47.49
N LEU F 117 39.56 33.22 -46.16
CA LEU F 117 38.73 34.25 -45.55
C LEU F 117 39.28 34.65 -44.19
N PRO F 118 39.49 35.95 -43.98
CA PRO F 118 40.01 36.42 -42.69
C PRO F 118 38.91 36.57 -41.65
N ILE F 119 39.33 36.91 -40.44
CA ILE F 119 38.38 37.26 -39.39
C ILE F 119 37.81 38.64 -39.67
N ASP F 120 36.55 38.86 -39.32
CA ASP F 120 35.89 40.12 -39.63
C ASP F 120 36.53 41.29 -38.91
N ASP F 121 36.88 41.11 -37.63
CA ASP F 121 37.39 42.23 -36.84
C ASP F 121 38.74 42.72 -37.36
N THR F 122 39.47 41.87 -38.08
CA THR F 122 40.74 42.31 -38.66
C THR F 122 40.50 43.26 -39.82
N VAL F 123 39.51 42.97 -40.67
CA VAL F 123 39.24 43.78 -41.86
C VAL F 123 38.11 44.77 -41.64
N GLU F 124 37.74 45.02 -40.38
CA GLU F 124 36.67 45.98 -40.11
C GLU F 124 37.10 47.39 -40.49
N GLY F 125 36.17 48.16 -41.05
CA GLY F 125 36.46 49.49 -41.50
C GLY F 125 37.18 49.59 -42.82
N ILE F 126 37.27 48.49 -43.57
CA ILE F 126 37.97 48.44 -44.84
C ILE F 126 36.95 48.33 -45.96
N THR F 127 36.89 49.34 -46.82
CA THR F 127 35.98 49.32 -47.96
C THR F 127 36.61 48.74 -49.22
N GLY F 128 37.93 48.59 -49.25
CA GLY F 128 38.57 48.00 -50.40
C GLY F 128 38.42 46.49 -50.41
N ASN F 129 38.72 45.90 -51.57
CA ASN F 129 38.66 44.45 -51.70
C ASN F 129 39.67 43.79 -50.78
N LEU F 130 39.22 42.77 -50.04
CA LEU F 130 40.09 42.15 -49.04
C LEU F 130 41.30 41.48 -49.68
N PHE F 131 41.09 40.77 -50.78
CA PHE F 131 42.19 40.05 -51.42
C PHE F 131 43.23 41.01 -51.98
N GLU F 132 42.77 42.11 -52.61
CA GLU F 132 43.69 42.97 -53.34
C GLU F 132 44.63 43.73 -52.40
N VAL F 133 44.10 44.28 -51.31
CA VAL F 133 44.89 45.16 -50.47
C VAL F 133 45.96 44.38 -49.71
N TYR F 134 45.64 43.17 -49.24
CA TYR F 134 46.51 42.41 -48.37
C TYR F 134 47.08 41.16 -49.02
N LEU F 135 46.22 40.29 -49.58
CA LEU F 135 46.70 39.04 -50.12
C LEU F 135 47.55 39.24 -51.37
N LYS F 136 47.11 40.13 -52.27
CA LYS F 136 47.83 40.34 -53.52
C LYS F 136 49.29 40.74 -53.33
N PRO F 137 49.64 41.72 -52.48
CA PRO F 137 51.05 42.10 -52.40
C PRO F 137 51.95 41.03 -51.79
N TYR F 138 51.52 40.37 -50.72
CA TYR F 138 52.38 39.46 -49.97
C TYR F 138 52.07 37.99 -50.20
N PHE F 139 50.82 37.58 -49.98
CA PHE F 139 50.51 36.15 -50.02
C PHE F 139 50.60 35.59 -51.43
N LEU F 140 50.35 36.42 -52.45
CA LEU F 140 50.52 35.98 -53.82
C LEU F 140 51.99 35.72 -54.11
N GLU F 141 52.25 34.60 -54.81
CA GLU F 141 53.61 34.17 -55.16
C GLU F 141 54.48 33.91 -53.94
N ALA F 142 53.86 33.68 -52.78
CA ALA F 142 54.62 33.49 -51.55
C ALA F 142 55.36 32.16 -51.55
N TYR F 143 54.75 31.12 -52.13
CA TYR F 143 55.28 29.75 -52.10
C TYR F 143 55.51 29.29 -50.66
N ARG F 144 54.57 29.63 -49.78
CA ARG F 144 54.66 29.29 -48.37
C ARG F 144 53.54 28.33 -47.99
N PRO F 145 53.87 27.21 -47.34
CA PRO F 145 52.86 26.17 -47.11
C PRO F 145 51.73 26.64 -46.21
N ILE F 146 50.52 26.19 -46.54
CA ILE F 146 49.32 26.48 -45.75
C ILE F 146 48.52 25.19 -45.61
N ARG F 147 47.98 25.00 -44.40
CA ARG F 147 47.19 23.81 -44.09
C ARG F 147 45.84 24.28 -43.55
N LYS F 148 44.82 23.44 -43.74
CA LYS F 148 43.44 23.86 -43.46
C LYS F 148 43.28 24.31 -42.01
N GLY F 149 42.63 25.45 -41.83
CA GLY F 149 42.40 26.03 -40.52
C GLY F 149 43.55 26.83 -39.95
N ASP F 150 44.66 26.97 -40.68
CA ASP F 150 45.82 27.67 -40.14
C ASP F 150 45.57 29.17 -40.05
N ILE F 151 45.96 29.76 -38.92
CA ILE F 151 45.78 31.18 -38.65
C ILE F 151 47.10 31.87 -38.99
N PHE F 152 47.21 32.39 -40.21
CA PHE F 152 48.44 33.01 -40.68
C PHE F 152 48.22 34.49 -40.94
N LEU F 153 49.21 35.29 -40.54
CA LEU F 153 49.14 36.73 -40.77
C LEU F 153 49.56 37.06 -42.21
N VAL F 154 49.01 38.15 -42.74
CA VAL F 154 49.36 38.65 -44.05
C VAL F 154 49.85 40.09 -43.91
N ARG F 155 51.02 40.38 -44.47
CA ARG F 155 51.61 41.71 -44.42
C ARG F 155 51.03 42.52 -45.57
N GLY F 156 50.02 43.35 -45.26
CA GLY F 156 49.41 44.19 -46.26
C GLY F 156 48.63 45.31 -45.62
N GLY F 157 48.34 46.33 -46.43
CA GLY F 157 47.57 47.46 -45.92
C GLY F 157 48.40 48.32 -44.97
N MET F 158 47.69 49.23 -44.30
CA MET F 158 48.34 50.11 -43.34
C MET F 158 48.89 49.32 -42.16
N ARG F 159 48.21 48.26 -41.75
CA ARG F 159 48.74 47.32 -40.78
C ARG F 159 48.30 45.91 -41.17
N ALA F 160 49.07 44.92 -40.71
CA ALA F 160 48.91 43.55 -41.20
C ALA F 160 47.56 42.97 -40.79
N VAL F 161 47.03 42.10 -41.62
CA VAL F 161 45.74 41.45 -41.40
C VAL F 161 45.94 39.94 -41.43
N GLU F 162 45.49 39.26 -40.39
CA GLU F 162 45.48 37.80 -40.37
C GLU F 162 44.45 37.27 -41.37
N PHE F 163 44.81 36.19 -42.06
CA PHE F 163 43.90 35.51 -42.97
C PHE F 163 43.84 34.04 -42.61
N LYS F 164 42.68 33.43 -42.83
CA LYS F 164 42.41 32.05 -42.42
C LYS F 164 41.93 31.23 -43.61
N VAL F 165 42.44 30.01 -43.71
CA VAL F 165 42.07 29.10 -44.79
C VAL F 165 40.85 28.26 -44.39
N VAL F 166 39.66 28.82 -44.62
CA VAL F 166 38.44 28.11 -44.23
C VAL F 166 38.24 26.85 -45.08
N GLU F 167 38.63 26.92 -46.36
CA GLU F 167 38.55 25.79 -47.26
C GLU F 167 39.83 25.71 -48.08
N THR F 168 40.37 24.51 -48.22
CA THR F 168 41.57 24.28 -49.00
C THR F 168 41.30 23.18 -50.02
N ASP F 169 41.50 23.49 -51.30
CA ASP F 169 41.22 22.58 -52.39
C ASP F 169 42.43 22.49 -53.31
N PRO F 170 43.00 21.29 -53.52
CA PRO F 170 42.56 20.06 -52.86
C PRO F 170 43.03 19.97 -51.41
N SER F 171 42.19 19.37 -50.56
CA SER F 171 42.50 19.23 -49.16
C SER F 171 43.64 18.23 -48.97
N PRO F 172 44.40 18.34 -47.86
CA PRO F 172 44.26 19.34 -46.80
C PRO F 172 45.09 20.60 -47.02
N TYR F 173 46.19 20.47 -47.75
CA TYR F 173 47.22 21.51 -47.81
C TYR F 173 47.71 21.71 -49.24
N CYS F 174 48.15 22.92 -49.54
CA CYS F 174 48.64 23.29 -50.86
C CYS F 174 49.73 24.35 -50.73
N ILE F 175 50.76 24.25 -51.57
CA ILE F 175 51.78 25.29 -51.61
C ILE F 175 51.29 26.47 -52.44
N VAL F 176 51.59 27.68 -51.99
CA VAL F 176 51.22 28.88 -52.73
C VAL F 176 51.92 28.87 -54.09
N ALA F 177 51.18 29.24 -55.13
CA ALA F 177 51.71 29.28 -56.49
C ALA F 177 50.88 30.28 -57.29
N PRO F 178 51.42 30.80 -58.38
CA PRO F 178 50.60 31.69 -59.24
C PRO F 178 49.34 31.02 -59.77
N ASP F 179 49.39 29.70 -59.98
CA ASP F 179 48.19 28.96 -60.35
C ASP F 179 47.18 28.96 -59.22
N THR F 180 47.65 28.99 -57.98
CA THR F 180 46.79 29.03 -56.80
C THR F 180 46.21 30.44 -56.69
N VAL F 181 45.15 30.68 -57.44
CA VAL F 181 44.45 31.96 -57.35
C VAL F 181 43.73 32.05 -56.02
N ILE F 182 43.81 33.21 -55.37
CA ILE F 182 43.24 33.41 -54.05
C ILE F 182 41.95 34.21 -54.19
N HIS F 183 40.89 33.73 -53.54
CA HIS F 183 39.59 34.39 -53.55
C HIS F 183 39.19 34.73 -52.11
N CYS F 184 38.61 35.91 -51.92
CA CYS F 184 38.19 36.38 -50.61
C CYS F 184 36.67 36.39 -50.45
N GLU F 185 35.95 35.63 -51.28
CA GLU F 185 34.50 35.62 -51.20
C GLU F 185 34.03 34.95 -49.91
N GLY F 186 32.83 35.31 -49.48
CA GLY F 186 32.22 34.73 -48.30
C GLY F 186 32.20 35.69 -47.12
N GLU F 187 31.12 35.62 -46.35
CA GLU F 187 31.01 36.46 -45.17
C GLU F 187 32.07 36.06 -44.13
N PRO F 188 32.81 37.03 -43.60
CA PRO F 188 33.97 36.71 -42.77
C PRO F 188 33.61 35.89 -41.54
N ILE F 189 34.51 34.98 -41.17
CA ILE F 189 34.34 34.20 -39.96
C ILE F 189 34.45 35.10 -38.73
N LYS F 190 33.53 34.92 -37.80
CA LYS F 190 33.47 35.79 -36.63
C LYS F 190 34.61 35.49 -35.65
N ARG F 191 34.99 36.52 -34.89
CA ARG F 191 36.04 36.37 -33.89
C ARG F 191 35.62 35.42 -32.77
N GLU F 192 34.32 35.37 -32.47
CA GLU F 192 33.85 34.47 -31.42
C GLU F 192 34.07 33.01 -31.80
N ASP F 193 33.99 32.70 -33.10
CA ASP F 193 34.31 31.34 -33.54
C ASP F 193 35.77 31.02 -33.30
N GLU F 194 36.66 31.99 -33.55
CA GLU F 194 38.07 31.79 -33.25
C GLU F 194 38.30 31.58 -31.76
N GLU F 195 37.58 32.34 -30.93
CA GLU F 195 37.68 32.13 -29.49
C GLU F 195 37.20 30.74 -29.10
N GLU F 196 36.10 30.28 -29.69
CA GLU F 196 35.57 28.95 -29.40
C GLU F 196 36.57 27.88 -29.79
N SER F 197 37.24 28.05 -30.93
CA SER F 197 38.32 27.13 -31.30
C SER F 197 39.45 27.19 -30.28
N LEU F 198 39.79 28.40 -29.82
CA LEU F 198 40.79 28.53 -28.77
C LEU F 198 40.29 27.92 -27.46
N ASN F 199 39.01 28.12 -27.14
CA ASN F 199 38.42 27.64 -25.90
C ASN F 199 38.02 26.17 -25.96
N GLU F 200 38.30 25.49 -27.08
CA GLU F 200 37.99 24.07 -27.18
C GLU F 200 38.80 23.29 -26.16
N VAL F 201 38.18 22.24 -25.61
CA VAL F 201 38.71 21.61 -24.40
C VAL F 201 39.87 20.69 -24.73
N GLY F 202 40.93 20.79 -23.93
CA GLY F 202 42.02 19.84 -23.99
C GLY F 202 42.25 19.20 -22.63
N TYR F 203 43.22 18.28 -22.59
CA TYR F 203 43.51 17.58 -21.35
C TYR F 203 44.05 18.52 -20.29
N ASP F 204 44.86 19.50 -20.69
CA ASP F 204 45.41 20.45 -19.73
C ASP F 204 44.30 21.28 -19.09
N ASP F 205 43.15 21.39 -19.76
CA ASP F 205 42.01 22.08 -19.17
C ASP F 205 41.47 21.33 -17.97
N ILE F 206 41.47 20.00 -18.02
CA ILE F 206 41.08 19.20 -16.86
C ILE F 206 42.25 19.10 -15.90
N GLY F 207 42.02 19.51 -14.65
CA GLY F 207 43.02 19.40 -13.63
C GLY F 207 42.57 18.49 -12.50
N GLY F 208 43.50 17.73 -11.93
CA GLY F 208 43.20 16.87 -10.80
C GLY F 208 42.67 15.50 -11.14
N CYS F 209 42.50 15.19 -12.42
CA CYS F 209 42.03 13.87 -12.85
C CYS F 209 42.93 13.24 -13.89
N ARG F 210 44.21 13.62 -13.94
CA ARG F 210 45.11 13.07 -14.95
C ARG F 210 45.37 11.59 -14.72
N LYS F 211 45.23 11.10 -13.49
CA LYS F 211 45.30 9.66 -13.26
C LYS F 211 44.18 8.94 -13.99
N GLN F 212 42.95 9.42 -13.81
CA GLN F 212 41.83 8.85 -14.55
C GLN F 212 41.98 9.06 -16.04
N LEU F 213 42.61 10.17 -16.44
CA LEU F 213 42.85 10.39 -17.86
C LEU F 213 43.76 9.33 -18.45
N ALA F 214 44.83 8.98 -17.73
CA ALA F 214 45.71 7.91 -18.18
C ALA F 214 44.98 6.57 -18.18
N GLN F 215 44.10 6.34 -17.20
CA GLN F 215 43.30 5.12 -17.21
C GLN F 215 42.42 5.06 -18.45
N ILE F 216 41.81 6.18 -18.83
CA ILE F 216 41.00 6.23 -20.05
C ILE F 216 41.87 5.95 -21.27
N LYS F 217 43.05 6.56 -21.33
CA LYS F 217 44.00 6.25 -22.40
C LYS F 217 44.24 4.75 -22.51
N GLU F 218 44.47 4.10 -21.37
CA GLU F 218 44.78 2.67 -21.38
C GLU F 218 43.57 1.84 -21.79
N MET F 219 42.37 2.30 -21.44
CA MET F 219 41.16 1.53 -21.71
C MET F 219 40.43 1.97 -22.98
N VAL F 220 40.68 3.17 -23.48
CA VAL F 220 39.88 3.69 -24.59
C VAL F 220 40.76 4.11 -25.77
N GLU F 221 41.75 4.97 -25.52
CA GLU F 221 42.55 5.52 -26.61
C GLU F 221 43.41 4.45 -27.28
N LEU F 222 44.06 3.60 -26.48
CA LEU F 222 44.91 2.55 -27.03
C LEU F 222 44.14 1.57 -27.91
N PRO F 223 42.99 1.00 -27.50
CA PRO F 223 42.28 0.10 -28.41
C PRO F 223 41.86 0.77 -29.71
N LEU F 224 41.48 2.04 -29.66
CA LEU F 224 41.02 2.72 -30.87
C LEU F 224 42.16 2.98 -31.83
N ARG F 225 43.31 3.45 -31.32
CA ARG F 225 44.45 3.67 -32.20
C ARG F 225 45.05 2.36 -32.70
N HIS F 226 45.33 1.42 -31.80
CA HIS F 226 46.08 0.21 -32.12
C HIS F 226 45.29 -1.03 -31.73
N PRO F 227 44.27 -1.39 -32.52
CA PRO F 227 43.57 -2.65 -32.28
C PRO F 227 44.42 -3.87 -32.56
N ALA F 228 45.49 -3.72 -33.35
CA ALA F 228 46.35 -4.86 -33.65
C ALA F 228 47.05 -5.38 -32.40
N LEU F 229 47.29 -4.50 -31.43
CA LEU F 229 47.87 -4.94 -30.17
C LEU F 229 46.92 -5.90 -29.45
N PHE F 230 45.62 -5.67 -29.57
CA PHE F 230 44.65 -6.53 -28.90
C PHE F 230 44.34 -7.77 -29.73
N LYS F 231 44.44 -7.65 -31.06
CA LYS F 231 44.18 -8.81 -31.92
C LYS F 231 45.34 -9.80 -31.90
N GLU F 232 46.57 -9.30 -31.76
CA GLU F 232 47.73 -10.18 -31.66
C GLU F 232 47.72 -10.97 -30.36
N ILE F 233 47.45 -10.29 -29.24
CA ILE F 233 47.28 -10.96 -27.95
C ILE F 233 45.95 -11.69 -27.87
N GLY F 234 45.00 -11.38 -28.76
CA GLY F 234 43.73 -12.08 -28.79
C GLY F 234 42.83 -11.86 -27.58
N VAL F 235 42.80 -10.63 -27.07
CA VAL F 235 41.87 -10.24 -26.02
C VAL F 235 41.08 -9.04 -26.53
N LYS F 236 39.82 -8.95 -26.12
CA LYS F 236 38.93 -7.93 -26.62
C LYS F 236 38.85 -6.76 -25.64
N PRO F 237 39.06 -5.54 -26.10
CA PRO F 237 39.00 -4.40 -25.19
C PRO F 237 37.58 -4.21 -24.68
N PRO F 238 37.43 -3.58 -23.51
CA PRO F 238 36.08 -3.39 -22.96
C PRO F 238 35.20 -2.58 -23.90
N ARG F 239 34.02 -3.12 -24.18
CA ARG F 239 33.15 -2.51 -25.18
C ARG F 239 32.55 -1.21 -24.66
N GLY F 240 32.17 -1.17 -23.38
CA GLY F 240 31.58 0.02 -22.80
C GLY F 240 32.28 0.46 -21.53
N ILE F 241 32.61 1.75 -21.44
CA ILE F 241 33.31 2.32 -20.29
C ILE F 241 32.40 3.37 -19.66
N LEU F 242 32.29 3.34 -18.34
CA LEU F 242 31.39 4.21 -17.59
C LEU F 242 32.19 5.15 -16.70
N LEU F 243 31.85 6.43 -16.74
CA LEU F 243 32.43 7.42 -15.84
C LEU F 243 31.40 7.78 -14.78
N TYR F 244 31.75 7.59 -13.51
CA TYR F 244 30.84 7.85 -12.41
C TYR F 244 31.54 8.69 -11.35
N GLY F 245 30.85 9.71 -10.87
CA GLY F 245 31.36 10.58 -9.84
C GLY F 245 30.31 11.57 -9.39
N PRO F 246 30.62 12.35 -8.35
CA PRO F 246 29.66 13.34 -7.88
C PRO F 246 29.50 14.46 -8.89
N PRO F 247 28.39 15.19 -8.85
CA PRO F 247 28.19 16.29 -9.80
C PRO F 247 29.26 17.36 -9.66
N GLY F 248 29.63 17.96 -10.79
CA GLY F 248 30.61 19.02 -10.81
C GLY F 248 32.05 18.57 -10.92
N THR F 249 32.30 17.27 -11.07
CA THR F 249 33.65 16.74 -11.18
C THR F 249 34.19 16.78 -12.61
N GLY F 250 33.47 17.43 -13.53
CA GLY F 250 33.94 17.55 -14.89
C GLY F 250 33.99 16.26 -15.67
N LYS F 251 32.97 15.41 -15.49
CA LYS F 251 32.90 14.18 -16.28
C LYS F 251 32.65 14.50 -17.76
N THR F 252 31.63 15.32 -18.05
CA THR F 252 31.37 15.67 -19.43
C THR F 252 32.48 16.55 -20.00
N LEU F 253 33.19 17.27 -19.14
CA LEU F 253 34.34 18.04 -19.61
C LEU F 253 35.46 17.12 -20.06
N ILE F 254 35.72 16.06 -19.28
CA ILE F 254 36.72 15.07 -19.67
C ILE F 254 36.30 14.39 -20.97
N ALA F 255 35.01 14.11 -21.12
CA ALA F 255 34.53 13.52 -22.37
C ALA F 255 34.71 14.47 -23.54
N ARG F 256 34.46 15.77 -23.33
CA ARG F 256 34.69 16.75 -24.38
C ARG F 256 36.16 16.80 -24.77
N ALA F 257 37.06 16.73 -23.78
CA ALA F 257 38.48 16.68 -24.09
C ALA F 257 38.82 15.45 -24.93
N VAL F 258 38.26 14.30 -24.56
CA VAL F 258 38.50 13.07 -25.32
C VAL F 258 37.98 13.22 -26.74
N ALA F 259 36.80 13.83 -26.90
CA ALA F 259 36.26 14.07 -28.23
C ALA F 259 37.17 14.97 -29.05
N ASN F 260 37.71 16.01 -28.42
CA ASN F 260 38.56 16.96 -29.15
C ASN F 260 39.88 16.31 -29.56
N GLU F 261 40.48 15.51 -28.68
CA GLU F 261 41.82 15.02 -28.94
C GLU F 261 41.82 13.83 -29.89
N THR F 262 40.79 12.98 -29.84
CA THR F 262 40.72 11.85 -30.76
C THR F 262 40.54 12.34 -32.19
N GLY F 263 41.36 11.81 -33.09
CA GLY F 263 41.23 12.17 -34.49
C GLY F 263 40.03 11.50 -35.15
N ALA F 264 39.55 10.41 -34.57
CA ALA F 264 38.42 9.69 -35.13
C ALA F 264 37.13 10.48 -34.93
N PHE F 265 36.11 10.09 -35.68
CA PHE F 265 34.82 10.76 -35.60
C PHE F 265 34.16 10.49 -34.25
N PHE F 266 33.63 11.54 -33.64
CA PHE F 266 33.01 11.47 -32.33
C PHE F 266 31.54 11.85 -32.43
N PHE F 267 30.68 11.06 -31.81
CA PHE F 267 29.26 11.38 -31.71
C PHE F 267 28.90 11.53 -30.24
N LEU F 268 28.16 12.59 -29.93
CA LEU F 268 27.72 12.89 -28.57
C LEU F 268 26.25 12.54 -28.42
N ILE F 269 25.93 11.79 -27.37
CA ILE F 269 24.55 11.47 -27.01
C ILE F 269 24.26 12.14 -25.68
N ASN F 270 23.20 12.95 -25.65
CA ASN F 270 22.76 13.63 -24.44
C ASN F 270 21.47 12.98 -23.95
N GLY F 271 21.48 12.53 -22.68
CA GLY F 271 20.32 11.90 -22.10
C GLY F 271 19.08 12.76 -22.05
N PRO F 272 19.16 14.00 -21.56
CA PRO F 272 17.98 14.88 -21.63
C PRO F 272 17.49 15.11 -23.05
N GLU F 273 18.40 15.20 -24.02
CA GLU F 273 17.98 15.41 -25.39
C GLU F 273 17.25 14.18 -25.94
N ILE F 274 17.73 12.99 -25.60
CA ILE F 274 17.10 11.77 -26.09
C ILE F 274 15.74 11.57 -25.43
N MET F 275 15.66 11.77 -24.12
CA MET F 275 14.39 11.61 -23.43
C MET F 275 13.42 12.75 -23.74
N SER F 276 13.93 13.85 -24.29
CA SER F 276 13.05 14.97 -24.62
C SER F 276 12.24 14.68 -25.88
N LYS F 277 12.81 13.92 -26.82
CA LYS F 277 12.09 13.61 -28.05
C LYS F 277 10.93 12.67 -27.77
N LEU F 278 9.99 12.63 -28.71
CA LEU F 278 8.84 11.77 -28.57
C LEU F 278 9.26 10.30 -28.62
N ALA F 279 8.39 9.44 -28.11
CA ALA F 279 8.66 8.01 -28.10
C ALA F 279 8.86 7.51 -29.54
N GLY F 280 9.84 6.62 -29.71
CA GLY F 280 10.18 6.16 -31.04
C GLY F 280 11.32 6.96 -31.65
N GLU F 281 11.24 8.29 -31.57
CA GLU F 281 12.31 9.11 -32.11
C GLU F 281 13.55 9.06 -31.23
N SER F 282 13.39 8.79 -29.94
CA SER F 282 14.55 8.58 -29.07
C SER F 282 15.33 7.34 -29.51
N GLU F 283 14.62 6.24 -29.75
CA GLU F 283 15.28 5.02 -30.20
C GLU F 283 15.86 5.19 -31.60
N SER F 284 15.19 5.95 -32.46
CA SER F 284 15.74 6.21 -33.79
C SER F 284 17.02 7.03 -33.69
N ASN F 285 17.05 8.03 -32.81
CA ASN F 285 18.29 8.78 -32.61
C ASN F 285 19.39 7.89 -32.09
N LEU F 286 19.06 6.98 -31.17
CA LEU F 286 20.05 6.03 -30.68
C LEU F 286 20.58 5.15 -31.80
N ARG F 287 19.70 4.64 -32.66
CA ARG F 287 20.15 3.74 -33.72
C ARG F 287 21.02 4.49 -34.73
N LYS F 288 20.66 5.74 -35.03
CA LYS F 288 21.47 6.54 -35.94
C LYS F 288 22.84 6.84 -35.33
N ALA F 289 22.88 7.11 -34.03
CA ALA F 289 24.16 7.29 -33.35
C ALA F 289 25.02 6.04 -33.45
N PHE F 290 24.42 4.88 -33.19
CA PHE F 290 25.18 3.64 -33.24
C PHE F 290 25.66 3.34 -34.65
N GLU F 291 24.83 3.62 -35.66
CA GLU F 291 25.23 3.39 -37.05
C GLU F 291 26.37 4.31 -37.45
N GLU F 292 26.28 5.59 -37.08
CA GLU F 292 27.37 6.52 -37.41
C GLU F 292 28.64 6.15 -36.68
N ALA F 293 28.52 5.53 -35.51
CA ALA F 293 29.69 4.92 -34.87
C ALA F 293 30.17 3.71 -35.66
N GLU F 294 29.25 2.96 -36.26
CA GLU F 294 29.62 1.77 -37.04
C GLU F 294 30.46 2.16 -38.25
N LYS F 295 30.10 3.27 -38.90
CA LYS F 295 30.73 3.59 -40.19
C LYS F 295 32.23 3.79 -40.06
N ASN F 296 32.71 4.06 -38.85
CA ASN F 296 34.13 4.23 -38.59
C ASN F 296 34.59 3.27 -37.51
N ALA F 297 35.63 2.51 -37.79
CA ALA F 297 36.16 1.59 -36.78
C ALA F 297 36.64 2.28 -35.50
N PRO F 298 37.45 3.34 -35.53
CA PRO F 298 37.89 3.96 -34.28
C PRO F 298 36.88 4.94 -33.66
N ALA F 299 35.63 4.90 -34.09
CA ALA F 299 34.62 5.80 -33.56
C ALA F 299 34.34 5.51 -32.10
N ILE F 300 33.99 6.57 -31.36
CA ILE F 300 33.69 6.49 -29.93
C ILE F 300 32.39 7.23 -29.66
N ILE F 301 31.54 6.63 -28.83
CA ILE F 301 30.27 7.21 -28.42
C ILE F 301 30.39 7.65 -26.97
N PHE F 302 29.87 8.84 -26.67
CA PHE F 302 29.65 9.27 -25.30
C PHE F 302 28.15 9.44 -25.08
N ILE F 303 27.64 8.89 -23.99
CA ILE F 303 26.26 9.06 -23.59
C ILE F 303 26.27 9.86 -22.29
N ASP F 304 26.20 11.18 -22.41
CA ASP F 304 26.21 12.05 -21.25
C ASP F 304 24.89 11.92 -20.51
N GLU F 305 24.98 11.78 -19.19
CA GLU F 305 23.83 11.55 -18.32
C GLU F 305 23.10 10.26 -18.73
N LEU F 306 23.83 9.15 -18.65
CA LEU F 306 23.23 7.85 -18.96
C LEU F 306 22.16 7.48 -17.94
N ASP F 307 22.25 8.00 -16.72
CA ASP F 307 21.24 7.69 -15.71
C ASP F 307 19.88 8.28 -16.07
N ALA F 308 19.87 9.24 -17.01
CA ALA F 308 18.60 9.79 -17.47
C ALA F 308 17.83 8.80 -18.31
N ILE F 309 18.50 8.17 -19.29
CA ILE F 309 17.81 7.26 -20.20
C ILE F 309 17.78 5.83 -19.70
N ALA F 310 18.66 5.46 -18.77
CA ALA F 310 18.68 4.10 -18.21
C ALA F 310 18.70 4.16 -16.68
N PRO F 311 17.60 4.55 -16.06
CA PRO F 311 17.48 4.33 -14.61
C PRO F 311 17.24 2.86 -14.30
N LYS F 312 17.28 2.55 -13.01
CA LYS F 312 17.14 1.17 -12.55
C LYS F 312 15.80 0.57 -13.00
N ARG F 313 15.87 -0.62 -13.59
CA ARG F 313 14.68 -1.26 -14.14
C ARG F 313 13.79 -1.85 -13.04
N GLU F 314 14.40 -2.23 -11.91
CA GLU F 314 13.61 -2.78 -10.82
C GLU F 314 12.67 -1.74 -10.23
N LYS F 315 13.10 -0.48 -10.20
CA LYS F 315 12.29 0.61 -9.66
C LYS F 315 12.24 1.73 -10.71
N THR F 316 11.25 1.65 -11.59
CA THR F 316 10.98 2.69 -12.56
C THR F 316 9.50 2.66 -12.91
N HIS F 317 8.97 3.81 -13.30
CA HIS F 317 7.54 3.95 -13.57
C HIS F 317 7.24 4.18 -15.05
N GLY F 318 8.23 4.06 -15.93
CA GLY F 318 8.01 4.34 -17.33
C GLY F 318 8.27 3.15 -18.25
N GLU F 319 7.25 2.73 -18.99
CA GLU F 319 7.43 1.61 -19.90
C GLU F 319 8.17 2.03 -21.15
N VAL F 320 7.91 3.24 -21.65
CA VAL F 320 8.68 3.74 -22.78
C VAL F 320 10.15 3.84 -22.42
N GLU F 321 10.44 4.31 -21.20
CA GLU F 321 11.81 4.23 -20.69
C GLU F 321 12.37 2.82 -20.79
N ARG F 322 11.57 1.82 -20.41
CA ARG F 322 12.00 0.44 -20.54
C ARG F 322 12.31 0.10 -21.99
N ARG F 323 11.55 0.66 -22.93
CA ARG F 323 11.82 0.41 -24.34
C ARG F 323 13.16 1.01 -24.77
N ILE F 324 13.46 2.24 -24.37
CA ILE F 324 14.76 2.82 -24.69
C ILE F 324 15.90 2.01 -24.08
N VAL F 325 15.77 1.62 -22.81
CA VAL F 325 16.89 0.92 -22.16
C VAL F 325 17.08 -0.46 -22.80
N SER F 326 15.99 -1.13 -23.14
CA SER F 326 16.10 -2.42 -23.80
C SER F 326 16.71 -2.29 -25.19
N GLN F 327 16.33 -1.24 -25.92
CA GLN F 327 16.88 -1.04 -27.26
C GLN F 327 18.36 -0.68 -27.19
N LEU F 328 18.76 0.04 -26.13
CA LEU F 328 20.18 0.28 -25.90
C LEU F 328 20.92 -1.03 -25.63
N LEU F 329 20.31 -1.92 -24.84
CA LEU F 329 20.93 -3.23 -24.61
C LEU F 329 21.09 -3.99 -25.92
N THR F 330 20.07 -3.94 -26.79
CA THR F 330 20.15 -4.61 -28.07
C THR F 330 21.26 -4.01 -28.93
N LEU F 331 21.43 -2.69 -28.89
CA LEU F 331 22.53 -2.06 -29.62
C LEU F 331 23.88 -2.52 -29.08
N MET F 332 24.03 -2.57 -27.76
CA MET F 332 25.30 -3.00 -27.17
C MET F 332 25.61 -4.44 -27.55
N ASP F 333 24.57 -5.28 -27.62
CA ASP F 333 24.77 -6.66 -28.06
C ASP F 333 25.01 -6.72 -29.57
N GLY F 334 24.58 -5.69 -30.29
CA GLY F 334 24.64 -5.73 -31.75
C GLY F 334 26.04 -5.53 -32.29
N LEU F 335 26.95 -5.03 -31.46
CA LEU F 335 28.33 -4.89 -31.88
C LEU F 335 28.99 -6.26 -32.01
N LYS F 336 29.59 -6.53 -33.16
CA LYS F 336 30.30 -7.78 -33.42
C LYS F 336 31.80 -7.65 -33.24
N GLN F 337 32.27 -6.53 -32.66
CA GLN F 337 33.62 -6.27 -32.21
C GLN F 337 34.59 -6.06 -33.36
N ARG F 338 34.19 -6.28 -34.61
CA ARG F 338 34.97 -5.79 -35.74
C ARG F 338 34.81 -4.28 -35.89
N ALA F 339 33.70 -3.74 -35.37
CA ALA F 339 33.49 -2.30 -35.40
C ALA F 339 34.41 -1.57 -34.44
N HIS F 340 34.77 -2.21 -33.32
CA HIS F 340 35.69 -1.68 -32.32
C HIS F 340 35.22 -0.36 -31.71
N VAL F 341 33.92 -0.07 -31.73
CA VAL F 341 33.43 1.17 -31.16
C VAL F 341 33.42 1.07 -29.64
N ILE F 342 34.06 2.02 -28.98
CA ILE F 342 34.09 2.12 -27.53
C ILE F 342 33.07 3.18 -27.12
N VAL F 343 32.26 2.87 -26.11
CA VAL F 343 31.18 3.75 -25.69
C VAL F 343 31.49 4.27 -24.28
N MET F 344 31.51 5.59 -24.15
CA MET F 344 31.70 6.25 -22.87
C MET F 344 30.34 6.70 -22.34
N ALA F 345 30.23 6.79 -21.01
CA ALA F 345 29.00 7.23 -20.38
C ALA F 345 29.31 7.84 -19.03
N ALA F 346 28.63 8.95 -18.72
CA ALA F 346 28.81 9.65 -17.46
C ALA F 346 27.52 9.57 -16.64
N THR F 347 27.63 9.09 -15.40
CA THR F 347 26.49 8.99 -14.50
C THR F 347 26.90 9.48 -13.13
N ASN F 348 25.95 10.12 -12.43
CA ASN F 348 26.26 10.65 -11.11
C ASN F 348 26.34 9.54 -10.07
N ARG F 349 25.43 8.57 -10.13
CA ARG F 349 25.43 7.46 -9.19
C ARG F 349 25.25 6.15 -9.95
N PRO F 350 26.17 5.19 -9.82
CA PRO F 350 26.02 3.92 -10.55
C PRO F 350 24.81 3.12 -10.11
N ASN F 351 24.28 3.37 -8.92
CA ASN F 351 23.16 2.58 -8.42
C ASN F 351 21.92 2.76 -9.28
N SER F 352 21.67 3.99 -9.75
CA SER F 352 20.48 4.24 -10.55
C SER F 352 20.57 3.53 -11.89
N ILE F 353 21.78 3.23 -12.35
CA ILE F 353 21.95 2.58 -13.65
C ILE F 353 21.34 1.19 -13.63
N ASP F 354 20.75 0.79 -14.75
CA ASP F 354 20.28 -0.56 -14.93
C ASP F 354 21.43 -1.54 -14.72
N PRO F 355 21.28 -2.52 -13.82
CA PRO F 355 22.37 -3.48 -13.58
C PRO F 355 22.76 -4.25 -14.82
N ALA F 356 21.88 -4.35 -15.82
CA ALA F 356 22.23 -5.02 -17.06
C ALA F 356 23.40 -4.33 -17.75
N LEU F 357 23.48 -3.00 -17.61
CA LEU F 357 24.56 -2.26 -18.27
C LEU F 357 25.90 -2.54 -17.61
N ARG F 358 25.89 -2.88 -16.32
CA ARG F 358 27.14 -3.17 -15.62
C ARG F 358 27.64 -4.59 -15.89
N ARG F 359 26.83 -5.42 -16.54
CA ARG F 359 27.19 -6.81 -16.79
C ARG F 359 28.31 -6.90 -17.82
N PHE F 360 28.81 -8.13 -18.01
CA PHE F 360 29.81 -8.38 -19.04
C PHE F 360 29.16 -8.24 -20.41
N GLY F 361 29.91 -7.68 -21.37
CA GLY F 361 29.37 -7.33 -22.65
C GLY F 361 28.72 -5.96 -22.70
N ARG F 362 28.75 -5.22 -21.59
CA ARG F 362 28.08 -3.94 -21.45
C ARG F 362 29.07 -3.05 -20.68
N PHE F 363 28.61 -1.96 -20.06
CA PHE F 363 29.51 -1.02 -19.40
C PHE F 363 30.12 -1.67 -18.15
N ASP F 364 30.93 -2.71 -18.41
CA ASP F 364 31.52 -3.48 -17.31
C ASP F 364 32.62 -2.73 -16.59
N ARG F 365 33.54 -2.13 -17.34
CA ARG F 365 34.64 -1.36 -16.77
C ARG F 365 34.18 0.08 -16.56
N GLU F 366 34.51 0.62 -15.39
CA GLU F 366 33.99 1.91 -14.95
C GLU F 366 35.11 2.78 -14.41
N VAL F 367 35.08 4.06 -14.78
CA VAL F 367 36.07 5.04 -14.34
C VAL F 367 35.43 5.93 -13.30
N ASP F 368 36.12 6.13 -12.17
CA ASP F 368 35.63 6.97 -11.09
C ASP F 368 36.32 8.32 -11.12
N ILE F 369 35.53 9.39 -11.24
CA ILE F 369 36.03 10.75 -11.14
C ILE F 369 35.64 11.27 -9.76
N GLY F 370 36.59 11.23 -8.83
CA GLY F 370 36.29 11.61 -7.46
C GLY F 370 36.50 13.07 -7.18
N ILE F 371 36.31 13.44 -5.91
CA ILE F 371 36.55 14.82 -5.48
C ILE F 371 38.03 15.12 -5.57
N PRO F 372 38.45 16.21 -6.23
CA PRO F 372 39.89 16.46 -6.41
C PRO F 372 40.58 16.80 -5.11
N ASP F 373 41.86 16.49 -5.04
CA ASP F 373 42.68 16.82 -3.89
C ASP F 373 43.14 18.28 -3.95
N ALA F 374 43.96 18.66 -2.97
CA ALA F 374 44.42 20.04 -2.89
C ALA F 374 45.21 20.45 -4.12
N THR F 375 46.13 19.60 -4.57
CA THR F 375 46.88 19.89 -5.79
C THR F 375 45.94 19.94 -6.98
N GLY F 376 44.96 19.03 -7.03
CA GLY F 376 44.01 19.01 -8.12
C GLY F 376 43.18 20.27 -8.18
N ARG F 377 42.67 20.73 -7.03
CA ARG F 377 41.85 21.95 -7.03
C ARG F 377 42.70 23.18 -7.29
N LEU F 378 43.96 23.17 -6.87
CA LEU F 378 44.86 24.24 -7.27
C LEU F 378 45.02 24.28 -8.80
N GLU F 379 45.17 23.11 -9.42
CA GLU F 379 45.24 23.07 -10.87
C GLU F 379 43.95 23.58 -11.51
N ILE F 380 42.81 23.15 -10.97
CA ILE F 380 41.52 23.58 -11.53
C ILE F 380 41.40 25.08 -11.47
N LEU F 381 41.80 25.69 -10.35
CA LEU F 381 41.83 27.13 -10.26
C LEU F 381 42.78 27.71 -11.31
N GLN F 382 43.90 27.04 -11.56
CA GLN F 382 44.83 27.54 -12.56
C GLN F 382 44.21 27.58 -13.95
N ILE F 383 43.50 26.52 -14.34
CA ILE F 383 42.82 26.55 -15.64
C ILE F 383 41.72 27.61 -15.66
N HIS F 384 40.89 27.67 -14.62
CA HIS F 384 39.76 28.59 -14.65
C HIS F 384 40.20 30.05 -14.65
N THR F 385 41.32 30.35 -14.01
CA THR F 385 41.70 31.72 -13.71
C THR F 385 42.63 32.35 -14.72
N LYS F 386 43.04 31.65 -15.79
CA LYS F 386 44.00 32.24 -16.71
C LYS F 386 43.38 33.43 -17.46
N ASN F 387 42.11 33.30 -17.87
CA ASN F 387 41.50 34.34 -18.68
C ASN F 387 41.18 35.57 -17.83
N MET F 388 40.64 35.38 -16.63
CA MET F 388 40.21 36.52 -15.83
C MET F 388 41.41 37.33 -15.35
N LYS F 389 41.25 38.66 -15.37
CA LYS F 389 42.31 39.54 -14.91
C LYS F 389 42.47 39.40 -13.40
N LEU F 390 43.69 39.05 -12.98
CA LEU F 390 43.97 38.76 -11.58
C LEU F 390 44.99 39.77 -11.05
N ALA F 391 44.67 40.38 -9.92
CA ALA F 391 45.62 41.26 -9.26
C ALA F 391 46.76 40.43 -8.65
N ASP F 392 47.85 41.12 -8.34
CA ASP F 392 49.03 40.42 -7.83
C ASP F 392 48.80 39.88 -6.43
N ASP F 393 47.99 40.57 -5.63
CA ASP F 393 47.84 40.20 -4.22
C ASP F 393 47.21 38.82 -4.06
N VAL F 394 46.35 38.41 -5.00
CA VAL F 394 45.70 37.12 -4.88
C VAL F 394 46.69 36.01 -5.19
N ASP F 395 46.60 34.92 -4.43
CA ASP F 395 47.35 33.71 -4.69
C ASP F 395 46.40 32.54 -4.84
N LEU F 396 46.67 31.67 -5.80
CA LEU F 396 45.78 30.54 -6.07
C LEU F 396 46.03 29.41 -5.07
N GLU F 397 47.24 29.31 -4.54
CA GLU F 397 47.57 28.19 -3.65
C GLU F 397 46.84 28.31 -2.33
N GLN F 398 46.79 29.51 -1.74
CA GLN F 398 46.11 29.66 -0.47
C GLN F 398 44.62 29.37 -0.59
N VAL F 399 43.98 29.90 -1.63
CA VAL F 399 42.54 29.66 -1.81
C VAL F 399 42.29 28.19 -2.13
N ALA F 400 43.20 27.56 -2.86
CA ALA F 400 43.06 26.12 -3.12
C ALA F 400 43.13 25.33 -1.82
N ASN F 401 44.04 25.72 -0.93
CA ASN F 401 44.10 25.09 0.39
C ASN F 401 42.82 25.34 1.17
N GLU F 402 42.25 26.53 1.02
CA GLU F 402 40.99 26.85 1.70
C GLU F 402 39.84 25.98 1.19
N THR F 403 39.73 25.83 -0.13
CA THR F 403 38.60 25.15 -0.76
C THR F 403 38.73 23.64 -0.59
N HIS F 404 38.56 23.18 0.66
CA HIS F 404 38.75 21.76 0.94
C HIS F 404 37.66 20.91 0.29
N GLY F 405 36.40 21.25 0.54
CA GLY F 405 35.28 20.45 0.06
C GLY F 405 34.76 20.80 -1.31
N HIS F 406 35.30 21.84 -1.95
CA HIS F 406 34.80 22.25 -3.26
C HIS F 406 35.09 21.17 -4.30
N VAL F 407 34.10 20.95 -5.17
CA VAL F 407 34.12 19.80 -6.08
C VAL F 407 34.78 20.14 -7.42
N GLY F 408 34.95 21.41 -7.74
CA GLY F 408 35.51 21.85 -9.01
C GLY F 408 34.58 22.73 -9.81
N ALA F 409 33.29 22.40 -9.86
CA ALA F 409 32.30 23.36 -10.32
C ALA F 409 32.01 24.37 -9.22
N ASP F 410 32.10 23.93 -7.96
CA ASP F 410 32.13 24.87 -6.85
C ASP F 410 33.25 25.87 -7.01
N LEU F 411 34.42 25.41 -7.47
CA LEU F 411 35.54 26.31 -7.70
C LEU F 411 35.22 27.34 -8.78
N ALA F 412 34.60 26.91 -9.88
CA ALA F 412 34.23 27.84 -10.93
C ALA F 412 33.23 28.87 -10.44
N ALA F 413 32.23 28.42 -9.66
CA ALA F 413 31.27 29.35 -9.08
C ALA F 413 31.95 30.33 -8.13
N LEU F 414 32.91 29.85 -7.34
CA LEU F 414 33.63 30.72 -6.43
C LEU F 414 34.40 31.80 -7.20
N CYS F 415 35.06 31.41 -8.28
CA CYS F 415 35.77 32.38 -9.09
C CYS F 415 34.81 33.39 -9.71
N SER F 416 33.68 32.92 -10.23
CA SER F 416 32.71 33.82 -10.84
C SER F 416 32.18 34.83 -9.82
N GLU F 417 31.84 34.37 -8.61
CA GLU F 417 31.28 35.28 -7.63
C GLU F 417 32.36 36.21 -7.08
N ALA F 418 33.61 35.75 -7.03
CA ALA F 418 34.72 36.62 -6.66
C ALA F 418 34.88 37.76 -7.67
N ALA F 419 34.79 37.43 -8.95
CA ALA F 419 34.83 38.48 -9.98
C ALA F 419 33.64 39.42 -9.84
N LEU F 420 32.46 38.88 -9.50
CA LEU F 420 31.30 39.74 -9.29
C LEU F 420 31.51 40.66 -8.09
N GLN F 421 32.20 40.18 -7.05
CA GLN F 421 32.57 41.06 -5.95
C GLN F 421 33.54 42.15 -6.40
N ALA F 422 34.51 41.77 -7.23
CA ALA F 422 35.40 42.78 -7.80
C ALA F 422 34.59 43.84 -8.53
N ILE F 423 33.51 43.44 -9.19
CA ILE F 423 32.59 44.40 -9.79
C ILE F 423 31.89 45.22 -8.70
N ARG F 424 31.48 44.55 -7.61
CA ARG F 424 30.80 45.25 -6.53
C ARG F 424 31.64 46.35 -5.92
N LYS F 425 32.95 46.19 -5.95
CA LYS F 425 33.80 47.26 -5.46
C LYS F 425 33.62 48.51 -6.32
N LYS F 426 33.04 48.37 -7.51
CA LYS F 426 33.03 49.47 -8.46
C LYS F 426 31.66 50.06 -8.80
N MET F 427 30.54 49.55 -8.29
CA MET F 427 29.29 50.28 -8.51
C MET F 427 29.25 51.59 -7.75
N ASP F 428 30.23 51.83 -6.87
CA ASP F 428 30.37 53.18 -6.34
C ASP F 428 30.74 54.16 -7.45
N LEU F 429 31.63 53.74 -8.37
CA LEU F 429 31.93 54.57 -9.54
C LEU F 429 31.03 54.23 -10.71
N ILE F 430 30.77 52.94 -10.95
CA ILE F 430 29.92 52.54 -12.06
C ILE F 430 28.46 52.89 -11.76
N ASP F 431 27.78 53.46 -12.77
CA ASP F 431 26.36 53.74 -12.69
C ASP F 431 25.60 52.64 -13.43
N LEU F 432 24.67 52.01 -12.73
CA LEU F 432 23.84 50.99 -13.36
C LEU F 432 22.95 51.59 -14.43
N GLU F 433 22.41 52.79 -14.18
CA GLU F 433 21.47 53.40 -15.11
C GLU F 433 22.15 53.80 -16.41
N ASP F 434 23.44 54.15 -16.35
CA ASP F 434 24.16 54.56 -17.54
C ASP F 434 24.57 53.35 -18.36
N GLU F 435 24.23 53.36 -19.65
CA GLU F 435 24.49 52.20 -20.51
C GLU F 435 25.98 52.09 -20.84
N THR F 436 26.70 53.20 -20.80
CA THR F 436 28.13 53.17 -21.11
C THR F 436 28.95 53.07 -19.83
N ILE F 437 30.01 52.27 -19.89
CA ILE F 437 30.84 51.95 -18.72
C ILE F 437 32.17 52.70 -18.86
N ASP F 438 32.62 53.27 -17.75
CA ASP F 438 33.93 53.93 -17.73
C ASP F 438 35.02 52.97 -18.15
N ALA F 439 35.83 53.39 -19.12
CA ALA F 439 36.93 52.55 -19.59
C ALA F 439 38.01 52.42 -18.54
N GLU F 440 38.15 53.44 -17.68
CA GLU F 440 39.13 53.37 -16.60
C GLU F 440 38.78 52.26 -15.62
N VAL F 441 37.49 52.07 -15.34
CA VAL F 441 37.10 50.91 -14.54
C VAL F 441 37.38 49.62 -15.30
N MET F 442 37.12 49.62 -16.61
CA MET F 442 37.30 48.40 -17.41
C MET F 442 38.73 47.90 -17.34
N ASN F 443 39.70 48.78 -17.62
CA ASN F 443 41.09 48.34 -17.61
C ASN F 443 41.64 48.25 -16.19
N SER F 444 41.11 49.08 -15.28
CA SER F 444 41.67 49.14 -13.93
C SER F 444 41.24 47.94 -13.10
N LEU F 445 40.06 47.39 -13.36
CA LEU F 445 39.49 46.40 -12.46
C LEU F 445 40.25 45.08 -12.59
N ALA F 446 40.55 44.48 -11.45
CA ALA F 446 41.18 43.16 -11.41
C ALA F 446 40.71 42.45 -10.15
N VAL F 447 40.73 41.13 -10.20
CA VAL F 447 40.22 40.29 -9.12
C VAL F 447 41.31 40.19 -8.05
N THR F 448 41.04 40.74 -6.87
CA THR F 448 42.01 40.75 -5.78
C THR F 448 41.83 39.55 -4.86
N MET F 449 42.71 39.46 -3.87
CA MET F 449 42.65 38.36 -2.91
C MET F 449 41.40 38.44 -2.04
N ASP F 450 41.03 39.65 -1.62
CA ASP F 450 39.88 39.79 -0.72
C ASP F 450 38.58 39.41 -1.41
N ASP F 451 38.52 39.56 -2.74
CA ASP F 451 37.37 39.05 -3.48
C ASP F 451 37.27 37.54 -3.33
N PHE F 452 38.40 36.83 -3.44
CA PHE F 452 38.38 35.39 -3.24
C PHE F 452 38.05 35.03 -1.79
N ARG F 453 38.50 35.85 -0.84
CA ARG F 453 38.15 35.58 0.56
C ARG F 453 36.64 35.69 0.78
N TRP F 454 36.02 36.72 0.22
CA TRP F 454 34.58 36.88 0.36
C TRP F 454 33.87 35.74 -0.34
N ALA F 455 34.33 35.35 -1.53
CA ALA F 455 33.73 34.22 -2.23
C ALA F 455 33.84 32.94 -1.43
N LEU F 456 34.98 32.74 -0.75
CA LEU F 456 35.14 31.62 0.16
C LEU F 456 34.11 31.67 1.28
N SER F 457 33.90 32.86 1.86
CA SER F 457 32.91 33.00 2.93
C SER F 457 31.50 32.70 2.41
N GLN F 458 31.21 33.07 1.16
CA GLN F 458 29.93 32.74 0.55
C GLN F 458 29.81 31.25 0.26
N SER F 459 30.84 30.67 -0.34
CA SER F 459 30.73 29.34 -0.93
C SER F 459 30.53 28.27 0.14
N ASN F 460 29.63 27.33 -0.17
CA ASN F 460 29.32 26.20 0.70
C ASN F 460 29.92 24.94 0.10
N PRO F 461 30.95 24.37 0.72
CA PRO F 461 31.55 23.15 0.16
C PRO F 461 30.54 22.01 0.09
N SER F 462 30.62 21.24 -0.98
CA SER F 462 29.68 20.15 -1.22
C SER F 462 30.32 18.80 -0.93
N PRO F 472 36.01 14.16 16.72
CA PRO F 472 35.03 14.87 17.53
C PRO F 472 35.49 16.27 17.94
N GLN F 473 34.57 17.09 18.45
CA GLN F 473 34.94 18.42 18.89
C GLN F 473 35.88 18.37 20.10
N VAL F 474 35.69 17.40 20.98
CA VAL F 474 36.48 17.35 22.22
C VAL F 474 37.90 16.94 21.89
N THR F 475 38.85 17.78 22.31
CA THR F 475 40.27 17.54 22.09
C THR F 475 41.01 17.66 23.42
N TRP F 476 42.31 17.36 23.38
CA TRP F 476 43.10 17.34 24.60
C TRP F 476 43.22 18.73 25.22
N GLU F 477 43.31 19.77 24.38
CA GLU F 477 43.42 21.12 24.93
C GLU F 477 42.12 21.54 25.60
N ASP F 478 41.00 20.95 25.18
CA ASP F 478 39.72 21.23 25.85
C ASP F 478 39.73 20.73 27.29
N ILE F 479 40.31 19.55 27.51
CA ILE F 479 40.39 19.00 28.86
C ILE F 479 41.47 19.71 29.66
N GLY F 480 41.14 20.08 30.89
CA GLY F 480 42.09 20.66 31.82
C GLY F 480 42.41 19.68 32.94
N GLY F 481 43.69 19.56 33.25
CA GLY F 481 44.14 18.64 34.26
C GLY F 481 44.17 17.20 33.76
N LEU F 482 44.44 16.29 34.71
CA LEU F 482 44.53 14.85 34.42
C LEU F 482 45.57 14.56 33.34
N GLU F 483 46.72 15.24 33.44
CA GLU F 483 47.73 15.15 32.38
C GLU F 483 48.24 13.72 32.20
N ASP F 484 48.40 12.99 33.30
CA ASP F 484 48.87 11.62 33.22
C ASP F 484 47.91 10.75 32.42
N VAL F 485 46.59 10.93 32.63
CA VAL F 485 45.61 10.16 31.88
C VAL F 485 45.68 10.48 30.39
N LYS F 486 45.83 11.77 30.06
CA LYS F 486 45.98 12.16 28.66
C LYS F 486 47.19 11.48 28.05
N ARG F 487 48.34 11.53 28.73
CA ARG F 487 49.55 10.94 28.17
C ARG F 487 49.44 9.44 28.02
N GLU F 488 48.84 8.76 29.01
CA GLU F 488 48.74 7.30 28.90
C GLU F 488 47.76 6.89 27.81
N LEU F 489 46.68 7.66 27.62
CA LEU F 489 45.78 7.36 26.50
C LEU F 489 46.50 7.57 25.18
N GLN F 490 47.26 8.65 25.06
CA GLN F 490 48.08 8.87 23.88
C GLN F 490 49.03 7.70 23.66
N GLU F 491 49.62 7.18 24.73
CA GLU F 491 50.50 6.03 24.59
C GLU F 491 49.75 4.81 24.06
N LEU F 492 48.64 4.44 24.72
CA LEU F 492 47.92 3.23 24.33
C LEU F 492 47.37 3.30 22.92
N VAL F 493 47.15 4.51 22.40
CA VAL F 493 46.64 4.66 21.02
C VAL F 493 47.77 4.79 20.00
N GLN F 494 48.76 5.63 20.25
CA GLN F 494 49.80 5.89 19.26
C GLN F 494 50.85 4.77 19.23
N TYR F 495 51.32 4.33 20.40
CA TYR F 495 52.42 3.38 20.45
C TYR F 495 52.19 2.13 19.61
N PRO F 496 51.00 1.52 19.58
CA PRO F 496 50.80 0.41 18.63
C PRO F 496 51.03 0.80 17.19
N VAL F 497 50.62 2.01 16.78
CA VAL F 497 50.79 2.44 15.41
C VAL F 497 52.25 2.70 15.10
N GLU F 498 52.95 3.37 16.01
CA GLU F 498 54.34 3.75 15.76
C GLU F 498 55.25 2.53 15.67
N HIS F 499 55.05 1.54 16.55
CA HIS F 499 55.97 0.42 16.69
C HIS F 499 55.20 -0.90 16.62
N PRO F 500 54.72 -1.29 15.44
CA PRO F 500 54.17 -2.65 15.31
C PRO F 500 55.21 -3.72 15.50
N ASP F 501 56.46 -3.44 15.11
CA ASP F 501 57.53 -4.44 15.26
C ASP F 501 57.83 -4.69 16.73
N LYS F 502 57.63 -3.68 17.59
CA LYS F 502 57.85 -3.89 19.02
C LYS F 502 56.73 -4.72 19.64
N PHE F 503 55.53 -4.61 19.09
CA PHE F 503 54.45 -5.48 19.55
C PHE F 503 54.65 -6.91 19.07
N LEU F 504 55.14 -7.09 17.84
CA LEU F 504 55.29 -8.43 17.30
C LEU F 504 56.52 -9.12 17.87
N LYS F 505 57.60 -8.38 18.12
CA LYS F 505 58.86 -8.99 18.51
C LYS F 505 58.72 -9.77 19.82
N PHE F 506 58.02 -9.21 20.80
CA PHE F 506 57.80 -9.87 22.08
C PHE F 506 56.47 -10.60 22.15
N GLY F 507 55.74 -10.70 21.04
CA GLY F 507 54.57 -11.54 20.96
C GLY F 507 53.40 -11.16 21.85
N MET F 508 53.04 -9.88 21.89
CA MET F 508 51.85 -9.42 22.59
C MET F 508 50.77 -9.12 21.57
N THR F 509 49.61 -9.71 21.76
CA THR F 509 48.44 -9.26 21.02
C THR F 509 48.13 -7.82 21.43
N PRO F 510 47.95 -6.91 20.48
CA PRO F 510 47.69 -5.50 20.86
C PRO F 510 46.44 -5.40 21.71
N SER F 511 46.49 -4.54 22.72
CA SER F 511 45.39 -4.35 23.65
C SER F 511 44.64 -3.08 23.26
N LYS F 512 43.52 -3.27 22.55
CA LYS F 512 42.68 -2.17 22.11
C LYS F 512 41.52 -1.89 23.05
N GLY F 513 41.50 -2.54 24.21
CA GLY F 513 40.46 -2.34 25.20
C GLY F 513 40.84 -1.29 26.22
N VAL F 514 39.89 -0.42 26.53
CA VAL F 514 40.09 0.70 27.44
C VAL F 514 38.95 0.75 28.43
N LEU F 515 39.27 0.94 29.71
CA LEU F 515 38.29 1.05 30.78
C LEU F 515 38.54 2.32 31.58
N PHE F 516 37.46 3.04 31.90
CA PHE F 516 37.47 4.21 32.77
C PHE F 516 36.67 3.88 34.01
N TYR F 517 37.15 4.29 35.18
CA TYR F 517 36.34 4.26 36.39
C TYR F 517 36.78 5.37 37.34
N GLY F 518 35.80 6.17 37.77
CA GLY F 518 36.03 7.28 38.66
C GLY F 518 34.70 7.93 39.00
N PRO F 519 34.71 8.97 39.81
CA PRO F 519 33.46 9.67 40.15
C PRO F 519 32.83 10.27 38.90
N PRO F 520 31.51 10.16 38.75
CA PRO F 520 30.83 10.83 37.63
C PRO F 520 31.04 12.34 37.69
N GLY F 521 31.18 12.94 36.52
CA GLY F 521 31.44 14.36 36.43
C GLY F 521 32.90 14.76 36.45
N CYS F 522 33.82 13.81 36.29
CA CYS F 522 35.25 14.10 36.33
C CYS F 522 35.88 14.22 34.94
N GLY F 523 35.10 14.08 33.88
CA GLY F 523 35.66 14.22 32.55
C GLY F 523 36.10 12.94 31.89
N LYS F 524 35.65 11.78 32.38
CA LYS F 524 35.98 10.53 31.71
C LYS F 524 35.40 10.49 30.29
N THR F 525 34.17 11.00 30.12
CA THR F 525 33.60 11.04 28.78
C THR F 525 34.41 11.97 27.87
N LEU F 526 34.91 13.07 28.42
CA LEU F 526 35.72 13.98 27.61
C LEU F 526 37.04 13.34 27.21
N LEU F 527 37.65 12.60 28.12
CA LEU F 527 38.87 11.87 27.76
C LEU F 527 38.58 10.84 26.68
N ALA F 528 37.44 10.16 26.79
CA ALA F 528 37.03 9.21 25.76
C ALA F 528 36.86 9.89 24.41
N LYS F 529 36.16 11.03 24.38
CA LYS F 529 35.96 11.74 23.12
C LYS F 529 37.28 12.24 22.56
N ALA F 530 38.17 12.74 23.41
CA ALA F 530 39.47 13.24 22.96
C ALA F 530 40.32 12.12 22.39
N ILE F 531 40.31 10.95 23.02
CA ILE F 531 41.12 9.84 22.51
C ILE F 531 40.51 9.29 21.22
N ALA F 532 39.18 9.35 21.09
CA ALA F 532 38.56 9.00 19.80
C ALA F 532 38.98 9.98 18.72
N ASN F 533 39.01 11.28 19.04
CA ASN F 533 39.44 12.27 18.06
C ASN F 533 40.90 12.07 17.67
N GLU F 534 41.76 11.76 18.65
CA GLU F 534 43.17 11.53 18.36
C GLU F 534 43.34 10.28 17.49
N CYS F 535 42.56 9.24 17.75
CA CYS F 535 42.57 8.08 16.86
C CYS F 535 41.97 8.41 15.49
N GLN F 536 41.26 9.54 15.38
CA GLN F 536 40.65 9.98 14.13
C GLN F 536 39.68 8.95 13.58
N ALA F 537 38.77 8.49 14.44
CA ALA F 537 37.72 7.55 14.07
C ALA F 537 36.38 8.07 14.58
N ASN F 538 35.31 7.60 13.94
CA ASN F 538 33.97 8.00 14.34
C ASN F 538 33.71 7.63 15.80
N PHE F 539 33.03 8.52 16.50
CA PHE F 539 32.73 8.35 17.92
C PHE F 539 31.27 7.94 18.09
N ILE F 540 31.05 6.87 18.84
CA ILE F 540 29.71 6.41 19.20
C ILE F 540 29.59 6.39 20.71
N SER F 541 28.59 7.08 21.23
CA SER F 541 28.29 7.09 22.65
C SER F 541 26.99 6.34 22.90
N ILE F 542 27.07 5.24 23.64
CA ILE F 542 25.91 4.43 23.98
C ILE F 542 25.74 4.45 25.49
N LYS F 543 24.53 4.76 25.93
CA LYS F 543 24.19 4.74 27.34
C LYS F 543 23.80 3.34 27.78
N GLY F 544 23.67 3.16 29.10
CA GLY F 544 23.15 1.95 29.66
C GLY F 544 21.75 1.62 29.16
N PRO F 545 20.84 2.60 29.19
CA PRO F 545 19.53 2.39 28.57
C PRO F 545 19.47 2.91 27.14
N ASN F 558 19.53 -3.58 21.23
CA ASN F 558 20.18 -4.28 20.13
C ASN F 558 21.69 -4.23 20.25
N VAL F 559 22.25 -4.99 21.20
CA VAL F 559 23.69 -5.03 21.38
C VAL F 559 24.37 -5.49 20.10
N ARG F 560 23.87 -6.58 19.51
CA ARG F 560 24.50 -7.13 18.32
C ARG F 560 24.45 -6.14 17.16
N GLU F 561 23.30 -5.49 16.96
CA GLU F 561 23.15 -4.58 15.84
C GLU F 561 24.05 -3.36 15.99
N ILE F 562 24.17 -2.83 17.21
CA ILE F 562 25.01 -1.66 17.43
C ILE F 562 26.48 -2.02 17.26
N PHE F 563 26.89 -3.19 17.76
CA PHE F 563 28.25 -3.67 17.50
C PHE F 563 28.49 -3.85 16.01
N ASP F 564 27.48 -4.34 15.28
CA ASP F 564 27.64 -4.54 13.85
C ASP F 564 27.75 -3.21 13.12
N LYS F 565 27.00 -2.20 13.56
CA LYS F 565 27.13 -0.85 13.00
C LYS F 565 28.52 -0.30 13.28
N ALA F 566 29.05 -0.54 14.48
CA ALA F 566 30.41 -0.12 14.80
C ALA F 566 31.43 -0.79 13.88
N ARG F 567 31.23 -2.08 13.60
CA ARG F 567 32.09 -2.77 12.64
C ARG F 567 31.95 -2.18 11.24
N GLN F 568 30.73 -1.86 10.83
CA GLN F 568 30.52 -1.24 9.52
C GLN F 568 31.23 0.10 9.44
N ALA F 569 31.36 0.79 10.57
CA ALA F 569 32.03 2.08 10.64
C ALA F 569 33.52 1.96 10.92
N ALA F 570 34.09 0.76 10.76
CA ALA F 570 35.50 0.56 11.07
C ALA F 570 36.38 1.40 10.15
N PRO F 571 37.40 2.09 10.68
CA PRO F 571 37.70 2.12 12.11
C PRO F 571 36.76 3.05 12.88
N CYS F 572 36.24 2.59 14.01
CA CYS F 572 35.25 3.34 14.77
C CYS F 572 35.54 3.22 16.25
N VAL F 573 35.03 4.18 17.02
CA VAL F 573 35.22 4.23 18.46
C VAL F 573 33.85 4.22 19.13
N LEU F 574 33.58 3.19 19.92
CA LEU F 574 32.31 3.06 20.63
C LEU F 574 32.53 3.25 22.12
N PHE F 575 31.75 4.13 22.73
CA PHE F 575 31.86 4.46 24.14
C PHE F 575 30.57 4.02 24.83
N PHE F 576 30.71 3.26 25.92
CA PHE F 576 29.59 2.83 26.72
C PHE F 576 29.67 3.52 28.08
N ASP F 577 28.60 4.21 28.46
CA ASP F 577 28.54 4.94 29.72
C ASP F 577 27.89 4.07 30.79
N GLN F 578 28.24 4.37 32.05
CA GLN F 578 27.69 3.70 33.23
C GLN F 578 27.64 2.18 33.06
N LEU F 579 28.83 1.58 32.96
CA LEU F 579 28.93 0.12 32.90
C LEU F 579 28.32 -0.54 34.12
N ASP F 580 28.45 0.09 35.29
CA ASP F 580 27.96 -0.52 36.52
C ASP F 580 26.44 -0.64 36.53
N SER F 581 25.76 0.19 35.74
CA SER F 581 24.30 0.22 35.79
C SER F 581 23.69 -1.11 35.35
N ILE F 582 24.09 -1.61 34.18
CA ILE F 582 23.53 -2.87 33.69
C ILE F 582 24.06 -4.04 34.51
N ALA F 583 25.37 -4.07 34.76
CA ALA F 583 25.98 -5.18 35.47
C ALA F 583 25.71 -5.11 36.97
N ALA F 596 24.80 -12.69 39.58
CA ALA F 596 25.74 -11.64 39.20
C ALA F 596 25.95 -11.61 37.69
N ALA F 597 25.09 -12.32 36.97
CA ALA F 597 25.16 -12.41 35.52
C ALA F 597 23.75 -12.42 34.94
N ASP F 598 23.66 -12.04 33.66
CA ASP F 598 22.39 -12.04 32.95
C ASP F 598 22.62 -12.20 31.46
N ARG F 599 21.53 -12.07 30.70
CA ARG F 599 21.58 -12.25 29.25
C ARG F 599 22.43 -11.17 28.59
N VAL F 600 22.27 -9.91 29.04
CA VAL F 600 22.88 -8.78 28.34
C VAL F 600 24.40 -8.83 28.42
N ILE F 601 24.95 -9.13 29.60
CA ILE F 601 26.40 -9.15 29.72
C ILE F 601 26.99 -10.31 28.94
N ASN F 602 26.23 -11.40 28.79
CA ASN F 602 26.69 -12.48 27.92
C ASN F 602 26.66 -12.04 26.45
N GLN F 603 25.64 -11.27 26.07
CA GLN F 603 25.61 -10.72 24.72
C GLN F 603 26.83 -9.85 24.45
N ILE F 604 27.15 -8.95 25.38
CA ILE F 604 28.31 -8.07 25.17
C ILE F 604 29.60 -8.88 25.24
N LEU F 605 29.62 -9.93 26.06
CA LEU F 605 30.77 -10.81 26.14
C LEU F 605 31.08 -11.45 24.80
N THR F 606 30.08 -12.07 24.18
CA THR F 606 30.29 -12.73 22.90
C THR F 606 30.55 -11.72 21.78
N GLU F 607 29.84 -10.58 21.82
CA GLU F 607 30.07 -9.55 20.81
C GLU F 607 31.49 -9.00 20.88
N MET F 608 32.01 -8.79 22.10
CA MET F 608 33.37 -8.28 22.22
C MET F 608 34.40 -9.35 21.87
N ASP F 609 34.09 -10.62 22.17
CA ASP F 609 34.95 -11.71 21.72
C ASP F 609 35.08 -11.72 20.20
N GLY F 610 33.95 -11.63 19.49
CA GLY F 610 34.02 -11.58 18.04
C GLY F 610 34.65 -10.29 17.54
N MET F 611 34.41 -9.18 18.24
CA MET F 611 34.85 -7.87 17.81
C MET F 611 36.37 -7.70 17.97
N SER F 612 36.99 -8.45 18.89
CA SER F 612 38.40 -8.25 19.16
C SER F 612 39.26 -8.51 17.92
N THR F 613 38.70 -9.21 16.92
CA THR F 613 39.45 -9.49 15.70
C THR F 613 39.76 -8.22 14.92
N LYS F 614 38.86 -7.24 14.96
CA LYS F 614 39.06 -5.98 14.24
C LYS F 614 39.85 -5.03 15.13
N LYS F 615 41.18 -5.04 14.95
CA LYS F 615 42.04 -4.23 15.80
C LYS F 615 41.86 -2.74 15.52
N ASN F 616 41.41 -2.39 14.31
CA ASN F 616 41.18 -0.99 13.99
C ASN F 616 40.12 -0.37 14.90
N VAL F 617 39.02 -1.08 15.12
CA VAL F 617 37.98 -0.60 16.03
C VAL F 617 38.56 -0.51 17.43
N PHE F 618 38.17 0.52 18.18
CA PHE F 618 38.71 0.82 19.48
C PHE F 618 37.57 0.81 20.50
N ILE F 619 37.76 0.09 21.60
CA ILE F 619 36.71 -0.11 22.60
C ILE F 619 37.08 0.67 23.84
N ILE F 620 36.17 1.55 24.26
CA ILE F 620 36.34 2.40 25.44
C ILE F 620 35.08 2.31 26.28
N GLY F 621 35.25 2.11 27.58
CA GLY F 621 34.11 1.99 28.48
C GLY F 621 34.35 2.65 29.81
N ALA F 622 33.35 3.38 30.30
CA ALA F 622 33.41 4.03 31.60
C ALA F 622 32.40 3.37 32.54
N THR F 623 32.84 3.08 33.76
CA THR F 623 31.97 2.57 34.81
C THR F 623 32.07 3.47 36.03
N ASN F 624 30.93 3.72 36.67
CA ASN F 624 30.94 4.50 37.89
C ASN F 624 31.46 3.68 39.06
N ARG F 625 31.10 2.39 39.11
CA ARG F 625 31.47 1.52 40.20
C ARG F 625 31.91 0.16 39.64
N PRO F 626 33.20 -0.16 39.66
CA PRO F 626 33.63 -1.47 39.15
C PRO F 626 33.34 -2.63 40.07
N ASP F 627 32.93 -2.39 41.32
CA ASP F 627 32.71 -3.49 42.23
C ASP F 627 31.49 -4.32 41.81
N ILE F 628 30.47 -3.66 41.29
CA ILE F 628 29.27 -4.39 40.87
C ILE F 628 29.32 -4.81 39.42
N ILE F 629 30.34 -4.39 38.67
CA ILE F 629 30.50 -4.88 37.30
C ILE F 629 30.83 -6.36 37.33
N ASP F 630 30.46 -7.06 36.26
CA ASP F 630 30.72 -8.49 36.20
C ASP F 630 32.22 -8.72 36.02
N PRO F 631 32.76 -9.81 36.59
CA PRO F 631 34.19 -10.11 36.35
C PRO F 631 34.50 -10.46 34.90
N ALA F 632 33.48 -10.84 34.11
CA ALA F 632 33.73 -11.31 32.76
C ALA F 632 34.39 -10.24 31.90
N ILE F 633 33.88 -9.00 31.96
CA ILE F 633 34.47 -7.93 31.18
C ILE F 633 35.83 -7.55 31.74
N LEU F 634 35.96 -7.51 33.07
CA LEU F 634 37.22 -7.10 33.69
C LEU F 634 38.33 -8.10 33.43
N ARG F 635 37.98 -9.33 33.05
CA ARG F 635 38.99 -10.31 32.70
C ARG F 635 39.77 -9.86 31.48
N PRO F 636 41.07 -10.16 31.40
CA PRO F 636 41.86 -9.74 30.23
C PRO F 636 41.42 -10.47 28.97
N GLY F 637 41.88 -9.94 27.83
CA GLY F 637 41.52 -10.45 26.53
C GLY F 637 40.31 -9.79 25.92
N ARG F 638 39.49 -9.10 26.73
CA ARG F 638 38.33 -8.37 26.22
C ARG F 638 38.45 -6.89 26.53
N LEU F 639 38.61 -6.52 27.81
CA LEU F 639 38.92 -5.16 28.24
C LEU F 639 39.87 -5.27 29.44
N ASP F 640 41.17 -5.25 29.18
CA ASP F 640 42.13 -5.55 30.23
C ASP F 640 42.77 -4.29 30.78
N GLN F 641 43.18 -3.37 29.90
CA GLN F 641 43.81 -2.13 30.34
C GLN F 641 42.84 -1.33 31.21
N LEU F 642 43.32 -0.89 32.37
CA LEU F 642 42.47 -0.29 33.39
C LEU F 642 43.00 1.09 33.76
N ILE F 643 42.09 2.05 33.94
CA ILE F 643 42.43 3.44 34.19
C ILE F 643 41.62 3.95 35.37
N TYR F 644 42.30 4.53 36.35
CA TYR F 644 41.64 5.16 37.49
C TYR F 644 41.57 6.66 37.30
N ILE F 645 40.40 7.24 37.54
CA ILE F 645 40.18 8.68 37.46
C ILE F 645 39.81 9.17 38.86
N PRO F 646 40.75 9.70 39.63
CA PRO F 646 40.41 10.21 40.96
C PRO F 646 39.72 11.57 40.86
N LEU F 647 39.36 12.09 42.03
CA LEU F 647 38.72 13.39 42.08
C LEU F 647 39.70 14.47 41.65
N PRO F 648 39.27 15.44 40.84
CA PRO F 648 40.17 16.52 40.45
C PRO F 648 40.67 17.30 41.65
N ASP F 649 41.98 17.53 41.69
CA ASP F 649 42.58 18.30 42.77
C ASP F 649 42.53 19.79 42.45
N GLU F 650 43.25 20.57 43.26
CA GLU F 650 43.20 22.02 43.13
C GLU F 650 43.69 22.48 41.76
N LYS F 651 44.81 21.92 41.29
CA LYS F 651 45.33 22.30 39.99
C LYS F 651 44.38 21.88 38.87
N SER F 652 43.82 20.66 38.96
CA SER F 652 42.88 20.21 37.95
C SER F 652 41.64 21.10 37.91
N ARG F 653 41.12 21.46 39.08
CA ARG F 653 39.94 22.33 39.13
C ARG F 653 40.25 23.72 38.59
N VAL F 654 41.46 24.22 38.87
CA VAL F 654 41.88 25.51 38.29
C VAL F 654 41.95 25.42 36.77
N ALA F 655 42.45 24.30 36.26
CA ALA F 655 42.50 24.10 34.81
C ALA F 655 41.10 24.06 34.21
N ILE F 656 40.17 23.39 34.89
CA ILE F 656 38.79 23.32 34.41
C ILE F 656 38.16 24.71 34.43
N LEU F 657 38.44 25.50 35.46
CA LEU F 657 37.98 26.89 35.50
C LEU F 657 38.55 27.68 34.33
N LYS F 658 39.84 27.48 34.04
CA LYS F 658 40.45 28.16 32.90
C LYS F 658 39.72 27.82 31.61
N ALA F 659 39.49 26.52 31.39
CA ALA F 659 38.83 26.08 30.16
C ALA F 659 37.40 26.61 30.06
N ASN F 660 36.67 26.62 31.18
CA ASN F 660 35.28 27.05 31.14
C ASN F 660 35.14 28.55 31.03
N LEU F 661 36.05 29.31 31.65
CA LEU F 661 35.88 30.76 31.71
C LEU F 661 36.72 31.47 30.64
N ARG F 662 37.47 30.70 29.84
CA ARG F 662 38.11 31.32 28.69
C ARG F 662 37.08 31.62 27.60
N LYS F 663 36.02 30.81 27.54
CA LYS F 663 34.96 31.05 26.58
C LYS F 663 34.16 32.31 26.92
N SER F 664 33.88 32.52 28.21
CA SER F 664 33.09 33.65 28.66
C SER F 664 33.96 34.66 29.37
N PRO F 665 34.05 35.90 28.87
CA PRO F 665 34.90 36.89 29.53
C PRO F 665 34.47 37.09 30.98
N VAL F 666 35.44 37.24 31.86
CA VAL F 666 35.22 37.19 33.30
C VAL F 666 35.91 38.39 33.95
N ALA F 667 35.46 38.73 35.14
CA ALA F 667 35.93 39.93 35.82
C ALA F 667 37.34 39.76 36.35
N LYS F 668 37.97 40.89 36.67
CA LYS F 668 39.37 40.88 37.08
C LYS F 668 39.52 40.50 38.55
N ASP F 669 38.51 40.80 39.37
CA ASP F 669 38.57 40.42 40.79
C ASP F 669 38.52 38.90 40.95
N VAL F 670 38.16 38.19 39.89
CA VAL F 670 37.97 36.75 39.98
C VAL F 670 39.31 36.04 40.14
N ASP F 671 39.38 35.15 41.12
CA ASP F 671 40.53 34.27 41.32
C ASP F 671 40.08 32.83 41.10
N LEU F 672 40.69 32.18 40.11
CA LEU F 672 40.36 30.78 39.84
C LEU F 672 40.77 29.89 41.00
N GLU F 673 41.92 30.18 41.61
CA GLU F 673 42.36 29.41 42.77
C GLU F 673 41.39 29.55 43.93
N PHE F 674 40.79 30.72 44.10
CA PHE F 674 39.82 30.90 45.18
C PHE F 674 38.59 30.04 44.96
N LEU F 675 38.07 30.01 43.72
CA LEU F 675 36.92 29.16 43.43
C LEU F 675 37.29 27.68 43.57
N ALA F 676 38.53 27.32 43.23
CA ALA F 676 38.98 25.95 43.43
C ALA F 676 39.01 25.59 44.92
N LYS F 677 39.52 26.50 45.75
CA LYS F 677 39.52 26.26 47.20
C LYS F 677 38.10 26.15 47.74
N MET F 678 37.19 27.00 47.25
CA MET F 678 35.80 26.89 47.67
C MET F 678 35.22 25.54 47.28
N THR F 679 35.67 25.01 46.14
CA THR F 679 35.28 23.66 45.71
C THR F 679 36.29 22.62 46.20
N ASN F 680 36.32 22.44 47.52
CA ASN F 680 37.27 21.51 48.13
C ASN F 680 36.99 20.07 47.67
N GLY F 681 35.72 19.69 47.62
CA GLY F 681 35.38 18.33 47.23
C GLY F 681 34.54 18.23 45.97
N PHE F 682 34.22 19.38 45.38
CA PHE F 682 33.36 19.40 44.21
C PHE F 682 34.05 18.76 43.01
N SER F 683 33.26 18.23 42.09
CA SER F 683 33.79 17.62 40.88
C SER F 683 33.94 18.66 39.77
N GLY F 684 34.55 18.22 38.67
CA GLY F 684 34.72 19.11 37.53
C GLY F 684 33.40 19.52 36.90
N ALA F 685 32.44 18.60 36.87
CA ALA F 685 31.12 18.94 36.34
C ALA F 685 30.39 19.92 37.26
N ASP F 686 30.60 19.78 38.57
CA ASP F 686 30.05 20.77 39.50
C ASP F 686 30.62 22.15 39.23
N LEU F 687 31.93 22.22 38.97
CA LEU F 687 32.54 23.50 38.61
C LEU F 687 31.97 24.02 37.30
N THR F 688 31.73 23.13 36.34
CA THR F 688 31.18 23.54 35.06
C THR F 688 29.79 24.14 35.22
N GLU F 689 28.92 23.47 35.99
CA GLU F 689 27.57 23.99 36.19
C GLU F 689 27.60 25.27 37.02
N ILE F 690 28.56 25.39 37.94
CA ILE F 690 28.76 26.64 38.66
C ILE F 690 29.03 27.78 37.68
N CYS F 691 29.96 27.55 36.76
CA CYS F 691 30.28 28.57 35.76
C CYS F 691 29.06 28.89 34.89
N GLN F 692 28.31 27.87 34.49
CA GLN F 692 27.17 28.09 33.60
C GLN F 692 26.08 28.89 34.30
N ARG F 693 25.78 28.55 35.56
CA ARG F 693 24.78 29.30 36.32
C ARG F 693 25.25 30.73 36.57
N ALA F 694 26.56 30.91 36.76
CA ALA F 694 27.10 32.26 36.92
C ALA F 694 26.93 33.08 35.65
N CYS F 695 27.20 32.48 34.49
CA CYS F 695 26.97 33.18 33.22
C CYS F 695 25.50 33.53 33.06
N LYS F 696 24.60 32.61 33.45
CA LYS F 696 23.17 32.90 33.36
C LYS F 696 22.78 34.07 34.23
N LEU F 697 23.28 34.10 35.48
CA LEU F 697 22.98 35.23 36.36
C LEU F 697 23.55 36.53 35.80
N ALA F 698 24.76 36.49 35.25
CA ALA F 698 25.38 37.70 34.72
C ALA F 698 24.60 38.24 33.53
N ILE F 699 24.19 37.36 32.60
CA ILE F 699 23.42 37.83 31.45
C ILE F 699 22.07 38.36 31.89
N ARG F 700 21.42 37.69 32.85
CA ARG F 700 20.18 38.22 33.37
C ARG F 700 20.36 39.62 33.91
N GLU F 701 21.36 39.80 34.79
CA GLU F 701 21.58 41.09 35.43
C GLU F 701 21.89 42.18 34.41
N SER F 702 22.66 41.84 33.37
CA SER F 702 22.86 42.80 32.29
C SER F 702 21.54 43.14 31.60
N ILE F 703 20.63 42.17 31.51
CA ILE F 703 19.33 42.44 30.88
C ILE F 703 18.50 43.41 31.71
N GLU F 704 18.45 43.22 33.05
CA GLU F 704 17.79 44.23 33.86
C GLU F 704 18.53 45.57 33.81
N SER F 705 19.85 45.57 33.63
CA SER F 705 20.55 46.85 33.46
C SER F 705 20.12 47.56 32.19
N GLU F 706 20.02 46.82 31.09
CA GLU F 706 19.55 47.40 29.83
C GLU F 706 18.11 47.91 29.96
N ILE F 707 17.26 47.15 30.65
CA ILE F 707 15.86 47.53 30.70
C ILE F 707 15.66 48.68 31.69
N ARG F 708 16.58 48.83 32.65
CA ARG F 708 16.52 50.00 33.52
C ARG F 708 17.04 51.23 32.78
N ARG F 709 17.97 51.04 31.85
CA ARG F 709 18.28 52.10 30.91
C ARG F 709 17.04 52.45 30.08
N GLU F 710 16.25 51.45 29.75
CA GLU F 710 14.99 51.71 29.05
C GLU F 710 14.03 52.53 29.90
N ARG F 711 13.93 52.22 31.21
CA ARG F 711 13.09 53.05 32.06
C ARG F 711 13.60 54.48 32.15
N GLU F 712 14.92 54.65 32.29
CA GLU F 712 15.44 56.01 32.48
C GLU F 712 15.24 56.85 31.21
N ARG F 713 15.30 56.20 30.04
CA ARG F 713 14.90 56.91 28.82
C ARG F 713 13.42 57.25 28.86
N GLN F 714 12.59 56.34 29.35
CA GLN F 714 11.15 56.58 29.44
C GLN F 714 10.81 57.37 30.70
N PRO F 727 26.01 46.46 29.31
CA PRO F 727 26.27 46.94 30.66
C PRO F 727 27.57 46.41 31.24
N VAL F 728 27.52 45.28 31.93
CA VAL F 728 28.70 44.62 32.48
C VAL F 728 29.07 43.46 31.56
N PRO F 729 30.17 43.57 30.82
CA PRO F 729 30.55 42.43 29.94
C PRO F 729 31.23 41.32 30.71
N GLU F 730 31.61 41.57 31.96
CA GLU F 730 32.46 40.67 32.74
C GLU F 730 31.69 40.16 33.94
N ILE F 731 31.85 38.87 34.23
CA ILE F 731 31.03 38.20 35.24
C ILE F 731 31.55 38.55 36.63
N ARG F 732 30.67 39.09 37.46
CA ARG F 732 31.05 39.58 38.77
C ARG F 732 31.02 38.45 39.81
N ARG F 733 31.63 38.74 40.97
CA ARG F 733 31.83 37.70 41.98
C ARG F 733 30.51 37.29 42.63
N ASP F 734 29.53 38.19 42.66
CA ASP F 734 28.24 37.85 43.24
C ASP F 734 27.59 36.69 42.49
N HIS F 735 27.74 36.65 41.16
CA HIS F 735 27.23 35.53 40.39
C HIS F 735 27.91 34.24 40.80
N PHE F 736 29.23 34.26 41.01
CA PHE F 736 29.93 33.06 41.43
C PHE F 736 29.45 32.60 42.81
N GLU F 737 29.29 33.52 43.75
CA GLU F 737 28.88 33.08 45.10
C GLU F 737 27.46 32.56 45.10
N GLU F 738 26.57 33.20 44.32
CA GLU F 738 25.20 32.71 44.22
C GLU F 738 25.16 31.32 43.59
N ALA F 739 25.89 31.12 42.49
CA ALA F 739 25.95 29.80 41.87
C ALA F 739 26.57 28.77 42.81
N MET F 740 27.54 29.19 43.63
CA MET F 740 28.13 28.30 44.63
C MET F 740 27.11 27.89 45.67
N ARG F 741 26.29 28.84 46.14
CA ARG F 741 25.26 28.50 47.12
C ARG F 741 24.24 27.54 46.53
N PHE F 742 23.88 27.74 45.25
CA PHE F 742 22.98 26.78 44.61
C PHE F 742 23.72 25.55 44.11
N ALA F 743 25.05 25.55 44.17
CA ALA F 743 25.81 24.38 43.75
C ALA F 743 25.74 23.27 44.79
N ARG F 744 25.77 22.03 44.32
CA ARG F 744 25.82 20.87 45.19
C ARG F 744 26.79 19.84 44.61
N ARG F 745 27.42 19.08 45.50
CA ARG F 745 28.40 18.08 45.09
C ARG F 745 27.73 16.94 44.36
N SER F 746 28.33 16.53 43.24
CA SER F 746 27.72 15.49 42.40
C SER F 746 27.89 14.11 43.01
N VAL F 747 29.04 13.82 43.61
CA VAL F 747 29.37 12.50 44.10
C VAL F 747 29.76 12.60 45.57
N SER F 748 29.25 11.67 46.37
CA SER F 748 29.65 11.60 47.77
C SER F 748 31.13 11.25 47.89
N ASP F 749 31.74 11.72 48.98
CA ASP F 749 33.17 11.49 49.19
C ASP F 749 33.47 10.02 49.46
N ASN F 750 32.53 9.31 50.09
CA ASN F 750 32.75 7.91 50.42
C ASN F 750 32.81 7.05 49.17
N ASP F 751 32.03 7.41 48.14
CA ASP F 751 32.12 6.70 46.86
C ASP F 751 33.50 6.86 46.26
N ILE F 752 34.05 8.08 46.30
CA ILE F 752 35.40 8.31 45.77
C ILE F 752 36.42 7.55 46.58
N ARG F 753 36.25 7.50 47.91
CA ARG F 753 37.17 6.76 48.75
C ARG F 753 37.13 5.26 48.43
N LYS F 754 35.95 4.71 48.17
CA LYS F 754 35.88 3.29 47.85
C LYS F 754 36.41 3.02 46.45
N TYR F 755 36.30 4.00 45.54
CA TYR F 755 36.99 3.88 44.26
C TYR F 755 38.51 3.85 44.46
N GLU F 756 39.01 4.69 45.36
CA GLU F 756 40.43 4.67 45.70
C GLU F 756 40.83 3.31 46.26
N MET F 757 40.00 2.72 47.12
CA MET F 757 40.28 1.41 47.67
C MET F 757 40.31 0.34 46.58
N PHE F 758 39.35 0.39 45.65
CA PHE F 758 39.35 -0.53 44.52
C PHE F 758 40.62 -0.40 43.70
N ALA F 759 41.05 0.84 43.44
CA ALA F 759 42.30 1.05 42.71
C ALA F 759 43.49 0.50 43.48
N GLN F 760 43.48 0.67 44.81
CA GLN F 760 44.55 0.15 45.64
C GLN F 760 44.60 -1.38 45.59
N THR F 761 43.44 -2.02 45.40
CA THR F 761 43.44 -3.46 45.17
C THR F 761 44.23 -3.81 43.91
N LEU F 762 44.05 -3.04 42.85
CA LEU F 762 44.80 -3.23 41.60
C LEU F 762 46.30 -2.99 41.83
N SER F 770 57.84 -12.70 45.73
CA SER F 770 57.56 -13.85 46.58
C SER F 770 57.80 -15.15 45.82
N PHE F 771 58.74 -15.12 44.89
CA PHE F 771 59.00 -16.25 44.01
C PHE F 771 60.49 -16.31 43.65
N ARG F 772 60.93 -17.51 43.30
CA ARG F 772 62.36 -17.82 43.21
C ARG F 772 62.61 -18.56 41.90
N PHE F 773 63.37 -17.93 41.01
CA PHE F 773 63.74 -18.58 39.76
C PHE F 773 64.77 -19.67 40.04
N PRO F 774 64.77 -20.75 39.27
CA PRO F 774 65.76 -21.82 39.50
C PRO F 774 67.19 -21.31 39.33
N SER F 775 68.08 -21.81 40.18
CA SER F 775 69.48 -21.41 40.18
C SER F 775 69.65 -19.90 40.33
N UNK G 1 5.47 -13.79 27.12
CA UNK G 1 4.75 -12.56 26.84
C UNK G 1 4.37 -12.46 25.37
N UNK G 2 3.09 -12.26 25.09
CA UNK G 2 2.60 -12.15 23.73
C UNK G 2 2.57 -10.70 23.28
N UNK G 3 2.35 -10.49 21.99
CA UNK G 3 2.42 -9.16 21.41
C UNK G 3 1.37 -9.00 20.32
N UNK G 4 0.99 -7.74 20.08
CA UNK G 4 0.10 -7.36 19.00
C UNK G 4 0.83 -6.41 18.07
N UNK G 5 0.31 -6.28 16.84
CA UNK G 5 0.99 -5.50 15.81
C UNK G 5 0.01 -4.55 15.13
N UNK G 6 0.45 -3.32 14.92
CA UNK G 6 -0.26 -2.36 14.09
C UNK G 6 0.46 -2.21 12.75
N UNK G 7 -0.30 -1.94 11.70
CA UNK G 7 0.23 -1.96 10.35
C UNK G 7 0.26 -0.56 9.75
N UNK G 8 1.30 -0.29 8.97
CA UNK G 8 1.44 0.95 8.23
C UNK G 8 1.39 0.63 6.73
N UNK G 9 0.46 1.27 6.02
CA UNK G 9 0.33 1.06 4.59
C UNK G 9 1.50 1.67 3.82
#